data_9KKM
#
_entry.id   9KKM
#
_cell.length_a   1.00
_cell.length_b   1.00
_cell.length_c   1.00
_cell.angle_alpha   90.00
_cell.angle_beta   90.00
_cell.angle_gamma   90.00
#
_symmetry.space_group_name_H-M   'P 1'
#
loop_
_entity.id
_entity.type
_entity.pdbx_description
1 polymer 'Acetyl-CoA carboxylase multifunctional enzyme AccADCB'
2 non-polymer "ADENOSINE-5'-DIPHOSPHATE"
3 non-polymer 'MAGNESIUM ION'
#
_entity_poly.entity_id   1
_entity_poly.type   'polypeptide(L)'
_entity_poly.pdbx_seq_one_letter_code
;MTSNNQPKHMTQAQTPDPLFLQAEHLAKDFSLFPKHSKQSLSEEIKGLLNDDAIQANLKDLASLDVDGYVAKVIQPTQDK
GRPGAKRIIADLKGRLITETHLGSFYSAEVELNFGSRTRRIGFIAQERTTANGAWMPEHHYAACKAIRHFAELSMPIVYL
IDTPGADAGEVANSQNQAHSISKAIAESANVDVPTVGIVIGAGYSGGAIPLAAANILLSLRDGIFNTIQPQGLQSIARKY
NLSWQECAKSVGVSPEELYTSGCIDGIIDFSPGDRDERQHNLRRAIISSIEAVERAAVNFVRESKDLREHYDRSLARFLN
PSKNLMALELNAELAVATSPTNHHNLFGSAYRYLRYLTLRSRIHSISQEQYGRLSRVSVPEGDLLARIQQEQDRVFQAWL
ASPDKLVYDEDLNKLWANFIAKRDEISTERNMLTRFILGEPKENYKKARKALLFNISWSLYHRWKSNAANNFKGLIQHLE
NLPKSVTQAKWPELNQLTVLDVVVNDELREDFIWQCHNILIFNSLYDNVVGSLASIAKEAMMSKSLSRNSVNNLLHKSID
HALSTQDTANDKAKFYKWLKYFMGQSNRADLLVRVEQWKSVGFPQLNDSLFVILTYFFERLLPEYFDSESDHSKYTGAIN
PVRIGRRKDFWNRLTMGYQDLLIQKVLRDEKRTGKMTWENVIKQFFTHFDEINGDKMSANLLNFPGFRLSIEDALDKGIR
PCGLITGIADFKEKGQKVRVGLAVSNTAFQAGAFDMASAEKFSALLIECAKRKLPVVCFISSGGMQTKEGAAALFSMAVV
NDRITRFIRDNELPVLMFGFGDCTGGAQASFVTHPLVQTYYLSGTNMPFAGQMVVPAYLPSTSTLSNYLSKVPGAMAGLV
HNPFSENLDNQLASIDPLMPMPTAKINEVIINALSTLVVEAPAEEEEIVQNDPRKLMKPINKVLVHARGCTAVKLIRKAH
DNNINVVLVASDPDMTAVPADMLKESDKLVCLGGNTSDESYLNAYSVLKVAEYEQVDALHPGIGFLSESPQFAALCVNNG
VNFVGPSVHSMTTMGNKSNAIKTSQAQNVPVVPGSHGILTNAEQAVNVASEIGYPVLLKAVQGGGGKGIQVVKRPEDMIG
LFQKTATEAAAAFGNGDLYLEKYVTSLRHIEVQLLRDKFGHAKVLGLRDCSVQRNNQKVVEESGSTMLPDELKKQVLAYT
RALGDATDYMGAGTVEFIYNLDANEVYFMEMNTRLQVAHPVTEATSGIDIVSAQFDIAAGRSIEHLEPKEIGYAMEVRVT
AEKAALDSHGVLQLIPNPGKITECVFPDHPDVEIISIAAPGKEVSPYYDSLIAQVIMRGENREDVIAKLHAYLDSVVLKG
IATNIPLLKLILSDGTFKEGVYDTNYLPRFMAELDIPALIAEMEAAAETVGVDTESLRVGESNELKVLAQGAGIFYTSPA
PGEPDFVKEGDIVTAEQTLALTEAMKMFSQVNLAGFNRQGAVLYPEDKKYRIERILNSNGQQVSQGDLLFVVSPVED
;
_entity_poly.pdbx_strand_id   A,B
#
# COMPACT_ATOMS: atom_id res chain seq x y z
N PRO A 18 -7.59 -15.40 -12.00
CA PRO A 18 -7.41 -14.45 -13.17
C PRO A 18 -8.59 -13.46 -13.05
N LEU A 19 -8.37 -12.36 -12.31
CA LEU A 19 -9.38 -11.38 -11.90
C LEU A 19 -10.17 -10.71 -13.04
N PHE A 20 -9.52 -10.60 -14.22
CA PHE A 20 -10.09 -10.05 -15.45
C PHE A 20 -11.26 -10.88 -16.01
N LEU A 21 -11.14 -12.21 -15.92
CA LEU A 21 -12.18 -13.18 -16.27
C LEU A 21 -13.30 -13.22 -15.20
N GLN A 22 -12.89 -13.15 -13.92
CA GLN A 22 -13.76 -13.24 -12.74
C GLN A 22 -14.74 -12.08 -12.57
N ALA A 23 -14.33 -10.85 -12.93
CA ALA A 23 -15.14 -9.66 -12.75
C ALA A 23 -16.33 -9.58 -13.72
N GLU A 24 -16.19 -10.12 -14.94
CA GLU A 24 -17.30 -10.27 -15.87
C GLU A 24 -18.26 -11.40 -15.47
N HIS A 25 -17.71 -12.50 -14.90
CA HIS A 25 -18.49 -13.61 -14.35
C HIS A 25 -19.39 -13.13 -13.18
N LEU A 26 -18.77 -12.53 -12.15
CA LEU A 26 -19.47 -12.00 -10.97
C LEU A 26 -20.48 -10.91 -11.34
N ALA A 27 -20.12 -9.96 -12.21
CA ALA A 27 -21.01 -8.89 -12.63
C ALA A 27 -22.20 -9.35 -13.50
N LYS A 28 -22.01 -10.44 -14.28
CA LYS A 28 -23.10 -11.10 -15.00
C LYS A 28 -24.06 -11.81 -14.01
N ASP A 29 -23.52 -12.53 -13.02
CA ASP A 29 -24.28 -13.15 -11.92
C ASP A 29 -25.12 -12.14 -11.13
N PHE A 30 -24.50 -11.01 -10.75
CA PHE A 30 -25.11 -9.96 -9.92
C PHE A 30 -26.15 -9.10 -10.67
N SER A 31 -26.12 -9.10 -12.01
CA SER A 31 -27.08 -8.44 -12.87
C SER A 31 -28.27 -9.33 -13.30
N LEU A 32 -28.26 -10.63 -12.97
CA LEU A 32 -29.38 -11.55 -13.22
C LEU A 32 -30.56 -11.34 -12.24
N PHE A 33 -30.29 -10.85 -11.01
CA PHE A 33 -31.30 -10.51 -10.00
C PHE A 33 -30.83 -9.28 -9.19
N PRO A 34 -31.12 -8.05 -9.66
CA PRO A 34 -30.63 -6.81 -9.02
C PRO A 34 -30.99 -6.57 -7.54
N LYS A 35 -32.22 -6.89 -7.11
CA LYS A 35 -32.77 -6.50 -5.81
C LYS A 35 -32.07 -7.17 -4.60
N HIS A 36 -31.85 -8.50 -4.70
CA HIS A 36 -31.25 -9.32 -3.64
C HIS A 36 -29.74 -9.50 -3.77
N SER A 37 -29.09 -8.82 -4.74
CA SER A 37 -27.64 -8.80 -4.90
C SER A 37 -26.94 -8.00 -3.78
N LYS A 38 -25.71 -8.42 -3.43
CA LYS A 38 -24.83 -7.73 -2.49
C LYS A 38 -24.15 -6.47 -3.06
N GLN A 39 -24.46 -6.10 -4.31
CA GLN A 39 -24.15 -4.79 -4.90
C GLN A 39 -25.04 -3.66 -4.35
N SER A 40 -26.13 -4.00 -3.65
CA SER A 40 -27.01 -3.08 -2.94
C SER A 40 -26.34 -2.60 -1.64
N LEU A 41 -25.59 -1.48 -1.75
CA LEU A 41 -24.99 -0.78 -0.61
C LEU A 41 -25.87 0.41 -0.16
N SER A 42 -27.03 0.64 -0.80
CA SER A 42 -27.96 1.74 -0.52
C SER A 42 -28.50 1.80 0.93
N GLU A 43 -28.53 0.65 1.63
CA GLU A 43 -28.87 0.56 3.06
C GLU A 43 -27.82 1.18 4.00
N GLU A 44 -26.53 1.19 3.59
CA GLU A 44 -25.40 1.65 4.40
C GLU A 44 -25.38 3.15 4.66
N ILE A 45 -25.60 3.96 3.61
CA ILE A 45 -25.35 5.39 3.63
C ILE A 45 -26.42 6.12 4.48
N LYS A 46 -25.93 6.84 5.50
CA LYS A 46 -26.72 7.58 6.47
C LYS A 46 -26.83 9.04 6.00
N GLY A 47 -28.05 9.47 5.67
CA GLY A 47 -28.33 10.79 5.12
C GLY A 47 -29.10 10.71 3.80
N LEU A 48 -29.40 9.50 3.28
CA LEU A 48 -30.26 9.30 2.11
C LEU A 48 -31.75 9.35 2.49
N LEU A 49 -32.61 9.64 1.50
CA LEU A 49 -34.06 9.42 1.58
C LEU A 49 -34.36 7.90 1.56
N ASN A 50 -35.36 7.52 2.39
CA ASN A 50 -35.93 6.17 2.46
C ASN A 50 -36.74 5.81 1.20
N ASP A 51 -36.90 4.50 0.96
CA ASP A 51 -37.64 3.94 -0.18
C ASP A 51 -39.13 4.31 -0.24
N ASP A 52 -39.75 4.66 0.90
CA ASP A 52 -41.13 5.15 0.98
C ASP A 52 -41.30 6.55 0.36
N ALA A 53 -40.39 7.49 0.68
CA ALA A 53 -40.37 8.83 0.10
C ALA A 53 -40.07 8.83 -1.40
N ILE A 54 -39.22 7.89 -1.83
CA ILE A 54 -38.90 7.62 -3.23
C ILE A 54 -40.10 7.06 -4.02
N GLN A 55 -40.85 6.12 -3.43
CA GLN A 55 -42.10 5.59 -3.97
C GLN A 55 -43.21 6.65 -4.08
N ALA A 56 -43.33 7.52 -3.05
CA ALA A 56 -44.25 8.65 -3.03
C ALA A 56 -43.92 9.72 -4.09
N ASN A 57 -42.62 9.98 -4.33
CA ASN A 57 -42.12 10.88 -5.36
C ASN A 57 -42.31 10.29 -6.77
N LEU A 58 -42.25 8.95 -6.94
CA LEU A 58 -42.60 8.27 -8.20
C LEU A 58 -44.09 8.39 -8.56
N LYS A 59 -44.98 8.32 -7.55
CA LYS A 59 -46.44 8.52 -7.71
C LYS A 59 -46.80 9.95 -8.15
N ASP A 60 -46.10 10.95 -7.61
CA ASP A 60 -46.25 12.36 -7.98
C ASP A 60 -45.75 12.65 -9.40
N LEU A 61 -44.56 12.13 -9.76
CA LEU A 61 -43.98 12.27 -11.10
C LEU A 61 -44.77 11.54 -12.20
N ALA A 62 -45.45 10.43 -11.84
CA ALA A 62 -46.38 9.72 -12.72
C ALA A 62 -47.66 10.50 -12.98
N SER A 63 -48.27 11.06 -11.92
CA SER A 63 -49.53 11.81 -11.97
C SER A 63 -49.41 13.22 -12.57
N LEU A 64 -48.24 13.87 -12.43
CA LEU A 64 -47.90 15.13 -13.11
C LEU A 64 -47.74 14.93 -14.63
N ASP A 65 -47.89 16.02 -15.39
CA ASP A 65 -47.65 16.08 -16.84
C ASP A 65 -46.15 16.30 -17.14
N VAL A 66 -45.83 16.57 -18.43
CA VAL A 66 -44.49 16.91 -18.89
C VAL A 66 -43.99 18.28 -18.35
N ASP A 67 -44.86 19.30 -18.26
CA ASP A 67 -44.53 20.61 -17.69
C ASP A 67 -44.30 20.56 -16.16
N GLY A 68 -45.08 19.74 -15.44
CA GLY A 68 -44.93 19.52 -14.00
C GLY A 68 -43.66 18.70 -13.68
N TYR A 69 -43.28 17.78 -14.58
CA TYR A 69 -42.04 17.01 -14.53
C TYR A 69 -40.80 17.90 -14.78
N VAL A 70 -40.88 18.79 -15.78
CA VAL A 70 -39.84 19.78 -16.12
C VAL A 70 -39.59 20.78 -14.97
N ALA A 71 -40.67 21.24 -14.30
CA ALA A 71 -40.60 22.15 -13.15
C ALA A 71 -39.98 21.51 -11.91
N LYS A 72 -40.34 20.24 -11.63
CA LYS A 72 -39.82 19.46 -10.51
C LYS A 72 -38.33 19.06 -10.68
N VAL A 73 -37.96 18.62 -11.89
CA VAL A 73 -36.69 17.94 -12.16
C VAL A 73 -35.68 18.86 -12.86
N ILE A 74 -36.02 19.35 -14.07
CA ILE A 74 -35.10 20.04 -14.98
C ILE A 74 -34.73 21.49 -14.57
N GLN A 75 -35.73 22.29 -14.18
CA GLN A 75 -35.54 23.70 -13.81
C GLN A 75 -34.61 24.02 -12.62
N PRO A 76 -34.57 23.23 -11.53
CA PRO A 76 -33.62 23.48 -10.42
C PRO A 76 -32.13 23.23 -10.75
N THR A 77 -31.81 22.30 -11.68
CA THR A 77 -30.42 22.09 -12.13
C THR A 77 -29.93 23.18 -13.11
N GLN A 78 -30.84 23.88 -13.80
CA GLN A 78 -30.54 24.99 -14.69
C GLN A 78 -30.36 26.36 -13.97
N ASP A 79 -30.84 26.45 -12.71
CA ASP A 79 -30.86 27.64 -11.85
C ASP A 79 -29.46 28.27 -11.68
N LYS A 80 -29.29 29.52 -12.14
CA LYS A 80 -28.03 30.27 -12.02
C LYS A 80 -27.72 30.78 -10.59
N GLY A 81 -28.73 30.82 -9.71
CA GLY A 81 -28.58 31.23 -8.30
C GLY A 81 -28.09 30.07 -7.40
N ARG A 82 -28.03 28.84 -7.93
CA ARG A 82 -27.60 27.61 -7.26
C ARG A 82 -26.11 27.67 -6.85
N PRO A 83 -25.78 27.41 -5.56
CA PRO A 83 -24.39 27.25 -5.07
C PRO A 83 -23.47 26.36 -5.90
N GLY A 84 -22.29 26.90 -6.22
CA GLY A 84 -21.24 26.25 -7.00
C GLY A 84 -20.52 25.14 -6.22
N ALA A 85 -19.60 24.46 -6.90
CA ALA A 85 -18.77 23.36 -6.38
C ALA A 85 -17.91 23.74 -5.17
N LYS A 86 -17.23 24.91 -5.23
CA LYS A 86 -16.42 25.43 -4.12
C LYS A 86 -17.27 25.79 -2.89
N ARG A 87 -18.45 26.39 -3.10
CA ARG A 87 -19.38 26.77 -2.02
C ARG A 87 -19.96 25.55 -1.28
N ILE A 88 -20.24 24.46 -2.01
CA ILE A 88 -20.67 23.18 -1.47
C ILE A 88 -19.55 22.48 -0.68
N ILE A 89 -18.31 22.49 -1.20
CA ILE A 89 -17.11 21.94 -0.55
C ILE A 89 -16.70 22.72 0.72
N ALA A 90 -16.83 24.05 0.69
CA ALA A 90 -16.61 24.95 1.83
C ALA A 90 -17.61 24.72 2.98
N ASP A 91 -18.88 24.41 2.62
CA ASP A 91 -19.96 24.10 3.56
C ASP A 91 -20.08 22.61 3.91
N LEU A 92 -19.04 21.80 3.61
CA LEU A 92 -18.77 20.56 4.35
C LEU A 92 -18.13 20.87 5.72
N LYS A 93 -17.57 22.08 5.90
CA LYS A 93 -17.02 22.66 7.12
C LYS A 93 -15.77 21.94 7.66
N GLY A 94 -14.97 21.37 6.74
CA GLY A 94 -13.68 20.75 7.05
C GLY A 94 -12.54 21.79 6.89
N ARG A 95 -11.31 21.29 6.90
CA ARG A 95 -10.08 22.08 6.74
C ARG A 95 -9.50 21.83 5.34
N LEU A 96 -9.54 22.84 4.45
CA LEU A 96 -8.94 22.76 3.12
C LEU A 96 -7.40 22.86 3.18
N ILE A 97 -6.76 21.92 2.49
CA ILE A 97 -5.32 21.66 2.50
C ILE A 97 -4.70 22.14 1.18
N THR A 98 -5.34 21.82 0.04
CA THR A 98 -5.05 22.38 -1.28
C THR A 98 -6.33 22.60 -2.10
N GLU A 99 -6.21 23.51 -3.07
CA GLU A 99 -7.17 23.84 -4.11
C GLU A 99 -6.43 23.93 -5.45
N THR A 100 -7.13 23.56 -6.53
CA THR A 100 -6.73 23.84 -7.91
C THR A 100 -8.00 24.17 -8.71
N HIS A 101 -8.26 25.46 -8.89
CA HIS A 101 -9.28 25.98 -9.80
C HIS A 101 -8.60 26.19 -11.17
N LEU A 102 -9.10 25.48 -12.20
CA LEU A 102 -8.57 25.53 -13.56
C LEU A 102 -9.76 25.57 -14.51
N GLY A 103 -10.30 26.77 -14.74
CA GLY A 103 -11.51 26.98 -15.53
C GLY A 103 -12.72 26.34 -14.83
N SER A 104 -13.49 25.54 -15.56
CA SER A 104 -14.64 24.77 -15.07
C SER A 104 -14.26 23.53 -14.24
N PHE A 105 -12.97 23.16 -14.17
CA PHE A 105 -12.43 22.19 -13.23
C PHE A 105 -12.15 22.84 -11.88
N TYR A 106 -12.44 22.10 -10.80
CA TYR A 106 -12.12 22.47 -9.43
C TYR A 106 -11.74 21.19 -8.67
N SER A 107 -10.44 20.94 -8.51
CA SER A 107 -9.92 19.94 -7.59
C SER A 107 -9.63 20.59 -6.23
N ALA A 108 -9.74 19.78 -5.18
CA ALA A 108 -9.50 20.20 -3.79
C ALA A 108 -9.13 19.00 -2.93
N GLU A 109 -8.86 19.30 -1.65
CA GLU A 109 -8.38 18.35 -0.67
C GLU A 109 -8.74 18.91 0.69
N VAL A 110 -9.58 18.18 1.43
CA VAL A 110 -10.13 18.62 2.71
C VAL A 110 -10.03 17.48 3.74
N GLU A 111 -9.61 17.84 4.97
CA GLU A 111 -9.75 16.97 6.14
C GLU A 111 -11.19 17.02 6.68
N LEU A 112 -11.83 15.86 6.76
CA LEU A 112 -13.12 15.65 7.42
C LEU A 112 -12.92 14.82 8.68
N ASN A 113 -13.72 15.10 9.72
CA ASN A 113 -13.77 14.29 10.95
C ASN A 113 -14.64 13.04 10.72
N PHE A 114 -14.02 11.86 10.91
CA PHE A 114 -14.66 10.54 10.86
C PHE A 114 -15.05 9.99 12.25
N GLY A 115 -14.89 10.82 13.31
CA GLY A 115 -15.32 10.52 14.68
C GLY A 115 -14.18 9.91 15.49
N SER A 116 -13.52 8.87 14.94
CA SER A 116 -12.30 8.28 15.49
C SER A 116 -11.06 9.18 15.28
N ARG A 117 -11.02 9.91 14.15
CA ARG A 117 -9.94 10.81 13.75
C ARG A 117 -10.33 11.59 12.47
N THR A 118 -9.50 12.59 12.11
CA THR A 118 -9.59 13.31 10.84
C THR A 118 -8.88 12.55 9.70
N ARG A 119 -9.36 12.77 8.46
CA ARG A 119 -8.86 12.10 7.25
C ARG A 119 -8.89 13.04 6.05
N ARG A 120 -7.79 13.03 5.28
CA ARG A 120 -7.67 13.64 3.95
C ARG A 120 -8.59 12.94 2.94
N ILE A 121 -9.50 13.72 2.35
CA ILE A 121 -10.39 13.30 1.27
C ILE A 121 -10.12 14.23 0.09
N GLY A 122 -9.75 13.63 -1.05
CA GLY A 122 -9.55 14.30 -2.33
C GLY A 122 -10.89 14.66 -2.94
N PHE A 123 -10.88 15.68 -3.80
CA PHE A 123 -12.05 16.17 -4.53
C PHE A 123 -11.64 16.49 -5.96
N ILE A 124 -12.55 16.18 -6.90
CA ILE A 124 -12.48 16.65 -8.29
C ILE A 124 -13.93 16.96 -8.69
N ALA A 125 -14.18 18.24 -8.98
CA ALA A 125 -15.53 18.79 -9.17
C ALA A 125 -15.62 19.58 -10.46
N GLN A 126 -16.83 19.55 -11.04
CA GLN A 126 -17.20 20.36 -12.19
C GLN A 126 -17.93 21.60 -11.62
N GLU A 127 -17.28 22.76 -11.77
CA GLU A 127 -17.73 24.04 -11.24
C GLU A 127 -18.66 24.74 -12.25
N ARG A 128 -19.94 24.90 -11.86
CA ARG A 128 -20.98 25.55 -12.65
C ARG A 128 -20.84 27.08 -12.78
N THR A 129 -20.06 27.73 -11.91
CA THR A 129 -19.82 29.18 -11.95
C THR A 129 -18.62 29.57 -12.86
N THR A 130 -18.07 28.62 -13.64
CA THR A 130 -17.24 28.90 -14.81
C THR A 130 -17.63 27.92 -15.93
N ALA A 131 -18.00 28.48 -17.10
CA ALA A 131 -18.41 27.79 -18.34
C ALA A 131 -19.61 26.82 -18.18
N ASN A 132 -20.41 26.99 -17.12
CA ASN A 132 -21.57 26.17 -16.73
C ASN A 132 -21.21 24.72 -16.32
N GLY A 133 -19.91 24.41 -16.19
CA GLY A 133 -19.39 23.08 -15.88
C GLY A 133 -18.93 22.33 -17.15
N ALA A 134 -18.87 23.01 -18.31
CA ALA A 134 -18.42 22.44 -19.60
C ALA A 134 -16.90 22.31 -19.62
N TRP A 135 -16.40 21.06 -19.65
CA TRP A 135 -14.97 20.75 -19.56
C TRP A 135 -14.25 20.78 -20.92
N MET A 136 -13.03 21.34 -20.87
CA MET A 136 -12.08 21.45 -21.97
C MET A 136 -10.98 20.37 -21.82
N PRO A 137 -10.16 20.13 -22.89
CA PRO A 137 -9.13 19.08 -22.87
C PRO A 137 -8.12 19.11 -21.71
N GLU A 138 -7.66 20.31 -21.31
CA GLU A 138 -6.72 20.50 -20.21
C GLU A 138 -7.34 20.24 -18.81
N HIS A 139 -8.68 20.31 -18.69
CA HIS A 139 -9.44 19.98 -17.48
C HIS A 139 -9.54 18.47 -17.28
N HIS A 140 -9.62 17.72 -18.39
CA HIS A 140 -9.55 16.25 -18.40
C HIS A 140 -8.13 15.75 -18.10
N TYR A 141 -7.09 16.40 -18.67
CA TYR A 141 -5.68 16.12 -18.35
C TYR A 141 -5.31 16.47 -16.89
N ALA A 142 -5.94 17.51 -16.32
CA ALA A 142 -5.83 17.86 -14.91
C ALA A 142 -6.53 16.84 -14.00
N ALA A 143 -7.68 16.30 -14.45
CA ALA A 143 -8.40 15.21 -13.79
C ALA A 143 -7.64 13.88 -13.84
N CYS A 144 -6.91 13.61 -14.94
CA CYS A 144 -5.99 12.48 -15.08
C CYS A 144 -4.91 12.52 -13.99
N LYS A 145 -4.18 13.65 -13.96
CA LYS A 145 -3.09 13.96 -13.03
C LYS A 145 -3.52 13.91 -11.56
N ALA A 146 -4.66 14.55 -11.23
CA ALA A 146 -5.24 14.60 -9.89
C ALA A 146 -5.63 13.22 -9.35
N ILE A 147 -6.16 12.34 -10.22
CA ILE A 147 -6.52 10.97 -9.88
C ILE A 147 -5.29 10.09 -9.56
N ARG A 148 -4.15 10.27 -10.29
CA ARG A 148 -2.87 9.64 -9.91
C ARG A 148 -2.31 10.20 -8.60
N HIS A 149 -2.37 11.53 -8.43
CA HIS A 149 -1.87 12.29 -7.30
C HIS A 149 -2.50 11.87 -5.95
N PHE A 150 -3.82 11.64 -5.95
CA PHE A 150 -4.54 11.09 -4.79
C PHE A 150 -4.26 9.60 -4.57
N ALA A 151 -4.03 8.82 -5.64
CA ALA A 151 -3.65 7.40 -5.58
C ALA A 151 -2.25 7.15 -5.00
N GLU A 152 -1.30 8.00 -5.40
CA GLU A 152 0.08 8.05 -4.89
C GLU A 152 0.16 8.40 -3.40
N LEU A 153 -0.86 9.10 -2.88
CA LEU A 153 -0.97 9.53 -1.49
C LEU A 153 -2.03 8.73 -0.70
N SER A 154 -2.67 7.71 -1.29
CA SER A 154 -3.70 6.86 -0.68
C SER A 154 -4.93 7.64 -0.12
N MET A 155 -5.32 8.72 -0.80
CA MET A 155 -6.44 9.59 -0.40
C MET A 155 -7.71 9.15 -1.16
N PRO A 156 -8.79 8.72 -0.45
CA PRO A 156 -10.14 8.57 -1.04
C PRO A 156 -10.66 9.83 -1.75
N ILE A 157 -11.41 9.66 -2.85
CA ILE A 157 -11.84 10.76 -3.71
C ILE A 157 -13.38 10.85 -3.72
N VAL A 158 -13.90 12.08 -3.53
CA VAL A 158 -15.31 12.41 -3.77
C VAL A 158 -15.37 13.25 -5.06
N TYR A 159 -15.93 12.65 -6.12
CA TYR A 159 -16.22 13.32 -7.37
C TYR A 159 -17.54 14.07 -7.28
N LEU A 160 -17.61 15.29 -7.84
CA LEU A 160 -18.83 16.12 -7.88
C LEU A 160 -19.18 16.42 -9.34
N ILE A 161 -20.33 15.91 -9.81
CA ILE A 161 -20.72 15.93 -11.22
C ILE A 161 -21.71 17.09 -11.48
N ASP A 162 -21.41 17.92 -12.49
CA ASP A 162 -22.20 19.08 -12.89
C ASP A 162 -21.71 19.62 -14.25
N THR A 163 -22.41 19.32 -15.35
CA THR A 163 -21.95 19.64 -16.69
C THR A 163 -23.11 19.65 -17.72
N PRO A 164 -23.06 20.56 -18.72
CA PRO A 164 -23.85 20.43 -19.95
C PRO A 164 -23.32 19.35 -20.94
N GLY A 165 -22.26 18.63 -20.52
CA GLY A 165 -21.41 17.77 -21.34
C GLY A 165 -20.07 18.49 -21.53
N ALA A 166 -19.01 17.71 -21.82
CA ALA A 166 -17.71 18.22 -22.29
C ALA A 166 -17.87 18.87 -23.67
N ASP A 167 -17.04 19.90 -23.95
CA ASP A 167 -17.17 20.74 -25.13
C ASP A 167 -16.99 19.95 -26.46
N ALA A 168 -17.94 20.14 -27.39
CA ALA A 168 -17.91 19.58 -28.73
C ALA A 168 -17.40 20.59 -29.79
N GLY A 169 -16.86 21.74 -29.34
CA GLY A 169 -16.39 22.85 -30.17
C GLY A 169 -15.12 22.52 -30.95
N GLU A 170 -14.80 23.40 -31.92
CA GLU A 170 -13.67 23.28 -32.84
C GLU A 170 -12.29 23.28 -32.15
N VAL A 171 -12.14 24.12 -31.10
CA VAL A 171 -10.94 24.25 -30.29
C VAL A 171 -10.65 22.98 -29.47
N ALA A 172 -11.72 22.35 -28.95
CA ALA A 172 -11.65 21.11 -28.19
C ALA A 172 -11.14 19.93 -29.03
N ASN A 173 -11.72 19.73 -30.23
CA ASN A 173 -11.36 18.64 -31.14
C ASN A 173 -10.00 18.84 -31.83
N SER A 174 -9.57 20.10 -32.04
CA SER A 174 -8.21 20.45 -32.47
C SER A 174 -7.14 20.10 -31.43
N GLN A 175 -7.49 20.26 -30.14
CA GLN A 175 -6.72 19.85 -28.97
C GLN A 175 -6.89 18.36 -28.59
N ASN A 176 -7.69 17.60 -29.38
CA ASN A 176 -7.95 16.16 -29.24
C ASN A 176 -8.71 15.83 -27.93
N GLN A 177 -9.93 16.38 -27.83
CA GLN A 177 -10.87 16.26 -26.70
C GLN A 177 -11.16 14.84 -26.23
N ALA A 178 -11.47 13.95 -27.18
CA ALA A 178 -11.75 12.53 -26.96
C ALA A 178 -10.62 11.75 -26.28
N HIS A 179 -9.38 12.15 -26.59
CA HIS A 179 -8.12 11.52 -26.20
C HIS A 179 -7.69 11.91 -24.77
N SER A 180 -8.19 13.07 -24.30
CA SER A 180 -8.04 13.55 -22.92
C SER A 180 -9.07 12.88 -21.98
N ILE A 181 -10.31 12.66 -22.47
CA ILE A 181 -11.40 12.00 -21.75
C ILE A 181 -11.17 10.49 -21.62
N SER A 182 -10.62 9.84 -22.66
CA SER A 182 -10.26 8.42 -22.67
C SER A 182 -9.17 8.06 -21.65
N LYS A 183 -8.22 8.97 -21.44
CA LYS A 183 -7.22 8.87 -20.38
C LYS A 183 -7.85 9.11 -19.00
N ALA A 184 -8.74 10.11 -18.86
CA ALA A 184 -9.42 10.48 -17.60
C ALA A 184 -10.31 9.37 -17.04
N ILE A 185 -11.05 8.69 -17.93
CA ILE A 185 -11.84 7.49 -17.62
C ILE A 185 -10.92 6.29 -17.27
N ALA A 186 -9.77 6.15 -17.95
CA ALA A 186 -8.78 5.11 -17.69
C ALA A 186 -8.15 5.23 -16.30
N GLU A 187 -7.78 6.46 -15.87
CA GLU A 187 -7.27 6.71 -14.52
C GLU A 187 -8.33 6.44 -13.45
N SER A 188 -9.57 6.93 -13.66
CA SER A 188 -10.68 6.78 -12.72
C SER A 188 -11.08 5.31 -12.48
N ALA A 189 -11.14 4.53 -13.56
CA ALA A 189 -11.41 3.09 -13.54
C ALA A 189 -10.33 2.26 -12.84
N ASN A 190 -9.08 2.75 -12.83
CA ASN A 190 -7.89 2.05 -12.36
C ASN A 190 -7.24 2.74 -11.14
N VAL A 191 -7.97 3.63 -10.45
CA VAL A 191 -7.47 4.31 -9.25
C VAL A 191 -7.59 3.38 -8.02
N ASP A 192 -6.61 3.48 -7.11
CA ASP A 192 -6.38 2.54 -6.01
C ASP A 192 -6.85 3.09 -4.66
N VAL A 193 -7.93 3.88 -4.70
CA VAL A 193 -8.55 4.51 -3.53
C VAL A 193 -10.09 4.50 -3.73
N PRO A 194 -10.88 4.52 -2.64
CA PRO A 194 -12.35 4.63 -2.71
C PRO A 194 -12.81 5.87 -3.48
N THR A 195 -13.66 5.66 -4.49
CA THR A 195 -14.26 6.72 -5.28
C THR A 195 -15.76 6.74 -5.02
N VAL A 196 -16.27 7.91 -4.62
CA VAL A 196 -17.69 8.19 -4.49
C VAL A 196 -18.01 9.31 -5.49
N GLY A 197 -19.10 9.14 -6.24
CA GLY A 197 -19.65 10.17 -7.12
C GLY A 197 -20.85 10.77 -6.39
N ILE A 198 -21.06 12.08 -6.55
CA ILE A 198 -22.24 12.79 -6.05
C ILE A 198 -22.62 13.80 -7.13
N VAL A 199 -23.78 13.61 -7.77
CA VAL A 199 -24.33 14.56 -8.72
C VAL A 199 -24.91 15.77 -7.96
N ILE A 200 -24.24 16.93 -8.11
CA ILE A 200 -24.60 18.20 -7.48
C ILE A 200 -25.40 19.13 -8.43
N GLY A 201 -25.68 18.67 -9.66
CA GLY A 201 -26.44 19.41 -10.66
C GLY A 201 -26.80 18.41 -11.77
N ALA A 202 -26.24 18.58 -12.98
CA ALA A 202 -26.57 17.79 -14.17
C ALA A 202 -25.39 16.92 -14.62
N GLY A 203 -25.63 15.63 -14.91
CA GLY A 203 -24.60 14.70 -15.33
C GLY A 203 -24.89 14.23 -16.75
N TYR A 204 -24.55 15.07 -17.75
CA TYR A 204 -24.79 14.79 -19.16
C TYR A 204 -23.52 14.28 -19.86
N SER A 205 -23.71 13.22 -20.68
CA SER A 205 -22.80 12.69 -21.70
C SER A 205 -21.40 12.27 -21.16
N GLY A 206 -20.39 12.33 -22.05
CA GLY A 206 -19.01 11.91 -21.81
C GLY A 206 -18.22 12.84 -20.87
N GLY A 207 -18.75 14.03 -20.54
CA GLY A 207 -18.17 14.93 -19.55
C GLY A 207 -18.49 14.48 -18.12
N ALA A 208 -19.62 13.77 -17.92
CA ALA A 208 -20.08 13.29 -16.63
C ALA A 208 -19.49 11.92 -16.24
N ILE A 209 -19.15 11.08 -17.23
CA ILE A 209 -18.74 9.68 -16.99
C ILE A 209 -17.35 9.41 -16.36
N PRO A 210 -16.28 10.25 -16.48
CA PRO A 210 -15.04 10.00 -15.71
C PRO A 210 -15.24 10.15 -14.19
N LEU A 211 -16.14 11.04 -13.79
CA LEU A 211 -16.51 11.30 -12.40
C LEU A 211 -17.59 10.33 -11.88
N ALA A 212 -18.55 9.96 -12.74
CA ALA A 212 -19.64 9.03 -12.41
C ALA A 212 -19.25 7.55 -12.50
N ALA A 213 -18.02 7.25 -12.98
CA ALA A 213 -17.38 5.94 -13.00
C ALA A 213 -16.97 5.41 -11.61
N ALA A 214 -17.39 6.09 -10.52
CA ALA A 214 -17.17 5.78 -9.11
C ALA A 214 -17.65 4.38 -8.65
N ASN A 215 -17.26 4.00 -7.41
CA ASN A 215 -17.76 2.81 -6.70
C ASN A 215 -19.24 2.96 -6.35
N ILE A 216 -19.58 4.08 -5.66
CA ILE A 216 -20.93 4.44 -5.26
C ILE A 216 -21.24 5.80 -5.90
N LEU A 217 -22.20 5.83 -6.84
CA LEU A 217 -22.68 7.04 -7.51
C LEU A 217 -23.98 7.46 -6.84
N LEU A 218 -23.94 8.62 -6.19
CA LEU A 218 -25.06 9.26 -5.51
C LEU A 218 -25.54 10.47 -6.32
N SER A 219 -26.63 11.07 -5.84
CA SER A 219 -27.15 12.33 -6.35
C SER A 219 -27.73 13.12 -5.17
N LEU A 220 -27.63 14.45 -5.24
CA LEU A 220 -28.46 15.36 -4.45
C LEU A 220 -29.91 15.28 -4.92
N ARG A 221 -30.85 15.66 -4.03
CA ARG A 221 -32.29 15.45 -4.15
C ARG A 221 -32.95 15.96 -5.45
N ASP A 222 -32.35 17.01 -6.05
CA ASP A 222 -32.82 17.70 -7.24
C ASP A 222 -31.80 17.63 -8.40
N GLY A 223 -30.85 16.69 -8.35
CA GLY A 223 -29.86 16.45 -9.40
C GLY A 223 -30.50 15.72 -10.61
N ILE A 224 -29.72 15.54 -11.68
CA ILE A 224 -30.08 14.81 -12.91
C ILE A 224 -28.85 14.08 -13.44
N PHE A 225 -29.04 12.91 -14.06
CA PHE A 225 -28.02 12.17 -14.78
C PHE A 225 -28.68 11.64 -16.07
N ASN A 226 -28.07 11.88 -17.24
CA ASN A 226 -28.64 11.47 -18.53
C ASN A 226 -27.58 11.33 -19.63
N THR A 227 -27.95 10.58 -20.69
CA THR A 227 -27.14 10.26 -21.87
C THR A 227 -26.64 11.47 -22.68
N ILE A 228 -27.47 12.51 -22.77
CA ILE A 228 -27.15 13.86 -23.26
C ILE A 228 -28.11 14.86 -22.59
N GLN A 229 -27.83 16.17 -22.74
CA GLN A 229 -28.71 17.25 -22.29
C GLN A 229 -30.08 17.16 -23.01
N PRO A 230 -31.20 17.47 -22.30
CA PRO A 230 -32.55 17.18 -22.79
C PRO A 230 -32.95 17.89 -24.10
N GLN A 231 -32.33 19.04 -24.40
CA GLN A 231 -32.46 19.79 -25.65
C GLN A 231 -31.84 19.08 -26.86
N GLY A 232 -30.85 18.20 -26.63
CA GLY A 232 -30.17 17.42 -27.67
C GLY A 232 -31.07 16.28 -28.20
N LEU A 233 -32.07 15.86 -27.41
CA LEU A 233 -33.12 14.92 -27.81
C LEU A 233 -34.09 15.49 -28.88
N GLN A 234 -34.01 16.79 -29.19
CA GLN A 234 -34.83 17.49 -30.19
C GLN A 234 -34.70 16.93 -31.62
N SER A 235 -33.52 16.41 -32.00
CA SER A 235 -33.30 15.73 -33.28
C SER A 235 -34.08 14.42 -33.41
N ILE A 236 -34.15 13.67 -32.30
CA ILE A 236 -34.89 12.42 -32.16
C ILE A 236 -36.40 12.69 -31.99
N ALA A 237 -36.74 13.84 -31.39
CA ALA A 237 -38.08 14.38 -31.26
C ALA A 237 -38.66 14.81 -32.62
N ARG A 238 -37.85 15.45 -33.48
CA ARG A 238 -38.22 15.80 -34.87
C ARG A 238 -38.48 14.55 -35.73
N LYS A 239 -37.63 13.52 -35.59
CA LYS A 239 -37.71 12.27 -36.35
C LYS A 239 -38.98 11.44 -36.05
N TYR A 240 -39.50 11.50 -34.81
CA TYR A 240 -40.66 10.74 -34.35
C TYR A 240 -41.88 11.61 -33.99
N ASN A 241 -41.79 12.93 -34.18
CA ASN A 241 -42.84 13.95 -34.03
C ASN A 241 -43.30 14.21 -32.58
N LEU A 242 -42.34 14.22 -31.64
CA LEU A 242 -42.50 14.68 -30.25
C LEU A 242 -41.83 16.05 -30.05
N SER A 243 -41.98 16.61 -28.83
CA SER A 243 -41.14 17.66 -28.27
C SER A 243 -39.92 17.05 -27.54
N TRP A 244 -38.87 17.86 -27.30
CA TRP A 244 -37.69 17.41 -26.55
C TRP A 244 -37.97 17.20 -25.04
N GLN A 245 -38.97 17.92 -24.51
CA GLN A 245 -39.48 17.79 -23.14
C GLN A 245 -40.19 16.44 -22.91
N GLU A 246 -40.96 15.98 -23.91
CA GLU A 246 -41.58 14.65 -23.93
C GLU A 246 -40.55 13.51 -23.98
N CYS A 247 -39.51 13.67 -24.83
CA CYS A 247 -38.39 12.73 -24.94
C CYS A 247 -37.58 12.63 -23.63
N ALA A 248 -37.42 13.75 -22.91
CA ALA A 248 -36.74 13.82 -21.62
C ALA A 248 -37.48 13.09 -20.49
N LYS A 249 -38.83 13.19 -20.45
CA LYS A 249 -39.65 12.43 -19.49
C LYS A 249 -39.74 10.94 -19.87
N SER A 250 -39.84 10.62 -21.18
CA SER A 250 -39.88 9.26 -21.72
C SER A 250 -38.60 8.45 -21.41
N VAL A 251 -37.46 9.15 -21.41
CA VAL A 251 -36.15 8.61 -21.02
C VAL A 251 -36.01 8.36 -19.50
N GLY A 252 -36.65 9.21 -18.68
CA GLY A 252 -36.77 9.05 -17.22
C GLY A 252 -35.47 9.47 -16.53
N VAL A 253 -35.32 10.77 -16.27
CA VAL A 253 -34.09 11.43 -15.84
C VAL A 253 -34.12 11.97 -14.39
N SER A 254 -35.21 11.75 -13.64
CA SER A 254 -35.30 12.10 -12.21
C SER A 254 -34.41 11.16 -11.36
N PRO A 255 -33.82 11.64 -10.24
CA PRO A 255 -33.05 10.80 -9.30
C PRO A 255 -33.74 9.52 -8.80
N GLU A 256 -35.07 9.58 -8.64
CA GLU A 256 -35.96 8.48 -8.29
C GLU A 256 -36.00 7.39 -9.37
N GLU A 257 -36.18 7.80 -10.65
CA GLU A 257 -36.14 6.90 -11.81
C GLU A 257 -34.75 6.32 -12.09
N LEU A 258 -33.69 7.11 -11.85
CA LEU A 258 -32.29 6.69 -11.95
C LEU A 258 -31.94 5.64 -10.88
N TYR A 259 -32.51 5.77 -9.67
CA TYR A 259 -32.38 4.79 -8.59
C TYR A 259 -33.18 3.50 -8.87
N THR A 260 -34.36 3.63 -9.50
CA THR A 260 -35.22 2.51 -9.90
C THR A 260 -34.59 1.64 -11.02
N SER A 261 -33.97 2.28 -12.02
CA SER A 261 -33.24 1.63 -13.11
C SER A 261 -31.88 1.04 -12.68
N GLY A 262 -31.37 1.47 -11.50
CA GLY A 262 -30.12 0.97 -10.92
C GLY A 262 -28.88 1.73 -11.41
N CYS A 263 -29.06 2.93 -12.01
CA CYS A 263 -27.98 3.83 -12.43
C CYS A 263 -27.21 4.42 -11.25
N ILE A 264 -27.92 4.78 -10.17
CA ILE A 264 -27.36 5.38 -8.96
C ILE A 264 -27.73 4.53 -7.72
N ASP A 265 -26.95 4.73 -6.65
CA ASP A 265 -26.97 3.97 -5.40
C ASP A 265 -27.74 4.66 -4.26
N GLY A 266 -28.44 5.77 -4.56
CA GLY A 266 -29.31 6.43 -3.59
C GLY A 266 -29.35 7.94 -3.82
N ILE A 267 -30.34 8.57 -3.19
CA ILE A 267 -30.63 9.98 -3.27
C ILE A 267 -30.33 10.59 -1.89
N ILE A 268 -29.26 11.41 -1.80
CA ILE A 268 -28.90 12.14 -0.58
C ILE A 268 -29.98 13.21 -0.32
N ASP A 269 -30.51 13.24 0.92
CA ASP A 269 -31.51 14.20 1.37
C ASP A 269 -30.85 15.56 1.66
N PHE A 270 -30.42 16.22 0.58
CA PHE A 270 -29.81 17.53 0.53
C PHE A 270 -29.93 18.04 -0.90
N SER A 271 -30.25 19.34 -1.01
CA SER A 271 -30.20 20.17 -2.20
C SER A 271 -29.27 21.35 -1.83
N PRO A 272 -28.40 21.84 -2.75
CA PRO A 272 -27.36 22.85 -2.45
C PRO A 272 -27.75 24.10 -1.62
N GLY A 273 -29.03 24.51 -1.63
CA GLY A 273 -29.53 25.69 -0.94
C GLY A 273 -30.09 25.43 0.47
N ASP A 274 -30.28 24.16 0.90
CA ASP A 274 -30.88 23.82 2.22
C ASP A 274 -30.03 24.31 3.40
N ARG A 275 -30.73 24.81 4.45
CA ARG A 275 -30.13 25.32 5.68
C ARG A 275 -31.00 24.97 6.90
N ASP A 276 -31.41 23.70 6.99
CA ASP A 276 -32.13 23.13 8.14
C ASP A 276 -31.28 21.97 8.71
N GLU A 277 -31.89 20.82 9.01
CA GLU A 277 -31.17 19.59 9.39
C GLU A 277 -30.48 18.93 8.19
N ARG A 278 -31.00 19.15 6.97
CA ARG A 278 -30.58 18.48 5.73
C ARG A 278 -29.21 18.91 5.18
N GLN A 279 -28.67 20.07 5.56
CA GLN A 279 -27.29 20.46 5.24
C GLN A 279 -26.21 19.58 5.90
N HIS A 280 -26.55 18.94 7.03
CA HIS A 280 -25.68 18.01 7.75
C HIS A 280 -25.61 16.62 7.10
N ASN A 281 -26.61 16.25 6.26
CA ASN A 281 -26.68 14.97 5.57
C ASN A 281 -25.59 14.75 4.51
N LEU A 282 -25.01 15.83 3.94
CA LEU A 282 -23.98 15.70 2.89
C LEU A 282 -22.64 15.15 3.42
N ARG A 283 -22.13 15.69 4.56
CA ARG A 283 -20.91 15.16 5.18
C ARG A 283 -21.11 13.75 5.75
N ARG A 284 -22.29 13.50 6.36
CA ARG A 284 -22.69 12.19 6.89
C ARG A 284 -22.79 11.12 5.81
N ALA A 285 -23.38 11.47 4.65
CA ALA A 285 -23.47 10.60 3.49
C ALA A 285 -22.09 10.26 2.90
N ILE A 286 -21.17 11.23 2.87
CA ILE A 286 -19.77 11.04 2.47
C ILE A 286 -18.99 10.13 3.44
N ILE A 287 -19.08 10.39 4.76
CA ILE A 287 -18.43 9.60 5.81
C ILE A 287 -18.85 8.12 5.79
N SER A 288 -20.17 7.88 5.78
CA SER A 288 -20.77 6.56 5.70
C SER A 288 -20.60 5.86 4.33
N SER A 289 -20.37 6.60 3.23
CA SER A 289 -20.05 6.05 1.92
C SER A 289 -18.60 5.54 1.81
N ILE A 290 -17.62 6.34 2.30
CA ILE A 290 -16.21 5.96 2.32
C ILE A 290 -15.95 4.78 3.27
N GLU A 291 -16.57 4.81 4.46
CA GLU A 291 -16.60 3.70 5.41
C GLU A 291 -17.29 2.43 4.86
N ALA A 292 -18.39 2.58 4.09
CA ALA A 292 -19.09 1.46 3.45
C ALA A 292 -18.27 0.78 2.34
N VAL A 293 -17.57 1.55 1.50
CA VAL A 293 -16.67 1.02 0.46
C VAL A 293 -15.44 0.32 1.06
N GLU A 294 -14.89 0.84 2.17
CA GLU A 294 -13.77 0.26 2.89
C GLU A 294 -14.11 -1.03 3.64
N ARG A 295 -15.29 -1.09 4.29
CA ARG A 295 -15.80 -2.33 4.89
C ARG A 295 -16.10 -3.40 3.83
N ALA A 296 -16.72 -3.00 2.70
CA ALA A 296 -17.02 -3.88 1.56
C ALA A 296 -15.76 -4.42 0.86
N ALA A 297 -14.71 -3.59 0.74
CA ALA A 297 -13.42 -3.94 0.15
C ALA A 297 -12.57 -4.88 1.03
N VAL A 298 -12.64 -4.70 2.37
CA VAL A 298 -12.05 -5.61 3.35
C VAL A 298 -12.72 -7.00 3.31
N ASN A 299 -14.06 -7.02 3.23
CA ASN A 299 -14.86 -8.24 3.04
C ASN A 299 -14.53 -8.96 1.71
N PHE A 300 -14.10 -8.22 0.68
CA PHE A 300 -13.70 -8.79 -0.59
C PHE A 300 -12.28 -9.40 -0.51
N VAL A 301 -11.37 -8.83 0.30
CA VAL A 301 -10.03 -9.37 0.54
C VAL A 301 -10.05 -10.58 1.51
N ARG A 302 -11.04 -10.64 2.44
CA ARG A 302 -11.31 -11.81 3.29
C ARG A 302 -11.68 -13.05 2.46
N GLU A 303 -12.51 -12.87 1.40
CA GLU A 303 -13.13 -13.97 0.66
C GLU A 303 -12.51 -14.24 -0.72
N SER A 304 -11.79 -13.27 -1.33
CA SER A 304 -11.12 -13.46 -2.61
C SER A 304 -9.62 -13.72 -2.38
N LYS A 305 -9.23 -14.98 -2.55
CA LYS A 305 -7.82 -15.40 -2.59
C LYS A 305 -7.13 -15.06 -3.93
N ASP A 306 -7.94 -14.90 -5.00
CA ASP A 306 -7.48 -14.52 -6.35
C ASP A 306 -7.10 -13.03 -6.47
N LEU A 307 -7.62 -12.18 -5.56
CA LEU A 307 -7.26 -10.77 -5.46
C LEU A 307 -5.80 -10.56 -5.01
N ARG A 308 -5.25 -11.53 -4.23
CA ARG A 308 -3.84 -11.64 -3.90
C ARG A 308 -2.97 -11.92 -5.14
N GLU A 309 -3.38 -12.92 -5.95
CA GLU A 309 -2.68 -13.32 -7.18
C GLU A 309 -2.59 -12.19 -8.23
N HIS A 310 -3.69 -11.46 -8.41
CA HIS A 310 -3.78 -10.25 -9.24
C HIS A 310 -2.84 -9.13 -8.77
N TYR A 311 -2.75 -8.93 -7.44
CA TYR A 311 -1.87 -7.94 -6.83
C TYR A 311 -0.37 -8.32 -6.98
N ASP A 312 -0.05 -9.62 -6.79
CA ASP A 312 1.30 -10.17 -6.97
C ASP A 312 1.78 -10.15 -8.43
N ARG A 313 0.87 -10.37 -9.40
CA ARG A 313 1.15 -10.23 -10.83
C ARG A 313 1.38 -8.76 -11.24
N SER A 314 0.64 -7.82 -10.65
CA SER A 314 0.81 -6.38 -10.83
C SER A 314 2.10 -5.84 -10.16
N LEU A 315 2.47 -6.42 -9.00
CA LEU A 315 3.70 -6.15 -8.26
C LEU A 315 4.96 -6.60 -9.01
N ALA A 316 4.89 -7.80 -9.64
CA ALA A 316 5.98 -8.39 -10.42
C ALA A 316 6.37 -7.59 -11.67
N ARG A 317 5.41 -6.82 -12.22
CA ARG A 317 5.63 -5.86 -13.30
C ARG A 317 6.36 -4.60 -12.82
N PHE A 318 6.13 -4.16 -11.59
CA PHE A 318 6.87 -3.06 -10.98
C PHE A 318 8.32 -3.46 -10.60
N LEU A 319 8.51 -4.71 -10.16
CA LEU A 319 9.84 -5.30 -9.89
C LEU A 319 10.68 -5.46 -11.16
N ASN A 320 10.05 -5.94 -12.25
CA ASN A 320 10.69 -6.21 -13.54
C ASN A 320 9.78 -5.67 -14.65
N PRO A 321 9.88 -4.36 -14.99
CA PRO A 321 9.11 -3.77 -16.09
C PRO A 321 9.64 -4.21 -17.47
N SER A 322 9.00 -5.23 -18.03
CA SER A 322 9.26 -5.79 -19.36
C SER A 322 9.06 -4.73 -20.46
N LYS A 323 10.01 -4.67 -21.41
CA LYS A 323 10.23 -3.55 -22.33
C LYS A 323 9.02 -3.11 -23.17
N ASN A 324 8.18 -4.07 -23.58
CA ASN A 324 7.01 -3.83 -24.44
C ASN A 324 5.88 -3.11 -23.70
N LEU A 325 5.63 -3.45 -22.42
CA LEU A 325 4.64 -2.76 -21.58
C LEU A 325 5.23 -1.52 -20.86
N MET A 326 6.53 -1.53 -20.54
CA MET A 326 7.26 -0.39 -19.98
C MET A 326 7.26 0.83 -20.92
N ALA A 327 7.48 0.56 -22.22
CA ALA A 327 7.40 1.56 -23.29
C ALA A 327 5.98 2.10 -23.50
N LEU A 328 4.96 1.24 -23.36
CA LEU A 328 3.55 1.64 -23.39
C LEU A 328 3.16 2.55 -22.20
N GLU A 329 3.67 2.24 -21.00
CA GLU A 329 3.47 3.06 -19.79
C GLU A 329 4.16 4.43 -19.83
N LEU A 330 5.31 4.53 -20.51
CA LEU A 330 6.01 5.80 -20.78
C LEU A 330 5.23 6.71 -21.72
N ASN A 331 4.75 6.17 -22.85
CA ASN A 331 3.97 6.89 -23.86
C ASN A 331 2.55 7.23 -23.40
N ALA A 332 1.92 6.35 -22.58
CA ALA A 332 0.55 6.51 -22.09
C ALA A 332 0.44 7.40 -20.83
N GLU A 333 1.54 7.52 -20.06
CA GLU A 333 1.69 8.37 -18.87
C GLU A 333 0.83 7.95 -17.65
N LEU A 334 0.19 6.76 -17.69
CA LEU A 334 -0.85 6.30 -16.75
C LEU A 334 -0.42 6.26 -15.27
N ALA A 335 -1.45 6.22 -14.39
CA ALA A 335 -1.36 5.95 -12.96
C ALA A 335 -0.82 4.53 -12.71
N VAL A 336 0.48 4.48 -12.43
CA VAL A 336 1.27 3.29 -12.13
C VAL A 336 2.00 3.53 -10.79
N ALA A 337 2.76 2.53 -10.34
CA ALA A 337 3.71 2.68 -9.23
C ALA A 337 4.94 3.48 -9.69
N THR A 338 4.85 4.81 -9.54
CA THR A 338 5.89 5.80 -9.82
C THR A 338 6.96 5.88 -8.70
N SER A 339 6.90 4.92 -7.76
CA SER A 339 7.73 4.72 -6.58
C SER A 339 7.22 3.43 -5.90
N PRO A 340 8.10 2.69 -5.20
CA PRO A 340 7.67 1.61 -4.29
C PRO A 340 6.84 2.09 -3.08
N THR A 341 7.10 3.32 -2.61
CA THR A 341 6.33 3.99 -1.54
C THR A 341 4.92 4.38 -2.01
N ASN A 342 4.80 4.82 -3.27
CA ASN A 342 3.54 5.24 -3.89
C ASN A 342 2.86 4.10 -4.67
N HIS A 343 3.38 2.86 -4.56
CA HIS A 343 2.76 1.63 -5.04
C HIS A 343 1.49 1.36 -4.21
N HIS A 344 0.38 1.08 -4.89
CA HIS A 344 -0.91 0.71 -4.31
C HIS A 344 -0.85 -0.49 -3.35
N ASN A 345 -1.80 -0.56 -2.42
CA ASN A 345 -2.03 -1.71 -1.54
C ASN A 345 -2.98 -2.73 -2.20
N LEU A 346 -3.14 -3.89 -1.54
CA LEU A 346 -4.00 -5.01 -1.94
C LEU A 346 -5.50 -4.63 -2.05
N PHE A 347 -5.94 -3.71 -1.18
CA PHE A 347 -7.28 -3.13 -1.16
C PHE A 347 -7.51 -2.14 -2.31
N GLY A 348 -6.42 -1.58 -2.86
CA GLY A 348 -6.38 -0.71 -4.03
C GLY A 348 -6.95 -1.42 -5.26
N SER A 349 -6.49 -2.67 -5.49
CA SER A 349 -7.01 -3.58 -6.50
C SER A 349 -8.47 -4.00 -6.27
N ALA A 350 -8.92 -4.03 -4.99
CA ALA A 350 -10.31 -4.28 -4.61
C ALA A 350 -11.24 -3.13 -5.01
N TYR A 351 -10.79 -1.87 -4.96
CA TYR A 351 -11.58 -0.71 -5.39
C TYR A 351 -11.78 -0.66 -6.90
N ARG A 352 -10.77 -1.07 -7.70
CA ARG A 352 -10.90 -1.30 -9.15
C ARG A 352 -11.94 -2.37 -9.49
N TYR A 353 -11.87 -3.48 -8.74
CA TYR A 353 -12.67 -4.68 -8.90
C TYR A 353 -14.16 -4.39 -8.59
N LEU A 354 -14.45 -3.81 -7.41
CA LEU A 354 -15.76 -3.33 -6.97
C LEU A 354 -16.37 -2.29 -7.92
N ARG A 355 -15.54 -1.35 -8.40
CA ARG A 355 -15.92 -0.30 -9.35
C ARG A 355 -16.37 -0.85 -10.71
N TYR A 356 -15.71 -1.93 -11.19
CA TYR A 356 -16.15 -2.64 -12.39
C TYR A 356 -17.48 -3.36 -12.16
N LEU A 357 -17.63 -4.10 -11.04
CA LEU A 357 -18.86 -4.83 -10.71
C LEU A 357 -20.09 -3.92 -10.64
N THR A 358 -19.94 -2.72 -10.05
CA THR A 358 -21.02 -1.73 -9.98
C THR A 358 -21.30 -1.05 -11.32
N LEU A 359 -20.26 -0.66 -12.10
CA LEU A 359 -20.42 -0.12 -13.47
C LEU A 359 -21.07 -1.11 -14.45
N ARG A 360 -20.67 -2.39 -14.36
CA ARG A 360 -21.13 -3.47 -15.22
C ARG A 360 -22.54 -3.96 -14.86
N SER A 361 -22.97 -3.82 -13.59
CA SER A 361 -24.35 -4.07 -13.16
C SER A 361 -25.26 -2.83 -13.27
N ARG A 362 -24.71 -1.64 -13.57
CA ARG A 362 -25.47 -0.46 -14.00
C ARG A 362 -25.90 -0.60 -15.48
N ILE A 363 -25.02 -1.14 -16.35
CA ILE A 363 -25.42 -1.54 -17.71
C ILE A 363 -26.18 -2.88 -17.68
N HIS A 364 -27.04 -3.09 -18.67
CA HIS A 364 -27.88 -4.28 -18.79
C HIS A 364 -28.36 -4.46 -20.23
N SER A 365 -28.28 -5.71 -20.70
CA SER A 365 -28.72 -6.13 -22.02
C SER A 365 -29.33 -7.54 -21.94
N ILE A 366 -30.11 -7.87 -22.98
CA ILE A 366 -30.80 -9.16 -23.14
C ILE A 366 -30.40 -9.78 -24.50
N SER A 367 -31.14 -10.81 -24.93
CA SER A 367 -30.92 -11.55 -26.17
C SER A 367 -32.17 -11.50 -27.07
N GLN A 368 -32.00 -11.90 -28.34
CA GLN A 368 -33.06 -12.01 -29.35
C GLN A 368 -34.18 -13.00 -28.98
N GLU A 369 -33.80 -14.12 -28.33
CA GLU A 369 -34.72 -15.12 -27.78
C GLU A 369 -35.52 -14.61 -26.57
N GLN A 370 -34.89 -13.74 -25.76
CA GLN A 370 -35.49 -13.12 -24.57
C GLN A 370 -36.50 -12.02 -24.90
N TYR A 371 -36.18 -11.22 -25.93
CA TYR A 371 -37.04 -10.08 -26.34
C TYR A 371 -38.37 -10.59 -26.89
N GLY A 372 -39.46 -10.00 -26.39
CA GLY A 372 -40.83 -10.29 -26.81
C GLY A 372 -41.16 -9.53 -28.09
N ARG A 373 -41.49 -10.28 -29.15
CA ARG A 373 -41.80 -9.76 -30.48
C ARG A 373 -43.19 -9.10 -30.53
N LEU A 374 -43.28 -7.93 -31.20
CA LEU A 374 -44.53 -7.20 -31.44
C LEU A 374 -45.38 -7.88 -32.53
N SER A 375 -46.69 -7.59 -32.46
CA SER A 375 -47.74 -8.01 -33.39
C SER A 375 -47.54 -7.41 -34.79
N ARG A 376 -47.47 -8.31 -35.80
CA ARG A 376 -47.58 -7.95 -37.22
C ARG A 376 -49.04 -7.80 -37.64
N VAL A 377 -49.96 -8.45 -36.90
CA VAL A 377 -51.39 -8.50 -37.18
C VAL A 377 -52.05 -7.12 -36.94
N SER A 378 -52.88 -6.69 -37.90
CA SER A 378 -53.62 -5.43 -37.94
C SER A 378 -52.73 -4.18 -38.18
N VAL A 379 -51.57 -4.36 -38.83
CA VAL A 379 -50.62 -3.30 -39.18
C VAL A 379 -50.73 -3.03 -40.71
N PRO A 380 -51.21 -1.83 -41.12
CA PRO A 380 -51.19 -1.38 -42.54
C PRO A 380 -49.81 -1.39 -43.22
N GLU A 381 -49.81 -1.45 -44.56
CA GLU A 381 -48.59 -1.31 -45.37
C GLU A 381 -48.16 0.17 -45.48
N GLY A 382 -46.87 0.45 -45.24
CA GLY A 382 -46.31 1.80 -45.28
C GLY A 382 -46.80 2.67 -44.10
N ASP A 383 -47.10 2.02 -42.96
CA ASP A 383 -47.73 2.57 -41.76
C ASP A 383 -47.05 3.82 -41.18
N LEU A 384 -45.70 3.85 -41.20
CA LEU A 384 -44.85 4.90 -40.63
C LEU A 384 -45.20 6.33 -41.10
N LEU A 385 -45.36 6.52 -42.42
CA LEU A 385 -45.71 7.80 -43.02
C LEU A 385 -47.14 8.23 -42.68
N ALA A 386 -48.08 7.27 -42.61
CA ALA A 386 -49.46 7.50 -42.21
C ALA A 386 -49.60 7.89 -40.73
N ARG A 387 -48.86 7.23 -39.83
CA ARG A 387 -48.81 7.53 -38.39
C ARG A 387 -48.19 8.91 -38.10
N ILE A 388 -47.13 9.28 -38.83
CA ILE A 388 -46.49 10.60 -38.74
C ILE A 388 -47.36 11.72 -39.36
N GLN A 389 -48.05 11.41 -40.47
CA GLN A 389 -49.07 12.28 -41.09
C GLN A 389 -50.23 12.57 -40.13
N GLN A 390 -50.73 11.52 -39.45
CA GLN A 390 -51.76 11.58 -38.43
C GLN A 390 -51.36 12.36 -37.18
N GLU A 391 -50.08 12.26 -36.75
CA GLU A 391 -49.50 13.06 -35.66
C GLU A 391 -49.37 14.56 -36.02
N GLN A 392 -49.00 14.85 -37.29
CA GLN A 392 -48.93 16.19 -37.84
C GLN A 392 -50.31 16.84 -38.05
N ASP A 393 -51.31 16.04 -38.46
CA ASP A 393 -52.73 16.40 -38.51
C ASP A 393 -53.34 16.61 -37.12
N ARG A 394 -52.94 15.79 -36.13
CA ARG A 394 -53.40 15.84 -34.74
C ARG A 394 -52.99 17.14 -34.01
N VAL A 395 -51.73 17.55 -34.21
CA VAL A 395 -51.19 18.83 -33.71
C VAL A 395 -51.77 20.04 -34.48
N PHE A 396 -52.06 19.87 -35.79
CA PHE A 396 -52.74 20.86 -36.61
C PHE A 396 -54.21 21.10 -36.19
N GLN A 397 -54.96 20.01 -35.94
CA GLN A 397 -56.32 20.02 -35.38
C GLN A 397 -56.38 20.59 -33.95
N ALA A 398 -55.31 20.40 -33.16
CA ALA A 398 -55.14 21.01 -31.85
C ALA A 398 -54.94 22.53 -31.91
N TRP A 399 -54.31 23.04 -32.99
CA TRP A 399 -54.23 24.48 -33.28
C TRP A 399 -55.57 25.04 -33.80
N LEU A 400 -56.35 24.26 -34.56
CA LEU A 400 -57.72 24.61 -34.95
C LEU A 400 -58.69 24.66 -33.74
N ALA A 401 -58.32 24.00 -32.63
CA ALA A 401 -59.09 23.93 -31.39
C ALA A 401 -58.65 24.94 -30.32
N SER A 402 -57.44 25.53 -30.45
CA SER A 402 -56.95 26.58 -29.56
C SER A 402 -55.90 27.47 -30.27
N PRO A 403 -56.34 28.32 -31.23
CA PRO A 403 -55.47 29.27 -31.94
C PRO A 403 -55.14 30.53 -31.12
N ASP A 404 -53.98 31.14 -31.40
CA ASP A 404 -53.46 32.34 -30.73
C ASP A 404 -54.27 33.61 -31.05
N LYS A 405 -54.41 34.48 -30.04
CA LYS A 405 -55.05 35.79 -30.14
C LYS A 405 -54.19 36.81 -30.93
N LEU A 406 -54.86 37.69 -31.68
CA LEU A 406 -54.22 38.70 -32.54
C LEU A 406 -53.76 39.97 -31.78
N VAL A 407 -54.09 40.08 -30.48
CA VAL A 407 -53.55 41.11 -29.57
C VAL A 407 -52.11 40.81 -29.07
N TYR A 408 -51.61 39.58 -29.28
CA TYR A 408 -50.31 39.11 -28.79
C TYR A 408 -49.09 39.72 -29.50
N ASP A 409 -49.25 40.20 -30.75
CA ASP A 409 -48.15 40.77 -31.54
C ASP A 409 -48.65 42.06 -32.19
N GLU A 410 -47.92 43.16 -31.94
CA GLU A 410 -48.17 44.50 -32.50
C GLU A 410 -48.04 44.58 -34.04
N ASP A 411 -47.15 43.77 -34.65
CA ASP A 411 -46.98 43.71 -36.10
C ASP A 411 -48.24 43.21 -36.83
N LEU A 412 -48.86 42.15 -36.29
CA LEU A 412 -50.12 41.59 -36.79
C LEU A 412 -51.34 42.45 -36.40
N ASN A 413 -51.29 43.09 -35.21
CA ASN A 413 -52.34 43.95 -34.69
C ASN A 413 -52.50 45.26 -35.49
N LYS A 414 -51.38 45.89 -35.88
CA LYS A 414 -51.37 47.10 -36.71
C LYS A 414 -51.84 46.86 -38.15
N LEU A 415 -51.59 45.66 -38.70
CA LEU A 415 -52.10 45.24 -40.01
C LEU A 415 -53.62 44.98 -40.00
N TRP A 416 -54.17 44.51 -38.87
CA TRP A 416 -55.62 44.37 -38.66
C TRP A 416 -56.33 45.73 -38.62
N ALA A 417 -55.72 46.72 -37.93
CA ALA A 417 -56.21 48.10 -37.87
C ALA A 417 -56.17 48.80 -39.24
N ASN A 418 -55.08 48.57 -40.00
CA ASN A 418 -54.93 49.03 -41.39
C ASN A 418 -55.96 48.37 -42.32
N PHE A 419 -56.16 47.05 -42.19
CA PHE A 419 -57.18 46.29 -42.94
C PHE A 419 -58.62 46.79 -42.73
N ILE A 420 -59.06 46.88 -41.47
CA ILE A 420 -60.41 47.33 -41.11
C ILE A 420 -60.69 48.81 -41.46
N ALA A 421 -59.68 49.68 -41.35
CA ALA A 421 -59.75 51.08 -41.76
C ALA A 421 -59.86 51.28 -43.28
N LYS A 422 -59.00 50.57 -44.05
CA LYS A 422 -58.97 50.64 -45.52
C LYS A 422 -60.10 49.85 -46.20
N ARG A 423 -60.79 48.96 -45.46
CA ARG A 423 -61.95 48.19 -45.90
C ARG A 423 -63.22 49.05 -46.03
N ASP A 424 -63.35 50.09 -45.18
CA ASP A 424 -64.43 51.09 -45.24
C ASP A 424 -64.06 52.28 -46.16
N GLU A 425 -62.77 52.43 -46.52
CA GLU A 425 -62.27 53.50 -47.37
C GLU A 425 -62.63 53.29 -48.85
N ILE A 426 -62.81 54.41 -49.58
CA ILE A 426 -63.19 54.46 -50.99
C ILE A 426 -62.17 53.82 -51.95
N LYS A 442 -60.07 51.23 -53.48
CA LYS A 442 -59.99 49.78 -53.64
C LYS A 442 -58.55 49.27 -53.67
N GLU A 443 -57.58 50.13 -54.05
CA GLU A 443 -56.15 49.86 -54.00
C GLU A 443 -55.63 49.65 -52.57
N ASN A 444 -55.96 50.58 -51.65
CA ASN A 444 -55.57 50.48 -50.23
C ASN A 444 -56.27 49.33 -49.51
N TYR A 445 -57.52 49.02 -49.89
CA TYR A 445 -58.23 47.82 -49.45
C TYR A 445 -57.48 46.52 -49.83
N LYS A 446 -57.14 46.37 -51.12
CA LYS A 446 -56.44 45.21 -51.66
C LYS A 446 -54.99 45.07 -51.15
N LYS A 447 -54.28 46.19 -50.93
CA LYS A 447 -52.94 46.23 -50.34
C LYS A 447 -52.93 45.76 -48.88
N ALA A 448 -53.84 46.31 -48.05
CA ALA A 448 -53.97 45.99 -46.63
C ALA A 448 -54.51 44.57 -46.37
N ARG A 449 -55.44 44.11 -47.22
CA ARG A 449 -55.99 42.74 -47.27
C ARG A 449 -54.90 41.69 -47.55
N LYS A 450 -54.09 41.94 -48.59
CA LYS A 450 -52.99 41.05 -49.00
C LYS A 450 -51.85 41.01 -47.96
N ALA A 451 -51.53 42.18 -47.37
CA ALA A 451 -50.47 42.35 -46.36
C ALA A 451 -50.77 41.66 -45.01
N LEU A 452 -52.04 41.70 -44.57
CA LEU A 452 -52.52 41.02 -43.36
C LEU A 452 -52.32 39.50 -43.44
N LEU A 453 -52.77 38.90 -44.56
CA LEU A 453 -52.72 37.47 -44.82
C LEU A 453 -51.31 36.94 -45.06
N PHE A 454 -50.48 37.76 -45.75
CA PHE A 454 -49.07 37.51 -46.02
C PHE A 454 -48.26 37.37 -44.72
N ASN A 455 -48.34 38.37 -43.82
CA ASN A 455 -47.65 38.34 -42.53
C ASN A 455 -48.18 37.28 -41.56
N ILE A 456 -49.46 36.89 -41.65
CA ILE A 456 -50.00 35.72 -40.94
C ILE A 456 -49.39 34.40 -41.44
N SER A 457 -49.19 34.25 -42.76
CA SER A 457 -48.57 33.07 -43.37
C SER A 457 -47.06 32.95 -43.05
N TRP A 458 -46.32 34.07 -42.92
CA TRP A 458 -44.94 34.05 -42.40
C TRP A 458 -44.88 33.77 -40.88
N SER A 459 -45.84 34.27 -40.10
CA SER A 459 -45.95 34.03 -38.65
C SER A 459 -46.16 32.54 -38.31
N LEU A 460 -47.04 31.86 -39.06
CA LEU A 460 -47.29 30.43 -38.96
C LEU A 460 -46.16 29.57 -39.54
N TYR A 461 -45.38 30.12 -40.49
CA TYR A 461 -44.19 29.48 -41.06
C TYR A 461 -42.99 29.51 -40.09
N HIS A 462 -42.87 30.57 -39.27
CA HIS A 462 -41.95 30.66 -38.13
C HIS A 462 -42.33 29.69 -36.99
N ARG A 463 -43.64 29.51 -36.76
CA ARG A 463 -44.21 28.70 -35.69
C ARG A 463 -44.10 27.18 -35.96
N TRP A 464 -44.52 26.73 -37.15
CA TRP A 464 -44.66 25.32 -37.50
C TRP A 464 -43.37 24.62 -37.97
N LYS A 465 -42.34 25.40 -38.34
CA LYS A 465 -40.96 24.98 -38.58
C LYS A 465 -40.82 23.79 -39.57
N SER A 466 -40.24 22.66 -39.12
CA SER A 466 -39.97 21.47 -39.93
C SER A 466 -41.22 20.74 -40.46
N ASN A 467 -42.37 20.94 -39.81
CA ASN A 467 -43.66 20.36 -40.20
C ASN A 467 -44.55 21.35 -40.98
N ALA A 468 -44.06 22.59 -41.19
CA ALA A 468 -44.81 23.70 -41.81
C ALA A 468 -45.41 23.40 -43.19
N ALA A 469 -44.70 22.63 -44.03
CA ALA A 469 -45.17 22.20 -45.34
C ALA A 469 -46.43 21.33 -45.29
N ASN A 470 -46.45 20.35 -44.36
CA ASN A 470 -47.58 19.46 -44.10
C ASN A 470 -48.79 20.20 -43.51
N ASN A 471 -48.53 21.12 -42.57
CA ASN A 471 -49.55 21.88 -41.87
C ASN A 471 -50.18 22.98 -42.73
N PHE A 472 -49.45 23.55 -43.72
CA PHE A 472 -50.00 24.48 -44.71
C PHE A 472 -50.88 23.80 -45.77
N LYS A 473 -50.55 22.56 -46.16
CA LYS A 473 -51.40 21.71 -47.01
C LYS A 473 -52.74 21.36 -46.31
N GLY A 474 -52.66 21.02 -45.02
CA GLY A 474 -53.82 20.73 -44.18
C GLY A 474 -54.66 21.98 -43.90
N LEU A 475 -54.03 23.17 -43.84
CA LEU A 475 -54.68 24.46 -43.69
C LEU A 475 -55.42 24.90 -44.96
N ILE A 476 -54.84 24.65 -46.14
CA ILE A 476 -55.48 24.83 -47.45
C ILE A 476 -56.71 23.93 -47.63
N GLN A 477 -56.58 22.63 -47.28
CA GLN A 477 -57.67 21.66 -47.28
C GLN A 477 -58.79 22.00 -46.30
N HIS A 478 -58.43 22.48 -45.08
CA HIS A 478 -59.36 23.00 -44.08
C HIS A 478 -60.15 24.20 -44.60
N LEU A 479 -59.45 25.23 -45.11
CA LEU A 479 -60.05 26.46 -45.65
C LEU A 479 -61.01 26.21 -46.82
N GLU A 480 -60.66 25.29 -47.74
CA GLU A 480 -61.56 24.87 -48.82
C GLU A 480 -62.79 24.07 -48.34
N ASN A 481 -62.65 23.25 -47.29
CA ASN A 481 -63.71 22.36 -46.78
C ASN A 481 -64.63 23.00 -45.71
N LEU A 482 -64.30 24.19 -45.17
CA LEU A 482 -65.07 24.90 -44.12
C LEU A 482 -66.55 25.13 -44.51
N PRO A 483 -67.51 24.86 -43.58
CA PRO A 483 -68.95 25.20 -43.77
C PRO A 483 -69.19 26.68 -44.08
N LYS A 484 -70.17 26.99 -44.96
CA LYS A 484 -70.60 28.37 -45.27
C LYS A 484 -71.06 29.18 -44.04
N SER A 485 -71.58 28.49 -43.02
CA SER A 485 -71.92 29.04 -41.70
C SER A 485 -70.70 29.47 -40.85
N VAL A 486 -69.48 29.11 -41.27
CA VAL A 486 -68.21 29.53 -40.67
C VAL A 486 -67.45 30.49 -41.60
N THR A 487 -67.55 30.33 -42.94
CA THR A 487 -66.92 31.24 -43.90
C THR A 487 -67.61 32.62 -43.93
N GLN A 488 -68.94 32.68 -43.81
CA GLN A 488 -69.68 33.94 -43.75
C GLN A 488 -69.75 34.56 -42.33
N ALA A 489 -69.22 33.85 -41.31
CA ALA A 489 -69.22 34.26 -39.92
C ALA A 489 -68.38 35.51 -39.66
N LYS A 490 -69.03 36.57 -39.17
CA LYS A 490 -68.40 37.84 -38.81
C LYS A 490 -67.50 37.68 -37.58
N TRP A 491 -66.35 38.39 -37.61
CA TRP A 491 -65.27 38.33 -36.63
C TRP A 491 -65.72 38.65 -35.19
N PRO A 492 -65.30 37.82 -34.20
CA PRO A 492 -65.31 38.18 -32.76
C PRO A 492 -64.60 39.50 -32.42
N GLU A 493 -64.95 40.09 -31.26
CA GLU A 493 -64.27 41.23 -30.65
C GLU A 493 -62.78 40.97 -30.42
N LEU A 494 -61.95 42.02 -30.55
CA LEU A 494 -60.48 41.99 -30.62
C LEU A 494 -59.77 41.10 -29.58
N ASN A 495 -60.24 41.14 -28.32
CA ASN A 495 -59.72 40.35 -27.20
C ASN A 495 -59.97 38.83 -27.32
N GLN A 496 -61.02 38.42 -28.06
CA GLN A 496 -61.35 37.02 -28.34
C GLN A 496 -61.04 36.61 -29.79
N LEU A 497 -60.68 37.59 -30.65
CA LEU A 497 -60.31 37.42 -32.05
C LEU A 497 -58.94 36.73 -32.14
N THR A 498 -58.92 35.58 -32.83
CA THR A 498 -57.72 34.78 -33.04
C THR A 498 -57.30 34.81 -34.51
N VAL A 499 -56.03 34.44 -34.75
CA VAL A 499 -55.42 34.36 -36.08
C VAL A 499 -56.13 33.36 -37.02
N LEU A 500 -56.73 32.31 -36.45
CA LEU A 500 -57.66 31.40 -37.13
C LEU A 500 -58.97 32.11 -37.52
N ASP A 501 -59.66 32.74 -36.55
CA ASP A 501 -60.90 33.51 -36.75
C ASP A 501 -60.81 34.61 -37.83
N VAL A 502 -59.64 35.26 -37.93
CA VAL A 502 -59.31 36.24 -38.95
C VAL A 502 -59.31 35.64 -40.37
N VAL A 503 -58.64 34.50 -40.57
CA VAL A 503 -58.47 33.89 -41.89
C VAL A 503 -59.60 32.94 -42.34
N VAL A 504 -60.44 32.43 -41.43
CA VAL A 504 -61.57 31.57 -41.82
C VAL A 504 -62.75 32.33 -42.48
N ASN A 505 -62.89 33.64 -42.20
CA ASN A 505 -63.84 34.52 -42.87
C ASN A 505 -63.52 34.63 -44.36
N ASP A 506 -64.56 34.44 -45.21
CA ASP A 506 -64.54 34.28 -46.66
C ASP A 506 -63.73 35.35 -47.42
N GLU A 507 -63.84 36.61 -46.97
CA GLU A 507 -63.14 37.77 -47.50
C GLU A 507 -61.60 37.69 -47.37
N LEU A 508 -61.13 36.92 -46.39
CA LEU A 508 -59.72 36.65 -46.10
C LEU A 508 -59.34 35.18 -46.38
N ARG A 509 -60.32 34.32 -46.69
CA ARG A 509 -60.16 32.87 -46.84
C ARG A 509 -59.34 32.44 -48.05
N GLU A 510 -59.85 32.77 -49.25
CA GLU A 510 -59.28 32.29 -50.52
C GLU A 510 -57.99 33.01 -50.96
N ASP A 511 -57.78 34.26 -50.50
CA ASP A 511 -56.47 34.93 -50.61
C ASP A 511 -55.44 34.34 -49.63
N PHE A 512 -55.87 33.88 -48.44
CA PHE A 512 -54.99 33.17 -47.51
C PHE A 512 -54.65 31.74 -47.97
N ILE A 513 -55.57 31.06 -48.70
CA ILE A 513 -55.28 29.83 -49.43
C ILE A 513 -54.18 30.06 -50.49
N TRP A 514 -54.23 31.20 -51.19
CA TRP A 514 -53.19 31.62 -52.13
C TRP A 514 -51.84 31.94 -51.46
N GLN A 515 -51.83 32.65 -50.30
CA GLN A 515 -50.62 32.91 -49.51
C GLN A 515 -49.93 31.62 -49.06
N CYS A 516 -50.71 30.66 -48.56
CA CYS A 516 -50.25 29.33 -48.13
C CYS A 516 -49.66 28.50 -49.28
N HIS A 517 -50.25 28.56 -50.48
CA HIS A 517 -49.74 27.92 -51.70
C HIS A 517 -48.39 28.48 -52.18
N ASN A 518 -48.17 29.80 -52.03
CA ASN A 518 -46.91 30.45 -52.40
C ASN A 518 -45.81 30.27 -51.33
N ILE A 519 -46.19 30.17 -50.05
CA ILE A 519 -45.28 29.87 -48.94
C ILE A 519 -44.73 28.43 -49.00
N LEU A 520 -45.52 27.48 -49.52
CA LEU A 520 -45.10 26.11 -49.85
C LEU A 520 -44.02 26.09 -50.94
N ILE A 521 -44.17 26.95 -51.97
CA ILE A 521 -43.22 27.07 -53.07
C ILE A 521 -41.95 27.81 -52.62
N PHE A 522 -42.06 28.81 -51.74
CA PHE A 522 -40.92 29.49 -51.10
C PHE A 522 -40.09 28.56 -50.22
N ASN A 523 -40.75 27.71 -49.41
CA ASN A 523 -40.09 26.74 -48.53
C ASN A 523 -39.31 25.68 -49.31
N SER A 524 -39.85 25.24 -50.47
CA SER A 524 -39.16 24.37 -51.40
C SER A 524 -37.99 25.10 -52.09
N LEU A 525 -38.21 26.33 -52.60
CA LEU A 525 -37.19 27.22 -53.18
C LEU A 525 -35.98 27.45 -52.27
N TYR A 526 -36.25 27.79 -50.99
CA TYR A 526 -35.25 28.02 -49.96
C TYR A 526 -34.43 26.76 -49.64
N ASP A 527 -35.09 25.62 -49.39
CA ASP A 527 -34.45 24.34 -49.10
C ASP A 527 -33.71 23.69 -50.29
N ASN A 528 -34.18 23.93 -51.52
CA ASN A 528 -33.48 23.53 -52.75
C ASN A 528 -32.21 24.38 -52.98
N VAL A 529 -32.27 25.70 -52.71
CA VAL A 529 -31.13 26.60 -52.79
C VAL A 529 -30.08 26.35 -51.69
N VAL A 530 -30.51 25.95 -50.48
CA VAL A 530 -29.64 25.47 -49.39
C VAL A 530 -28.85 24.19 -49.77
N GLY A 531 -29.52 23.26 -50.47
CA GLY A 531 -28.91 22.01 -50.95
C GLY A 531 -28.04 22.21 -52.19
N SER A 532 -28.19 23.35 -52.90
CA SER A 532 -27.45 23.72 -54.11
C SER A 532 -26.38 24.80 -53.83
N LEU A 533 -26.19 25.16 -52.55
CA LEU A 533 -25.37 26.28 -52.06
C LEU A 533 -23.87 26.22 -52.43
N ALA A 534 -23.36 25.02 -52.76
CA ALA A 534 -22.00 24.82 -53.24
C ALA A 534 -21.73 25.43 -54.63
N SER A 535 -22.73 25.42 -55.54
CA SER A 535 -22.62 26.03 -56.88
C SER A 535 -22.53 27.56 -56.82
N ILE A 536 -23.26 28.16 -55.85
CA ILE A 536 -23.23 29.59 -55.52
C ILE A 536 -21.87 29.98 -54.92
N ALA A 537 -21.36 29.15 -53.99
CA ALA A 537 -20.09 29.34 -53.29
C ALA A 537 -18.85 29.31 -54.21
N LYS A 538 -18.81 28.39 -55.20
CA LYS A 538 -17.74 28.29 -56.20
C LYS A 538 -17.56 29.57 -57.02
N GLU A 539 -18.68 30.09 -57.54
CA GLU A 539 -18.73 31.27 -58.40
C GLU A 539 -18.40 32.57 -57.64
N ALA A 540 -18.83 32.65 -56.37
CA ALA A 540 -18.47 33.72 -55.44
C ALA A 540 -16.97 33.74 -55.07
N MET A 541 -16.33 32.56 -54.97
CA MET A 541 -14.89 32.43 -54.74
C MET A 541 -14.04 32.87 -55.95
N MET A 542 -14.52 32.61 -57.17
CA MET A 542 -13.74 32.70 -58.41
C MET A 542 -14.10 33.90 -59.30
N SER A 543 -15.10 34.71 -58.93
CA SER A 543 -15.47 35.93 -59.67
C SER A 543 -15.98 37.07 -58.78
N LYS A 544 -16.25 36.81 -57.49
CA LYS A 544 -16.78 37.75 -56.48
C LYS A 544 -18.22 38.24 -56.73
N SER A 545 -18.85 37.72 -57.79
CA SER A 545 -20.21 38.01 -58.20
C SER A 545 -20.93 36.69 -58.48
N LEU A 546 -22.27 36.74 -58.40
CA LEU A 546 -23.17 35.68 -58.85
C LEU A 546 -23.87 36.25 -60.08
N SER A 547 -23.53 35.74 -61.27
CA SER A 547 -24.00 36.26 -62.56
C SER A 547 -25.52 36.16 -62.75
N ARG A 548 -26.06 36.96 -63.68
CA ARG A 548 -27.49 37.08 -63.91
C ARG A 548 -28.14 35.79 -64.43
N ASN A 549 -27.44 35.05 -65.32
CA ASN A 549 -27.84 33.71 -65.76
C ASN A 549 -27.79 32.69 -64.63
N SER A 550 -26.82 32.80 -63.70
CA SER A 550 -26.69 31.87 -62.58
C SER A 550 -27.80 32.03 -61.51
N VAL A 551 -28.27 33.27 -61.28
CA VAL A 551 -29.42 33.54 -60.42
C VAL A 551 -30.76 33.21 -61.11
N ASN A 552 -30.87 33.49 -62.43
CA ASN A 552 -32.01 33.14 -63.27
C ASN A 552 -32.23 31.62 -63.35
N ASN A 553 -31.17 30.86 -63.67
CA ASN A 553 -31.21 29.42 -63.87
C ASN A 553 -31.35 28.65 -62.55
N LEU A 554 -30.80 29.17 -61.44
CA LEU A 554 -31.04 28.63 -60.10
C LEU A 554 -32.48 28.88 -59.62
N LEU A 555 -33.04 30.06 -59.91
CA LEU A 555 -34.44 30.41 -59.64
C LEU A 555 -35.43 29.57 -60.47
N HIS A 556 -35.17 29.44 -61.79
CA HIS A 556 -35.88 28.56 -62.73
C HIS A 556 -35.97 27.12 -62.21
N LYS A 557 -34.79 26.54 -61.96
CA LYS A 557 -34.60 25.16 -61.52
C LYS A 557 -35.25 24.88 -60.16
N SER A 558 -35.19 25.83 -59.22
CA SER A 558 -35.79 25.70 -57.89
C SER A 558 -37.32 25.81 -57.88
N ILE A 559 -37.91 26.62 -58.79
CA ILE A 559 -39.37 26.71 -58.96
C ILE A 559 -39.92 25.49 -59.75
N ASP A 560 -39.19 25.04 -60.78
CA ASP A 560 -39.46 23.80 -61.53
C ASP A 560 -39.35 22.56 -60.66
N HIS A 561 -38.37 22.53 -59.73
CA HIS A 561 -38.22 21.48 -58.72
C HIS A 561 -39.39 21.51 -57.72
N ALA A 562 -39.76 22.70 -57.23
CA ALA A 562 -40.89 22.89 -56.32
C ALA A 562 -42.26 22.46 -56.87
N LEU A 563 -42.51 22.76 -58.15
CA LEU A 563 -43.77 22.51 -58.84
C LEU A 563 -43.76 21.22 -59.69
N SER A 564 -42.71 20.38 -59.56
CA SER A 564 -42.68 19.00 -60.03
C SER A 564 -42.62 17.99 -58.86
N THR A 565 -42.16 18.42 -57.67
CA THR A 565 -42.29 17.67 -56.41
C THR A 565 -43.66 17.93 -55.73
N GLN A 566 -44.40 18.96 -56.15
CA GLN A 566 -45.75 19.28 -55.66
C GLN A 566 -46.67 19.45 -56.87
N ASP A 567 -47.81 18.75 -56.85
CA ASP A 567 -48.84 18.78 -57.91
C ASP A 567 -49.83 19.96 -57.75
N THR A 568 -49.53 20.91 -56.86
CA THR A 568 -50.29 22.13 -56.56
C THR A 568 -50.62 22.95 -57.84
N ALA A 569 -51.91 23.31 -57.96
CA ALA A 569 -52.50 24.01 -59.11
C ALA A 569 -51.95 25.43 -59.35
N ASN A 570 -51.42 26.08 -58.29
CA ASN A 570 -50.78 27.39 -58.37
C ASN A 570 -49.44 27.28 -59.13
N ASP A 571 -49.42 27.88 -60.32
CA ASP A 571 -48.36 27.80 -61.33
C ASP A 571 -47.22 28.81 -61.08
N LYS A 572 -46.15 28.63 -61.87
CA LYS A 572 -44.92 29.44 -61.85
C LYS A 572 -45.15 30.95 -62.05
N ALA A 573 -46.09 31.35 -62.92
CA ALA A 573 -46.41 32.75 -63.21
C ALA A 573 -47.14 33.48 -62.06
N LYS A 574 -48.04 32.76 -61.35
CA LYS A 574 -48.73 33.27 -60.16
C LYS A 574 -47.78 33.43 -58.96
N PHE A 575 -46.88 32.46 -58.77
CA PHE A 575 -45.81 32.52 -57.79
C PHE A 575 -44.76 33.61 -58.08
N TYR A 576 -44.56 33.95 -59.36
CA TYR A 576 -43.64 35.01 -59.80
C TYR A 576 -44.16 36.42 -59.44
N LYS A 577 -45.49 36.63 -59.55
CA LYS A 577 -46.16 37.85 -59.09
C LYS A 577 -46.17 37.98 -57.56
N TRP A 578 -46.26 36.84 -56.84
CA TRP A 578 -46.10 36.79 -55.39
C TRP A 578 -44.64 37.08 -54.97
N LEU A 579 -43.65 36.57 -55.74
CA LEU A 579 -42.23 36.77 -55.48
C LEU A 579 -41.82 38.24 -55.66
N LYS A 580 -42.42 38.93 -56.65
CA LYS A 580 -42.33 40.38 -56.82
C LYS A 580 -43.01 41.18 -55.67
N TYR A 581 -44.17 40.71 -55.19
CA TYR A 581 -44.89 41.31 -54.06
C TYR A 581 -44.11 41.19 -52.75
N PHE A 582 -43.54 39.99 -52.49
CA PHE A 582 -42.63 39.69 -51.39
C PHE A 582 -41.35 40.55 -51.41
N MET A 583 -40.74 40.70 -52.59
CA MET A 583 -39.62 41.62 -52.83
C MET A 583 -40.04 43.10 -52.94
N GLY A 584 -41.33 43.39 -52.69
CA GLY A 584 -41.90 44.73 -52.56
C GLY A 584 -42.31 45.01 -51.09
N GLN A 585 -42.22 44.04 -50.17
CA GLN A 585 -42.47 44.24 -48.73
C GLN A 585 -41.19 44.69 -48.01
N SER A 586 -41.31 45.72 -47.17
CA SER A 586 -40.21 46.37 -46.46
C SER A 586 -39.56 45.54 -45.35
N ASN A 587 -40.29 44.55 -44.81
CA ASN A 587 -39.82 43.63 -43.76
C ASN A 587 -39.26 42.31 -44.33
N ARG A 588 -39.02 42.23 -45.64
CA ARG A 588 -38.54 41.02 -46.34
C ARG A 588 -37.21 40.45 -45.84
N ALA A 589 -36.27 41.33 -45.42
CA ALA A 589 -35.00 40.95 -44.82
C ALA A 589 -35.16 40.35 -43.42
N ASP A 590 -36.10 40.89 -42.64
CA ASP A 590 -36.48 40.45 -41.30
C ASP A 590 -37.15 39.05 -41.34
N LEU A 591 -37.99 38.80 -42.36
CA LEU A 591 -38.61 37.49 -42.63
C LEU A 591 -37.59 36.40 -42.99
N LEU A 592 -36.53 36.75 -43.73
CA LEU A 592 -35.41 35.86 -44.06
C LEU A 592 -34.52 35.55 -42.84
N VAL A 593 -34.28 36.55 -41.99
CA VAL A 593 -33.50 36.42 -40.75
C VAL A 593 -34.23 35.62 -39.66
N ARG A 594 -35.57 35.77 -39.61
CA ARG A 594 -36.42 34.98 -38.69
C ARG A 594 -36.38 33.53 -39.19
N VAL A 595 -36.58 33.33 -40.50
CA VAL A 595 -36.51 31.99 -41.09
C VAL A 595 -35.15 31.31 -40.85
N GLU A 596 -34.04 32.04 -41.09
CA GLU A 596 -32.67 31.54 -40.93
C GLU A 596 -32.36 31.07 -39.49
N GLN A 597 -32.90 31.79 -38.48
CA GLN A 597 -32.79 31.45 -37.07
C GLN A 597 -33.34 30.06 -36.68
N TRP A 598 -34.50 29.66 -37.23
CA TRP A 598 -35.05 28.32 -36.96
C TRP A 598 -34.51 27.25 -37.92
N LYS A 599 -34.05 27.65 -39.13
CA LYS A 599 -33.39 26.77 -40.10
C LYS A 599 -31.97 26.36 -39.69
N SER A 600 -31.29 27.14 -38.82
CA SER A 600 -29.97 26.86 -38.28
C SER A 600 -29.91 25.59 -37.40
N VAL A 601 -31.05 25.22 -36.81
CA VAL A 601 -31.26 23.98 -36.06
C VAL A 601 -31.21 22.74 -36.97
N GLY A 602 -31.81 22.85 -38.18
CA GLY A 602 -31.96 21.75 -39.13
C GLY A 602 -30.74 21.59 -40.06
N PHE A 603 -29.84 22.60 -40.14
CA PHE A 603 -28.68 22.62 -41.03
C PHE A 603 -27.41 23.08 -40.29
N PRO A 604 -26.93 22.34 -39.25
CA PRO A 604 -25.71 22.70 -38.49
C PRO A 604 -24.38 22.33 -39.20
N GLN A 605 -24.39 22.34 -40.54
CA GLN A 605 -23.30 21.90 -41.41
C GLN A 605 -22.73 23.06 -42.25
N LEU A 606 -23.33 24.26 -42.15
CA LEU A 606 -22.93 25.47 -42.86
C LEU A 606 -22.24 26.44 -41.91
N ASN A 607 -21.18 27.10 -42.38
CA ASN A 607 -20.49 28.16 -41.64
C ASN A 607 -21.17 29.52 -41.81
N ASP A 608 -20.67 30.53 -41.07
CA ASP A 608 -21.18 31.91 -41.10
C ASP A 608 -21.17 32.57 -42.48
N SER A 609 -20.10 32.34 -43.27
CA SER A 609 -19.97 32.84 -44.64
C SER A 609 -21.01 32.24 -45.61
N LEU A 610 -21.33 30.95 -45.41
CA LEU A 610 -22.35 30.20 -46.16
C LEU A 610 -23.78 30.67 -45.81
N PHE A 611 -24.06 30.95 -44.54
CA PHE A 611 -25.32 31.58 -44.10
C PHE A 611 -25.49 33.02 -44.62
N VAL A 612 -24.41 33.82 -44.65
CA VAL A 612 -24.41 35.19 -45.16
C VAL A 612 -24.67 35.27 -46.68
N ILE A 613 -24.00 34.44 -47.50
CA ILE A 613 -24.20 34.44 -48.96
C ILE A 613 -25.56 33.84 -49.38
N LEU A 614 -26.08 32.88 -48.60
CA LEU A 614 -27.45 32.34 -48.70
C LEU A 614 -28.50 33.45 -48.48
N THR A 615 -28.33 34.25 -47.40
CA THR A 615 -29.17 35.39 -47.08
C THR A 615 -29.04 36.53 -48.11
N TYR A 616 -27.82 36.81 -48.60
CA TYR A 616 -27.55 37.85 -49.60
C TYR A 616 -28.19 37.55 -50.98
N PHE A 617 -28.24 36.26 -51.35
CA PHE A 617 -28.95 35.76 -52.54
C PHE A 617 -30.44 36.11 -52.52
N PHE A 618 -31.13 35.77 -51.42
CA PHE A 618 -32.54 36.07 -51.21
C PHE A 618 -32.86 37.56 -50.98
N GLU A 619 -32.01 38.25 -50.19
CA GLU A 619 -32.25 39.63 -49.76
C GLU A 619 -31.92 40.67 -50.85
N ARG A 620 -30.83 40.48 -51.62
CA ARG A 620 -30.30 41.49 -52.52
C ARG A 620 -30.29 41.05 -53.99
N LEU A 621 -29.84 39.82 -54.29
CA LEU A 621 -29.70 39.37 -55.68
C LEU A 621 -31.04 39.08 -56.38
N LEU A 622 -32.09 38.70 -55.64
CA LEU A 622 -33.43 38.49 -56.17
C LEU A 622 -34.19 39.82 -56.45
N PRO A 623 -34.15 40.82 -55.53
CA PRO A 623 -34.53 42.21 -55.87
C PRO A 623 -33.73 42.86 -57.00
N GLU A 624 -32.41 42.65 -57.06
CA GLU A 624 -31.55 43.17 -58.13
C GLU A 624 -31.84 42.52 -59.49
N TYR A 625 -32.21 41.22 -59.49
CA TYR A 625 -32.71 40.47 -60.64
C TYR A 625 -34.02 41.04 -61.23
N PHE A 626 -35.00 41.39 -60.36
CA PHE A 626 -36.25 42.05 -60.77
C PHE A 626 -36.05 43.49 -61.26
N ASP A 627 -35.17 44.24 -60.57
CA ASP A 627 -34.85 45.64 -60.88
C ASP A 627 -34.11 45.77 -62.22
N SER A 628 -33.33 44.73 -62.57
CA SER A 628 -32.60 44.58 -63.83
C SER A 628 -33.37 43.79 -64.91
N GLU A 629 -34.66 43.47 -64.71
CA GLU A 629 -35.49 42.79 -65.70
C GLU A 629 -35.76 43.64 -66.94
N SER A 630 -36.04 44.94 -66.71
CA SER A 630 -36.25 45.96 -67.73
C SER A 630 -34.95 46.37 -68.46
N ASP A 631 -33.81 46.36 -67.75
CA ASP A 631 -32.52 46.82 -68.21
C ASP A 631 -31.45 46.01 -67.47
N HIS A 632 -30.80 45.07 -68.18
CA HIS A 632 -29.82 44.13 -67.63
C HIS A 632 -28.49 44.76 -67.17
N SER A 633 -28.20 46.01 -67.57
CA SER A 633 -27.02 46.77 -67.14
C SER A 633 -27.02 47.15 -65.64
N LYS A 634 -28.22 47.16 -65.02
CA LYS A 634 -28.43 47.43 -63.59
C LYS A 634 -27.95 46.29 -62.68
N TYR A 635 -27.80 45.07 -63.24
CA TYR A 635 -27.26 43.92 -62.53
C TYR A 635 -25.72 43.97 -62.52
N THR A 636 -25.15 43.78 -61.33
CA THR A 636 -23.71 43.64 -61.11
C THR A 636 -23.38 42.24 -60.56
N GLY A 637 -24.31 41.64 -59.79
CA GLY A 637 -24.18 40.33 -59.16
C GLY A 637 -23.23 40.31 -57.95
N ALA A 638 -22.49 41.40 -57.71
CA ALA A 638 -21.40 41.54 -56.75
C ALA A 638 -21.86 41.28 -55.31
N ILE A 639 -21.32 40.22 -54.69
CA ILE A 639 -21.53 39.93 -53.28
C ILE A 639 -20.70 40.90 -52.43
N ASN A 640 -21.41 41.80 -51.75
CA ASN A 640 -20.85 42.69 -50.74
C ASN A 640 -21.29 42.14 -49.38
N PRO A 641 -20.41 41.37 -48.69
CA PRO A 641 -20.78 40.71 -47.42
C PRO A 641 -20.99 41.70 -46.25
N VAL A 642 -20.35 42.88 -46.34
CA VAL A 642 -20.41 43.99 -45.39
C VAL A 642 -21.83 44.54 -45.16
N ARG A 643 -22.71 44.45 -46.19
CA ARG A 643 -24.13 44.81 -46.12
C ARG A 643 -24.98 43.84 -45.27
N ILE A 644 -24.46 42.63 -44.97
CA ILE A 644 -25.08 41.66 -44.06
C ILE A 644 -24.30 41.61 -42.71
N GLY A 645 -22.99 41.94 -42.73
CA GLY A 645 -22.18 42.10 -41.53
C GLY A 645 -20.70 42.16 -41.92
N ARG A 646 -19.90 42.91 -41.15
CA ARG A 646 -18.45 43.09 -41.30
C ARG A 646 -17.66 41.86 -40.78
N ARG A 647 -17.90 40.69 -41.38
CA ARG A 647 -17.24 39.43 -41.04
C ARG A 647 -15.83 39.39 -41.63
N LYS A 648 -14.81 39.31 -40.76
CA LYS A 648 -13.39 39.14 -41.13
C LYS A 648 -13.14 37.79 -41.84
N ASP A 649 -12.18 37.78 -42.78
CA ASP A 649 -11.72 36.60 -43.54
C ASP A 649 -12.86 35.90 -44.33
N PHE A 650 -13.85 36.68 -44.80
CA PHE A 650 -15.08 36.19 -45.41
C PHE A 650 -14.87 35.21 -46.59
N TRP A 651 -13.97 35.56 -47.52
CA TRP A 651 -13.68 34.79 -48.72
C TRP A 651 -12.80 33.55 -48.47
N ASN A 652 -11.98 33.56 -47.41
CA ASN A 652 -11.15 32.43 -47.01
C ASN A 652 -11.94 31.44 -46.13
N ARG A 653 -12.88 31.96 -45.31
CA ARG A 653 -13.90 31.17 -44.62
C ARG A 653 -14.91 30.57 -45.62
N LEU A 654 -15.27 31.29 -46.70
CA LEU A 654 -16.07 30.79 -47.81
C LEU A 654 -15.37 29.66 -48.59
N THR A 655 -14.04 29.77 -48.78
CA THR A 655 -13.19 28.71 -49.37
C THR A 655 -13.16 27.44 -48.51
N MET A 656 -12.95 27.59 -47.19
CA MET A 656 -13.02 26.50 -46.22
C MET A 656 -14.41 25.83 -46.18
N GLY A 657 -15.47 26.66 -46.13
CA GLY A 657 -16.87 26.22 -46.04
C GLY A 657 -17.33 25.45 -47.28
N TYR A 658 -16.87 25.86 -48.48
CA TYR A 658 -17.12 25.15 -49.74
C TYR A 658 -16.39 23.80 -49.82
N GLN A 659 -15.11 23.78 -49.42
CA GLN A 659 -14.31 22.55 -49.33
C GLN A 659 -14.88 21.51 -48.36
N ASP A 660 -15.47 21.98 -47.25
CA ASP A 660 -16.12 21.17 -46.24
C ASP A 660 -17.51 20.67 -46.68
N LEU A 661 -18.24 21.45 -47.49
CA LEU A 661 -19.47 21.00 -48.15
C LEU A 661 -19.21 19.89 -49.19
N LEU A 662 -18.08 19.98 -49.92
CA LEU A 662 -17.64 18.95 -50.85
C LEU A 662 -17.17 17.67 -50.13
N ILE A 663 -16.52 17.81 -48.96
CA ILE A 663 -16.16 16.70 -48.08
C ILE A 663 -17.40 16.01 -47.48
N GLN A 664 -18.41 16.79 -47.04
CA GLN A 664 -19.72 16.29 -46.63
C GLN A 664 -20.45 15.50 -47.73
N LYS A 665 -20.49 16.07 -48.95
CA LYS A 665 -21.07 15.46 -50.15
C LYS A 665 -20.39 14.13 -50.54
N VAL A 666 -19.05 14.08 -50.49
CA VAL A 666 -18.25 12.87 -50.74
C VAL A 666 -18.51 11.76 -49.71
N LEU A 667 -18.63 12.11 -48.43
CA LEU A 667 -18.96 11.16 -47.35
C LEU A 667 -20.44 10.71 -47.39
N ARG A 668 -21.36 11.53 -47.89
CA ARG A 668 -22.74 11.12 -48.19
C ARG A 668 -22.83 10.16 -49.38
N ASP A 669 -22.04 10.37 -50.44
CA ASP A 669 -21.92 9.43 -51.57
C ASP A 669 -21.38 8.06 -51.13
N GLU A 670 -20.46 8.07 -50.16
CA GLU A 670 -19.88 6.87 -49.57
C GLU A 670 -20.87 6.11 -48.67
N LYS A 671 -21.75 6.84 -47.97
CA LYS A 671 -22.87 6.27 -47.19
C LYS A 671 -23.96 5.66 -48.08
N ARG A 672 -24.31 6.35 -49.19
CA ARG A 672 -25.37 5.95 -50.13
C ARG A 672 -24.99 4.74 -50.99
N THR A 673 -23.71 4.60 -51.37
CA THR A 673 -23.18 3.38 -51.99
C THR A 673 -23.04 2.24 -50.97
N GLY A 674 -22.74 2.57 -49.70
CA GLY A 674 -22.75 1.66 -48.56
C GLY A 674 -21.65 0.59 -48.66
N LYS A 675 -20.41 0.99 -49.00
CA LYS A 675 -19.29 0.05 -49.14
C LYS A 675 -18.71 -0.38 -47.77
N MET A 676 -18.70 0.52 -46.78
CA MET A 676 -18.15 0.25 -45.44
C MET A 676 -19.23 -0.32 -44.49
N THR A 677 -19.62 -1.57 -44.75
CA THR A 677 -20.44 -2.39 -43.86
C THR A 677 -19.54 -3.41 -43.13
N TRP A 678 -20.09 -4.08 -42.10
CA TRP A 678 -19.35 -5.06 -41.30
C TRP A 678 -18.90 -6.29 -42.10
N GLU A 679 -19.73 -6.80 -43.03
CA GLU A 679 -19.40 -7.89 -43.95
C GLU A 679 -18.25 -7.53 -44.90
N ASN A 680 -18.33 -6.33 -45.49
CA ASN A 680 -17.39 -5.82 -46.49
C ASN A 680 -16.01 -5.51 -45.89
N VAL A 681 -16.00 -4.93 -44.67
CA VAL A 681 -14.81 -4.72 -43.83
C VAL A 681 -14.09 -6.03 -43.48
N ILE A 682 -14.86 -7.09 -43.19
CA ILE A 682 -14.34 -8.43 -42.91
C ILE A 682 -13.76 -9.12 -44.16
N LYS A 683 -14.49 -9.13 -45.28
CA LYS A 683 -14.07 -9.78 -46.54
C LYS A 683 -12.82 -9.18 -47.20
N GLN A 684 -12.50 -7.92 -46.90
CA GLN A 684 -11.33 -7.22 -47.43
C GLN A 684 -9.99 -7.75 -46.89
N PHE A 685 -9.97 -8.35 -45.68
CA PHE A 685 -8.72 -8.77 -45.00
C PHE A 685 -8.79 -10.12 -44.29
N PHE A 686 -9.99 -10.57 -43.87
CA PHE A 686 -10.17 -11.71 -42.97
C PHE A 686 -11.00 -12.82 -43.64
N THR A 687 -10.78 -14.04 -43.15
CA THR A 687 -11.47 -15.26 -43.58
C THR A 687 -11.91 -16.07 -42.34
N HIS A 688 -13.02 -16.83 -42.50
CA HIS A 688 -13.66 -17.69 -41.49
C HIS A 688 -13.87 -17.01 -40.13
N PHE A 689 -14.60 -15.87 -40.17
CA PHE A 689 -15.04 -15.11 -39.02
C PHE A 689 -16.16 -15.85 -38.27
N ASP A 690 -15.91 -16.16 -37.00
CA ASP A 690 -16.85 -16.81 -36.07
C ASP A 690 -17.28 -15.77 -35.05
N GLU A 691 -18.52 -15.26 -35.20
CA GLU A 691 -19.11 -14.32 -34.25
C GLU A 691 -19.37 -14.94 -32.86
N ILE A 692 -18.99 -14.18 -31.83
CA ILE A 692 -19.26 -14.41 -30.42
C ILE A 692 -20.53 -13.62 -30.03
N ASN A 693 -21.57 -14.37 -29.63
CA ASN A 693 -22.85 -13.89 -29.07
C ASN A 693 -23.56 -12.87 -29.99
N GLY A 694 -23.88 -13.28 -31.23
CA GLY A 694 -24.53 -12.44 -32.23
C GLY A 694 -26.00 -12.10 -31.89
N ASP A 695 -26.58 -12.81 -30.92
CA ASP A 695 -27.94 -12.66 -30.41
C ASP A 695 -28.09 -11.57 -29.33
N LYS A 696 -26.99 -11.06 -28.74
CA LYS A 696 -27.03 -9.97 -27.76
C LYS A 696 -27.58 -8.65 -28.33
N MET A 697 -28.50 -8.01 -27.58
CA MET A 697 -29.25 -6.82 -28.01
C MET A 697 -29.80 -6.01 -26.83
N SER A 698 -30.28 -4.79 -27.16
CA SER A 698 -30.88 -3.78 -26.28
C SER A 698 -32.01 -4.32 -25.37
N ALA A 699 -31.96 -3.94 -24.07
CA ALA A 699 -32.98 -4.27 -23.08
C ALA A 699 -34.23 -3.38 -23.20
N ASN A 700 -34.04 -2.07 -23.41
CA ASN A 700 -35.06 -1.05 -23.67
C ASN A 700 -36.15 -0.97 -22.57
N LEU A 701 -35.72 -0.90 -21.30
CA LEU A 701 -36.64 -0.94 -20.14
C LEU A 701 -37.27 0.42 -19.78
N LEU A 702 -36.80 1.51 -20.40
CA LEU A 702 -37.49 2.81 -20.48
C LEU A 702 -38.60 2.81 -21.54
N ASN A 703 -38.47 1.95 -22.57
CA ASN A 703 -39.39 1.76 -23.71
C ASN A 703 -39.59 3.04 -24.52
N PHE A 704 -38.48 3.55 -25.13
CA PHE A 704 -38.48 4.82 -25.86
C PHE A 704 -39.35 4.74 -27.15
N PRO A 705 -40.25 5.74 -27.38
CA PRO A 705 -41.08 5.86 -28.61
C PRO A 705 -40.37 5.64 -29.95
N GLY A 706 -40.84 4.64 -30.71
CA GLY A 706 -40.36 4.30 -32.05
C GLY A 706 -39.05 3.49 -32.06
N PHE A 707 -38.42 3.25 -30.90
CA PHE A 707 -37.17 2.50 -30.79
C PHE A 707 -37.40 0.97 -30.79
N ARG A 708 -38.55 0.52 -30.26
CA ARG A 708 -38.96 -0.88 -30.33
C ARG A 708 -39.39 -1.30 -31.75
N LEU A 709 -39.96 -0.36 -32.52
CA LEU A 709 -40.25 -0.51 -33.94
C LEU A 709 -38.96 -0.68 -34.78
N SER A 710 -37.88 0.00 -34.37
CA SER A 710 -36.55 -0.08 -34.98
C SER A 710 -35.84 -1.41 -34.68
N ILE A 711 -36.09 -1.99 -33.48
CA ILE A 711 -35.61 -3.32 -33.08
C ILE A 711 -36.33 -4.44 -33.86
N GLU A 712 -37.66 -4.30 -34.07
CA GLU A 712 -38.48 -5.17 -34.94
C GLU A 712 -37.99 -5.17 -36.39
N ASP A 713 -37.81 -3.97 -36.97
CA ASP A 713 -37.36 -3.74 -38.33
C ASP A 713 -35.97 -4.35 -38.59
N ALA A 714 -35.04 -4.17 -37.63
CA ALA A 714 -33.72 -4.79 -37.63
C ALA A 714 -33.79 -6.32 -37.62
N LEU A 715 -34.61 -6.91 -36.73
CA LEU A 715 -34.84 -8.35 -36.62
C LEU A 715 -35.44 -8.99 -37.88
N ASP A 716 -36.41 -8.31 -38.53
CA ASP A 716 -37.06 -8.75 -39.78
C ASP A 716 -36.13 -8.71 -41.00
N LYS A 717 -35.16 -7.77 -40.99
CA LYS A 717 -34.08 -7.68 -41.98
C LYS A 717 -32.90 -8.62 -41.68
N GLY A 718 -32.89 -9.30 -40.52
CA GLY A 718 -31.86 -10.25 -40.09
C GLY A 718 -30.64 -9.55 -39.44
N ILE A 719 -30.70 -8.22 -39.28
CA ILE A 719 -29.68 -7.37 -38.66
C ILE A 719 -29.66 -7.56 -37.12
N ARG A 720 -28.46 -7.52 -36.54
CA ARG A 720 -28.24 -7.55 -35.08
C ARG A 720 -28.75 -6.21 -34.46
N PRO A 721 -29.73 -6.24 -33.54
CA PRO A 721 -30.18 -5.01 -32.81
C PRO A 721 -29.17 -4.57 -31.73
N CYS A 722 -27.94 -4.25 -32.18
CA CYS A 722 -26.74 -4.05 -31.39
C CYS A 722 -25.74 -3.30 -32.26
N GLY A 723 -25.05 -2.31 -31.68
CA GLY A 723 -24.15 -1.39 -32.38
C GLY A 723 -22.78 -2.00 -32.75
N LEU A 724 -22.50 -3.25 -32.34
CA LEU A 724 -21.21 -3.93 -32.51
C LEU A 724 -21.45 -5.38 -32.94
N ILE A 725 -20.54 -5.86 -33.80
CA ILE A 725 -20.37 -7.26 -34.19
C ILE A 725 -18.98 -7.67 -33.63
N THR A 726 -18.86 -8.84 -33.00
CA THR A 726 -17.60 -9.31 -32.40
C THR A 726 -17.39 -10.79 -32.71
N GLY A 727 -16.13 -11.20 -32.92
CA GLY A 727 -15.79 -12.57 -33.23
C GLY A 727 -14.28 -12.76 -33.28
N ILE A 728 -13.86 -13.94 -33.75
CA ILE A 728 -12.46 -14.33 -33.96
C ILE A 728 -12.34 -14.77 -35.44
N ALA A 729 -11.25 -14.37 -36.11
CA ALA A 729 -11.02 -14.62 -37.53
C ALA A 729 -9.61 -15.16 -37.80
N ASP A 730 -9.49 -15.86 -38.94
CA ASP A 730 -8.22 -16.20 -39.58
C ASP A 730 -7.72 -15.01 -40.41
N PHE A 731 -6.42 -14.71 -40.28
CA PHE A 731 -5.71 -13.76 -41.11
C PHE A 731 -4.48 -14.49 -41.70
N LYS A 732 -4.45 -14.64 -43.02
CA LYS A 732 -3.38 -15.34 -43.74
C LYS A 732 -2.18 -14.38 -43.97
N GLU A 733 -1.28 -14.35 -42.99
CA GLU A 733 -0.05 -13.57 -42.98
C GLU A 733 1.06 -14.36 -43.70
N LYS A 734 1.29 -14.00 -44.98
CA LYS A 734 2.16 -14.71 -45.93
C LYS A 734 1.78 -16.20 -46.09
N GLY A 735 0.49 -16.41 -46.38
CA GLY A 735 -0.12 -17.71 -46.68
C GLY A 735 -0.51 -18.53 -45.45
N GLN A 736 -0.06 -18.16 -44.25
CA GLN A 736 -0.18 -18.96 -43.02
C GLN A 736 -1.07 -18.24 -42.01
N LYS A 737 -2.00 -19.00 -41.39
CA LYS A 737 -3.02 -18.48 -40.48
C LYS A 737 -2.45 -17.91 -39.17
N VAL A 738 -3.04 -16.78 -38.76
CA VAL A 738 -2.89 -16.20 -37.43
C VAL A 738 -4.31 -15.92 -36.92
N ARG A 739 -4.62 -16.44 -35.73
CA ARG A 739 -5.90 -16.24 -35.06
C ARG A 739 -5.87 -14.93 -34.28
N VAL A 740 -6.84 -14.04 -34.57
CA VAL A 740 -6.97 -12.73 -33.95
C VAL A 740 -8.44 -12.48 -33.58
N GLY A 741 -8.64 -11.68 -32.53
CA GLY A 741 -9.94 -11.10 -32.17
C GLY A 741 -10.27 -9.98 -33.16
N LEU A 742 -11.57 -9.81 -33.45
CA LEU A 742 -12.06 -8.86 -34.44
C LEU A 742 -13.41 -8.28 -33.97
N ALA A 743 -13.45 -6.96 -33.72
CA ALA A 743 -14.63 -6.21 -33.28
C ALA A 743 -14.98 -5.13 -34.30
N VAL A 744 -15.98 -5.40 -35.16
CA VAL A 744 -16.39 -4.50 -36.23
C VAL A 744 -17.75 -3.86 -35.90
N SER A 745 -17.85 -2.53 -36.01
CA SER A 745 -19.08 -1.78 -35.77
C SER A 745 -20.19 -2.08 -36.79
N ASN A 746 -21.43 -2.15 -36.28
CA ASN A 746 -22.62 -2.50 -37.06
C ASN A 746 -23.33 -1.23 -37.56
N THR A 747 -22.86 -0.70 -38.69
CA THR A 747 -23.49 0.43 -39.39
C THR A 747 -24.85 0.11 -40.04
N ALA A 748 -25.32 -1.15 -39.95
CA ALA A 748 -26.67 -1.58 -40.34
C ALA A 748 -27.75 -1.34 -39.26
N PHE A 749 -27.37 -1.09 -38.00
CA PHE A 749 -28.27 -0.73 -36.91
C PHE A 749 -27.87 0.64 -36.34
N GLN A 750 -28.75 1.64 -36.51
CA GLN A 750 -28.67 2.99 -35.92
C GLN A 750 -27.37 3.75 -36.23
N ALA A 751 -26.78 3.49 -37.41
CA ALA A 751 -25.50 4.00 -37.90
C ALA A 751 -24.28 3.62 -37.03
N GLY A 752 -24.37 2.49 -36.30
CA GLY A 752 -23.30 1.99 -35.45
C GLY A 752 -23.34 2.57 -34.04
N ALA A 753 -24.46 3.19 -33.61
CA ALA A 753 -24.66 3.73 -32.26
C ALA A 753 -24.42 2.68 -31.17
N PHE A 754 -23.34 2.87 -30.39
CA PHE A 754 -22.84 1.92 -29.40
C PHE A 754 -23.84 1.79 -28.23
N ASP A 755 -23.90 0.61 -27.60
CA ASP A 755 -25.00 0.25 -26.72
C ASP A 755 -24.50 -0.63 -25.55
N MET A 756 -25.41 -0.95 -24.62
CA MET A 756 -25.14 -1.80 -23.47
C MET A 756 -24.85 -3.28 -23.84
N ALA A 757 -25.44 -3.78 -24.93
CA ALA A 757 -25.14 -5.09 -25.50
C ALA A 757 -23.79 -5.13 -26.23
N SER A 758 -23.39 -4.00 -26.85
CA SER A 758 -22.08 -3.84 -27.48
C SER A 758 -20.94 -3.90 -26.45
N ALA A 759 -21.18 -3.34 -25.25
CA ALA A 759 -20.25 -3.36 -24.13
C ALA A 759 -20.02 -4.75 -23.54
N GLU A 760 -21.10 -5.56 -23.43
CA GLU A 760 -21.02 -6.96 -23.00
C GLU A 760 -20.34 -7.87 -24.05
N LYS A 761 -20.57 -7.62 -25.34
CA LYS A 761 -19.90 -8.30 -26.45
C LYS A 761 -18.40 -7.99 -26.54
N PHE A 762 -18.00 -6.74 -26.22
CA PHE A 762 -16.60 -6.32 -26.18
C PHE A 762 -15.85 -6.98 -25.01
N SER A 763 -16.50 -7.07 -23.83
CA SER A 763 -15.94 -7.74 -22.66
C SER A 763 -15.78 -9.26 -22.89
N ALA A 764 -16.77 -9.89 -23.53
CA ALA A 764 -16.77 -11.29 -23.94
C ALA A 764 -15.64 -11.62 -24.92
N LEU A 765 -15.43 -10.77 -25.95
CA LEU A 765 -14.35 -10.91 -26.92
C LEU A 765 -12.95 -10.76 -26.29
N LEU A 766 -12.75 -9.74 -25.44
CA LEU A 766 -11.50 -9.51 -24.72
C LEU A 766 -11.16 -10.65 -23.73
N ILE A 767 -12.20 -11.33 -23.20
CA ILE A 767 -12.09 -12.55 -22.42
C ILE A 767 -11.66 -13.77 -23.24
N GLU A 768 -12.23 -13.98 -24.45
CA GLU A 768 -11.77 -15.02 -25.38
C GLU A 768 -10.34 -14.78 -25.87
N CYS A 769 -9.96 -13.52 -26.08
CA CYS A 769 -8.61 -13.09 -26.45
C CYS A 769 -7.60 -13.28 -25.31
N ALA A 770 -8.02 -13.09 -24.05
CA ALA A 770 -7.18 -13.31 -22.86
C ALA A 770 -6.95 -14.80 -22.56
N LYS A 771 -7.98 -15.65 -22.82
CA LYS A 771 -7.91 -17.10 -22.65
C LYS A 771 -7.03 -17.79 -23.70
N ARG A 772 -7.22 -17.42 -24.98
CA ARG A 772 -6.56 -18.07 -26.12
C ARG A 772 -5.24 -17.38 -26.55
N LYS A 773 -4.94 -16.21 -25.96
CA LYS A 773 -3.77 -15.36 -26.23
C LYS A 773 -3.76 -14.79 -27.66
N LEU A 774 -4.87 -14.14 -28.05
CA LEU A 774 -5.07 -13.51 -29.36
C LEU A 774 -4.71 -12.01 -29.27
N PRO A 775 -3.98 -11.48 -30.28
CA PRO A 775 -4.03 -10.03 -30.62
C PRO A 775 -5.44 -9.57 -31.00
N VAL A 776 -5.77 -8.30 -30.68
CA VAL A 776 -7.10 -7.75 -30.90
C VAL A 776 -7.02 -6.66 -31.99
N VAL A 777 -7.92 -6.76 -32.98
CA VAL A 777 -8.13 -5.76 -34.02
C VAL A 777 -9.57 -5.26 -33.88
N CYS A 778 -9.79 -3.94 -34.05
CA CYS A 778 -11.11 -3.34 -33.93
C CYS A 778 -11.30 -2.34 -35.07
N PHE A 779 -12.48 -2.36 -35.70
CA PHE A 779 -12.93 -1.39 -36.69
C PHE A 779 -14.18 -0.72 -36.11
N ILE A 780 -14.08 0.56 -35.70
CA ILE A 780 -15.14 1.23 -34.95
C ILE A 780 -15.70 2.44 -35.72
N SER A 781 -17.03 2.47 -35.82
CA SER A 781 -17.84 3.53 -36.42
C SER A 781 -19.08 3.68 -35.54
N SER A 782 -19.40 4.90 -35.12
CA SER A 782 -20.52 5.17 -34.25
C SER A 782 -21.03 6.60 -34.42
N GLY A 783 -22.36 6.76 -34.31
CA GLY A 783 -23.02 8.05 -34.15
C GLY A 783 -22.95 8.54 -32.69
N GLY A 784 -22.46 7.70 -31.76
CA GLY A 784 -22.32 7.97 -30.34
C GLY A 784 -23.05 6.91 -29.53
N MET A 785 -23.13 7.13 -28.20
CA MET A 785 -23.88 6.27 -27.29
C MET A 785 -25.39 6.34 -27.55
N GLN A 786 -26.05 5.18 -27.47
CA GLN A 786 -27.48 5.05 -27.71
C GLN A 786 -28.28 5.74 -26.59
N THR A 787 -28.78 6.94 -26.91
CA THR A 787 -29.56 7.80 -26.01
C THR A 787 -30.94 7.22 -25.66
N LYS A 788 -31.49 6.38 -26.56
CA LYS A 788 -32.79 5.71 -26.42
C LYS A 788 -32.74 4.45 -25.54
N GLU A 789 -31.61 4.21 -24.86
CA GLU A 789 -31.40 3.20 -23.83
C GLU A 789 -31.40 3.76 -22.40
N GLY A 790 -31.58 5.08 -22.25
CA GLY A 790 -31.62 5.75 -20.96
C GLY A 790 -30.23 6.25 -20.58
N ALA A 791 -30.13 6.77 -19.34
CA ALA A 791 -28.87 7.21 -18.73
C ALA A 791 -27.86 6.07 -18.48
N ALA A 792 -28.38 4.83 -18.35
CA ALA A 792 -27.63 3.59 -18.15
C ALA A 792 -26.60 3.28 -19.25
N ALA A 793 -26.84 3.77 -20.47
CA ALA A 793 -25.93 3.60 -21.61
C ALA A 793 -24.55 4.23 -21.42
N LEU A 794 -24.44 5.36 -20.68
CA LEU A 794 -23.18 6.07 -20.43
C LEU A 794 -22.07 5.22 -19.81
N PHE A 795 -22.46 4.31 -18.90
CA PHE A 795 -21.55 3.43 -18.17
C PHE A 795 -20.77 2.46 -19.07
N SER A 796 -21.26 2.19 -20.29
CA SER A 796 -20.59 1.46 -21.36
C SER A 796 -19.23 2.06 -21.77
N MET A 797 -19.08 3.40 -21.69
CA MET A 797 -17.82 4.10 -21.94
C MET A 797 -16.72 3.67 -20.96
N ALA A 798 -17.06 3.58 -19.66
CA ALA A 798 -16.15 3.18 -18.59
C ALA A 798 -15.95 1.66 -18.47
N VAL A 799 -16.99 0.87 -18.75
CA VAL A 799 -16.95 -0.60 -18.76
C VAL A 799 -15.95 -1.13 -19.81
N VAL A 800 -16.14 -0.74 -21.08
CA VAL A 800 -15.32 -1.20 -22.21
C VAL A 800 -13.89 -0.62 -22.17
N ASN A 801 -13.75 0.65 -21.76
CA ASN A 801 -12.45 1.30 -21.57
C ASN A 801 -11.64 0.61 -20.45
N ASP A 802 -12.27 0.28 -19.31
CA ASP A 802 -11.63 -0.47 -18.22
C ASP A 802 -11.18 -1.87 -18.66
N ARG A 803 -12.01 -2.60 -19.41
CA ARG A 803 -11.64 -3.90 -19.96
C ARG A 803 -10.48 -3.85 -20.96
N ILE A 804 -10.32 -2.74 -21.71
CA ILE A 804 -9.17 -2.53 -22.58
C ILE A 804 -7.92 -2.07 -21.81
N THR A 805 -8.10 -1.24 -20.76
CA THR A 805 -7.03 -0.84 -19.83
C THR A 805 -6.44 -2.05 -19.09
N ARG A 806 -7.31 -2.89 -18.51
CA ARG A 806 -6.95 -4.14 -17.84
C ARG A 806 -6.44 -5.21 -18.81
N PHE A 807 -6.95 -5.28 -20.06
CA PHE A 807 -6.50 -6.26 -21.05
C PHE A 807 -5.03 -6.11 -21.43
N ILE A 808 -4.58 -4.86 -21.67
CA ILE A 808 -3.17 -4.57 -21.98
C ILE A 808 -2.27 -4.63 -20.73
N ARG A 809 -2.80 -4.26 -19.54
CA ARG A 809 -2.03 -4.19 -18.30
C ARG A 809 -1.94 -5.53 -17.52
N ASP A 810 -2.78 -6.54 -17.86
CA ASP A 810 -2.72 -7.91 -17.33
C ASP A 810 -2.34 -8.95 -18.39
N ASN A 811 -2.57 -8.70 -19.69
CA ASN A 811 -2.42 -9.72 -20.74
C ASN A 811 -1.50 -9.30 -21.89
N GLU A 812 -1.07 -8.02 -21.95
CA GLU A 812 -0.04 -7.43 -22.84
C GLU A 812 -0.35 -7.35 -24.36
N LEU A 813 -1.32 -8.14 -24.85
CA LEU A 813 -1.62 -8.30 -26.28
C LEU A 813 -2.20 -7.00 -26.90
N PRO A 814 -1.66 -6.57 -28.07
CA PRO A 814 -1.96 -5.25 -28.65
C PRO A 814 -3.41 -5.13 -29.16
N VAL A 815 -4.06 -4.01 -28.78
CA VAL A 815 -5.38 -3.63 -29.26
C VAL A 815 -5.20 -2.54 -30.33
N LEU A 816 -5.67 -2.83 -31.56
CA LEU A 816 -5.75 -1.84 -32.65
C LEU A 816 -7.17 -1.25 -32.67
N MET A 817 -7.29 0.04 -33.01
CA MET A 817 -8.56 0.76 -33.10
C MET A 817 -8.60 1.57 -34.40
N PHE A 818 -9.03 0.92 -35.50
CA PHE A 818 -9.30 1.54 -36.81
C PHE A 818 -10.65 2.28 -36.80
N GLY A 819 -10.64 3.60 -36.51
CA GLY A 819 -11.83 4.44 -36.62
C GLY A 819 -12.21 4.61 -38.08
N PHE A 820 -13.45 4.27 -38.47
CA PHE A 820 -13.94 4.36 -39.86
C PHE A 820 -15.32 5.04 -39.89
N GLY A 821 -15.72 5.48 -41.10
CA GLY A 821 -17.04 6.09 -41.37
C GLY A 821 -17.19 7.41 -40.62
N ASP A 822 -18.21 7.48 -39.76
CA ASP A 822 -18.30 8.47 -38.69
C ASP A 822 -17.98 7.74 -37.39
N CYS A 823 -16.98 8.24 -36.64
CA CYS A 823 -16.52 7.65 -35.39
C CYS A 823 -16.61 8.76 -34.33
N THR A 824 -17.80 8.91 -33.72
CA THR A 824 -18.15 10.03 -32.85
C THR A 824 -18.84 9.57 -31.55
N GLY A 825 -19.11 10.55 -30.67
CA GLY A 825 -19.76 10.38 -29.37
C GLY A 825 -18.84 9.63 -28.40
N GLY A 826 -19.46 8.83 -27.51
CA GLY A 826 -18.78 8.17 -26.40
C GLY A 826 -17.84 7.03 -26.83
N ALA A 827 -18.07 6.40 -28.00
CA ALA A 827 -17.17 5.38 -28.55
C ALA A 827 -15.80 5.96 -28.92
N GLN A 828 -15.83 7.13 -29.57
CA GLN A 828 -14.67 7.99 -29.87
C GLN A 828 -14.00 8.53 -28.59
N ALA A 829 -14.82 9.10 -27.69
CA ALA A 829 -14.40 9.73 -26.43
C ALA A 829 -13.90 8.78 -25.33
N SER A 830 -13.87 7.47 -25.57
CA SER A 830 -13.31 6.47 -24.65
C SER A 830 -12.40 5.50 -25.42
N PHE A 831 -12.75 4.21 -25.47
CA PHE A 831 -11.92 3.09 -25.92
C PHE A 831 -11.13 3.22 -27.24
N VAL A 832 -11.68 3.91 -28.25
CA VAL A 832 -11.04 4.13 -29.55
C VAL A 832 -9.72 4.92 -29.48
N THR A 833 -9.65 5.90 -28.57
CA THR A 833 -8.54 6.83 -28.41
C THR A 833 -7.77 6.62 -27.09
N HIS A 834 -8.05 5.53 -26.36
CA HIS A 834 -7.39 5.10 -25.12
C HIS A 834 -5.85 4.99 -25.29
N PRO A 835 -5.06 5.58 -24.36
CA PRO A 835 -3.62 5.82 -24.59
C PRO A 835 -2.69 4.60 -24.80
N LEU A 836 -3.14 3.37 -24.45
CA LEU A 836 -2.37 2.14 -24.67
C LEU A 836 -2.70 1.45 -26.01
N VAL A 837 -3.87 1.72 -26.61
CA VAL A 837 -4.24 1.15 -27.92
C VAL A 837 -3.49 1.89 -29.03
N GLN A 838 -3.22 1.17 -30.13
CA GLN A 838 -2.71 1.77 -31.37
C GLN A 838 -3.90 2.28 -32.18
N THR A 839 -4.16 3.59 -32.03
CA THR A 839 -5.24 4.31 -32.68
C THR A 839 -4.92 4.56 -34.16
N TYR A 840 -5.84 4.18 -35.04
CA TYR A 840 -5.77 4.40 -36.48
C TYR A 840 -7.08 5.01 -36.95
N TYR A 841 -7.04 5.66 -38.12
CA TYR A 841 -8.25 6.09 -38.82
C TYR A 841 -8.08 5.82 -40.30
N LEU A 842 -9.19 5.41 -40.95
CA LEU A 842 -9.31 5.36 -42.40
C LEU A 842 -9.39 6.79 -42.95
N SER A 843 -8.96 6.97 -44.21
CA SER A 843 -9.06 8.24 -44.92
C SER A 843 -10.53 8.62 -45.11
N GLY A 844 -10.85 9.89 -44.82
CA GLY A 844 -12.21 10.42 -44.89
C GLY A 844 -13.04 10.12 -43.63
N THR A 845 -12.48 9.58 -42.53
CA THR A 845 -13.24 9.36 -41.29
C THR A 845 -13.54 10.68 -40.56
N ASN A 846 -14.81 10.88 -40.20
CA ASN A 846 -15.29 11.97 -39.37
C ASN A 846 -15.13 11.56 -37.89
N MET A 847 -14.17 12.19 -37.18
CA MET A 847 -13.75 11.81 -35.81
C MET A 847 -13.97 12.83 -34.66
N PRO A 848 -14.93 13.80 -34.69
CA PRO A 848 -15.15 14.71 -33.55
C PRO A 848 -15.76 14.01 -32.30
N PHE A 849 -15.59 14.66 -31.14
CA PHE A 849 -16.13 14.26 -29.84
C PHE A 849 -17.64 13.92 -29.81
N ALA A 850 -18.45 14.63 -30.62
CA ALA A 850 -19.88 14.42 -30.78
C ALA A 850 -20.30 14.76 -32.22
N GLY A 851 -21.41 14.14 -32.66
CA GLY A 851 -21.94 14.23 -34.02
C GLY A 851 -22.98 15.36 -34.17
N GLN A 852 -23.52 15.47 -35.39
CA GLN A 852 -24.48 16.50 -35.85
C GLN A 852 -25.76 16.66 -35.03
N MET A 853 -26.21 15.58 -34.36
CA MET A 853 -27.40 15.56 -33.50
C MET A 853 -27.25 16.36 -32.19
N VAL A 854 -26.00 16.54 -31.73
CA VAL A 854 -25.65 17.12 -30.44
C VAL A 854 -24.89 18.46 -30.58
N VAL A 855 -24.13 18.61 -31.68
CA VAL A 855 -23.31 19.78 -32.01
C VAL A 855 -24.19 21.00 -32.39
N PRO A 856 -24.00 22.17 -31.70
CA PRO A 856 -24.85 23.36 -31.91
C PRO A 856 -24.61 24.12 -33.22
N ALA A 857 -23.38 24.07 -33.77
CA ALA A 857 -22.96 24.83 -34.95
C ALA A 857 -21.77 24.14 -35.62
N TYR A 858 -21.57 24.46 -36.91
CA TYR A 858 -20.52 23.96 -37.82
C TYR A 858 -19.11 23.79 -37.19
N LEU A 859 -18.50 22.65 -37.49
CA LEU A 859 -17.15 22.30 -37.10
C LEU A 859 -16.34 22.06 -38.40
N PRO A 860 -15.28 22.87 -38.65
CA PRO A 860 -14.35 22.68 -39.79
C PRO A 860 -13.78 21.26 -39.95
N SER A 861 -13.49 20.84 -41.20
CA SER A 861 -12.82 19.56 -41.49
C SER A 861 -11.40 19.46 -40.90
N THR A 862 -10.76 20.60 -40.60
CA THR A 862 -9.50 20.66 -39.86
C THR A 862 -9.61 20.16 -38.40
N SER A 863 -10.80 20.28 -37.79
CA SER A 863 -11.10 19.82 -36.42
C SER A 863 -11.97 18.55 -36.38
N THR A 864 -12.44 18.02 -37.53
CA THR A 864 -13.34 16.86 -37.56
C THR A 864 -12.85 15.72 -38.46
N LEU A 865 -12.32 16.03 -39.66
CA LEU A 865 -11.87 15.01 -40.62
C LEU A 865 -10.47 14.50 -40.23
N SER A 866 -10.33 13.17 -40.23
CA SER A 866 -9.13 12.43 -39.86
C SER A 866 -7.87 12.73 -40.69
N ASN A 867 -8.05 13.22 -41.94
CA ASN A 867 -6.96 13.66 -42.83
C ASN A 867 -6.16 14.82 -42.22
N TYR A 868 -6.83 15.91 -41.85
CA TYR A 868 -6.20 17.08 -41.25
C TYR A 868 -5.68 16.84 -39.83
N LEU A 869 -6.28 15.88 -39.11
CA LEU A 869 -5.86 15.46 -37.77
C LEU A 869 -4.70 14.43 -37.80
N SER A 870 -4.31 13.91 -38.98
CA SER A 870 -3.27 12.88 -39.11
C SER A 870 -1.87 13.30 -38.64
N LYS A 871 -1.48 14.55 -38.90
CA LYS A 871 -0.20 15.13 -38.49
C LYS A 871 -0.29 15.91 -37.17
N VAL A 872 -1.50 16.16 -36.65
CA VAL A 872 -1.74 16.78 -35.35
C VAL A 872 -1.35 15.76 -34.24
N PRO A 873 -0.33 16.07 -33.39
CA PRO A 873 0.24 15.13 -32.41
C PRO A 873 -0.75 14.44 -31.46
N GLY A 874 -0.61 13.10 -31.33
CA GLY A 874 -1.37 12.26 -30.41
C GLY A 874 -2.76 11.87 -30.94
N ALA A 875 -3.17 12.37 -32.12
CA ALA A 875 -4.45 12.05 -32.76
C ALA A 875 -4.53 10.61 -33.30
N MET A 876 -3.39 10.04 -33.73
CA MET A 876 -3.32 8.68 -34.26
C MET A 876 -1.86 8.25 -34.47
N ALA A 877 -1.67 6.91 -34.48
CA ALA A 877 -0.45 6.21 -34.88
C ALA A 877 -0.28 6.16 -36.41
N GLY A 878 -1.33 6.48 -37.19
CA GLY A 878 -1.25 6.62 -38.63
C GLY A 878 -2.67 6.82 -39.19
N LEU A 879 -2.74 7.56 -40.31
CA LEU A 879 -3.93 7.59 -41.18
C LEU A 879 -3.69 6.54 -42.27
N VAL A 880 -4.58 5.54 -42.32
CA VAL A 880 -4.53 4.47 -43.30
C VAL A 880 -5.47 4.76 -44.49
N HIS A 881 -5.20 4.13 -45.64
CA HIS A 881 -6.05 4.18 -46.83
C HIS A 881 -7.40 3.51 -46.57
N ASN A 882 -8.48 4.09 -47.13
CA ASN A 882 -9.82 3.51 -47.17
C ASN A 882 -9.86 2.55 -48.38
N PRO A 883 -9.89 1.22 -48.16
CA PRO A 883 -9.69 0.24 -49.24
C PRO A 883 -10.93 -0.03 -50.13
N PHE A 884 -12.05 0.67 -49.89
CA PHE A 884 -13.31 0.51 -50.62
C PHE A 884 -13.53 1.64 -51.62
N SER A 885 -13.37 2.89 -51.15
CA SER A 885 -13.56 4.11 -51.94
C SER A 885 -12.34 4.32 -52.84
N GLU A 886 -12.46 3.86 -54.11
CA GLU A 886 -11.39 3.74 -55.10
C GLU A 886 -10.55 5.02 -55.28
N ASN A 887 -11.24 6.13 -55.52
CA ASN A 887 -10.66 7.39 -55.98
C ASN A 887 -10.54 8.42 -54.84
N LEU A 888 -10.81 8.03 -53.59
CA LEU A 888 -10.96 8.91 -52.41
C LEU A 888 -9.81 9.90 -52.20
N ASP A 889 -8.56 9.40 -52.27
CA ASP A 889 -7.36 10.21 -52.00
C ASP A 889 -7.09 11.25 -53.11
N ASN A 890 -7.49 10.95 -54.36
CA ASN A 890 -7.48 11.89 -55.49
C ASN A 890 -8.67 12.85 -55.46
N GLN A 891 -9.85 12.39 -55.00
CA GLN A 891 -11.03 13.23 -54.75
C GLN A 891 -10.83 14.25 -53.62
N LEU A 892 -10.09 13.86 -52.59
CA LEU A 892 -9.69 14.70 -51.46
C LEU A 892 -8.54 15.65 -51.83
N ALA A 893 -7.63 15.22 -52.72
CA ALA A 893 -6.56 16.06 -53.26
C ALA A 893 -7.07 17.12 -54.26
N SER A 894 -8.20 16.84 -54.95
CA SER A 894 -8.88 17.81 -55.81
C SER A 894 -9.65 18.89 -55.01
N ILE A 895 -10.11 18.52 -53.79
CA ILE A 895 -10.74 19.45 -52.85
C ILE A 895 -9.71 20.40 -52.20
N ASP A 896 -8.56 19.85 -51.76
CA ASP A 896 -7.46 20.63 -51.18
C ASP A 896 -6.16 19.83 -51.40
N PRO A 897 -5.25 20.32 -52.28
CA PRO A 897 -3.96 19.64 -52.50
C PRO A 897 -2.96 19.71 -51.32
N LEU A 898 -3.20 20.62 -50.36
CA LEU A 898 -2.41 20.77 -49.13
C LEU A 898 -2.95 19.94 -47.96
N MET A 899 -4.02 19.16 -48.18
CA MET A 899 -4.54 18.18 -47.22
C MET A 899 -3.52 17.04 -46.99
N PRO A 900 -3.22 16.68 -45.72
CA PRO A 900 -2.40 15.49 -45.41
C PRO A 900 -3.02 14.17 -45.92
N MET A 901 -2.26 13.44 -46.74
CA MET A 901 -2.67 12.16 -47.33
C MET A 901 -2.34 10.96 -46.41
N PRO A 902 -3.11 9.86 -46.52
CA PRO A 902 -2.78 8.57 -45.87
C PRO A 902 -1.52 7.90 -46.45
N THR A 903 -0.87 7.06 -45.64
CA THR A 903 0.42 6.44 -45.97
C THR A 903 0.41 4.90 -45.83
N ALA A 904 -0.08 4.37 -44.70
CA ALA A 904 -0.08 2.93 -44.42
C ALA A 904 -1.37 2.27 -44.91
N LYS A 905 -1.32 0.94 -45.13
CA LYS A 905 -2.51 0.12 -45.37
C LYS A 905 -2.91 -0.58 -44.08
N ILE A 906 -4.17 -1.02 -44.03
CA ILE A 906 -4.71 -1.88 -42.98
C ILE A 906 -4.00 -3.25 -42.92
N ASN A 907 -3.66 -3.83 -44.08
CA ASN A 907 -2.83 -5.05 -44.17
C ASN A 907 -1.39 -4.84 -43.68
N GLU A 908 -0.79 -3.67 -43.96
CA GLU A 908 0.55 -3.30 -43.50
C GLU A 908 0.62 -3.13 -41.98
N VAL A 909 -0.37 -2.43 -41.40
CA VAL A 909 -0.53 -2.24 -39.96
C VAL A 909 -0.76 -3.58 -39.20
N ILE A 910 -1.55 -4.49 -39.79
CA ILE A 910 -1.84 -5.80 -39.22
C ILE A 910 -0.66 -6.78 -39.32
N ILE A 911 0.02 -6.85 -40.49
CA ILE A 911 1.21 -7.70 -40.67
C ILE A 911 2.40 -7.22 -39.80
N ASN A 912 2.62 -5.90 -39.69
CA ASN A 912 3.62 -5.31 -38.79
C ASN A 912 3.28 -5.50 -37.30
N ALA A 913 1.99 -5.44 -36.93
CA ALA A 913 1.53 -5.72 -35.56
C ALA A 913 1.69 -7.19 -35.16
N LEU A 914 1.40 -8.13 -36.09
CA LEU A 914 1.50 -9.56 -35.86
C LEU A 914 2.95 -10.09 -35.89
N SER A 915 3.80 -9.57 -36.80
CA SER A 915 5.17 -10.06 -37.01
C SER A 915 6.17 -9.60 -35.93
N THR A 916 5.92 -8.46 -35.26
CA THR A 916 6.76 -7.95 -34.17
C THR A 916 6.48 -8.64 -32.82
N LEU A 917 5.33 -9.33 -32.68
CA LEU A 917 5.00 -10.15 -31.51
C LEU A 917 5.81 -11.46 -31.50
N VAL A 918 5.99 -12.02 -30.29
CA VAL A 918 6.44 -13.39 -30.08
C VAL A 918 5.32 -14.35 -30.51
N VAL A 919 5.64 -15.24 -31.46
CA VAL A 919 4.71 -16.24 -31.97
C VAL A 919 4.73 -17.46 -31.02
N GLU A 920 3.89 -17.38 -29.96
CA GLU A 920 3.68 -18.50 -29.04
C GLU A 920 2.90 -19.64 -29.72
N ALA A 921 3.34 -20.87 -29.45
CA ALA A 921 2.81 -22.12 -29.98
C ALA A 921 1.30 -22.26 -29.67
N PRO A 922 0.44 -22.26 -30.72
CA PRO A 922 -1.02 -22.25 -30.52
C PRO A 922 -1.56 -23.61 -30.05
N ALA A 923 -2.45 -23.57 -29.04
CA ALA A 923 -3.23 -24.72 -28.59
C ALA A 923 -4.26 -25.15 -29.65
N GLU A 924 -4.69 -26.42 -29.56
CA GLU A 924 -5.75 -27.00 -30.40
C GLU A 924 -7.10 -26.31 -30.15
N GLU A 925 -7.75 -25.88 -31.23
CA GLU A 925 -8.95 -25.04 -31.24
C GLU A 925 -10.13 -25.58 -30.42
N GLU A 926 -10.73 -24.69 -29.64
CA GLU A 926 -11.97 -24.89 -28.90
C GLU A 926 -13.06 -23.98 -29.46
N GLU A 927 -14.32 -24.42 -29.30
CA GLU A 927 -15.51 -23.64 -29.63
C GLU A 927 -15.75 -22.50 -28.62
N ILE A 928 -16.67 -21.59 -28.97
CA ILE A 928 -17.15 -20.50 -28.11
C ILE A 928 -17.98 -21.11 -26.95
N VAL A 929 -17.35 -21.23 -25.77
CA VAL A 929 -17.88 -21.99 -24.64
C VAL A 929 -19.01 -21.20 -23.94
N GLN A 930 -20.22 -21.80 -23.95
CA GLN A 930 -21.47 -21.23 -23.42
C GLN A 930 -22.10 -22.17 -22.39
N ASN A 931 -23.13 -21.67 -21.69
CA ASN A 931 -23.92 -22.40 -20.68
C ASN A 931 -24.62 -23.62 -21.29
N ASP A 932 -24.10 -24.79 -20.93
CA ASP A 932 -24.57 -26.09 -21.39
C ASP A 932 -24.67 -27.01 -20.15
N PRO A 933 -25.91 -27.24 -19.64
CA PRO A 933 -26.17 -28.22 -18.57
C PRO A 933 -25.71 -29.66 -18.82
N ARG A 934 -25.73 -30.14 -20.09
CA ARG A 934 -25.38 -31.51 -20.48
C ARG A 934 -23.96 -31.96 -20.06
N LYS A 935 -23.01 -31.01 -20.00
CA LYS A 935 -21.65 -31.22 -19.49
C LYS A 935 -21.62 -31.42 -17.97
N LEU A 936 -22.50 -30.72 -17.24
CA LEU A 936 -22.60 -30.73 -15.78
C LEU A 936 -23.38 -31.94 -15.24
N MET A 937 -24.19 -32.60 -16.11
CA MET A 937 -25.02 -33.76 -15.82
C MET A 937 -24.18 -35.00 -15.54
N LYS A 938 -23.94 -35.22 -14.24
CA LYS A 938 -23.15 -36.30 -13.65
C LYS A 938 -24.00 -36.93 -12.53
N PRO A 939 -23.77 -38.23 -12.18
CA PRO A 939 -24.49 -38.95 -11.11
C PRO A 939 -24.70 -38.20 -9.78
N ILE A 940 -25.94 -38.27 -9.28
CA ILE A 940 -26.43 -37.45 -8.19
C ILE A 940 -26.57 -38.33 -6.93
N ASN A 941 -25.81 -37.97 -5.89
CA ASN A 941 -25.81 -38.58 -4.55
C ASN A 941 -26.03 -37.51 -3.46
N LYS A 942 -26.01 -36.22 -3.83
CA LYS A 942 -26.43 -35.11 -3.00
C LYS A 942 -27.00 -33.98 -3.89
N VAL A 943 -28.22 -33.52 -3.58
CA VAL A 943 -28.96 -32.54 -4.37
C VAL A 943 -29.52 -31.42 -3.47
N LEU A 944 -29.46 -30.17 -3.95
CA LEU A 944 -30.18 -29.04 -3.34
C LEU A 944 -31.63 -29.05 -3.84
N VAL A 945 -32.60 -29.00 -2.92
CA VAL A 945 -34.03 -28.89 -3.25
C VAL A 945 -34.49 -27.45 -2.90
N HIS A 946 -34.73 -26.65 -3.95
CA HIS A 946 -35.27 -25.30 -3.89
C HIS A 946 -36.80 -25.37 -3.87
N ALA A 947 -37.36 -25.62 -2.69
CA ALA A 947 -38.81 -25.74 -2.50
C ALA A 947 -39.18 -25.67 -1.02
N ARG A 948 -40.48 -25.48 -0.79
CA ARG A 948 -41.16 -25.68 0.48
C ARG A 948 -42.39 -26.59 0.27
N GLY A 949 -43.09 -26.88 1.38
CA GLY A 949 -44.45 -27.40 1.36
C GLY A 949 -44.53 -28.83 0.81
N CYS A 950 -45.68 -29.15 0.20
CA CYS A 950 -45.98 -30.43 -0.44
C CYS A 950 -45.03 -30.76 -1.62
N THR A 951 -44.55 -29.73 -2.33
CA THR A 951 -43.54 -29.86 -3.38
C THR A 951 -42.17 -30.30 -2.82
N ALA A 952 -41.75 -29.74 -1.67
CA ALA A 952 -40.54 -30.17 -0.96
C ALA A 952 -40.65 -31.59 -0.39
N VAL A 953 -41.82 -31.96 0.17
CA VAL A 953 -42.11 -33.32 0.64
C VAL A 953 -42.05 -34.36 -0.49
N LYS A 954 -42.61 -34.01 -1.66
CA LYS A 954 -42.56 -34.82 -2.88
C LYS A 954 -41.12 -35.03 -3.37
N LEU A 955 -40.32 -33.96 -3.44
CA LEU A 955 -38.93 -34.00 -3.88
C LEU A 955 -37.96 -34.66 -2.89
N ILE A 956 -38.21 -34.51 -1.58
CA ILE A 956 -37.47 -35.18 -0.49
C ILE A 956 -37.74 -36.69 -0.46
N ARG A 957 -38.99 -37.09 -0.74
CA ARG A 957 -39.41 -38.48 -0.89
C ARG A 957 -38.75 -39.15 -2.10
N LYS A 958 -38.73 -38.45 -3.25
CA LYS A 958 -38.05 -38.91 -4.47
C LYS A 958 -36.52 -38.98 -4.32
N ALA A 959 -35.92 -38.09 -3.52
CA ALA A 959 -34.51 -38.13 -3.18
C ALA A 959 -34.12 -39.39 -2.39
N HIS A 960 -34.95 -39.83 -1.43
CA HIS A 960 -34.80 -41.12 -0.74
C HIS A 960 -34.91 -42.32 -1.70
N ASP A 961 -35.95 -42.32 -2.54
CA ASP A 961 -36.27 -43.37 -3.52
C ASP A 961 -35.21 -43.55 -4.63
N ASN A 962 -34.47 -42.47 -4.97
CA ASN A 962 -33.35 -42.47 -5.92
C ASN A 962 -31.98 -42.55 -5.21
N ASN A 963 -31.96 -42.61 -3.87
CA ASN A 963 -30.77 -42.71 -3.00
C ASN A 963 -29.81 -41.51 -3.16
N ILE A 964 -30.38 -40.32 -2.93
CA ILE A 964 -29.73 -39.02 -3.02
C ILE A 964 -29.96 -38.30 -1.66
N ASN A 965 -28.88 -37.74 -1.09
CA ASN A 965 -28.94 -36.91 0.11
C ASN A 965 -29.56 -35.54 -0.23
N VAL A 966 -30.42 -34.99 0.65
CA VAL A 966 -31.03 -33.68 0.42
C VAL A 966 -30.26 -32.60 1.18
N VAL A 967 -29.96 -31.49 0.49
CA VAL A 967 -29.60 -30.22 1.10
C VAL A 967 -30.83 -29.31 0.98
N LEU A 968 -31.53 -29.12 2.10
CA LEU A 968 -32.77 -28.33 2.16
C LEU A 968 -32.43 -26.92 2.65
N VAL A 969 -33.10 -25.94 2.03
CA VAL A 969 -33.05 -24.53 2.38
C VAL A 969 -34.48 -24.09 2.77
N ALA A 970 -34.61 -23.21 3.79
CA ALA A 970 -35.93 -22.85 4.33
C ALA A 970 -35.97 -21.49 5.06
N SER A 971 -37.16 -20.87 5.03
CA SER A 971 -37.54 -19.70 5.85
C SER A 971 -37.78 -20.10 7.33
N ASP A 972 -37.85 -19.12 8.23
CA ASP A 972 -38.02 -19.32 9.68
C ASP A 972 -39.27 -20.11 10.13
N PRO A 973 -40.48 -19.88 9.55
CA PRO A 973 -41.64 -20.77 9.74
C PRO A 973 -41.45 -22.22 9.23
N ASP A 974 -40.59 -22.39 8.21
CA ASP A 974 -40.40 -23.63 7.46
C ASP A 974 -39.19 -24.46 7.90
N MET A 975 -38.36 -23.94 8.82
CA MET A 975 -37.27 -24.67 9.48
C MET A 975 -37.79 -25.84 10.35
N THR A 976 -39.01 -25.71 10.88
CA THR A 976 -39.71 -26.72 11.66
C THR A 976 -40.92 -27.31 10.90
N ALA A 977 -40.98 -27.15 9.56
CA ALA A 977 -42.03 -27.79 8.74
C ALA A 977 -41.75 -29.29 8.51
N VAL A 978 -42.80 -30.01 8.07
CA VAL A 978 -42.74 -31.43 7.74
C VAL A 978 -41.66 -31.88 6.72
N PRO A 979 -41.37 -31.11 5.63
CA PRO A 979 -40.21 -31.41 4.77
C PRO A 979 -38.84 -31.39 5.48
N ALA A 980 -38.67 -30.54 6.50
CA ALA A 980 -37.47 -30.55 7.36
C ALA A 980 -37.42 -31.75 8.32
N ASP A 981 -38.59 -32.17 8.86
CA ASP A 981 -38.73 -33.35 9.74
C ASP A 981 -38.47 -34.69 9.01
N MET A 982 -38.82 -34.76 7.71
CA MET A 982 -38.61 -35.91 6.83
C MET A 982 -37.12 -36.21 6.53
N LEU A 983 -36.23 -35.24 6.77
CA LEU A 983 -34.78 -35.38 6.60
C LEU A 983 -34.16 -36.33 7.64
N LYS A 984 -33.07 -36.98 7.22
CA LYS A 984 -32.23 -37.86 8.04
C LYS A 984 -31.05 -37.06 8.63
N GLU A 985 -30.23 -37.73 9.46
CA GLU A 985 -28.96 -37.19 9.98
C GLU A 985 -27.90 -36.92 8.88
N SER A 986 -27.95 -37.69 7.78
CA SER A 986 -27.08 -37.52 6.61
C SER A 986 -27.55 -36.42 5.63
N ASP A 987 -28.84 -36.02 5.73
CA ASP A 987 -29.43 -34.88 5.02
C ASP A 987 -29.20 -33.59 5.82
N LYS A 988 -29.07 -32.46 5.11
CA LYS A 988 -28.76 -31.15 5.66
C LYS A 988 -29.99 -30.23 5.61
N LEU A 989 -30.08 -29.34 6.61
CA LEU A 989 -31.03 -28.23 6.67
C LEU A 989 -30.24 -26.95 6.94
N VAL A 990 -30.52 -25.92 6.12
CA VAL A 990 -29.84 -24.63 6.17
C VAL A 990 -30.91 -23.52 6.28
N CYS A 991 -30.66 -22.57 7.21
CA CYS A 991 -31.49 -21.40 7.45
C CYS A 991 -31.21 -20.32 6.38
N LEU A 992 -32.28 -19.90 5.67
CA LEU A 992 -32.27 -18.74 4.77
C LEU A 992 -32.65 -17.43 5.51
N GLY A 993 -33.25 -17.55 6.71
CA GLY A 993 -33.74 -16.41 7.49
C GLY A 993 -35.15 -15.99 7.03
N GLY A 994 -35.72 -15.03 7.78
CA GLY A 994 -36.97 -14.31 7.49
C GLY A 994 -38.24 -15.19 7.45
N ASN A 995 -39.40 -14.54 7.26
CA ASN A 995 -40.71 -15.20 7.26
C ASN A 995 -41.24 -15.42 5.85
N THR A 996 -41.23 -14.36 5.01
CA THR A 996 -41.79 -14.38 3.67
C THR A 996 -40.77 -14.84 2.62
N SER A 997 -41.28 -15.13 1.41
CA SER A 997 -40.56 -15.58 0.21
C SER A 997 -39.39 -14.66 -0.19
N ASP A 998 -39.61 -13.34 -0.09
CA ASP A 998 -38.64 -12.26 -0.37
C ASP A 998 -37.41 -12.32 0.53
N GLU A 999 -37.61 -12.73 1.81
CA GLU A 999 -36.58 -12.82 2.83
C GLU A 999 -35.85 -14.18 2.84
N SER A 1000 -36.23 -15.11 1.94
CA SER A 1000 -35.80 -16.51 1.99
C SER A 1000 -35.55 -17.09 0.59
N TYR A 1001 -36.57 -17.73 0.00
CA TYR A 1001 -36.49 -18.52 -1.24
C TYR A 1001 -36.17 -17.71 -2.50
N LEU A 1002 -36.62 -16.45 -2.58
CA LEU A 1002 -36.38 -15.57 -3.72
C LEU A 1002 -34.97 -14.93 -3.72
N ASN A 1003 -34.20 -15.09 -2.63
CA ASN A 1003 -32.77 -14.74 -2.59
C ASN A 1003 -31.96 -15.86 -3.27
N ALA A 1004 -31.73 -15.67 -4.58
CA ALA A 1004 -31.01 -16.61 -5.44
C ALA A 1004 -29.52 -16.78 -5.11
N TYR A 1005 -28.89 -15.72 -4.56
CA TYR A 1005 -27.47 -15.69 -4.20
C TYR A 1005 -27.17 -16.50 -2.93
N SER A 1006 -28.10 -16.47 -1.96
CA SER A 1006 -28.05 -17.29 -0.75
C SER A 1006 -28.18 -18.79 -1.09
N VAL A 1007 -29.13 -19.14 -1.97
CA VAL A 1007 -29.36 -20.50 -2.45
C VAL A 1007 -28.19 -21.06 -3.29
N LEU A 1008 -27.60 -20.23 -4.15
CA LEU A 1008 -26.39 -20.56 -4.91
C LEU A 1008 -25.16 -20.72 -4.01
N LYS A 1009 -24.99 -19.83 -3.01
CA LYS A 1009 -23.92 -19.94 -2.01
C LYS A 1009 -24.00 -21.20 -1.13
N VAL A 1010 -25.21 -21.73 -0.90
CA VAL A 1010 -25.42 -23.04 -0.26
C VAL A 1010 -25.04 -24.20 -1.20
N ALA A 1011 -25.39 -24.09 -2.50
CA ALA A 1011 -25.03 -25.05 -3.54
C ALA A 1011 -23.50 -25.17 -3.74
N GLU A 1012 -22.79 -24.04 -3.67
CA GLU A 1012 -21.33 -23.96 -3.70
C GLU A 1012 -20.67 -24.47 -2.41
N TYR A 1013 -21.22 -24.10 -1.24
CA TYR A 1013 -20.70 -24.48 0.08
C TYR A 1013 -20.75 -26.00 0.32
N GLU A 1014 -21.93 -26.60 0.10
CA GLU A 1014 -22.15 -28.05 0.20
C GLU A 1014 -21.60 -28.85 -0.98
N GLN A 1015 -21.20 -28.19 -2.09
CA GLN A 1015 -20.59 -28.78 -3.28
C GLN A 1015 -21.56 -29.75 -4.00
N VAL A 1016 -22.85 -29.37 -4.07
CA VAL A 1016 -23.94 -30.25 -4.51
C VAL A 1016 -23.79 -30.70 -5.98
N ASP A 1017 -24.19 -31.95 -6.22
CA ASP A 1017 -24.08 -32.63 -7.52
C ASP A 1017 -25.07 -32.07 -8.55
N ALA A 1018 -26.24 -31.60 -8.06
CA ALA A 1018 -27.25 -30.91 -8.84
C ALA A 1018 -28.14 -30.06 -7.92
N LEU A 1019 -28.97 -29.21 -8.54
CA LEU A 1019 -29.96 -28.38 -7.88
C LEU A 1019 -31.30 -28.61 -8.59
N HIS A 1020 -32.29 -29.13 -7.83
CA HIS A 1020 -33.68 -29.22 -8.28
C HIS A 1020 -34.38 -27.88 -8.00
N PRO A 1021 -34.76 -27.13 -9.06
CA PRO A 1021 -35.32 -25.77 -8.93
C PRO A 1021 -36.78 -25.71 -8.43
N GLY A 1022 -37.36 -26.88 -8.09
CA GLY A 1022 -38.67 -27.07 -7.48
C GLY A 1022 -39.82 -26.62 -8.39
N ILE A 1023 -40.86 -26.08 -7.74
CA ILE A 1023 -42.05 -25.51 -8.36
C ILE A 1023 -42.41 -24.25 -7.54
N GLY A 1024 -42.88 -23.19 -8.23
CA GLY A 1024 -43.04 -21.86 -7.66
C GLY A 1024 -41.67 -21.19 -7.46
N PHE A 1025 -41.68 -20.01 -6.83
CA PHE A 1025 -40.48 -19.20 -6.52
C PHE A 1025 -39.71 -18.82 -7.81
N LEU A 1026 -38.54 -19.43 -8.04
CA LEU A 1026 -37.66 -19.15 -9.18
C LEU A 1026 -37.56 -20.35 -10.15
N SER A 1027 -38.47 -21.34 -10.06
CA SER A 1027 -38.45 -22.59 -10.82
C SER A 1027 -38.42 -22.46 -12.36
N GLU A 1028 -39.17 -21.48 -12.88
CA GLU A 1028 -39.43 -21.30 -14.31
C GLU A 1028 -38.63 -20.11 -14.89
N SER A 1029 -37.81 -19.44 -14.07
CA SER A 1029 -36.97 -18.31 -14.46
C SER A 1029 -35.69 -18.81 -15.18
N PRO A 1030 -35.46 -18.40 -16.46
CA PRO A 1030 -34.20 -18.72 -17.16
C PRO A 1030 -32.96 -17.96 -16.61
N GLN A 1031 -33.18 -16.86 -15.85
CA GLN A 1031 -32.15 -16.13 -15.12
C GLN A 1031 -31.55 -16.94 -13.96
N PHE A 1032 -32.41 -17.65 -13.19
CA PHE A 1032 -32.00 -18.52 -12.09
C PHE A 1032 -31.33 -19.82 -12.58
N ALA A 1033 -31.78 -20.33 -13.74
CA ALA A 1033 -31.15 -21.43 -14.46
C ALA A 1033 -29.73 -21.08 -14.96
N ALA A 1034 -29.59 -19.89 -15.56
CA ALA A 1034 -28.31 -19.34 -16.03
C ALA A 1034 -27.33 -19.05 -14.89
N LEU A 1035 -27.82 -18.51 -13.75
CA LEU A 1035 -27.04 -18.20 -12.55
C LEU A 1035 -26.31 -19.42 -11.96
N CYS A 1036 -27.02 -20.57 -11.90
CA CYS A 1036 -26.47 -21.85 -11.45
C CYS A 1036 -25.43 -22.40 -12.45
N VAL A 1037 -25.79 -22.43 -13.74
CA VAL A 1037 -24.97 -23.02 -14.81
C VAL A 1037 -23.70 -22.19 -15.15
N ASN A 1038 -23.71 -20.86 -14.89
CA ASN A 1038 -22.53 -19.98 -14.92
C ASN A 1038 -21.44 -20.47 -13.95
N ASN A 1039 -21.84 -20.80 -12.71
CA ASN A 1039 -20.99 -21.28 -11.63
C ASN A 1039 -20.75 -22.80 -11.67
N GLY A 1040 -21.19 -23.47 -12.73
CA GLY A 1040 -20.94 -24.89 -13.00
C GLY A 1040 -21.89 -25.84 -12.24
N VAL A 1041 -22.89 -25.30 -11.51
CA VAL A 1041 -23.88 -26.07 -10.78
C VAL A 1041 -24.97 -26.57 -11.74
N ASN A 1042 -25.12 -27.90 -11.82
CA ASN A 1042 -26.08 -28.60 -12.68
C ASN A 1042 -27.53 -28.24 -12.28
N PHE A 1043 -28.28 -27.75 -13.27
CA PHE A 1043 -29.69 -27.38 -13.16
C PHE A 1043 -30.55 -28.55 -13.66
N VAL A 1044 -31.35 -29.13 -12.76
CA VAL A 1044 -32.22 -30.27 -13.07
C VAL A 1044 -33.49 -29.78 -13.79
N GLY A 1045 -33.48 -29.90 -15.13
CA GLY A 1045 -34.55 -29.40 -15.99
C GLY A 1045 -34.00 -29.16 -17.40
N PRO A 1046 -34.74 -28.38 -18.24
CA PRO A 1046 -34.31 -28.01 -19.61
C PRO A 1046 -33.08 -27.09 -19.68
N SER A 1047 -32.53 -26.93 -20.89
CA SER A 1047 -31.53 -25.91 -21.21
C SER A 1047 -32.13 -24.49 -21.10
N VAL A 1048 -31.26 -23.49 -20.86
CA VAL A 1048 -31.65 -22.08 -20.78
C VAL A 1048 -32.26 -21.56 -22.11
N HIS A 1049 -31.75 -22.07 -23.25
CA HIS A 1049 -32.29 -21.86 -24.61
C HIS A 1049 -33.75 -22.36 -24.76
N SER A 1050 -34.05 -23.56 -24.24
CA SER A 1050 -35.38 -24.17 -24.25
C SER A 1050 -36.39 -23.43 -23.36
N MET A 1051 -35.91 -22.87 -22.23
CA MET A 1051 -36.69 -22.09 -21.27
C MET A 1051 -37.11 -20.71 -21.80
N THR A 1052 -36.22 -20.02 -22.53
CA THR A 1052 -36.50 -18.70 -23.12
C THR A 1052 -37.38 -18.81 -24.39
N THR A 1053 -37.23 -19.89 -25.18
CA THR A 1053 -38.01 -20.12 -26.40
C THR A 1053 -39.50 -20.39 -26.12
N MET A 1054 -39.79 -21.19 -25.07
CA MET A 1054 -41.15 -21.57 -24.68
C MET A 1054 -41.67 -20.81 -23.44
N GLY A 1055 -40.86 -19.91 -22.87
CA GLY A 1055 -41.23 -19.05 -21.75
C GLY A 1055 -41.69 -17.67 -22.24
N ASN A 1056 -41.08 -17.17 -23.34
CA ASN A 1056 -41.51 -15.97 -24.05
C ASN A 1056 -42.74 -16.33 -24.89
N LYS A 1057 -43.89 -15.72 -24.55
CA LYS A 1057 -45.23 -16.11 -25.04
C LYS A 1057 -45.42 -15.97 -26.55
N SER A 1058 -44.84 -14.91 -27.14
CA SER A 1058 -44.82 -14.68 -28.58
C SER A 1058 -43.99 -15.74 -29.34
N ASN A 1059 -42.81 -16.09 -28.78
CA ASN A 1059 -41.88 -17.06 -29.39
C ASN A 1059 -42.34 -18.51 -29.20
N ALA A 1060 -43.13 -18.80 -28.14
CA ALA A 1060 -43.77 -20.10 -27.90
C ALA A 1060 -44.87 -20.39 -28.94
N ILE A 1061 -45.66 -19.35 -29.28
CA ILE A 1061 -46.64 -19.35 -30.36
C ILE A 1061 -46.00 -19.47 -31.75
N LYS A 1062 -44.89 -18.75 -32.00
CA LYS A 1062 -44.15 -18.77 -33.26
C LYS A 1062 -43.43 -20.11 -33.53
N THR A 1063 -42.93 -20.77 -32.47
CA THR A 1063 -42.35 -22.12 -32.54
C THR A 1063 -43.45 -23.18 -32.77
N SER A 1064 -44.63 -23.02 -32.14
CA SER A 1064 -45.81 -23.86 -32.37
C SER A 1064 -46.34 -23.75 -33.81
N GLN A 1065 -46.42 -22.52 -34.36
CA GLN A 1065 -46.72 -22.22 -35.76
C GLN A 1065 -45.77 -22.91 -36.77
N ALA A 1066 -44.47 -22.93 -36.43
CA ALA A 1066 -43.42 -23.58 -37.23
C ALA A 1066 -43.50 -25.12 -37.24
N GLN A 1067 -44.05 -25.71 -36.16
CA GLN A 1067 -44.21 -27.16 -35.98
C GLN A 1067 -45.61 -27.67 -36.35
N ASN A 1068 -46.41 -26.83 -37.02
CA ASN A 1068 -47.77 -27.10 -37.52
C ASN A 1068 -48.76 -27.45 -36.40
N VAL A 1069 -48.52 -26.87 -35.21
CA VAL A 1069 -49.37 -26.97 -34.03
C VAL A 1069 -50.26 -25.71 -34.03
N PRO A 1070 -51.61 -25.87 -34.15
CA PRO A 1070 -52.56 -24.76 -33.96
C PRO A 1070 -52.38 -24.07 -32.60
N VAL A 1071 -52.29 -22.74 -32.61
CA VAL A 1071 -52.24 -21.91 -31.41
C VAL A 1071 -53.64 -21.35 -31.11
N VAL A 1072 -53.86 -20.89 -29.87
CA VAL A 1072 -55.05 -20.14 -29.47
C VAL A 1072 -55.06 -18.80 -30.23
N PRO A 1073 -56.00 -18.58 -31.18
CA PRO A 1073 -56.00 -17.41 -32.09
C PRO A 1073 -55.89 -16.05 -31.39
N GLY A 1074 -55.03 -15.16 -31.89
CA GLY A 1074 -54.80 -13.89 -31.24
C GLY A 1074 -53.90 -12.99 -32.09
N SER A 1075 -53.26 -12.02 -31.42
CA SER A 1075 -52.26 -11.11 -31.97
C SER A 1075 -50.96 -11.81 -32.41
N HIS A 1076 -50.64 -12.95 -31.78
CA HIS A 1076 -49.49 -13.84 -32.01
C HIS A 1076 -48.13 -13.28 -31.58
N GLY A 1077 -47.94 -11.96 -31.74
CA GLY A 1077 -46.94 -11.15 -31.06
C GLY A 1077 -47.63 -10.34 -29.95
N ILE A 1078 -46.90 -9.39 -29.39
CA ILE A 1078 -47.33 -8.47 -28.33
C ILE A 1078 -48.01 -7.22 -28.94
N LEU A 1079 -49.11 -6.76 -28.32
CA LEU A 1079 -49.81 -5.53 -28.72
C LEU A 1079 -49.00 -4.27 -28.36
N THR A 1080 -49.08 -3.26 -29.24
CA THR A 1080 -48.43 -1.96 -29.02
C THR A 1080 -49.32 -1.00 -28.19
N ASN A 1081 -50.58 -0.76 -28.62
CA ASN A 1081 -51.45 0.25 -28.02
C ASN A 1081 -52.93 -0.19 -28.09
N ALA A 1082 -53.83 0.68 -27.56
CA ALA A 1082 -55.28 0.44 -27.50
C ALA A 1082 -55.95 0.32 -28.88
N GLU A 1083 -55.49 1.11 -29.87
CA GLU A 1083 -55.92 1.01 -31.26
C GLU A 1083 -55.55 -0.34 -31.91
N GLN A 1084 -54.38 -0.89 -31.56
CA GLN A 1084 -53.92 -2.21 -32.01
C GLN A 1084 -54.78 -3.32 -31.38
N ALA A 1085 -55.09 -3.19 -30.08
CA ALA A 1085 -55.93 -4.12 -29.32
C ALA A 1085 -57.37 -4.21 -29.83
N VAL A 1086 -57.98 -3.06 -30.16
CA VAL A 1086 -59.30 -2.96 -30.79
C VAL A 1086 -59.37 -3.68 -32.16
N ASN A 1087 -58.36 -3.47 -33.03
CA ASN A 1087 -58.34 -4.01 -34.38
C ASN A 1087 -58.11 -5.54 -34.42
N VAL A 1088 -57.21 -6.07 -33.58
CA VAL A 1088 -56.99 -7.51 -33.46
C VAL A 1088 -58.20 -8.22 -32.80
N ALA A 1089 -58.84 -7.56 -31.82
CA ALA A 1089 -60.04 -8.05 -31.15
C ALA A 1089 -61.27 -8.16 -32.06
N SER A 1090 -61.43 -7.18 -32.96
CA SER A 1090 -62.48 -7.11 -33.97
C SER A 1090 -62.36 -8.23 -35.02
N GLU A 1091 -61.12 -8.57 -35.40
CA GLU A 1091 -60.80 -9.64 -36.35
C GLU A 1091 -61.06 -11.05 -35.79
N ILE A 1092 -60.82 -11.24 -34.49
CA ILE A 1092 -61.13 -12.47 -33.74
C ILE A 1092 -62.64 -12.61 -33.43
N GLY A 1093 -63.29 -11.48 -33.12
CA GLY A 1093 -64.69 -11.39 -32.73
C GLY A 1093 -64.78 -11.39 -31.21
N TYR A 1094 -65.51 -10.41 -30.66
CA TYR A 1094 -65.71 -10.20 -29.21
C TYR A 1094 -66.67 -11.22 -28.58
N PRO A 1095 -66.64 -11.37 -27.23
CA PRO A 1095 -65.57 -10.93 -26.29
C PRO A 1095 -64.19 -11.59 -26.52
N VAL A 1096 -63.13 -10.95 -25.99
CA VAL A 1096 -61.72 -11.38 -26.12
C VAL A 1096 -60.96 -11.22 -24.79
N LEU A 1097 -59.73 -11.76 -24.73
CA LEU A 1097 -58.81 -11.71 -23.60
C LEU A 1097 -57.70 -10.66 -23.80
N LEU A 1098 -57.29 -10.01 -22.72
CA LEU A 1098 -56.01 -9.30 -22.58
C LEU A 1098 -55.22 -10.02 -21.48
N LYS A 1099 -53.97 -10.39 -21.78
CA LYS A 1099 -53.09 -11.14 -20.87
C LYS A 1099 -51.72 -10.47 -20.81
N ALA A 1100 -51.06 -10.52 -19.63
CA ALA A 1100 -49.68 -10.07 -19.45
C ALA A 1100 -48.69 -11.16 -19.89
N VAL A 1101 -47.62 -10.74 -20.59
CA VAL A 1101 -46.56 -11.62 -21.09
C VAL A 1101 -45.73 -12.26 -19.95
N GLN A 1102 -45.37 -11.44 -18.96
CA GLN A 1102 -44.75 -11.86 -17.69
C GLN A 1102 -45.79 -12.22 -16.62
N GLY A 1103 -46.97 -12.68 -17.05
CA GLY A 1103 -48.09 -13.10 -16.21
C GLY A 1103 -47.91 -14.55 -15.74
N GLY A 1104 -49.04 -15.27 -15.65
CA GLY A 1104 -49.13 -16.64 -15.17
C GLY A 1104 -49.91 -16.65 -13.86
N GLY A 1105 -50.60 -17.77 -13.59
CA GLY A 1105 -51.45 -17.96 -12.40
C GLY A 1105 -52.78 -17.21 -12.50
N GLY A 1106 -53.22 -16.82 -13.72
CA GLY A 1106 -54.47 -16.11 -13.97
C GLY A 1106 -54.39 -14.60 -13.72
N LYS A 1107 -53.21 -14.08 -13.32
CA LYS A 1107 -52.96 -12.68 -12.97
C LYS A 1107 -53.06 -11.78 -14.21
N GLY A 1108 -53.87 -10.71 -14.11
CA GLY A 1108 -54.02 -9.70 -15.15
C GLY A 1108 -54.81 -10.18 -16.39
N ILE A 1109 -55.46 -11.36 -16.34
CA ILE A 1109 -56.31 -11.85 -17.43
C ILE A 1109 -57.69 -11.17 -17.34
N GLN A 1110 -57.88 -10.14 -18.18
CA GLN A 1110 -59.12 -9.36 -18.31
C GLN A 1110 -59.90 -9.84 -19.54
N VAL A 1111 -61.22 -10.04 -19.38
CA VAL A 1111 -62.14 -10.25 -20.49
C VAL A 1111 -62.73 -8.89 -20.90
N VAL A 1112 -62.75 -8.61 -22.21
CA VAL A 1112 -63.23 -7.37 -22.80
C VAL A 1112 -64.41 -7.70 -23.73
N LYS A 1113 -65.60 -7.18 -23.42
CA LYS A 1113 -66.84 -7.53 -24.11
C LYS A 1113 -67.11 -6.77 -25.42
N ARG A 1114 -66.60 -5.53 -25.54
CA ARG A 1114 -66.96 -4.60 -26.62
C ARG A 1114 -65.77 -3.73 -27.07
N PRO A 1115 -65.81 -3.16 -28.29
CA PRO A 1115 -64.93 -2.04 -28.70
C PRO A 1115 -65.01 -0.78 -27.81
N GLU A 1116 -66.23 -0.47 -27.32
CA GLU A 1116 -66.50 0.64 -26.38
C GLU A 1116 -65.77 0.44 -25.04
N ASP A 1117 -65.71 -0.82 -24.58
CA ASP A 1117 -65.02 -1.24 -23.36
C ASP A 1117 -63.50 -1.29 -23.54
N MET A 1118 -63.04 -1.79 -24.70
CA MET A 1118 -61.64 -2.07 -25.02
C MET A 1118 -60.68 -0.87 -24.90
N ILE A 1119 -61.15 0.33 -25.24
CA ILE A 1119 -60.38 1.56 -25.13
C ILE A 1119 -59.97 1.87 -23.68
N GLY A 1120 -60.92 1.73 -22.73
CA GLY A 1120 -60.68 1.91 -21.30
C GLY A 1120 -60.02 0.67 -20.69
N LEU A 1121 -60.45 -0.55 -21.07
CA LEU A 1121 -59.97 -1.82 -20.52
C LEU A 1121 -58.53 -2.17 -20.94
N PHE A 1122 -58.04 -1.69 -22.09
CA PHE A 1122 -56.63 -1.83 -22.49
C PHE A 1122 -55.70 -1.00 -21.59
N GLN A 1123 -56.05 0.28 -21.37
CA GLN A 1123 -55.31 1.22 -20.51
C GLN A 1123 -55.27 0.74 -19.05
N LYS A 1124 -56.42 0.24 -18.57
CA LYS A 1124 -56.63 -0.41 -17.28
C LYS A 1124 -55.75 -1.66 -17.10
N THR A 1125 -55.82 -2.63 -18.02
CA THR A 1125 -55.10 -3.90 -17.90
C THR A 1125 -53.58 -3.77 -18.17
N ALA A 1126 -53.17 -2.73 -18.94
CA ALA A 1126 -51.79 -2.29 -19.05
C ALA A 1126 -51.23 -1.75 -17.73
N THR A 1127 -52.06 -1.05 -16.94
CA THR A 1127 -51.73 -0.61 -15.58
C THR A 1127 -51.71 -1.78 -14.57
N GLU A 1128 -52.57 -2.80 -14.75
CA GLU A 1128 -52.55 -4.04 -13.95
C GLU A 1128 -51.26 -4.85 -14.13
N ALA A 1129 -50.84 -5.02 -15.40
CA ALA A 1129 -49.60 -5.68 -15.78
C ALA A 1129 -48.34 -4.91 -15.33
N ALA A 1130 -48.36 -3.57 -15.51
CA ALA A 1130 -47.27 -2.67 -15.09
C ALA A 1130 -47.11 -2.56 -13.56
N ALA A 1131 -48.22 -2.64 -12.82
CA ALA A 1131 -48.22 -2.67 -11.35
C ALA A 1131 -47.76 -4.03 -10.80
N ALA A 1132 -48.25 -5.13 -11.39
CA ALA A 1132 -47.97 -6.49 -10.94
C ALA A 1132 -46.55 -6.99 -11.27
N PHE A 1133 -45.99 -6.57 -12.42
CA PHE A 1133 -44.77 -7.16 -12.97
C PHE A 1133 -43.70 -6.13 -13.40
N GLY A 1134 -44.06 -4.84 -13.53
CA GLY A 1134 -43.14 -3.81 -14.01
C GLY A 1134 -43.03 -3.80 -15.55
N ASN A 1135 -43.96 -4.45 -16.26
CA ASN A 1135 -44.06 -4.46 -17.72
C ASN A 1135 -45.54 -4.45 -18.10
N GLY A 1136 -45.95 -3.41 -18.85
CA GLY A 1136 -47.33 -3.18 -19.27
C GLY A 1136 -47.72 -3.96 -20.53
N ASP A 1137 -46.80 -4.74 -21.14
CA ASP A 1137 -47.00 -5.54 -22.35
C ASP A 1137 -48.18 -6.52 -22.25
N LEU A 1138 -49.22 -6.20 -23.03
CA LEU A 1138 -50.37 -7.06 -23.26
C LEU A 1138 -50.20 -7.80 -24.58
N TYR A 1139 -50.81 -8.98 -24.66
CA TYR A 1139 -51.03 -9.71 -25.90
C TYR A 1139 -52.45 -10.30 -25.84
N LEU A 1140 -53.08 -10.37 -27.01
CA LEU A 1140 -54.50 -10.69 -27.16
C LEU A 1140 -54.67 -12.16 -27.54
N GLU A 1141 -55.71 -12.79 -26.98
CA GLU A 1141 -56.16 -14.13 -27.33
C GLU A 1141 -57.70 -14.15 -27.43
N LYS A 1142 -58.20 -15.11 -28.21
CA LYS A 1142 -59.61 -15.43 -28.37
C LYS A 1142 -60.20 -15.99 -27.08
N TYR A 1143 -61.26 -15.34 -26.56
CA TYR A 1143 -61.97 -15.83 -25.40
C TYR A 1143 -62.92 -16.96 -25.81
N VAL A 1144 -62.50 -18.19 -25.49
CA VAL A 1144 -63.32 -19.39 -25.61
C VAL A 1144 -64.04 -19.55 -24.26
N THR A 1145 -65.38 -19.61 -24.29
CA THR A 1145 -66.22 -19.64 -23.09
C THR A 1145 -66.50 -21.06 -22.58
N SER A 1146 -66.57 -22.05 -23.48
CA SER A 1146 -66.77 -23.45 -23.16
C SER A 1146 -65.50 -24.19 -23.62
N LEU A 1147 -64.65 -24.56 -22.66
CA LEU A 1147 -63.39 -25.25 -22.93
C LEU A 1147 -63.07 -26.29 -21.86
N ARG A 1148 -62.08 -27.13 -22.18
CA ARG A 1148 -61.33 -27.94 -21.24
C ARG A 1148 -59.86 -27.52 -21.29
N HIS A 1149 -59.26 -27.33 -20.11
CA HIS A 1149 -57.82 -27.14 -19.93
C HIS A 1149 -57.16 -28.52 -19.96
N ILE A 1150 -56.73 -28.93 -21.17
CA ILE A 1150 -56.00 -30.17 -21.40
C ILE A 1150 -54.50 -29.83 -21.37
N GLU A 1151 -53.70 -30.68 -20.73
CA GLU A 1151 -52.26 -30.46 -20.60
C GLU A 1151 -51.56 -31.82 -20.71
N VAL A 1152 -50.44 -31.85 -21.44
CA VAL A 1152 -49.78 -33.09 -21.85
C VAL A 1152 -48.33 -33.09 -21.33
N GLN A 1153 -48.00 -34.16 -20.58
CA GLN A 1153 -46.70 -34.35 -19.93
C GLN A 1153 -45.68 -34.90 -20.93
N LEU A 1154 -44.58 -34.14 -21.11
CA LEU A 1154 -43.40 -34.52 -21.87
C LEU A 1154 -42.28 -34.91 -20.91
N LEU A 1155 -41.52 -35.96 -21.28
CA LEU A 1155 -40.18 -36.23 -20.77
C LEU A 1155 -39.26 -36.29 -21.99
N ARG A 1156 -38.03 -35.78 -21.85
CA ARG A 1156 -37.03 -35.86 -22.91
C ARG A 1156 -35.62 -35.82 -22.32
N ASP A 1157 -34.73 -36.68 -22.84
CA ASP A 1157 -33.31 -36.74 -22.50
C ASP A 1157 -32.49 -35.79 -23.39
N LYS A 1158 -31.16 -35.79 -23.20
CA LYS A 1158 -30.22 -35.06 -24.06
C LYS A 1158 -30.00 -35.71 -25.44
N PHE A 1159 -30.38 -37.00 -25.61
CA PHE A 1159 -30.20 -37.77 -26.84
C PHE A 1159 -31.32 -37.54 -27.87
N GLY A 1160 -32.56 -37.27 -27.38
CA GLY A 1160 -33.67 -36.77 -28.17
C GLY A 1160 -34.94 -37.64 -28.15
N HIS A 1161 -35.09 -38.58 -27.19
CA HIS A 1161 -36.26 -39.44 -27.06
C HIS A 1161 -37.41 -38.70 -26.34
N ALA A 1162 -38.37 -38.17 -27.13
CA ALA A 1162 -39.56 -37.48 -26.63
C ALA A 1162 -40.65 -38.48 -26.18
N LYS A 1163 -40.47 -39.01 -24.96
CA LYS A 1163 -41.41 -39.89 -24.27
C LYS A 1163 -42.56 -39.07 -23.68
N VAL A 1164 -43.68 -39.00 -24.41
CA VAL A 1164 -44.89 -38.32 -23.96
C VAL A 1164 -45.76 -39.33 -23.18
N LEU A 1165 -45.99 -39.01 -21.90
CA LEU A 1165 -46.56 -39.92 -20.91
C LEU A 1165 -48.08 -40.05 -20.97
N GLY A 1166 -48.76 -38.97 -21.38
CA GLY A 1166 -50.22 -38.90 -21.40
C GLY A 1166 -50.64 -37.49 -20.97
N LEU A 1167 -51.95 -37.25 -21.12
CA LEU A 1167 -52.60 -35.99 -20.82
C LEU A 1167 -53.30 -36.00 -19.46
N ARG A 1168 -53.69 -34.81 -19.02
CA ARG A 1168 -54.54 -34.54 -17.87
C ARG A 1168 -55.57 -33.50 -18.28
N ASP A 1169 -56.68 -33.47 -17.53
CA ASP A 1169 -57.73 -32.47 -17.65
C ASP A 1169 -57.89 -31.84 -16.27
N CYS A 1170 -57.63 -30.52 -16.20
CA CYS A 1170 -57.55 -29.75 -14.96
C CYS A 1170 -58.62 -28.65 -14.96
N SER A 1171 -59.82 -28.98 -15.44
CA SER A 1171 -60.91 -28.04 -15.68
C SER A 1171 -61.68 -27.57 -14.45
N VAL A 1172 -61.73 -28.36 -13.36
CA VAL A 1172 -62.30 -27.87 -12.11
C VAL A 1172 -61.23 -27.02 -11.41
N GLN A 1173 -61.36 -25.69 -11.57
CA GLN A 1173 -60.39 -24.69 -11.13
C GLN A 1173 -61.13 -23.46 -10.60
N ARG A 1174 -60.53 -22.80 -9.61
CA ARG A 1174 -61.10 -21.65 -8.90
C ARG A 1174 -60.06 -20.53 -8.89
N ASN A 1175 -60.36 -19.44 -9.62
CA ASN A 1175 -59.48 -18.29 -9.86
C ASN A 1175 -58.18 -18.72 -10.57
N ASN A 1176 -58.32 -19.59 -11.59
CA ASN A 1176 -57.28 -20.24 -12.40
C ASN A 1176 -56.54 -21.39 -11.68
N GLN A 1177 -56.50 -21.38 -10.33
CA GLN A 1177 -55.85 -22.40 -9.50
C GLN A 1177 -56.65 -23.72 -9.57
N LYS A 1178 -56.00 -24.78 -10.03
CA LYS A 1178 -56.58 -26.11 -10.24
C LYS A 1178 -56.98 -26.77 -8.91
N VAL A 1179 -58.12 -27.47 -8.88
CA VAL A 1179 -58.71 -28.03 -7.67
C VAL A 1179 -58.98 -29.53 -7.82
N VAL A 1180 -59.81 -29.94 -8.80
CA VAL A 1180 -60.06 -31.36 -9.11
C VAL A 1180 -59.51 -31.62 -10.53
N GLU A 1181 -58.46 -32.45 -10.58
CA GLU A 1181 -57.65 -32.72 -11.76
C GLU A 1181 -57.73 -34.22 -12.07
N GLU A 1182 -57.66 -34.57 -13.36
CA GLU A 1182 -57.95 -35.91 -13.85
C GLU A 1182 -56.91 -36.37 -14.87
N SER A 1183 -56.83 -37.70 -15.08
CA SER A 1183 -55.92 -38.36 -16.02
C SER A 1183 -56.43 -38.43 -17.46
N GLY A 1184 -57.72 -38.12 -17.69
CA GLY A 1184 -58.35 -38.18 -18.99
C GLY A 1184 -59.34 -37.02 -19.09
N SER A 1185 -59.93 -36.89 -20.29
CA SER A 1185 -61.00 -35.94 -20.58
C SER A 1185 -62.16 -36.72 -21.22
N THR A 1186 -63.31 -36.66 -20.54
CA THR A 1186 -64.56 -37.33 -20.86
C THR A 1186 -65.31 -36.74 -22.08
N MET A 1187 -64.89 -35.58 -22.58
CA MET A 1187 -65.47 -34.96 -23.78
C MET A 1187 -64.49 -34.84 -24.94
N LEU A 1188 -63.22 -35.25 -24.77
CA LEU A 1188 -62.16 -35.15 -25.80
C LEU A 1188 -62.13 -36.41 -26.68
N PRO A 1189 -62.43 -36.29 -28.00
CA PRO A 1189 -62.22 -37.38 -28.98
C PRO A 1189 -60.77 -37.89 -29.06
N ASP A 1190 -60.64 -39.21 -29.25
CA ASP A 1190 -59.37 -39.93 -29.37
C ASP A 1190 -58.47 -39.47 -30.53
N GLU A 1191 -59.07 -38.91 -31.60
CA GLU A 1191 -58.37 -38.28 -32.72
C GLU A 1191 -57.67 -36.97 -32.33
N LEU A 1192 -58.30 -36.12 -31.50
CA LEU A 1192 -57.72 -34.87 -30.99
C LEU A 1192 -56.69 -35.11 -29.88
N LYS A 1193 -56.88 -36.18 -29.09
CA LYS A 1193 -55.91 -36.73 -28.15
C LYS A 1193 -54.61 -37.15 -28.86
N LYS A 1194 -54.73 -37.84 -29.99
CA LYS A 1194 -53.60 -38.20 -30.87
C LYS A 1194 -52.91 -36.98 -31.50
N GLN A 1195 -53.67 -35.92 -31.83
CA GLN A 1195 -53.10 -34.67 -32.34
C GLN A 1195 -52.24 -33.94 -31.30
N VAL A 1196 -52.72 -33.80 -30.05
CA VAL A 1196 -51.95 -33.17 -28.98
C VAL A 1196 -50.71 -33.99 -28.53
N LEU A 1197 -50.75 -35.33 -28.64
CA LEU A 1197 -49.60 -36.22 -28.45
C LEU A 1197 -48.49 -35.99 -29.49
N ALA A 1198 -48.88 -35.83 -30.77
CA ALA A 1198 -47.97 -35.55 -31.89
C ALA A 1198 -47.36 -34.14 -31.83
N TYR A 1199 -48.15 -33.14 -31.40
CA TYR A 1199 -47.72 -31.76 -31.24
C TYR A 1199 -46.72 -31.57 -30.07
N THR A 1200 -46.86 -32.35 -28.98
CA THR A 1200 -45.93 -32.37 -27.85
C THR A 1200 -44.54 -32.91 -28.24
N ARG A 1201 -44.50 -33.96 -29.09
CA ARG A 1201 -43.26 -34.51 -29.65
C ARG A 1201 -42.56 -33.52 -30.61
N ALA A 1202 -43.34 -32.88 -31.50
CA ALA A 1202 -42.86 -31.89 -32.46
C ALA A 1202 -42.20 -30.68 -31.78
N LEU A 1203 -42.84 -30.16 -30.71
CA LEU A 1203 -42.31 -29.08 -29.88
C LEU A 1203 -41.09 -29.50 -29.03
N GLY A 1204 -41.12 -30.72 -28.46
CA GLY A 1204 -40.06 -31.25 -27.60
C GLY A 1204 -38.75 -31.44 -28.37
N ASP A 1205 -38.83 -32.01 -29.57
CA ASP A 1205 -37.71 -32.23 -30.50
C ASP A 1205 -37.18 -30.94 -31.15
N ALA A 1206 -38.08 -30.01 -31.53
CA ALA A 1206 -37.74 -28.79 -32.25
C ALA A 1206 -37.23 -27.63 -31.38
N THR A 1207 -37.32 -27.76 -30.05
CA THR A 1207 -36.70 -26.84 -29.10
C THR A 1207 -35.50 -27.49 -28.38
N ASP A 1208 -35.26 -28.80 -28.60
CA ASP A 1208 -34.21 -29.61 -27.96
C ASP A 1208 -34.38 -29.61 -26.42
N TYR A 1209 -35.63 -29.83 -25.98
CA TYR A 1209 -36.08 -29.78 -24.59
C TYR A 1209 -35.48 -30.93 -23.75
N MET A 1210 -35.23 -30.68 -22.46
CA MET A 1210 -34.79 -31.71 -21.52
C MET A 1210 -35.59 -31.65 -20.21
N GLY A 1211 -35.58 -32.76 -19.46
CA GLY A 1211 -36.28 -32.92 -18.19
C GLY A 1211 -37.78 -33.13 -18.41
N ALA A 1212 -38.55 -32.90 -17.34
CA ALA A 1212 -40.00 -32.89 -17.30
C ALA A 1212 -40.55 -31.53 -17.76
N GLY A 1213 -41.64 -31.56 -18.52
CA GLY A 1213 -42.33 -30.35 -18.99
C GLY A 1213 -43.79 -30.69 -19.25
N THR A 1214 -44.65 -29.66 -19.31
CA THR A 1214 -46.08 -29.80 -19.57
C THR A 1214 -46.52 -28.70 -20.54
N VAL A 1215 -46.87 -29.08 -21.77
CA VAL A 1215 -47.53 -28.19 -22.73
C VAL A 1215 -49.04 -28.11 -22.41
N GLU A 1216 -49.59 -26.88 -22.41
CA GLU A 1216 -51.00 -26.61 -22.15
C GLU A 1216 -51.74 -26.32 -23.46
N PHE A 1217 -52.95 -26.89 -23.57
CA PHE A 1217 -53.87 -26.79 -24.68
C PHE A 1217 -55.26 -26.33 -24.18
N ILE A 1218 -55.89 -25.41 -24.92
CA ILE A 1218 -57.33 -25.17 -24.87
C ILE A 1218 -58.01 -26.16 -25.83
N TYR A 1219 -58.89 -26.99 -25.28
CA TYR A 1219 -59.74 -27.94 -26.06
C TYR A 1219 -61.16 -27.37 -26.13
N ASN A 1220 -61.40 -26.52 -27.14
CA ASN A 1220 -62.66 -25.81 -27.36
C ASN A 1220 -63.81 -26.82 -27.52
N LEU A 1221 -64.76 -26.81 -26.56
CA LEU A 1221 -65.92 -27.69 -26.56
C LEU A 1221 -66.96 -27.32 -27.63
N ASP A 1222 -67.08 -26.03 -27.97
CA ASP A 1222 -67.98 -25.53 -29.03
C ASP A 1222 -67.50 -25.89 -30.45
N ALA A 1223 -66.20 -25.73 -30.72
CA ALA A 1223 -65.63 -25.96 -32.05
C ALA A 1223 -65.20 -27.41 -32.32
N ASN A 1224 -64.90 -28.18 -31.25
CA ASN A 1224 -64.29 -29.51 -31.29
C ASN A 1224 -62.86 -29.46 -31.89
N GLU A 1225 -62.03 -28.55 -31.35
CA GLU A 1225 -60.65 -28.31 -31.78
C GLU A 1225 -59.73 -28.14 -30.57
N VAL A 1226 -58.46 -28.51 -30.75
CA VAL A 1226 -57.39 -28.35 -29.75
C VAL A 1226 -56.36 -27.31 -30.23
N TYR A 1227 -56.08 -26.34 -29.35
CA TYR A 1227 -55.23 -25.17 -29.59
C TYR A 1227 -54.15 -25.10 -28.51
N PHE A 1228 -52.86 -24.98 -28.88
CA PHE A 1228 -51.74 -24.72 -27.96
C PHE A 1228 -51.84 -23.31 -27.34
N MET A 1229 -51.73 -23.24 -26.00
CA MET A 1229 -51.83 -22.01 -25.24
C MET A 1229 -50.44 -21.51 -24.80
N GLU A 1230 -49.73 -22.33 -24.03
CA GLU A 1230 -48.37 -22.06 -23.52
C GLU A 1230 -47.74 -23.39 -23.03
N MET A 1231 -46.54 -23.29 -22.44
CA MET A 1231 -45.84 -24.44 -21.89
C MET A 1231 -45.27 -24.12 -20.49
N ASN A 1232 -45.32 -25.13 -19.62
CA ASN A 1232 -44.61 -25.19 -18.35
C ASN A 1232 -43.24 -25.79 -18.64
N THR A 1233 -42.16 -25.00 -18.47
CA THR A 1233 -40.79 -25.42 -18.71
C THR A 1233 -40.12 -25.99 -17.43
N ARG A 1234 -40.92 -26.72 -16.62
CA ARG A 1234 -40.54 -27.27 -15.33
C ARG A 1234 -41.56 -28.34 -14.87
N LEU A 1235 -41.34 -28.85 -13.65
CA LEU A 1235 -42.23 -29.77 -12.93
C LEU A 1235 -43.58 -29.10 -12.60
N GLN A 1236 -44.69 -29.80 -12.88
CA GLN A 1236 -46.06 -29.35 -12.66
C GLN A 1236 -46.66 -30.08 -11.46
N VAL A 1237 -47.37 -29.37 -10.56
CA VAL A 1237 -47.96 -29.92 -9.31
C VAL A 1237 -48.91 -31.11 -9.55
N ALA A 1238 -49.64 -31.12 -10.68
CA ALA A 1238 -50.52 -32.18 -11.14
C ALA A 1238 -49.83 -33.52 -11.53
N HIS A 1239 -48.49 -33.58 -11.50
CA HIS A 1239 -47.69 -34.71 -11.99
C HIS A 1239 -47.95 -36.14 -11.43
N PRO A 1240 -48.30 -36.35 -10.13
CA PRO A 1240 -48.52 -37.72 -9.62
C PRO A 1240 -49.75 -38.47 -10.17
N VAL A 1241 -50.70 -37.75 -10.79
CA VAL A 1241 -51.78 -38.32 -11.61
C VAL A 1241 -51.23 -39.07 -12.83
N THR A 1242 -50.28 -38.44 -13.55
CA THR A 1242 -49.62 -39.05 -14.70
C THR A 1242 -48.56 -40.09 -14.31
N GLU A 1243 -47.92 -39.99 -13.12
CA GLU A 1243 -47.02 -41.03 -12.60
C GLU A 1243 -47.71 -42.40 -12.43
N ALA A 1244 -48.96 -42.37 -11.93
CA ALA A 1244 -49.82 -43.54 -11.80
C ALA A 1244 -50.17 -44.16 -13.17
N THR A 1245 -50.75 -43.33 -14.06
CA THR A 1245 -51.37 -43.79 -15.30
C THR A 1245 -50.39 -44.04 -16.46
N SER A 1246 -49.22 -43.39 -16.49
CA SER A 1246 -48.18 -43.71 -17.47
C SER A 1246 -47.33 -44.94 -17.05
N GLY A 1247 -47.30 -45.26 -15.75
CA GLY A 1247 -46.42 -46.26 -15.16
C GLY A 1247 -44.96 -45.77 -15.08
N ILE A 1248 -44.71 -44.48 -15.37
CA ILE A 1248 -43.39 -43.87 -15.41
C ILE A 1248 -43.32 -42.76 -14.34
N ASP A 1249 -42.32 -42.86 -13.46
CA ASP A 1249 -41.99 -41.89 -12.43
C ASP A 1249 -41.32 -40.67 -13.08
N ILE A 1250 -41.98 -39.51 -12.98
CA ILE A 1250 -41.60 -38.26 -13.64
C ILE A 1250 -40.37 -37.58 -13.02
N VAL A 1251 -40.27 -37.59 -11.68
CA VAL A 1251 -39.13 -37.00 -10.97
C VAL A 1251 -37.88 -37.91 -11.03
N SER A 1252 -38.05 -39.24 -11.02
CA SER A 1252 -36.97 -40.21 -11.20
C SER A 1252 -36.40 -40.19 -12.63
N ALA A 1253 -37.28 -40.07 -13.64
CA ALA A 1253 -36.89 -39.89 -15.04
C ALA A 1253 -36.13 -38.57 -15.25
N GLN A 1254 -36.60 -37.47 -14.63
CA GLN A 1254 -35.92 -36.18 -14.59
C GLN A 1254 -34.55 -36.22 -13.88
N PHE A 1255 -34.42 -36.97 -12.77
CA PHE A 1255 -33.14 -37.21 -12.09
C PHE A 1255 -32.17 -38.14 -12.85
N ASP A 1256 -32.70 -39.06 -13.67
CA ASP A 1256 -31.92 -39.85 -14.63
C ASP A 1256 -31.41 -38.98 -15.79
N ILE A 1257 -32.28 -38.12 -16.36
CA ILE A 1257 -31.94 -37.15 -17.42
C ILE A 1257 -30.86 -36.15 -16.95
N ALA A 1258 -31.00 -35.63 -15.73
CA ALA A 1258 -30.05 -34.74 -15.08
C ALA A 1258 -28.79 -35.42 -14.52
N ALA A 1259 -28.75 -36.77 -14.55
CA ALA A 1259 -27.53 -37.56 -14.34
C ALA A 1259 -26.83 -37.92 -15.67
N GLY A 1260 -27.42 -37.51 -16.82
CA GLY A 1260 -26.87 -37.69 -18.16
C GLY A 1260 -27.34 -39.01 -18.82
N ARG A 1261 -28.28 -39.74 -18.21
CA ARG A 1261 -28.80 -41.02 -18.69
C ARG A 1261 -29.89 -40.87 -19.77
N SER A 1262 -30.07 -41.93 -20.54
CA SER A 1262 -31.12 -42.06 -21.57
C SER A 1262 -32.44 -42.58 -20.96
N ILE A 1263 -33.56 -42.14 -21.53
CA ILE A 1263 -34.93 -42.57 -21.20
C ILE A 1263 -35.59 -43.37 -22.34
N GLU A 1264 -34.80 -43.85 -23.32
CA GLU A 1264 -35.22 -44.72 -24.42
C GLU A 1264 -35.95 -46.01 -23.97
N HIS A 1265 -35.48 -46.57 -22.85
CA HIS A 1265 -35.95 -47.80 -22.22
C HIS A 1265 -37.39 -47.75 -21.65
N LEU A 1266 -37.91 -46.53 -21.37
CA LEU A 1266 -39.24 -46.31 -20.80
C LEU A 1266 -40.36 -46.71 -21.78
N GLU A 1267 -41.45 -47.26 -21.23
CA GLU A 1267 -42.66 -47.60 -21.96
C GLU A 1267 -43.86 -46.92 -21.27
N PRO A 1268 -44.30 -45.76 -21.77
CA PRO A 1268 -45.58 -45.14 -21.38
C PRO A 1268 -46.80 -46.03 -21.63
N LYS A 1269 -47.59 -46.23 -20.57
CA LYS A 1269 -48.82 -47.03 -20.55
C LYS A 1269 -50.05 -46.09 -20.41
N GLU A 1270 -51.24 -46.69 -20.23
CA GLU A 1270 -52.47 -46.00 -19.81
C GLU A 1270 -53.16 -46.84 -18.72
N ILE A 1271 -52.48 -47.01 -17.59
CA ILE A 1271 -52.87 -47.77 -16.41
C ILE A 1271 -54.10 -47.14 -15.72
N GLY A 1272 -55.28 -47.75 -15.94
CA GLY A 1272 -56.57 -47.38 -15.34
C GLY A 1272 -56.94 -45.91 -15.58
N TYR A 1273 -57.44 -45.28 -14.51
CA TYR A 1273 -57.75 -43.85 -14.42
C TYR A 1273 -57.18 -43.34 -13.08
N ALA A 1274 -56.99 -42.01 -12.98
CA ALA A 1274 -56.59 -41.35 -11.74
C ALA A 1274 -57.18 -39.93 -11.66
N MET A 1275 -57.27 -39.43 -10.42
CA MET A 1275 -57.82 -38.12 -10.08
C MET A 1275 -57.06 -37.57 -8.87
N GLU A 1276 -56.84 -36.25 -8.85
CA GLU A 1276 -56.27 -35.53 -7.72
C GLU A 1276 -57.25 -34.45 -7.24
N VAL A 1277 -57.52 -34.46 -5.92
CA VAL A 1277 -58.07 -33.31 -5.21
C VAL A 1277 -56.92 -32.64 -4.44
N ARG A 1278 -56.77 -31.32 -4.65
CA ARG A 1278 -55.90 -30.48 -3.84
C ARG A 1278 -56.66 -30.11 -2.56
N VAL A 1279 -56.26 -30.71 -1.45
CA VAL A 1279 -56.78 -30.42 -0.12
C VAL A 1279 -56.08 -29.15 0.39
N THR A 1280 -56.88 -28.11 0.64
CA THR A 1280 -56.42 -26.79 1.06
C THR A 1280 -57.17 -26.36 2.33
N ALA A 1281 -56.47 -25.59 3.18
CA ALA A 1281 -56.93 -25.11 4.47
C ALA A 1281 -57.73 -23.80 4.31
N GLU A 1282 -59.01 -23.91 3.91
CA GLU A 1282 -59.88 -22.77 3.61
C GLU A 1282 -61.27 -22.98 4.23
N LYS A 1283 -61.86 -21.88 4.73
CA LYS A 1283 -63.21 -21.83 5.29
C LYS A 1283 -64.19 -21.22 4.28
N ALA A 1284 -65.43 -21.73 4.29
CA ALA A 1284 -66.55 -21.19 3.51
C ALA A 1284 -67.07 -19.88 4.11
N ALA A 1285 -67.27 -18.87 3.25
CA ALA A 1285 -67.77 -17.54 3.61
C ALA A 1285 -68.43 -16.90 2.39
N LEU A 1286 -69.49 -16.12 2.63
CA LEU A 1286 -70.30 -15.47 1.59
C LEU A 1286 -69.62 -14.18 1.06
N ASP A 1287 -69.87 -13.85 -0.22
CA ASP A 1287 -69.48 -12.56 -0.81
C ASP A 1287 -70.57 -11.49 -0.58
N SER A 1288 -70.40 -10.31 -1.22
CA SER A 1288 -71.29 -9.15 -1.11
C SER A 1288 -72.72 -9.35 -1.66
N HIS A 1289 -72.94 -10.35 -2.53
CA HIS A 1289 -74.24 -10.73 -3.07
C HIS A 1289 -74.83 -11.98 -2.40
N GLY A 1290 -74.00 -12.73 -1.64
CA GLY A 1290 -74.42 -13.90 -0.87
C GLY A 1290 -73.98 -15.24 -1.50
N VAL A 1291 -73.20 -15.24 -2.59
CA VAL A 1291 -72.62 -16.45 -3.19
C VAL A 1291 -71.42 -16.93 -2.36
N LEU A 1292 -71.38 -18.25 -2.09
CA LEU A 1292 -70.36 -18.91 -1.27
C LEU A 1292 -68.99 -18.91 -1.97
N GLN A 1293 -67.96 -18.52 -1.21
CA GLN A 1293 -66.55 -18.47 -1.58
C GLN A 1293 -65.76 -19.30 -0.57
N LEU A 1294 -64.55 -19.75 -0.95
CA LEU A 1294 -63.56 -20.27 -0.01
C LEU A 1294 -62.43 -19.24 0.14
N ILE A 1295 -62.02 -19.01 1.40
CA ILE A 1295 -60.91 -18.11 1.78
C ILE A 1295 -60.04 -18.80 2.86
N PRO A 1296 -58.70 -18.60 2.83
CA PRO A 1296 -57.75 -19.23 3.79
C PRO A 1296 -58.10 -19.18 5.29
N ASN A 1297 -57.88 -20.32 5.97
CA ASN A 1297 -57.98 -20.49 7.41
C ASN A 1297 -56.60 -20.97 7.92
N PRO A 1298 -55.70 -20.04 8.35
CA PRO A 1298 -54.46 -20.42 9.03
C PRO A 1298 -54.69 -20.91 10.47
N GLY A 1299 -53.67 -21.58 11.04
CA GLY A 1299 -53.66 -21.94 12.46
C GLY A 1299 -53.08 -23.34 12.68
N LYS A 1300 -52.97 -23.70 13.97
CA LYS A 1300 -52.49 -25.00 14.45
C LYS A 1300 -53.49 -26.13 14.16
N ILE A 1301 -52.96 -27.21 13.58
CA ILE A 1301 -53.65 -28.47 13.34
C ILE A 1301 -53.58 -29.30 14.64
N THR A 1302 -54.73 -29.75 15.15
CA THR A 1302 -54.81 -30.51 16.40
C THR A 1302 -54.82 -32.03 16.15
N GLU A 1303 -55.62 -32.49 15.17
CA GLU A 1303 -55.68 -33.88 14.72
C GLU A 1303 -55.69 -33.89 13.19
N CYS A 1304 -55.04 -34.93 12.62
CA CYS A 1304 -54.94 -35.12 11.19
C CYS A 1304 -54.62 -36.59 10.92
N VAL A 1305 -55.61 -37.33 10.39
CA VAL A 1305 -55.49 -38.74 10.04
C VAL A 1305 -55.81 -38.89 8.55
N PHE A 1306 -54.83 -39.45 7.81
CA PHE A 1306 -54.99 -39.99 6.47
C PHE A 1306 -54.81 -41.53 6.61
N PRO A 1307 -55.90 -42.32 6.59
CA PRO A 1307 -55.80 -43.80 6.62
C PRO A 1307 -54.99 -44.38 5.44
N ASP A 1308 -54.16 -45.39 5.72
CA ASP A 1308 -53.36 -46.10 4.71
C ASP A 1308 -54.28 -46.89 3.75
N HIS A 1309 -54.23 -46.56 2.46
CA HIS A 1309 -55.03 -47.18 1.40
C HIS A 1309 -54.13 -47.34 0.15
N PRO A 1310 -54.14 -48.55 -0.48
CA PRO A 1310 -53.16 -48.90 -1.54
C PRO A 1310 -53.27 -48.10 -2.84
N ASP A 1311 -54.50 -47.79 -3.26
CA ASP A 1311 -54.81 -47.09 -4.50
C ASP A 1311 -55.05 -45.59 -4.29
N VAL A 1312 -54.48 -45.00 -3.23
CA VAL A 1312 -54.37 -43.55 -3.07
C VAL A 1312 -52.95 -43.21 -2.63
N GLU A 1313 -52.43 -42.10 -3.17
CA GLU A 1313 -51.16 -41.52 -2.80
C GLU A 1313 -51.44 -40.20 -2.06
N ILE A 1314 -50.74 -40.00 -0.93
CA ILE A 1314 -50.87 -38.84 -0.07
C ILE A 1314 -49.49 -38.15 0.02
N ILE A 1315 -49.42 -36.92 -0.53
CA ILE A 1315 -48.31 -35.99 -0.31
C ILE A 1315 -48.87 -34.91 0.60
N SER A 1316 -48.26 -34.67 1.77
CA SER A 1316 -48.86 -33.82 2.79
C SER A 1316 -47.81 -33.18 3.71
N ILE A 1317 -48.19 -32.00 4.22
CA ILE A 1317 -47.49 -31.25 5.26
C ILE A 1317 -48.35 -31.07 6.53
N ALA A 1318 -49.57 -31.63 6.53
CA ALA A 1318 -50.49 -31.60 7.68
C ALA A 1318 -50.24 -32.80 8.60
N ALA A 1319 -50.07 -32.49 9.89
CA ALA A 1319 -49.90 -33.46 10.97
C ALA A 1319 -50.33 -32.80 12.30
N PRO A 1320 -50.63 -33.62 13.34
CA PRO A 1320 -50.96 -33.11 14.68
C PRO A 1320 -49.81 -32.30 15.32
N GLY A 1321 -50.11 -31.04 15.66
CA GLY A 1321 -49.19 -30.13 16.34
C GLY A 1321 -48.43 -29.19 15.40
N LYS A 1322 -48.55 -29.34 14.07
CA LYS A 1322 -47.96 -28.44 13.08
C LYS A 1322 -48.89 -27.25 12.82
N GLU A 1323 -48.33 -26.08 12.47
CA GLU A 1323 -49.09 -24.88 12.11
C GLU A 1323 -49.02 -24.63 10.59
N VAL A 1324 -50.17 -24.21 10.02
CA VAL A 1324 -50.30 -23.72 8.66
C VAL A 1324 -50.06 -22.19 8.65
N SER A 1325 -48.91 -21.79 8.10
CA SER A 1325 -48.37 -20.42 8.11
C SER A 1325 -49.20 -19.46 7.22
N PRO A 1326 -49.50 -18.23 7.71
CA PRO A 1326 -50.19 -17.19 6.91
C PRO A 1326 -49.33 -16.54 5.80
N TYR A 1327 -48.00 -16.71 5.86
CA TYR A 1327 -47.05 -16.17 4.87
C TYR A 1327 -46.98 -16.99 3.57
N TYR A 1328 -47.62 -18.18 3.56
CA TYR A 1328 -47.59 -19.13 2.45
C TYR A 1328 -48.97 -19.71 2.18
N ASP A 1329 -49.08 -20.45 1.06
CA ASP A 1329 -50.31 -21.03 0.52
C ASP A 1329 -50.99 -22.02 1.49
N SER A 1330 -52.31 -22.13 1.33
CA SER A 1330 -53.18 -23.02 2.11
C SER A 1330 -53.12 -24.50 1.69
N LEU A 1331 -52.35 -24.86 0.63
CA LEU A 1331 -52.10 -26.24 0.20
C LEU A 1331 -51.43 -27.05 1.30
N ILE A 1332 -52.20 -27.98 1.89
CA ILE A 1332 -51.80 -28.82 3.01
C ILE A 1332 -51.67 -30.31 2.62
N ALA A 1333 -52.31 -30.74 1.52
CA ALA A 1333 -52.12 -32.07 0.96
C ALA A 1333 -52.58 -32.16 -0.50
N GLN A 1334 -51.97 -33.10 -1.23
CA GLN A 1334 -52.43 -33.61 -2.52
C GLN A 1334 -52.86 -35.06 -2.26
N VAL A 1335 -54.12 -35.37 -2.58
CA VAL A 1335 -54.69 -36.71 -2.44
C VAL A 1335 -55.02 -37.20 -3.85
N ILE A 1336 -54.21 -38.15 -4.35
CA ILE A 1336 -54.29 -38.68 -5.71
C ILE A 1336 -54.83 -40.11 -5.65
N MET A 1337 -56.10 -40.29 -6.06
CA MET A 1337 -56.79 -41.58 -6.16
C MET A 1337 -56.49 -42.24 -7.51
N ARG A 1338 -56.33 -43.57 -7.49
CA ARG A 1338 -56.21 -44.46 -8.64
C ARG A 1338 -57.37 -45.48 -8.62
N GLY A 1339 -57.70 -46.03 -9.80
CA GLY A 1339 -58.74 -47.05 -9.93
C GLY A 1339 -58.85 -47.47 -11.40
N GLU A 1340 -59.72 -48.45 -11.67
CA GLU A 1340 -59.97 -49.01 -13.00
C GLU A 1340 -60.64 -48.03 -13.96
N ASN A 1341 -61.72 -47.39 -13.49
CA ASN A 1341 -62.56 -46.50 -14.27
C ASN A 1341 -62.87 -45.22 -13.47
N ARG A 1342 -63.46 -44.25 -14.16
CA ARG A 1342 -63.72 -42.92 -13.65
C ARG A 1342 -64.78 -42.86 -12.54
N GLU A 1343 -65.91 -43.59 -12.67
CA GLU A 1343 -66.94 -43.68 -11.63
C GLU A 1343 -66.42 -44.30 -10.32
N ASP A 1344 -65.56 -45.33 -10.47
CA ASP A 1344 -64.91 -46.03 -9.36
C ASP A 1344 -63.88 -45.14 -8.65
N VAL A 1345 -63.08 -44.37 -9.41
CA VAL A 1345 -62.14 -43.37 -8.91
C VAL A 1345 -62.84 -42.23 -8.14
N ILE A 1346 -64.00 -41.76 -8.63
CA ILE A 1346 -64.83 -40.75 -7.98
C ILE A 1346 -65.45 -41.26 -6.67
N ALA A 1347 -65.99 -42.49 -6.68
CA ALA A 1347 -66.63 -43.16 -5.55
C ALA A 1347 -65.65 -43.53 -4.42
N LYS A 1348 -64.46 -44.03 -4.80
CA LYS A 1348 -63.36 -44.31 -3.87
C LYS A 1348 -62.77 -43.03 -3.26
N LEU A 1349 -62.65 -41.94 -4.04
CA LEU A 1349 -62.16 -40.64 -3.57
C LEU A 1349 -63.18 -39.95 -2.64
N HIS A 1350 -64.48 -40.08 -2.93
CA HIS A 1350 -65.60 -39.64 -2.10
C HIS A 1350 -65.61 -40.34 -0.73
N ALA A 1351 -65.48 -41.68 -0.74
CA ALA A 1351 -65.39 -42.51 0.45
C ALA A 1351 -64.12 -42.26 1.27
N TYR A 1352 -62.99 -42.02 0.59
CA TYR A 1352 -61.70 -41.71 1.19
C TYR A 1352 -61.67 -40.32 1.86
N LEU A 1353 -62.31 -39.31 1.25
CA LEU A 1353 -62.43 -37.96 1.82
C LEU A 1353 -63.24 -37.90 3.12
N ASP A 1354 -64.18 -38.86 3.31
CA ASP A 1354 -64.94 -39.03 4.54
C ASP A 1354 -64.14 -39.79 5.62
N SER A 1355 -63.24 -40.71 5.20
CA SER A 1355 -62.33 -41.42 6.12
C SER A 1355 -61.16 -40.54 6.60
N VAL A 1356 -60.79 -39.53 5.79
CA VAL A 1356 -59.82 -38.48 6.13
C VAL A 1356 -60.44 -37.49 7.15
N VAL A 1357 -59.62 -37.14 8.16
CA VAL A 1357 -59.97 -36.26 9.26
C VAL A 1357 -58.95 -35.11 9.30
N LEU A 1358 -59.45 -33.88 9.49
CA LEU A 1358 -58.65 -32.69 9.81
C LEU A 1358 -59.41 -31.84 10.84
N LYS A 1359 -58.67 -31.37 11.86
CA LYS A 1359 -59.16 -30.54 12.96
C LYS A 1359 -58.20 -29.38 13.24
N GLY A 1360 -58.71 -28.38 14.00
CA GLY A 1360 -58.00 -27.17 14.36
C GLY A 1360 -58.27 -26.12 13.28
N ILE A 1361 -57.71 -26.36 12.09
CA ILE A 1361 -58.01 -25.61 10.87
C ILE A 1361 -59.34 -26.05 10.22
N ALA A 1362 -59.92 -25.15 9.43
CA ALA A 1362 -60.95 -25.46 8.43
C ALA A 1362 -60.28 -25.89 7.12
N THR A 1363 -61.01 -26.67 6.30
CA THR A 1363 -60.53 -27.19 5.02
C THR A 1363 -61.64 -27.12 3.95
N ASN A 1364 -61.22 -27.14 2.67
CA ASN A 1364 -62.08 -27.08 1.48
C ASN A 1364 -62.93 -28.34 1.22
N ILE A 1365 -62.74 -29.38 2.03
CA ILE A 1365 -63.35 -30.71 1.90
C ILE A 1365 -64.89 -30.81 1.84
N PRO A 1366 -65.67 -29.91 2.52
CA PRO A 1366 -67.12 -29.84 2.33
C PRO A 1366 -67.59 -29.53 0.89
N LEU A 1367 -66.80 -28.72 0.14
CA LEU A 1367 -67.01 -28.48 -1.29
C LEU A 1367 -66.57 -29.71 -2.14
N LEU A 1368 -65.39 -30.28 -1.85
CA LEU A 1368 -64.82 -31.40 -2.62
C LEU A 1368 -65.72 -32.65 -2.65
N LYS A 1369 -66.32 -32.99 -1.50
CA LYS A 1369 -67.28 -34.07 -1.33
C LYS A 1369 -68.57 -33.88 -2.17
N LEU A 1370 -69.05 -32.64 -2.30
CA LEU A 1370 -70.26 -32.28 -3.04
C LEU A 1370 -70.07 -32.29 -4.57
N ILE A 1371 -68.87 -31.97 -5.07
CA ILE A 1371 -68.51 -32.11 -6.50
C ILE A 1371 -68.49 -33.58 -6.93
N LEU A 1372 -67.99 -34.47 -6.05
CA LEU A 1372 -67.95 -35.92 -6.25
C LEU A 1372 -69.33 -36.60 -6.11
N SER A 1373 -70.33 -35.90 -5.56
CA SER A 1373 -71.72 -36.35 -5.47
C SER A 1373 -72.67 -35.55 -6.40
N ASP A 1374 -72.12 -34.70 -7.29
CA ASP A 1374 -72.86 -34.03 -8.35
C ASP A 1374 -73.06 -35.00 -9.53
N GLY A 1375 -74.29 -35.01 -10.09
CA GLY A 1375 -74.68 -35.86 -11.22
C GLY A 1375 -73.98 -35.44 -12.52
N THR A 1376 -73.87 -34.13 -12.80
CA THR A 1376 -73.19 -33.60 -14.01
C THR A 1376 -71.69 -33.89 -14.04
N PHE A 1377 -71.02 -33.82 -12.88
CA PHE A 1377 -69.62 -34.19 -12.70
C PHE A 1377 -69.40 -35.70 -12.82
N LYS A 1378 -70.31 -36.54 -12.29
CA LYS A 1378 -70.26 -38.01 -12.39
C LYS A 1378 -70.46 -38.53 -13.82
N GLU A 1379 -71.28 -37.83 -14.63
CA GLU A 1379 -71.41 -38.05 -16.08
C GLU A 1379 -70.21 -37.53 -16.87
N GLY A 1380 -69.44 -36.58 -16.29
CA GLY A 1380 -68.25 -35.98 -16.89
C GLY A 1380 -68.63 -34.88 -17.88
N VAL A 1381 -69.72 -34.15 -17.65
CA VAL A 1381 -70.21 -33.09 -18.53
C VAL A 1381 -70.07 -31.75 -17.77
N TYR A 1382 -69.05 -30.98 -18.16
CA TYR A 1382 -68.68 -29.71 -17.54
C TYR A 1382 -67.72 -28.92 -18.47
N ASP A 1383 -67.23 -27.76 -17.99
CA ASP A 1383 -66.22 -26.92 -18.65
C ASP A 1383 -65.39 -26.22 -17.55
N THR A 1384 -64.43 -25.36 -17.92
CA THR A 1384 -63.56 -24.68 -16.95
C THR A 1384 -64.29 -23.70 -15.98
N ASN A 1385 -65.46 -23.20 -16.37
CA ASN A 1385 -66.29 -22.27 -15.58
C ASN A 1385 -67.40 -22.98 -14.77
N TYR A 1386 -67.32 -24.31 -14.64
CA TYR A 1386 -68.23 -25.13 -13.83
C TYR A 1386 -68.22 -24.78 -12.33
N LEU A 1387 -67.02 -24.63 -11.73
CA LEU A 1387 -66.87 -24.52 -10.28
C LEU A 1387 -67.49 -23.28 -9.61
N PRO A 1388 -67.31 -22.03 -10.12
CA PRO A 1388 -67.96 -20.85 -9.53
C PRO A 1388 -69.50 -20.82 -9.68
N ARG A 1389 -70.02 -21.41 -10.77
CA ARG A 1389 -71.46 -21.65 -10.96
C ARG A 1389 -72.00 -22.65 -9.92
N PHE A 1390 -71.27 -23.77 -9.70
CA PHE A 1390 -71.65 -24.83 -8.76
C PHE A 1390 -71.59 -24.43 -7.28
N MET A 1391 -70.62 -23.56 -6.91
CA MET A 1391 -70.52 -22.96 -5.58
C MET A 1391 -71.67 -21.97 -5.26
N ALA A 1392 -72.27 -21.37 -6.31
CA ALA A 1392 -73.47 -20.54 -6.21
C ALA A 1392 -74.78 -21.36 -6.11
N GLU A 1393 -74.72 -22.67 -6.43
CA GLU A 1393 -75.84 -23.62 -6.26
C GLU A 1393 -75.84 -24.31 -4.87
N PRO B 18 11.37 -17.61 9.65
CA PRO B 18 10.46 -16.41 9.77
C PRO B 18 11.33 -15.14 9.76
N LEU B 19 10.69 -14.00 9.42
CA LEU B 19 11.34 -12.71 9.24
C LEU B 19 12.06 -12.19 10.48
N PHE B 20 11.42 -12.31 11.66
CA PHE B 20 11.93 -11.83 12.95
C PHE B 20 13.22 -12.53 13.40
N LEU B 21 13.28 -13.86 13.21
CA LEU B 21 14.44 -14.70 13.47
C LEU B 21 15.62 -14.38 12.53
N GLN B 22 15.31 -14.15 11.24
CA GLN B 22 16.26 -13.82 10.18
C GLN B 22 16.75 -12.35 10.22
N ALA B 23 15.93 -11.43 10.72
CA ALA B 23 16.22 -10.00 10.84
C ALA B 23 17.32 -9.69 11.85
N GLU B 24 17.32 -10.41 12.99
CA GLU B 24 18.41 -10.38 13.95
C GLU B 24 19.68 -11.08 13.44
N HIS B 25 19.51 -12.23 12.78
CA HIS B 25 20.60 -13.06 12.23
C HIS B 25 21.42 -12.32 11.15
N LEU B 26 20.75 -11.74 10.15
CA LEU B 26 21.39 -11.01 9.05
C LEU B 26 22.05 -9.70 9.50
N ALA B 27 21.47 -9.01 10.49
CA ALA B 27 22.04 -7.79 11.08
C ALA B 27 23.23 -8.09 12.01
N LYS B 28 23.22 -9.27 12.65
CA LYS B 28 24.32 -9.85 13.44
C LYS B 28 25.50 -10.29 12.55
N ASP B 29 25.20 -10.83 11.36
CA ASP B 29 26.16 -11.15 10.31
C ASP B 29 26.78 -9.90 9.67
N PHE B 30 25.96 -8.85 9.48
CA PHE B 30 26.43 -7.53 9.02
C PHE B 30 27.39 -6.82 9.99
N SER B 31 27.22 -7.05 11.30
CA SER B 31 28.10 -6.50 12.35
C SER B 31 29.48 -7.20 12.45
N LEU B 32 29.63 -8.41 11.87
CA LEU B 32 30.91 -9.13 11.81
C LEU B 32 31.92 -8.47 10.85
N PHE B 33 31.45 -7.93 9.71
CA PHE B 33 32.27 -7.31 8.68
C PHE B 33 31.60 -6.03 8.13
N PRO B 34 31.88 -4.85 8.72
CA PRO B 34 31.34 -3.58 8.22
C PRO B 34 31.79 -3.13 6.81
N LYS B 35 33.07 -3.31 6.46
CA LYS B 35 33.70 -2.67 5.28
C LYS B 35 33.16 -3.06 3.89
N HIS B 36 32.96 -4.37 3.65
CA HIS B 36 32.51 -4.90 2.35
C HIS B 36 31.03 -5.34 2.38
N SER B 37 30.26 -4.80 3.33
CA SER B 37 28.80 -4.96 3.48
C SER B 37 28.02 -4.35 2.30
N LYS B 38 26.82 -4.89 2.05
CA LYS B 38 25.88 -4.43 1.01
C LYS B 38 24.98 -3.25 1.47
N GLN B 39 25.18 -2.76 2.70
CA GLN B 39 24.42 -1.65 3.29
C GLN B 39 24.89 -0.24 2.87
N SER B 40 26.01 -0.15 2.13
CA SER B 40 26.62 1.11 1.70
C SER B 40 25.83 1.74 0.53
N LEU B 41 25.01 2.76 0.84
CA LEU B 41 24.22 3.53 -0.12
C LEU B 41 24.76 4.96 -0.31
N SER B 42 25.65 5.43 0.59
CA SER B 42 26.24 6.77 0.54
C SER B 42 27.23 7.02 -0.61
N GLU B 43 27.74 5.94 -1.24
CA GLU B 43 28.51 6.01 -2.47
C GLU B 43 27.71 6.54 -3.68
N GLU B 44 26.38 6.32 -3.68
CA GLU B 44 25.48 6.72 -4.77
C GLU B 44 24.82 8.10 -4.58
N ILE B 45 24.91 8.67 -3.37
CA ILE B 45 24.27 9.95 -3.03
C ILE B 45 25.16 11.13 -3.46
N LYS B 46 24.56 12.07 -4.22
CA LYS B 46 25.22 13.29 -4.68
C LYS B 46 25.00 14.42 -3.67
N GLY B 47 26.09 15.13 -3.35
CA GLY B 47 26.09 16.28 -2.45
C GLY B 47 26.83 16.01 -1.13
N LEU B 48 27.45 14.83 -0.96
CA LEU B 48 28.27 14.49 0.20
C LEU B 48 29.74 14.89 -0.02
N LEU B 49 30.45 15.10 1.11
CA LEU B 49 31.91 15.03 1.19
C LEU B 49 32.37 13.59 0.92
N ASN B 50 33.31 13.45 -0.02
CA ASN B 50 33.96 12.18 -0.36
C ASN B 50 34.97 11.74 0.73
N ASP B 51 35.38 10.46 0.67
CA ASP B 51 36.37 9.84 1.55
C ASP B 51 37.69 10.62 1.63
N ASP B 52 38.23 11.06 0.49
CA ASP B 52 39.48 11.84 0.38
C ASP B 52 39.46 13.17 1.14
N ALA B 53 38.36 13.93 1.07
CA ALA B 53 38.18 15.19 1.81
C ALA B 53 38.10 14.97 3.32
N ILE B 54 37.44 13.87 3.73
CA ILE B 54 37.26 13.47 5.12
C ILE B 54 38.56 12.97 5.77
N GLN B 55 39.44 12.27 5.01
CA GLN B 55 40.76 11.81 5.48
C GLN B 55 41.72 12.96 5.82
N ALA B 56 41.71 14.01 4.98
CA ALA B 56 42.49 15.24 5.19
C ALA B 56 42.07 16.00 6.45
N ASN B 57 40.75 16.03 6.73
CA ASN B 57 40.18 16.61 7.94
C ASN B 57 40.44 15.76 9.20
N LEU B 58 40.54 14.42 9.07
CA LEU B 58 40.91 13.52 10.17
C LEU B 58 42.37 13.71 10.62
N LYS B 59 43.28 14.03 9.66
CA LYS B 59 44.65 14.46 9.94
C LYS B 59 44.69 15.81 10.68
N ASP B 60 43.83 16.76 10.25
CA ASP B 60 43.67 18.08 10.87
C ASP B 60 43.09 18.00 12.30
N LEU B 61 42.08 17.16 12.53
CA LEU B 61 41.46 16.91 13.84
C LEU B 61 42.41 16.20 14.82
N ALA B 62 43.30 15.34 14.30
CA ALA B 62 44.35 14.67 15.07
C ALA B 62 45.50 15.63 15.45
N SER B 63 45.90 16.51 14.52
CA SER B 63 47.00 17.47 14.69
C SER B 63 46.61 18.73 15.50
N LEU B 64 45.32 19.10 15.49
CA LEU B 64 44.75 20.11 16.38
C LEU B 64 44.75 19.59 17.83
N ASP B 65 44.97 20.52 18.78
CA ASP B 65 44.67 20.31 20.19
C ASP B 65 43.14 20.26 20.41
N VAL B 66 42.73 19.95 21.66
CA VAL B 66 41.32 19.90 22.06
C VAL B 66 40.56 21.23 21.84
N ASP B 67 41.21 22.38 22.04
CA ASP B 67 40.63 23.72 21.82
C ASP B 67 40.32 23.99 20.34
N GLY B 68 41.21 23.55 19.42
CA GLY B 68 41.05 23.68 17.97
C GLY B 68 39.99 22.71 17.42
N TYR B 69 39.86 21.52 18.04
CA TYR B 69 38.82 20.54 17.76
C TYR B 69 37.42 21.08 18.10
N VAL B 70 37.29 21.68 19.31
CA VAL B 70 36.08 22.32 19.83
C VAL B 70 35.60 23.50 18.97
N ALA B 71 36.54 24.32 18.45
CA ALA B 71 36.24 25.46 17.58
C ALA B 71 35.77 25.07 16.17
N LYS B 72 36.30 23.96 15.63
CA LYS B 72 35.91 23.40 14.33
C LYS B 72 34.54 22.70 14.36
N VAL B 73 34.30 21.89 15.41
CA VAL B 73 33.17 20.96 15.47
C VAL B 73 32.00 21.52 16.30
N ILE B 74 32.28 21.93 17.55
CA ILE B 74 31.26 22.16 18.56
C ILE B 74 30.71 23.60 18.55
N GLN B 75 31.60 24.60 18.41
CA GLN B 75 31.26 26.04 18.42
C GLN B 75 30.26 26.55 17.37
N PRO B 76 30.22 26.01 16.13
CA PRO B 76 29.20 26.40 15.13
C PRO B 76 27.74 26.07 15.49
N THR B 77 27.51 25.08 16.36
CA THR B 77 26.17 24.76 16.89
C THR B 77 25.81 25.60 18.15
N GLN B 78 26.79 26.33 18.71
CA GLN B 78 26.60 27.32 19.77
C GLN B 78 26.25 28.72 19.24
N ASP B 79 26.32 28.91 17.90
CA ASP B 79 25.88 30.08 17.16
C ASP B 79 24.35 30.25 17.31
N LYS B 80 23.94 31.33 17.99
CA LYS B 80 22.54 31.66 18.28
C LYS B 80 21.79 32.25 17.07
N GLY B 81 22.52 32.67 16.02
CA GLY B 81 21.97 33.25 14.79
C GLY B 81 21.92 32.23 13.64
N ARG B 82 22.32 30.97 13.87
CA ARG B 82 22.33 29.85 12.92
C ARG B 82 20.95 29.61 12.27
N PRO B 83 20.83 29.60 10.92
CA PRO B 83 19.58 29.30 10.19
C PRO B 83 18.82 28.06 10.68
N GLY B 84 17.54 28.27 11.02
CA GLY B 84 16.65 27.31 11.66
C GLY B 84 16.27 26.15 10.73
N ALA B 85 15.62 25.14 11.33
CA ALA B 85 15.17 23.92 10.68
C ALA B 85 14.02 24.15 9.67
N LYS B 86 13.13 25.11 9.93
CA LYS B 86 12.13 25.62 8.98
C LYS B 86 12.77 26.31 7.76
N ARG B 87 13.81 27.12 8.01
CA ARG B 87 14.52 27.91 7.00
C ARG B 87 15.36 27.04 6.05
N ILE B 88 15.96 25.96 6.57
CA ILE B 88 16.69 24.93 5.82
C ILE B 88 15.76 24.15 4.86
N ILE B 89 14.53 23.84 5.31
CA ILE B 89 13.46 23.25 4.50
C ILE B 89 12.95 24.22 3.41
N ALA B 90 12.83 25.51 3.75
CA ALA B 90 12.37 26.56 2.84
C ALA B 90 13.35 26.84 1.67
N ASP B 91 14.67 26.72 1.94
CA ASP B 91 15.74 26.84 0.94
C ASP B 91 15.90 25.63 -0.01
N LEU B 92 15.08 24.57 0.14
CA LEU B 92 14.90 23.54 -0.90
C LEU B 92 14.22 24.10 -2.16
N LYS B 93 13.40 25.15 -2.00
CA LYS B 93 12.58 25.81 -3.03
C LYS B 93 11.54 24.87 -3.67
N GLY B 94 10.98 23.98 -2.83
CA GLY B 94 9.82 23.16 -3.17
C GLY B 94 8.53 23.96 -2.94
N ARG B 95 7.39 23.30 -3.15
CA ARG B 95 6.05 23.85 -2.95
C ARG B 95 5.57 23.47 -1.54
N LEU B 96 5.40 24.48 -0.65
CA LEU B 96 4.81 24.29 0.67
C LEU B 96 3.31 23.99 0.54
N ILE B 97 2.88 22.85 1.11
CA ILE B 97 1.48 22.43 1.13
C ILE B 97 0.83 22.84 2.46
N THR B 98 1.42 22.40 3.59
CA THR B 98 1.03 22.76 4.94
C THR B 98 2.26 22.68 5.86
N GLU B 99 2.17 23.43 6.97
CA GLU B 99 3.13 23.39 8.07
C GLU B 99 2.36 23.33 9.40
N THR B 100 2.90 22.51 10.32
CA THR B 100 2.47 22.35 11.69
C THR B 100 3.62 22.85 12.58
N HIS B 101 3.35 23.78 13.49
CA HIS B 101 4.39 24.39 14.31
C HIS B 101 3.85 24.73 15.70
N LEU B 102 4.56 24.27 16.72
CA LEU B 102 4.37 24.61 18.13
C LEU B 102 5.72 24.52 18.83
N GLY B 103 6.11 25.60 19.52
CA GLY B 103 7.36 25.70 20.30
C GLY B 103 8.59 25.39 19.46
N SER B 104 9.35 24.37 19.88
CA SER B 104 10.56 23.85 19.23
C SER B 104 10.29 22.66 18.29
N PHE B 105 9.03 22.21 18.17
CA PHE B 105 8.58 21.26 17.15
C PHE B 105 8.18 22.01 15.88
N TYR B 106 8.75 21.58 14.75
CA TYR B 106 8.27 21.92 13.43
C TYR B 106 7.98 20.61 12.69
N SER B 107 6.95 20.65 11.85
CA SER B 107 6.68 19.65 10.82
C SER B 107 6.09 20.37 9.61
N ALA B 108 6.33 19.80 8.44
CA ALA B 108 5.88 20.35 7.18
C ALA B 108 5.69 19.23 6.16
N GLU B 109 5.08 19.63 5.05
CA GLU B 109 4.72 18.77 3.94
C GLU B 109 5.02 19.60 2.70
N VAL B 110 6.16 19.30 2.07
CA VAL B 110 6.68 20.06 0.95
C VAL B 110 6.76 19.14 -0.27
N GLU B 111 6.18 19.62 -1.38
CA GLU B 111 6.20 18.95 -2.66
C GLU B 111 7.45 19.39 -3.44
N LEU B 112 8.50 18.56 -3.38
CA LEU B 112 9.81 18.80 -3.96
C LEU B 112 9.91 18.09 -5.33
N ASN B 113 10.54 18.77 -6.30
CA ASN B 113 10.86 18.21 -7.61
C ASN B 113 12.06 17.25 -7.50
N PHE B 114 11.82 15.97 -7.81
CA PHE B 114 12.81 14.88 -7.83
C PHE B 114 13.53 14.72 -9.18
N GLY B 115 13.14 15.52 -10.19
CA GLY B 115 13.72 15.54 -11.53
C GLY B 115 12.71 14.93 -12.52
N SER B 116 12.24 13.70 -12.22
CA SER B 116 11.22 12.98 -13.00
C SER B 116 9.81 13.59 -12.89
N ARG B 117 9.48 14.06 -11.68
CA ARG B 117 8.20 14.66 -11.28
C ARG B 117 8.39 15.28 -9.90
N THR B 118 7.35 16.01 -9.46
CA THR B 118 7.24 16.51 -8.09
C THR B 118 6.54 15.49 -7.18
N ARG B 119 6.95 15.48 -5.90
CA ARG B 119 6.59 14.49 -4.90
C ARG B 119 6.45 15.15 -3.54
N ARG B 120 5.36 14.83 -2.82
CA ARG B 120 5.21 15.22 -1.41
C ARG B 120 6.11 14.37 -0.51
N ILE B 121 6.92 15.10 0.25
CA ILE B 121 7.83 14.58 1.25
C ILE B 121 7.46 15.29 2.56
N GLY B 122 7.21 14.49 3.60
CA GLY B 122 7.00 14.97 4.96
C GLY B 122 8.36 15.36 5.56
N PHE B 123 8.36 16.41 6.38
CA PHE B 123 9.53 16.88 7.11
C PHE B 123 9.11 16.99 8.58
N ILE B 124 9.93 16.44 9.50
CA ILE B 124 9.74 16.57 10.94
C ILE B 124 11.07 17.04 11.52
N ALA B 125 11.04 18.13 12.28
CA ALA B 125 12.22 18.94 12.52
C ALA B 125 12.25 19.52 13.94
N GLN B 126 13.42 19.44 14.56
CA GLN B 126 13.73 20.13 15.82
C GLN B 126 14.22 21.54 15.49
N GLU B 127 13.40 22.54 15.83
CA GLU B 127 13.65 23.95 15.53
C GLU B 127 14.32 24.65 16.72
N ARG B 128 15.53 25.17 16.45
CA ARG B 128 16.45 25.77 17.43
C ARG B 128 16.16 27.24 17.80
N THR B 129 15.21 27.92 17.12
CA THR B 129 14.84 29.31 17.43
C THR B 129 14.01 29.46 18.73
N THR B 130 13.56 28.34 19.32
CA THR B 130 12.88 28.29 20.61
C THR B 130 13.48 27.14 21.43
N ALA B 131 13.84 27.42 22.70
CA ALA B 131 14.38 26.47 23.70
C ALA B 131 15.69 25.76 23.31
N ASN B 132 16.37 26.27 22.26
CA ASN B 132 17.55 25.70 21.57
C ASN B 132 17.23 24.38 20.83
N GLY B 133 15.97 23.94 20.81
CA GLY B 133 15.51 22.71 20.17
C GLY B 133 15.00 21.66 21.18
N ALA B 134 14.88 22.00 22.48
CA ALA B 134 14.48 21.07 23.54
C ALA B 134 12.97 20.74 23.52
N TRP B 135 12.62 19.49 23.16
CA TRP B 135 11.24 19.01 23.06
C TRP B 135 10.67 18.56 24.42
N MET B 136 9.43 18.99 24.68
CA MET B 136 8.56 18.52 25.78
C MET B 136 7.72 17.29 25.34
N PRO B 137 6.99 16.63 26.26
CA PRO B 137 6.14 15.46 25.94
C PRO B 137 5.08 15.66 24.83
N GLU B 138 4.44 16.83 24.78
CA GLU B 138 3.45 17.19 23.76
C GLU B 138 4.03 17.35 22.34
N HIS B 139 5.35 17.60 22.23
CA HIS B 139 6.08 17.61 20.96
C HIS B 139 6.38 16.20 20.42
N HIS B 140 6.66 15.24 21.32
CA HIS B 140 6.83 13.83 20.96
C HIS B 140 5.50 13.18 20.53
N TYR B 141 4.40 13.57 21.19
CA TYR B 141 3.03 13.18 20.79
C TYR B 141 2.56 13.87 19.49
N ALA B 142 3.03 15.12 19.22
CA ALA B 142 2.80 15.82 17.95
C ALA B 142 3.61 15.22 16.79
N ALA B 143 4.83 14.77 17.08
CA ALA B 143 5.69 14.02 16.16
C ALA B 143 5.11 12.64 15.83
N CYS B 144 4.51 11.96 16.83
CA CYS B 144 3.77 10.71 16.65
C CYS B 144 2.57 10.91 15.71
N LYS B 145 1.78 11.97 15.91
CA LYS B 145 0.66 12.33 15.05
C LYS B 145 1.07 12.57 13.58
N ALA B 146 2.20 13.26 13.37
CA ALA B 146 2.80 13.49 12.06
C ALA B 146 3.32 12.21 11.40
N ILE B 147 4.00 11.33 12.18
CA ILE B 147 4.50 10.02 11.76
C ILE B 147 3.39 9.05 11.33
N ARG B 148 2.26 9.04 12.06
CA ARG B 148 1.01 8.33 11.70
C ARG B 148 0.44 8.82 10.36
N HIS B 149 0.32 10.16 10.22
CA HIS B 149 -0.22 10.81 9.03
C HIS B 149 0.59 10.50 7.75
N PHE B 150 1.92 10.62 7.81
CA PHE B 150 2.80 10.34 6.68
C PHE B 150 2.86 8.87 6.27
N ALA B 151 2.67 7.94 7.23
CA ALA B 151 2.51 6.50 6.99
C ALA B 151 1.22 6.18 6.22
N GLU B 152 0.10 6.72 6.73
CA GLU B 152 -1.24 6.61 6.14
C GLU B 152 -1.36 7.24 4.74
N LEU B 153 -0.66 8.37 4.53
CA LEU B 153 -0.70 9.17 3.31
C LEU B 153 0.46 8.89 2.35
N SER B 154 1.23 7.79 2.57
CA SER B 154 2.26 7.27 1.65
C SER B 154 3.41 8.25 1.33
N MET B 155 3.84 9.05 2.33
CA MET B 155 4.82 10.12 2.15
C MET B 155 6.15 9.75 2.83
N PRO B 156 7.28 9.70 2.08
CA PRO B 156 8.65 9.72 2.66
C PRO B 156 8.87 10.85 3.68
N ILE B 157 9.50 10.52 4.80
CA ILE B 157 9.85 11.46 5.88
C ILE B 157 11.34 11.82 5.81
N VAL B 158 11.67 13.08 6.10
CA VAL B 158 13.03 13.52 6.35
C VAL B 158 13.06 14.15 7.76
N TYR B 159 13.77 13.50 8.68
CA TYR B 159 13.99 14.02 10.02
C TYR B 159 15.14 15.04 10.01
N LEU B 160 14.96 16.15 10.72
CA LEU B 160 16.01 17.14 10.98
C LEU B 160 16.25 17.20 12.49
N ILE B 161 17.50 16.96 12.90
CA ILE B 161 17.89 16.82 14.31
C ILE B 161 18.76 18.02 14.72
N ASP B 162 18.30 18.75 15.75
CA ASP B 162 18.96 19.92 16.30
C ASP B 162 18.34 20.24 17.68
N THR B 163 19.06 19.89 18.76
CA THR B 163 18.56 19.93 20.13
C THR B 163 19.74 19.82 21.14
N PRO B 164 19.61 20.45 22.34
CA PRO B 164 20.43 20.09 23.51
C PRO B 164 20.04 18.74 24.17
N GLY B 165 19.00 18.09 23.63
CA GLY B 165 18.31 16.94 24.19
C GLY B 165 16.90 17.40 24.57
N ALA B 166 15.94 16.47 24.57
CA ALA B 166 14.57 16.67 25.07
C ALA B 166 14.57 17.06 26.56
N ASP B 167 13.65 17.95 26.96
CA ASP B 167 13.56 18.50 28.31
C ASP B 167 13.31 17.38 29.33
N ALA B 168 14.23 17.25 30.30
CA ALA B 168 14.21 16.22 31.34
C ALA B 168 13.76 16.75 32.70
N GLY B 169 13.11 17.93 32.72
CA GLY B 169 12.65 18.65 33.91
C GLY B 169 11.49 17.94 34.63
N GLU B 170 11.05 18.55 35.74
CA GLU B 170 10.01 18.02 36.63
C GLU B 170 8.63 17.91 35.96
N VAL B 171 8.25 18.93 35.17
CA VAL B 171 6.97 18.95 34.45
C VAL B 171 6.94 17.91 33.31
N ALA B 172 8.11 17.65 32.69
CA ALA B 172 8.30 16.61 31.67
C ALA B 172 8.01 15.21 32.23
N ASN B 173 8.63 14.84 33.37
CA ASN B 173 8.43 13.54 34.01
C ASN B 173 7.06 13.39 34.70
N SER B 174 6.45 14.51 35.14
CA SER B 174 5.06 14.56 35.62
C SER B 174 4.04 14.32 34.49
N GLN B 175 4.33 14.85 33.28
CA GLN B 175 3.62 14.59 32.03
C GLN B 175 4.01 13.26 31.34
N ASN B 176 4.96 12.51 31.94
CA ASN B 176 5.40 11.18 31.53
C ASN B 176 6.23 11.21 30.22
N GLN B 177 7.32 12.00 30.23
CA GLN B 177 8.29 12.14 29.15
C GLN B 177 8.90 10.81 28.69
N ALA B 178 9.14 9.90 29.65
CA ALA B 178 9.64 8.54 29.44
C ALA B 178 8.78 7.70 28.48
N HIS B 179 7.44 7.71 28.65
CA HIS B 179 6.49 7.07 27.73
C HIS B 179 6.34 7.79 26.39
N SER B 180 6.41 9.14 26.38
CA SER B 180 6.27 9.95 25.16
C SER B 180 7.43 9.75 24.17
N ILE B 181 8.66 9.65 24.71
CA ILE B 181 9.90 9.38 23.99
C ILE B 181 9.89 7.95 23.40
N SER B 182 9.55 6.95 24.23
CA SER B 182 9.53 5.53 23.84
C SER B 182 8.41 5.19 22.84
N LYS B 183 7.27 5.90 22.91
CA LYS B 183 6.19 5.85 21.93
C LYS B 183 6.64 6.41 20.57
N ALA B 184 7.41 7.52 20.57
CA ALA B 184 7.99 8.13 19.38
C ALA B 184 9.09 7.29 18.72
N ILE B 185 9.92 6.60 19.52
CA ILE B 185 10.93 5.65 19.03
C ILE B 185 10.27 4.38 18.45
N ALA B 186 9.20 3.90 19.09
CA ALA B 186 8.40 2.76 18.64
C ALA B 186 7.73 3.03 17.28
N GLU B 187 7.05 4.18 17.14
CA GLU B 187 6.39 4.57 15.90
C GLU B 187 7.34 4.92 14.75
N SER B 188 8.51 5.53 15.05
CA SER B 188 9.55 5.82 14.05
C SER B 188 10.24 4.55 13.54
N ALA B 189 10.57 3.61 14.45
CA ALA B 189 11.18 2.31 14.13
C ALA B 189 10.32 1.43 13.22
N ASN B 190 8.99 1.64 13.27
CA ASN B 190 7.96 0.81 12.64
C ASN B 190 7.11 1.60 11.61
N VAL B 191 7.55 2.81 11.20
CA VAL B 191 6.86 3.60 10.17
C VAL B 191 7.11 3.03 8.76
N ASP B 192 6.10 3.12 7.89
CA ASP B 192 6.03 2.36 6.64
C ASP B 192 6.28 3.22 5.40
N VAL B 193 7.27 4.12 5.53
CA VAL B 193 7.74 5.06 4.51
C VAL B 193 9.25 5.29 4.72
N PRO B 194 10.01 5.69 3.66
CA PRO B 194 11.43 6.06 3.79
C PRO B 194 11.67 7.19 4.80
N THR B 195 12.51 6.93 5.80
CA THR B 195 12.94 7.93 6.79
C THR B 195 14.43 8.20 6.56
N VAL B 196 14.77 9.49 6.38
CA VAL B 196 16.15 9.95 6.23
C VAL B 196 16.42 11.02 7.30
N GLY B 197 17.21 10.66 8.31
CA GLY B 197 17.66 11.62 9.32
C GLY B 197 18.80 12.46 8.76
N ILE B 198 18.88 13.73 9.16
CA ILE B 198 19.91 14.67 8.76
C ILE B 198 20.19 15.57 9.99
N VAL B 199 21.39 15.43 10.55
CA VAL B 199 21.84 16.18 11.72
C VAL B 199 22.30 17.59 11.28
N ILE B 200 21.42 18.58 11.47
CA ILE B 200 21.62 19.96 11.01
C ILE B 200 22.27 20.87 12.08
N GLY B 201 22.41 20.36 13.31
CA GLY B 201 23.16 20.99 14.38
C GLY B 201 23.51 19.85 15.33
N ALA B 202 22.99 19.88 16.56
CA ALA B 202 23.35 18.95 17.64
C ALA B 202 22.28 17.87 17.88
N GLY B 203 22.67 16.60 18.03
CA GLY B 203 21.73 15.52 18.36
C GLY B 203 22.25 14.75 19.57
N TYR B 204 21.45 14.72 20.66
CA TYR B 204 21.82 14.09 21.93
C TYR B 204 20.65 13.26 22.50
N SER B 205 21.00 12.05 22.97
CA SER B 205 20.20 11.13 23.80
C SER B 205 18.80 10.79 23.25
N GLY B 206 17.84 10.58 24.17
CA GLY B 206 16.46 10.18 23.94
C GLY B 206 15.65 11.18 23.10
N GLY B 207 16.05 12.46 23.04
CA GLY B 207 15.37 13.49 22.25
C GLY B 207 15.77 13.42 20.76
N ALA B 208 16.95 12.88 20.45
CA ALA B 208 17.48 12.79 19.08
C ALA B 208 17.31 11.40 18.45
N ILE B 209 17.33 10.32 19.24
CA ILE B 209 17.24 8.95 18.74
C ILE B 209 15.93 8.48 18.06
N PRO B 210 14.71 9.01 18.38
CA PRO B 210 13.52 8.72 17.54
C PRO B 210 13.62 9.32 16.12
N LEU B 211 14.32 10.46 16.01
CA LEU B 211 14.53 11.17 14.76
C LEU B 211 15.79 10.68 14.01
N ALA B 212 16.73 10.04 14.71
CA ALA B 212 17.91 9.39 14.14
C ALA B 212 17.66 7.91 13.78
N ALA B 213 16.47 7.38 14.09
CA ALA B 213 15.99 6.06 13.66
C ALA B 213 15.56 6.11 12.19
N ALA B 214 16.55 5.88 11.31
CA ALA B 214 16.46 6.17 9.88
C ALA B 214 16.98 5.00 9.03
N ASN B 215 16.58 5.01 7.74
CA ASN B 215 17.11 4.15 6.69
C ASN B 215 18.48 4.66 6.20
N ILE B 216 18.68 5.99 6.23
CA ILE B 216 19.95 6.69 6.00
C ILE B 216 20.01 7.88 7.00
N LEU B 217 21.07 7.98 7.79
CA LEU B 217 21.32 9.11 8.71
C LEU B 217 22.51 9.91 8.20
N LEU B 218 22.28 11.19 7.85
CA LEU B 218 23.28 12.14 7.40
C LEU B 218 23.64 13.14 8.52
N SER B 219 24.62 13.99 8.21
CA SER B 219 24.94 15.21 8.96
C SER B 219 25.24 16.33 7.96
N LEU B 220 25.19 17.58 8.45
CA LEU B 220 25.79 18.73 7.78
C LEU B 220 27.27 18.87 8.19
N ARG B 221 28.01 19.70 7.44
CA ARG B 221 29.45 19.91 7.55
C ARG B 221 29.97 20.31 8.95
N ASP B 222 29.12 20.97 9.76
CA ASP B 222 29.47 21.58 11.05
C ASP B 222 28.43 21.22 12.15
N GLY B 223 27.84 20.03 12.05
CA GLY B 223 26.94 19.48 13.06
C GLY B 223 27.71 18.72 14.16
N ILE B 224 26.96 18.14 15.10
CA ILE B 224 27.43 17.27 16.18
C ILE B 224 26.39 16.14 16.37
N PHE B 225 26.86 14.93 16.70
CA PHE B 225 25.99 13.86 17.20
C PHE B 225 26.78 13.04 18.24
N ASN B 226 26.25 12.96 19.48
CA ASN B 226 26.89 12.28 20.61
C ASN B 226 25.82 11.68 21.53
N THR B 227 26.24 10.84 22.49
CA THR B 227 25.37 10.19 23.48
C THR B 227 24.60 11.19 24.38
N ILE B 228 25.35 12.17 24.89
CA ILE B 228 24.85 13.36 25.61
C ILE B 228 25.76 14.54 25.22
N GLN B 229 25.37 15.77 25.61
CA GLN B 229 26.16 16.99 25.31
C GLN B 229 27.59 16.89 25.91
N PRO B 230 28.61 17.44 25.21
CA PRO B 230 30.00 17.53 25.72
C PRO B 230 30.19 17.99 27.18
N GLN B 231 29.40 19.00 27.59
CA GLN B 231 29.39 19.57 28.95
C GLN B 231 28.78 18.62 30.02
N GLY B 232 27.93 17.66 29.59
CA GLY B 232 27.29 16.66 30.44
C GLY B 232 28.25 15.51 30.80
N LEU B 233 29.39 15.40 30.10
CA LEU B 233 30.50 14.48 30.42
C LEU B 233 31.36 14.99 31.60
N GLN B 234 31.08 16.19 32.16
CA GLN B 234 31.79 16.81 33.27
C GLN B 234 31.81 15.98 34.57
N SER B 235 30.68 15.30 34.88
CA SER B 235 30.56 14.37 36.01
C SER B 235 31.51 13.16 35.92
N ILE B 236 31.69 12.67 34.69
CA ILE B 236 32.63 11.59 34.35
C ILE B 236 34.08 12.10 34.28
N ALA B 237 34.27 13.36 33.86
CA ALA B 237 35.56 14.05 33.84
C ALA B 237 36.14 14.28 35.25
N ARG B 238 35.27 14.51 36.26
CA ARG B 238 35.64 14.62 37.67
C ARG B 238 36.20 13.31 38.28
N LYS B 239 35.84 12.14 37.73
CA LYS B 239 36.37 10.84 38.17
C LYS B 239 37.86 10.67 37.85
N TYR B 240 38.25 11.12 36.64
CA TYR B 240 39.57 10.90 36.05
C TYR B 240 40.47 12.16 36.09
N ASN B 241 39.97 13.26 36.67
CA ASN B 241 40.58 14.59 36.75
C ASN B 241 40.92 15.17 35.36
N LEU B 242 39.87 15.30 34.54
CA LEU B 242 39.92 15.86 33.20
C LEU B 242 38.99 17.09 33.13
N SER B 243 39.16 17.89 32.07
CA SER B 243 38.16 18.83 31.61
C SER B 243 37.05 18.09 30.83
N TRP B 244 35.86 18.72 30.70
CA TRP B 244 34.77 18.19 29.88
C TRP B 244 35.10 18.20 28.37
N GLN B 245 35.94 19.17 27.94
CA GLN B 245 36.42 19.32 26.56
C GLN B 245 37.24 18.12 26.08
N GLU B 246 38.18 17.65 26.93
CA GLU B 246 39.03 16.48 26.68
C GLU B 246 38.25 15.19 26.42
N CYS B 247 37.18 14.97 27.20
CA CYS B 247 36.28 13.81 27.09
C CYS B 247 35.57 13.73 25.73
N ALA B 248 35.10 14.87 25.21
CA ALA B 248 34.41 15.00 23.93
C ALA B 248 35.33 14.78 22.71
N LYS B 249 36.59 15.23 22.83
CA LYS B 249 37.66 14.99 21.85
C LYS B 249 38.12 13.53 21.81
N SER B 250 38.18 12.87 22.98
CA SER B 250 38.55 11.47 23.13
C SER B 250 37.53 10.50 22.52
N VAL B 251 36.23 10.80 22.71
CA VAL B 251 35.13 9.96 22.23
C VAL B 251 34.72 10.29 20.77
N GLY B 252 35.04 11.51 20.30
CA GLY B 252 34.96 11.92 18.91
C GLY B 252 33.53 12.28 18.49
N VAL B 253 33.15 13.56 18.64
CA VAL B 253 31.81 14.08 18.31
C VAL B 253 31.77 14.80 16.94
N SER B 254 32.89 14.80 16.20
CA SER B 254 33.05 15.32 14.83
C SER B 254 32.27 14.50 13.80
N PRO B 255 31.53 15.13 12.86
CA PRO B 255 30.95 14.45 11.69
C PRO B 255 31.88 13.51 10.90
N GLU B 256 33.18 13.87 10.80
CA GLU B 256 34.23 13.07 10.16
C GLU B 256 34.60 11.80 10.94
N GLU B 257 34.74 11.90 12.28
CA GLU B 257 34.96 10.74 13.15
C GLU B 257 33.71 9.87 13.36
N LEU B 258 32.52 10.48 13.25
CA LEU B 258 31.22 9.80 13.29
C LEU B 258 30.94 9.03 11.99
N TYR B 259 31.44 9.53 10.85
CA TYR B 259 31.42 8.85 9.55
C TYR B 259 32.37 7.64 9.55
N THR B 260 33.57 7.82 10.13
CA THR B 260 34.60 6.79 10.31
C THR B 260 34.15 5.66 11.27
N SER B 261 33.41 6.01 12.35
CA SER B 261 32.82 5.07 13.30
C SER B 261 31.44 4.52 12.85
N GLY B 262 30.95 4.94 11.68
CA GLY B 262 29.76 4.39 11.02
C GLY B 262 28.42 4.89 11.58
N CYS B 263 28.43 5.85 12.53
CA CYS B 263 27.25 6.47 13.14
C CYS B 263 26.35 7.19 12.13
N ILE B 264 26.98 7.90 11.17
CA ILE B 264 26.31 8.55 10.05
C ILE B 264 26.81 7.92 8.73
N ASP B 265 25.93 7.91 7.74
CA ASP B 265 26.16 7.44 6.38
C ASP B 265 26.93 8.46 5.52
N GLY B 266 26.69 9.76 5.72
CA GLY B 266 27.27 10.80 4.88
C GLY B 266 27.30 12.11 5.64
N ILE B 267 28.28 12.95 5.28
CA ILE B 267 28.36 14.34 5.68
C ILE B 267 28.04 15.13 4.40
N ILE B 268 26.88 15.81 4.36
CA ILE B 268 26.51 16.69 3.24
C ILE B 268 27.48 17.88 3.24
N ASP B 269 28.05 18.19 2.06
CA ASP B 269 28.84 19.41 1.85
C ASP B 269 27.87 20.60 1.74
N PHE B 270 27.37 21.00 2.90
CA PHE B 270 26.41 22.05 3.14
C PHE B 270 26.49 22.38 4.63
N SER B 271 26.68 23.68 4.92
CA SER B 271 26.40 24.31 6.20
C SER B 271 25.18 25.23 5.95
N PRO B 272 24.29 25.43 6.97
CA PRO B 272 23.02 26.18 6.78
C PRO B 272 23.10 27.59 6.15
N GLY B 273 24.26 28.26 6.20
CA GLY B 273 24.46 29.62 5.70
C GLY B 273 24.96 29.69 4.25
N ASP B 274 25.33 28.57 3.59
CA ASP B 274 25.94 28.52 2.25
C ASP B 274 25.07 29.13 1.14
N ARG B 275 25.72 29.89 0.24
CA ARG B 275 25.11 30.67 -0.84
C ARG B 275 25.61 30.33 -2.26
N ASP B 276 26.60 29.43 -2.39
CA ASP B 276 27.13 28.93 -3.67
C ASP B 276 26.40 27.62 -4.07
N GLU B 277 27.04 26.79 -4.93
CA GLU B 277 26.51 25.48 -5.35
C GLU B 277 26.50 24.41 -4.26
N ARG B 278 27.09 24.66 -3.08
CA ARG B 278 26.94 23.80 -1.90
C ARG B 278 25.55 23.90 -1.26
N GLN B 279 24.79 24.98 -1.52
CA GLN B 279 23.38 25.08 -1.15
C GLN B 279 22.48 24.19 -2.02
N HIS B 280 22.95 23.81 -3.23
CA HIS B 280 22.28 22.87 -4.13
C HIS B 280 22.48 21.40 -3.71
N ASN B 281 23.59 21.10 -3.00
CA ASN B 281 23.94 19.76 -2.51
C ASN B 281 22.91 19.19 -1.52
N LEU B 282 22.29 20.05 -0.69
CA LEU B 282 21.23 19.75 0.26
C LEU B 282 20.01 19.07 -0.39
N ARG B 283 19.46 19.71 -1.45
CA ARG B 283 18.33 19.21 -2.22
C ARG B 283 18.63 17.89 -2.94
N ARG B 284 19.80 17.82 -3.60
CA ARG B 284 20.28 16.64 -4.31
C ARG B 284 20.53 15.44 -3.38
N ALA B 285 21.07 15.71 -2.18
CA ALA B 285 21.30 14.72 -1.13
C ALA B 285 20.01 14.13 -0.56
N ILE B 286 18.96 14.95 -0.37
CA ILE B 286 17.62 14.48 0.02
C ILE B 286 16.92 13.63 -1.05
N ILE B 287 16.98 14.08 -2.32
CA ILE B 287 16.39 13.39 -3.47
C ILE B 287 17.04 12.01 -3.74
N SER B 288 18.38 11.99 -3.79
CA SER B 288 19.17 10.78 -4.04
C SER B 288 19.33 9.86 -2.81
N SER B 289 19.12 10.37 -1.58
CA SER B 289 18.94 9.54 -0.38
C SER B 289 17.64 8.75 -0.45
N ILE B 290 16.52 9.46 -0.70
CA ILE B 290 15.18 8.87 -0.78
C ILE B 290 15.02 7.91 -1.97
N GLU B 291 15.58 8.23 -3.15
CA GLU B 291 15.64 7.29 -4.26
C GLU B 291 16.52 6.06 -3.98
N ALA B 292 17.65 6.20 -3.26
CA ALA B 292 18.51 5.07 -2.85
C ALA B 292 17.83 4.11 -1.86
N VAL B 293 17.09 4.65 -0.87
CA VAL B 293 16.30 3.88 0.10
C VAL B 293 15.16 3.08 -0.57
N GLU B 294 14.52 3.70 -1.59
CA GLU B 294 13.48 3.09 -2.41
C GLU B 294 14.00 2.00 -3.35
N ARG B 295 15.15 2.21 -4.01
CA ARG B 295 15.84 1.18 -4.81
C ARG B 295 16.26 -0.04 -3.97
N ALA B 296 16.72 0.20 -2.73
CA ALA B 296 17.12 -0.83 -1.77
C ALA B 296 15.94 -1.70 -1.30
N ALA B 297 14.76 -1.09 -1.12
CA ALA B 297 13.51 -1.78 -0.80
C ALA B 297 13.00 -2.68 -1.94
N VAL B 298 13.17 -2.23 -3.20
CA VAL B 298 12.82 -2.98 -4.40
C VAL B 298 13.72 -4.22 -4.61
N ASN B 299 15.04 -4.06 -4.41
CA ASN B 299 16.02 -5.16 -4.45
C ASN B 299 15.75 -6.21 -3.36
N PHE B 300 15.45 -5.77 -2.13
CA PHE B 300 15.13 -6.66 -1.02
C PHE B 300 13.82 -7.44 -1.20
N VAL B 301 12.81 -6.84 -1.88
CA VAL B 301 11.57 -7.52 -2.24
C VAL B 301 11.78 -8.64 -3.30
N ARG B 302 12.70 -8.47 -4.26
CA ARG B 302 13.09 -9.56 -5.17
C ARG B 302 13.86 -10.69 -4.47
N GLU B 303 14.72 -10.33 -3.50
CA GLU B 303 15.56 -11.28 -2.76
C GLU B 303 14.82 -12.12 -1.71
N SER B 304 13.76 -11.58 -1.08
CA SER B 304 13.15 -12.17 0.11
C SER B 304 11.72 -12.66 -0.13
N LYS B 305 11.56 -14.00 -0.02
CA LYS B 305 10.26 -14.67 0.07
C LYS B 305 9.64 -14.56 1.46
N ASP B 306 10.48 -14.43 2.52
CA ASP B 306 10.06 -14.29 3.91
C ASP B 306 9.53 -12.89 4.25
N LEU B 307 9.85 -11.87 3.44
CA LEU B 307 9.19 -10.55 3.48
C LEU B 307 7.73 -10.62 2.99
N ARG B 308 7.46 -11.47 1.98
CA ARG B 308 6.12 -11.71 1.46
C ARG B 308 5.22 -12.37 2.52
N GLU B 309 5.76 -13.37 3.23
CA GLU B 309 5.10 -14.09 4.31
C GLU B 309 4.78 -13.18 5.51
N HIS B 310 5.68 -12.23 5.83
CA HIS B 310 5.46 -11.20 6.84
C HIS B 310 4.33 -10.22 6.49
N TYR B 311 4.20 -9.84 5.20
CA TYR B 311 3.11 -8.99 4.72
C TYR B 311 1.74 -9.67 4.84
N ASP B 312 1.69 -10.99 4.59
CA ASP B 312 0.50 -11.83 4.74
C ASP B 312 0.04 -11.94 6.20
N ARG B 313 0.97 -12.21 7.14
CA ARG B 313 0.69 -12.32 8.58
C ARG B 313 0.22 -10.99 9.18
N SER B 314 0.85 -9.87 8.77
CA SER B 314 0.49 -8.51 9.18
C SER B 314 -0.90 -8.08 8.69
N LEU B 315 -1.21 -8.39 7.42
CA LEU B 315 -2.49 -8.09 6.77
C LEU B 315 -3.64 -9.01 7.23
N ALA B 316 -3.32 -10.28 7.57
CA ALA B 316 -4.29 -11.29 8.04
C ALA B 316 -4.89 -10.99 9.42
N ARG B 317 -4.10 -10.36 10.32
CA ARG B 317 -4.60 -9.91 11.63
C ARG B 317 -5.39 -8.60 11.53
N PHE B 318 -5.18 -7.81 10.47
CA PHE B 318 -6.06 -6.70 10.09
C PHE B 318 -7.41 -7.17 9.52
N LEU B 319 -7.39 -8.30 8.78
CA LEU B 319 -8.61 -8.95 8.29
C LEU B 319 -9.43 -9.61 9.42
N ASN B 320 -8.81 -10.03 10.53
CA ASN B 320 -9.50 -10.70 11.64
C ASN B 320 -8.95 -10.16 12.97
N PRO B 321 -9.38 -8.96 13.39
CA PRO B 321 -8.87 -8.30 14.61
C PRO B 321 -9.50 -8.90 15.89
N SER B 322 -8.75 -9.82 16.54
CA SER B 322 -9.12 -10.42 17.83
C SER B 322 -9.17 -9.35 18.95
N LYS B 323 -10.06 -9.55 19.93
CA LYS B 323 -10.28 -8.61 21.03
C LYS B 323 -9.03 -8.29 21.87
N ASN B 324 -8.18 -9.30 22.11
CA ASN B 324 -6.91 -9.17 22.85
C ASN B 324 -5.87 -8.31 22.09
N LEU B 325 -5.75 -8.54 20.78
CA LEU B 325 -4.86 -7.78 19.89
C LEU B 325 -5.32 -6.33 19.70
N MET B 326 -6.62 -6.16 19.36
CA MET B 326 -7.28 -4.87 19.16
C MET B 326 -7.27 -3.98 20.40
N ALA B 327 -7.50 -4.57 21.60
CA ALA B 327 -7.50 -3.86 22.88
C ALA B 327 -6.13 -3.25 23.27
N LEU B 328 -5.03 -3.97 23.01
CA LEU B 328 -3.68 -3.46 23.23
C LEU B 328 -3.30 -2.33 22.25
N GLU B 329 -3.74 -2.45 20.99
CA GLU B 329 -3.57 -1.41 19.96
C GLU B 329 -4.35 -0.11 20.27
N LEU B 330 -5.56 -0.24 20.86
CA LEU B 330 -6.39 0.88 21.31
C LEU B 330 -5.77 1.63 22.51
N ASN B 331 -5.21 0.89 23.49
CA ASN B 331 -4.51 1.45 24.65
C ASN B 331 -3.23 2.20 24.24
N ALA B 332 -2.53 1.68 23.23
CA ALA B 332 -1.25 2.20 22.74
C ALA B 332 -1.40 3.41 21.80
N GLU B 333 -2.46 3.45 20.98
CA GLU B 333 -2.78 4.48 19.98
C GLU B 333 -1.73 4.67 18.87
N LEU B 334 -0.86 3.66 18.67
CA LEU B 334 0.27 3.63 17.71
C LEU B 334 -0.15 3.82 16.25
N ALA B 335 0.85 4.10 15.40
CA ALA B 335 0.77 4.04 13.93
C ALA B 335 0.44 2.61 13.46
N VAL B 336 -0.80 2.42 13.01
CA VAL B 336 -1.35 1.14 12.56
C VAL B 336 -2.34 1.38 11.41
N ALA B 337 -2.68 0.30 10.69
CA ALA B 337 -3.70 0.29 9.63
C ALA B 337 -5.11 0.39 10.23
N THR B 338 -5.56 1.64 10.46
CA THR B 338 -6.91 1.98 10.95
C THR B 338 -7.91 2.17 9.78
N SER B 339 -7.45 1.88 8.56
CA SER B 339 -8.21 1.87 7.31
C SER B 339 -7.51 0.87 6.36
N PRO B 340 -8.28 0.18 5.48
CA PRO B 340 -7.69 -0.62 4.38
C PRO B 340 -6.97 0.23 3.31
N THR B 341 -7.49 1.43 3.04
CA THR B 341 -6.89 2.39 2.11
C THR B 341 -5.59 3.01 2.67
N ASN B 342 -5.55 3.24 3.99
CA ASN B 342 -4.36 3.70 4.70
C ASN B 342 -3.62 2.55 5.40
N HIS B 343 -3.74 1.32 4.85
CA HIS B 343 -2.88 0.19 5.16
C HIS B 343 -1.62 0.31 4.31
N HIS B 344 -0.46 -0.02 4.90
CA HIS B 344 0.84 -0.04 4.22
C HIS B 344 0.90 -1.06 3.08
N ASN B 345 1.79 -0.80 2.11
CA ASN B 345 2.17 -1.75 1.06
C ASN B 345 3.30 -2.68 1.55
N LEU B 346 3.70 -3.62 0.67
CA LEU B 346 4.82 -4.55 0.87
C LEU B 346 6.17 -3.85 1.13
N PHE B 347 6.40 -2.72 0.44
CA PHE B 347 7.61 -1.92 0.55
C PHE B 347 7.71 -1.16 1.88
N GLY B 348 6.56 -0.91 2.53
CA GLY B 348 6.44 -0.39 3.90
C GLY B 348 7.06 -1.34 4.91
N SER B 349 6.81 -2.65 4.74
CA SER B 349 7.42 -3.73 5.51
C SER B 349 8.93 -3.91 5.23
N ALA B 350 9.38 -3.50 4.02
CA ALA B 350 10.80 -3.42 3.67
C ALA B 350 11.49 -2.21 4.34
N TYR B 351 10.79 -1.06 4.50
CA TYR B 351 11.32 0.12 5.19
C TYR B 351 11.48 -0.08 6.70
N ARG B 352 10.57 -0.84 7.36
CA ARG B 352 10.74 -1.23 8.78
C ARG B 352 11.89 -2.22 8.98
N TYR B 353 12.02 -3.20 8.06
CA TYR B 353 13.07 -4.21 8.09
C TYR B 353 14.47 -3.62 7.83
N LEU B 354 14.62 -2.83 6.75
CA LEU B 354 15.88 -2.17 6.37
C LEU B 354 16.35 -1.13 7.40
N ARG B 355 15.41 -0.37 8.00
CA ARG B 355 15.70 0.56 9.10
C ARG B 355 16.30 -0.13 10.32
N TYR B 356 15.81 -1.35 10.64
CA TYR B 356 16.39 -2.19 11.69
C TYR B 356 17.84 -2.58 11.38
N LEU B 357 18.10 -3.12 10.17
CA LEU B 357 19.45 -3.51 9.71
C LEU B 357 20.46 -2.35 9.80
N THR B 358 20.05 -1.16 9.32
CA THR B 358 20.83 0.08 9.32
C THR B 358 21.30 0.49 10.75
N LEU B 359 20.36 0.54 11.70
CA LEU B 359 20.61 0.91 13.09
C LEU B 359 21.36 -0.18 13.88
N ARG B 360 21.13 -1.46 13.54
CA ARG B 360 21.70 -2.63 14.20
C ARG B 360 23.16 -2.92 13.81
N SER B 361 23.58 -2.56 12.58
CA SER B 361 24.94 -2.77 12.11
C SER B 361 25.96 -1.72 12.59
N ARG B 362 25.48 -0.62 13.20
CA ARG B 362 26.32 0.41 13.82
C ARG B 362 26.29 0.36 15.36
N ILE B 363 25.65 -0.68 15.95
CA ILE B 363 26.02 -1.15 17.28
C ILE B 363 26.92 -2.38 17.14
N HIS B 364 27.94 -2.46 18.01
CA HIS B 364 28.90 -3.55 18.10
C HIS B 364 29.08 -3.93 19.58
N SER B 365 29.26 -5.22 19.84
CA SER B 365 29.70 -5.76 21.12
C SER B 365 30.46 -7.06 20.89
N ILE B 366 31.35 -7.39 21.84
CA ILE B 366 32.27 -8.53 21.79
C ILE B 366 32.08 -9.39 23.06
N SER B 367 32.64 -10.61 23.05
CA SER B 367 32.61 -11.52 24.20
C SER B 367 33.88 -11.42 25.08
N GLN B 368 33.86 -12.09 26.23
CA GLN B 368 34.98 -12.14 27.19
C GLN B 368 36.27 -12.76 26.63
N GLU B 369 36.14 -13.72 25.69
CA GLU B 369 37.26 -14.40 25.03
C GLU B 369 37.84 -13.56 23.86
N GLN B 370 37.02 -12.67 23.27
CA GLN B 370 37.44 -11.71 22.24
C GLN B 370 38.25 -10.53 22.81
N TYR B 371 37.99 -10.17 24.07
CA TYR B 371 38.69 -9.13 24.79
C TYR B 371 40.02 -9.65 25.33
N GLY B 372 41.12 -8.93 25.02
CA GLY B 372 42.46 -9.21 25.53
C GLY B 372 42.67 -8.41 26.82
N ARG B 373 43.33 -9.04 27.80
CA ARG B 373 43.57 -8.47 29.12
C ARG B 373 44.73 -7.48 29.13
N LEU B 374 44.58 -6.38 29.88
CA LEU B 374 45.67 -5.45 30.20
C LEU B 374 46.64 -6.08 31.20
N SER B 375 47.93 -5.72 31.06
CA SER B 375 49.02 -6.10 31.94
C SER B 375 48.84 -5.51 33.34
N ARG B 376 48.95 -6.38 34.35
CA ARG B 376 48.99 -6.00 35.77
C ARG B 376 50.43 -5.85 36.27
N VAL B 377 51.44 -6.17 35.44
CA VAL B 377 52.86 -6.14 35.75
C VAL B 377 53.34 -4.68 35.96
N SER B 378 53.89 -4.44 37.16
CA SER B 378 54.32 -3.13 37.68
C SER B 378 53.16 -2.13 37.86
N VAL B 379 51.99 -2.66 38.26
CA VAL B 379 50.83 -1.90 38.70
C VAL B 379 50.35 -2.56 40.02
N PRO B 380 50.91 -2.11 41.18
CA PRO B 380 50.56 -2.65 42.52
C PRO B 380 49.07 -2.63 42.91
N GLU B 381 48.75 -3.35 44.00
CA GLU B 381 47.47 -3.26 44.69
C GLU B 381 47.23 -1.85 45.25
N GLY B 382 46.05 -1.29 44.97
CA GLY B 382 45.67 0.06 45.40
C GLY B 382 46.35 1.16 44.57
N ASP B 383 47.07 0.82 43.48
CA ASP B 383 47.75 1.78 42.61
C ASP B 383 46.76 2.64 41.80
N LEU B 384 45.49 2.22 41.66
CA LEU B 384 44.41 3.04 41.08
C LEU B 384 44.18 4.33 41.91
N LEU B 385 44.19 4.20 43.25
CA LEU B 385 44.08 5.33 44.19
C LEU B 385 45.36 6.19 44.24
N ALA B 386 46.54 5.57 44.04
CA ALA B 386 47.81 6.27 43.92
C ALA B 386 47.96 7.02 42.58
N ARG B 387 47.37 6.50 41.49
CA ARG B 387 47.29 7.14 40.18
C ARG B 387 46.29 8.31 40.16
N ILE B 388 45.18 8.20 40.93
CA ILE B 388 44.28 9.32 41.22
C ILE B 388 45.01 10.47 41.93
N GLN B 389 45.86 10.11 42.92
CA GLN B 389 46.69 11.04 43.68
C GLN B 389 47.78 11.70 42.82
N GLN B 390 48.52 10.89 42.05
CA GLN B 390 49.61 11.34 41.17
C GLN B 390 49.17 12.21 39.98
N GLU B 391 47.93 12.03 39.49
CA GLU B 391 47.32 12.87 38.46
C GLU B 391 46.84 14.23 39.02
N GLN B 392 46.31 14.26 40.25
CA GLN B 392 45.98 15.51 40.96
C GLN B 392 47.21 16.29 41.41
N ASP B 393 48.26 15.58 41.85
CA ASP B 393 49.58 16.14 42.14
C ASP B 393 50.29 16.65 40.88
N ARG B 394 50.16 15.97 39.73
CA ARG B 394 50.69 16.44 38.44
C ARG B 394 50.00 17.73 37.95
N VAL B 395 48.68 17.85 38.19
CA VAL B 395 47.90 19.06 37.92
C VAL B 395 48.26 20.22 38.88
N PHE B 396 48.71 19.90 40.11
CA PHE B 396 49.28 20.87 41.04
C PHE B 396 50.72 21.28 40.66
N GLN B 397 51.56 20.33 40.23
CA GLN B 397 52.90 20.56 39.68
C GLN B 397 52.88 21.40 38.39
N ALA B 398 51.83 21.22 37.57
CA ALA B 398 51.54 22.02 36.38
C ALA B 398 51.09 23.44 36.74
N TRP B 399 50.36 23.60 37.86
CA TRP B 399 49.98 24.91 38.42
C TRP B 399 51.18 25.65 39.04
N LEU B 400 52.12 24.92 39.69
CA LEU B 400 53.37 25.47 40.23
C LEU B 400 54.29 26.02 39.12
N ALA B 401 54.21 25.41 37.93
CA ALA B 401 54.95 25.81 36.72
C ALA B 401 54.29 26.97 35.95
N SER B 402 53.00 27.27 36.21
CA SER B 402 52.25 28.34 35.53
C SER B 402 51.10 28.93 36.39
N PRO B 403 51.43 29.57 37.53
CA PRO B 403 50.44 30.34 38.30
C PRO B 403 50.15 31.70 37.61
N ASP B 404 48.89 32.14 37.67
CA ASP B 404 48.45 33.42 37.08
C ASP B 404 48.93 34.65 37.88
N LYS B 405 48.99 35.79 37.18
CA LYS B 405 49.46 37.07 37.70
C LYS B 405 48.45 37.73 38.67
N LEU B 406 49.00 38.43 39.66
CA LEU B 406 48.26 39.13 40.71
C LEU B 406 47.43 40.33 40.18
N VAL B 407 47.93 41.01 39.12
CA VAL B 407 47.28 42.16 38.49
C VAL B 407 45.93 41.87 37.80
N TYR B 408 45.64 40.59 37.50
CA TYR B 408 44.36 40.13 36.94
C TYR B 408 43.21 40.25 37.96
N ASP B 409 43.53 40.05 39.25
CA ASP B 409 42.60 40.09 40.38
C ASP B 409 42.80 41.43 41.12
N GLU B 410 41.98 42.43 40.76
CA GLU B 410 42.13 43.82 41.22
C GLU B 410 41.92 44.04 42.72
N ASP B 411 41.05 43.24 43.37
CA ASP B 411 40.89 43.23 44.83
C ASP B 411 42.13 42.67 45.56
N LEU B 412 42.80 41.66 44.98
CA LEU B 412 44.07 41.13 45.48
C LEU B 412 45.25 42.07 45.22
N ASN B 413 45.25 42.77 44.08
CA ASN B 413 46.24 43.77 43.69
C ASN B 413 46.17 45.03 44.59
N LYS B 414 44.94 45.44 44.97
CA LYS B 414 44.69 46.54 45.91
C LYS B 414 44.99 46.17 47.38
N LEU B 415 44.79 44.90 47.76
CA LEU B 415 45.20 44.38 49.08
C LEU B 415 46.71 44.17 49.18
N TRP B 416 47.37 43.83 48.06
CA TRP B 416 48.82 43.82 47.88
C TRP B 416 49.43 45.23 48.00
N ALA B 417 48.80 46.23 47.37
CA ALA B 417 49.17 47.64 47.45
C ALA B 417 49.00 48.22 48.86
N ASN B 418 47.91 47.84 49.56
CA ASN B 418 47.64 48.19 50.95
C ASN B 418 48.66 47.54 51.92
N PHE B 419 48.99 46.27 51.68
CA PHE B 419 50.03 45.52 52.39
C PHE B 419 51.42 46.16 52.30
N ILE B 420 51.88 46.48 51.07
CA ILE B 420 53.15 47.14 50.78
C ILE B 420 53.21 48.60 51.28
N ALA B 421 52.09 49.33 51.23
CA ALA B 421 51.97 50.69 51.79
C ALA B 421 52.08 50.71 53.32
N LYS B 422 51.39 49.78 53.99
CA LYS B 422 51.42 49.62 55.45
C LYS B 422 52.74 49.00 55.97
N ARG B 423 53.47 48.28 55.12
CA ARG B 423 54.78 47.68 55.40
C ARG B 423 55.87 48.74 55.70
N ASP B 424 55.76 49.91 55.05
CA ASP B 424 56.62 51.07 55.26
C ASP B 424 56.07 52.02 56.35
N GLU B 425 54.77 51.93 56.70
CA GLU B 425 54.20 52.66 57.82
C GLU B 425 54.70 52.17 59.20
N ILE B 426 54.68 53.11 60.14
CA ILE B 426 55.03 52.92 61.55
C ILE B 426 54.08 51.98 62.31
N LYS B 442 52.46 48.90 63.13
CA LYS B 442 52.61 47.45 63.03
C LYS B 442 51.27 46.69 63.02
N GLU B 443 50.26 47.20 63.75
CA GLU B 443 48.92 46.63 63.86
C GLU B 443 48.16 46.62 62.52
N ASN B 444 48.18 47.76 61.82
CA ASN B 444 47.50 47.95 60.53
C ASN B 444 48.19 47.18 59.39
N TYR B 445 49.51 46.99 59.50
CA TYR B 445 50.30 46.09 58.65
C TYR B 445 49.91 44.61 58.84
N LYS B 446 49.76 44.15 60.09
CA LYS B 446 49.38 42.78 60.44
C LYS B 446 47.94 42.43 60.02
N LYS B 447 47.04 43.42 60.06
CA LYS B 447 45.69 43.34 59.50
C LYS B 447 45.69 43.24 57.96
N ALA B 448 46.52 44.04 57.28
CA ALA B 448 46.66 44.07 55.82
C ALA B 448 47.33 42.80 55.25
N ARG B 449 48.31 42.27 56.00
CA ARG B 449 49.00 40.99 55.76
C ARG B 449 48.04 39.80 55.89
N LYS B 450 47.23 39.77 56.97
CA LYS B 450 46.23 38.74 57.22
C LYS B 450 45.05 38.81 56.24
N ALA B 451 44.61 40.03 55.88
CA ALA B 451 43.57 40.29 54.88
C ALA B 451 43.97 39.88 53.47
N LEU B 452 45.21 40.18 53.05
CA LEU B 452 45.78 39.77 51.76
C LEU B 452 45.82 38.24 51.60
N LEU B 453 46.38 37.53 52.60
CA LEU B 453 46.52 36.07 52.58
C LEU B 453 45.21 35.32 52.79
N PHE B 454 44.26 35.93 53.53
CA PHE B 454 42.88 35.47 53.66
C PHE B 454 42.15 35.49 52.31
N ASN B 455 42.20 36.64 51.62
CA ASN B 455 41.59 36.82 50.30
C ASN B 455 42.28 36.01 49.18
N ILE B 456 43.61 35.77 49.25
CA ILE B 456 44.28 34.86 48.31
C ILE B 456 43.88 33.39 48.53
N SER B 457 43.76 32.94 49.79
CA SER B 457 43.35 31.59 50.14
C SER B 457 41.89 31.31 49.75
N TRP B 458 41.00 32.31 49.91
CA TRP B 458 39.64 32.31 49.40
C TRP B 458 39.56 32.35 47.86
N SER B 459 40.42 33.15 47.20
CA SER B 459 40.50 33.25 45.74
C SER B 459 40.92 31.94 45.06
N LEU B 460 41.98 31.28 45.59
CA LEU B 460 42.46 29.98 45.11
C LEU B 460 41.48 28.83 45.39
N TYR B 461 40.67 28.95 46.45
CA TYR B 461 39.62 28.00 46.82
C TYR B 461 38.43 28.03 45.84
N HIS B 462 37.98 29.24 45.47
CA HIS B 462 36.97 29.46 44.41
C HIS B 462 37.44 29.04 43.02
N ARG B 463 38.75 29.23 42.75
CA ARG B 463 39.39 28.93 41.48
C ARG B 463 39.47 27.43 41.20
N TRP B 464 40.10 26.69 42.13
CA TRP B 464 40.46 25.29 41.97
C TRP B 464 39.29 24.30 42.15
N LYS B 465 38.27 24.69 42.92
CA LYS B 465 36.97 24.01 43.09
C LYS B 465 37.11 22.55 43.57
N SER B 466 36.87 21.57 42.67
CA SER B 466 36.96 20.14 42.91
C SER B 466 38.38 19.60 43.16
N ASN B 467 39.42 20.35 42.72
CA ASN B 467 40.83 20.02 42.97
C ASN B 467 41.42 20.85 44.13
N ALA B 468 40.64 21.78 44.71
CA ALA B 468 41.10 22.72 45.73
C ALA B 468 41.72 22.08 46.97
N ALA B 469 41.13 20.96 47.45
CA ALA B 469 41.63 20.23 48.61
C ALA B 469 43.02 19.61 48.41
N ASN B 470 43.24 18.95 47.26
CA ASN B 470 44.54 18.39 46.90
C ASN B 470 45.60 19.47 46.63
N ASN B 471 45.20 20.61 46.04
CA ASN B 471 46.08 21.71 45.68
C ASN B 471 46.51 22.53 46.91
N PHE B 472 45.66 22.65 47.94
CA PHE B 472 46.04 23.21 49.24
C PHE B 472 46.94 22.28 50.06
N LYS B 473 46.63 20.98 50.06
CA LYS B 473 47.49 19.93 50.65
C LYS B 473 48.88 19.87 50.01
N GLY B 474 48.92 19.89 48.67
CA GLY B 474 50.14 19.87 47.87
C GLY B 474 50.96 21.16 48.05
N LEU B 475 50.30 22.32 48.25
CA LEU B 475 50.96 23.59 48.49
C LEU B 475 51.55 23.70 49.91
N ILE B 476 50.87 23.14 50.93
CA ILE B 476 51.40 23.03 52.30
C ILE B 476 52.70 22.21 52.34
N GLN B 477 52.67 21.04 51.66
CA GLN B 477 53.82 20.17 51.45
C GLN B 477 54.95 20.84 50.65
N HIS B 478 54.61 21.56 49.56
CA HIS B 478 55.54 22.29 48.71
C HIS B 478 56.26 23.43 49.44
N LEU B 479 55.49 24.24 50.20
CA LEU B 479 56.00 25.35 51.01
C LEU B 479 56.93 24.87 52.13
N GLU B 480 56.65 23.72 52.76
CA GLU B 480 57.58 23.02 53.67
C GLU B 480 58.88 22.59 52.98
N ASN B 481 58.76 21.99 51.78
CA ASN B 481 59.87 21.41 51.00
C ASN B 481 60.74 22.47 50.28
N LEU B 482 60.39 23.76 50.34
CA LEU B 482 61.18 24.86 49.77
C LEU B 482 62.56 24.98 50.46
N PRO B 483 63.66 24.94 49.68
CA PRO B 483 64.95 25.54 50.09
C PRO B 483 64.82 27.04 50.39
N LYS B 484 65.58 27.52 51.39
CA LYS B 484 65.58 28.92 51.85
C LYS B 484 66.02 29.94 50.77
N SER B 485 66.74 29.50 49.74
CA SER B 485 67.10 30.30 48.56
C SER B 485 65.89 30.84 47.78
N VAL B 486 64.81 30.04 47.71
CA VAL B 486 63.55 30.40 47.07
C VAL B 486 62.74 31.38 47.94
N THR B 487 62.81 31.22 49.28
CA THR B 487 62.10 32.06 50.25
C THR B 487 62.73 33.45 50.46
N GLN B 488 64.07 33.55 50.39
CA GLN B 488 64.80 34.80 50.62
C GLN B 488 64.95 35.67 49.35
N ALA B 489 64.60 35.11 48.18
CA ALA B 489 64.48 35.86 46.92
C ALA B 489 63.35 36.90 47.01
N LYS B 490 63.60 38.09 46.43
CA LYS B 490 62.64 39.18 46.35
C LYS B 490 61.36 38.79 45.60
N TRP B 491 60.25 39.48 45.94
CA TRP B 491 59.06 39.57 45.10
C TRP B 491 59.45 40.24 43.76
N PRO B 492 59.33 39.54 42.60
CA PRO B 492 59.56 40.14 41.28
C PRO B 492 58.71 41.40 40.99
N GLU B 493 59.12 42.19 39.97
CA GLU B 493 58.37 43.33 39.44
C GLU B 493 56.92 42.98 39.13
N LEU B 494 56.00 43.94 39.32
CA LEU B 494 54.54 43.73 39.31
C LEU B 494 53.98 43.07 38.04
N ASN B 495 54.61 43.33 36.87
CA ASN B 495 54.30 42.70 35.59
C ASN B 495 54.66 41.19 35.52
N GLN B 496 55.60 40.72 36.37
CA GLN B 496 56.03 39.33 36.49
C GLN B 496 55.45 38.60 37.71
N LEU B 497 54.95 39.36 38.71
CA LEU B 497 54.53 38.88 40.02
C LEU B 497 53.25 38.01 39.93
N THR B 498 53.43 36.70 40.18
CA THR B 498 52.34 35.72 40.28
C THR B 498 51.92 35.48 41.74
N VAL B 499 50.80 34.76 41.90
CA VAL B 499 50.26 34.33 43.19
C VAL B 499 51.24 33.41 43.97
N LEU B 500 52.01 32.55 43.26
CA LEU B 500 53.04 31.72 43.86
C LEU B 500 54.25 32.54 44.34
N ASP B 501 54.70 33.51 43.51
CA ASP B 501 55.80 34.43 43.83
C ASP B 501 55.59 35.26 45.11
N VAL B 502 54.34 35.67 45.35
CA VAL B 502 53.92 36.38 46.56
C VAL B 502 54.08 35.52 47.84
N VAL B 503 53.65 34.25 47.78
CA VAL B 503 53.54 33.37 48.95
C VAL B 503 54.78 32.48 49.19
N VAL B 504 55.70 32.30 48.22
CA VAL B 504 56.96 31.60 48.48
C VAL B 504 57.95 32.43 49.32
N ASN B 505 57.87 33.78 49.22
CA ASN B 505 58.67 34.72 50.00
C ASN B 505 58.44 34.54 51.52
N ASP B 506 59.54 34.58 52.27
CA ASP B 506 59.67 34.27 53.70
C ASP B 506 58.69 35.05 54.60
N GLU B 507 58.36 36.30 54.22
CA GLU B 507 57.44 37.17 54.95
C GLU B 507 55.95 36.74 54.92
N LEU B 508 55.55 35.94 53.92
CA LEU B 508 54.17 35.53 53.71
C LEU B 508 53.97 34.00 53.67
N ARG B 509 55.05 33.20 53.65
CA ARG B 509 55.01 31.75 53.49
C ARG B 509 54.23 31.01 54.58
N GLU B 510 54.74 31.01 55.82
CA GLU B 510 54.21 30.20 56.92
C GLU B 510 52.85 30.68 57.45
N ASP B 511 52.52 31.96 57.26
CA ASP B 511 51.17 32.50 57.45
C ASP B 511 50.18 31.95 56.40
N PHE B 512 50.63 31.88 55.13
CA PHE B 512 49.81 31.35 54.04
C PHE B 512 49.63 29.81 54.12
N ILE B 513 50.59 29.07 54.68
CA ILE B 513 50.45 27.66 55.05
C ILE B 513 49.31 27.44 56.06
N TRP B 514 49.23 28.30 57.09
CA TRP B 514 48.15 28.30 58.07
C TRP B 514 46.79 28.67 57.47
N GLN B 515 46.75 29.60 56.49
CA GLN B 515 45.56 29.95 55.71
C GLN B 515 45.06 28.80 54.80
N CYS B 516 45.98 28.00 54.25
CA CYS B 516 45.68 26.78 53.48
C CYS B 516 45.01 25.73 54.38
N HIS B 517 45.54 25.54 55.61
CA HIS B 517 44.95 24.68 56.65
C HIS B 517 43.55 25.13 57.10
N ASN B 518 43.34 26.44 57.30
CA ASN B 518 42.04 27.02 57.65
C ASN B 518 40.97 26.77 56.58
N ILE B 519 41.32 27.00 55.31
CA ILE B 519 40.43 26.78 54.16
C ILE B 519 40.08 25.29 53.94
N LEU B 520 41.02 24.39 54.24
CA LEU B 520 40.82 22.93 54.24
C LEU B 520 39.86 22.46 55.34
N ILE B 521 39.98 23.03 56.55
CA ILE B 521 39.07 22.80 57.67
C ILE B 521 37.66 23.38 57.37
N PHE B 522 37.61 24.56 56.72
CA PHE B 522 36.34 25.17 56.29
C PHE B 522 35.61 24.36 55.21
N ASN B 523 36.36 23.81 54.23
CA ASN B 523 35.84 22.96 53.15
C ASN B 523 35.16 21.69 53.66
N SER B 524 35.76 21.06 54.70
CA SER B 524 35.17 19.91 55.38
C SER B 524 34.00 20.32 56.30
N LEU B 525 34.12 21.43 57.04
CA LEU B 525 33.06 22.01 57.88
C LEU B 525 31.78 22.34 57.09
N TYR B 526 31.94 22.85 55.85
CA TYR B 526 30.87 23.12 54.90
C TYR B 526 30.09 21.85 54.55
N ASP B 527 30.81 20.80 54.17
CA ASP B 527 30.26 19.47 53.83
C ASP B 527 29.66 18.72 55.02
N ASN B 528 30.10 19.04 56.26
CA ASN B 528 29.53 18.49 57.49
C ASN B 528 28.17 19.13 57.84
N VAL B 529 27.96 20.42 57.50
CA VAL B 529 26.67 21.10 57.63
C VAL B 529 25.69 20.70 56.49
N VAL B 530 26.22 20.35 55.30
CA VAL B 530 25.47 19.70 54.22
C VAL B 530 25.03 18.26 54.59
N GLY B 531 25.88 17.53 55.35
CA GLY B 531 25.60 16.19 55.85
C GLY B 531 24.54 16.20 56.96
N SER B 532 24.45 17.30 57.72
CA SER B 532 23.48 17.53 58.79
C SER B 532 22.22 18.30 58.31
N LEU B 533 22.08 18.56 56.99
CA LEU B 533 21.06 19.44 56.40
C LEU B 533 19.59 19.06 56.71
N ALA B 534 19.29 17.77 56.90
CA ALA B 534 17.95 17.29 57.27
C ALA B 534 17.50 17.71 58.69
N SER B 535 18.46 17.91 59.62
CA SER B 535 18.18 18.46 60.96
C SER B 535 17.92 19.97 60.94
N ILE B 536 18.61 20.70 60.05
CA ILE B 536 18.42 22.13 59.81
C ILE B 536 17.02 22.42 59.21
N ALA B 537 16.60 21.56 58.27
CA ALA B 537 15.30 21.58 57.64
C ALA B 537 14.16 21.23 58.60
N LYS B 538 14.30 20.16 59.40
CA LYS B 538 13.31 19.69 60.38
C LYS B 538 13.00 20.72 61.47
N GLU B 539 14.04 21.33 62.04
CA GLU B 539 13.90 22.28 63.14
C GLU B 539 13.32 23.63 62.70
N ALA B 540 13.62 24.04 61.46
CA ALA B 540 12.97 25.17 60.77
C ALA B 540 11.51 24.92 60.40
N MET B 541 11.07 23.66 60.29
CA MET B 541 9.65 23.30 60.11
C MET B 541 8.84 23.35 61.41
N MET B 542 9.49 23.11 62.57
CA MET B 542 8.83 23.10 63.87
C MET B 542 8.59 24.50 64.47
N SER B 543 9.34 25.52 64.03
CA SER B 543 9.34 26.84 64.70
C SER B 543 9.77 28.04 63.82
N LYS B 544 10.20 27.80 62.56
CA LYS B 544 10.79 28.81 61.66
C LYS B 544 12.09 29.44 62.23
N SER B 545 12.88 28.63 62.94
CA SER B 545 14.08 29.06 63.67
C SER B 545 14.99 27.86 63.98
N LEU B 546 16.23 28.16 64.39
CA LEU B 546 17.15 27.20 64.99
C LEU B 546 17.53 27.71 66.38
N SER B 547 17.55 26.79 67.36
CA SER B 547 18.01 27.03 68.73
C SER B 547 19.53 27.27 68.79
N ARG B 548 19.97 28.00 69.84
CA ARG B 548 21.40 28.23 70.09
C ARG B 548 22.15 26.93 70.42
N ASN B 549 21.43 25.94 70.99
CA ASN B 549 21.89 24.57 71.24
C ASN B 549 22.22 23.82 69.94
N SER B 550 21.31 23.82 68.97
CA SER B 550 21.52 23.17 67.68
C SER B 550 22.61 23.84 66.84
N VAL B 551 22.70 25.18 66.88
CA VAL B 551 23.79 25.93 66.24
C VAL B 551 25.15 25.69 66.92
N ASN B 552 25.17 25.59 68.27
CA ASN B 552 26.33 25.19 69.10
C ASN B 552 26.85 23.80 68.70
N ASN B 553 25.96 22.79 68.76
CA ASN B 553 26.29 21.39 68.48
C ASN B 553 26.65 21.13 67.01
N LEU B 554 25.94 21.76 66.06
CA LEU B 554 26.20 21.68 64.62
C LEU B 554 27.57 22.25 64.25
N LEU B 555 27.89 23.44 64.79
CA LEU B 555 29.19 24.10 64.65
C LEU B 555 30.34 23.27 65.25
N HIS B 556 30.18 22.80 66.49
CA HIS B 556 31.18 22.02 67.22
C HIS B 556 31.48 20.68 66.55
N LYS B 557 30.44 19.91 66.16
CA LYS B 557 30.56 18.67 65.38
C LYS B 557 31.25 18.88 64.02
N SER B 558 30.86 19.93 63.29
CA SER B 558 31.41 20.25 61.97
C SER B 558 32.89 20.68 62.01
N ILE B 559 33.33 21.31 63.12
CA ILE B 559 34.74 21.56 63.41
C ILE B 559 35.47 20.27 63.84
N ASP B 560 34.85 19.44 64.72
CA ASP B 560 35.42 18.19 65.23
C ASP B 560 35.67 17.12 64.16
N HIS B 561 34.74 16.97 63.19
CA HIS B 561 34.92 16.08 62.04
C HIS B 561 35.86 16.68 60.97
N ALA B 562 35.93 18.02 60.87
CA ALA B 562 36.91 18.70 60.00
C ALA B 562 38.35 18.61 60.52
N LEU B 563 38.51 18.48 61.85
CA LEU B 563 39.79 18.27 62.54
C LEU B 563 40.13 16.77 62.70
N SER B 564 39.23 15.85 62.28
CA SER B 564 39.52 14.41 62.20
C SER B 564 39.89 14.01 60.76
N THR B 565 39.18 14.55 59.75
CA THR B 565 39.46 14.34 58.33
C THR B 565 40.76 15.04 57.86
N GLN B 566 41.15 16.15 58.52
CA GLN B 566 42.46 16.77 58.37
C GLN B 566 43.15 16.79 59.73
N ASP B 567 44.29 16.10 59.83
CA ASP B 567 45.27 16.23 60.92
C ASP B 567 46.05 17.53 60.70
N THR B 568 45.87 18.49 61.64
CA THR B 568 46.43 19.84 61.51
C THR B 568 47.01 20.29 62.87
N ALA B 569 48.15 20.99 62.80
CA ALA B 569 48.77 21.70 63.93
C ALA B 569 47.92 22.88 64.43
N ASN B 570 47.10 23.44 63.52
CA ASN B 570 46.03 24.39 63.77
C ASN B 570 44.90 23.72 64.58
N ASP B 571 44.93 23.86 65.91
CA ASP B 571 43.95 23.25 66.82
C ASP B 571 42.58 23.97 66.77
N LYS B 572 41.63 23.42 67.54
CA LYS B 572 40.23 23.82 67.61
C LYS B 572 39.98 25.30 67.97
N ALA B 573 40.78 25.86 68.90
CA ALA B 573 40.68 27.27 69.29
C ALA B 573 41.17 28.25 68.20
N LYS B 574 42.21 27.83 67.46
CA LYS B 574 42.86 28.63 66.42
C LYS B 574 42.03 28.74 65.13
N PHE B 575 41.30 27.67 64.75
CA PHE B 575 40.31 27.73 63.68
C PHE B 575 39.05 28.52 64.08
N TYR B 576 38.62 28.42 65.35
CA TYR B 576 37.47 29.14 65.90
C TYR B 576 37.66 30.66 65.89
N LYS B 577 38.89 31.11 66.16
CA LYS B 577 39.35 32.50 66.02
C LYS B 577 39.40 32.98 64.55
N TRP B 578 39.79 32.11 63.61
CA TRP B 578 39.79 32.42 62.18
C TRP B 578 38.36 32.53 61.61
N LEU B 579 37.44 31.68 62.08
CA LEU B 579 36.02 31.70 61.73
C LEU B 579 35.32 32.98 62.23
N LYS B 580 35.71 33.48 63.42
CA LYS B 580 35.31 34.79 63.94
C LYS B 580 35.81 35.97 63.09
N TYR B 581 37.07 35.90 62.63
CA TYR B 581 37.67 36.90 61.73
C TYR B 581 36.97 36.94 60.37
N PHE B 582 36.68 35.75 59.79
CA PHE B 582 35.88 35.55 58.58
C PHE B 582 34.47 36.15 58.71
N MET B 583 33.78 35.89 59.83
CA MET B 583 32.49 36.50 60.16
C MET B 583 32.55 38.00 60.52
N GLY B 584 33.76 38.58 60.57
CA GLY B 584 33.99 40.02 60.72
C GLY B 584 34.28 40.70 59.36
N GLN B 585 34.74 39.96 58.34
CA GLN B 585 35.07 40.51 57.02
C GLN B 585 33.82 40.89 56.20
N SER B 586 33.91 42.01 55.48
CA SER B 586 32.83 42.63 54.71
C SER B 586 32.31 41.78 53.54
N ASN B 587 33.20 40.98 52.93
CA ASN B 587 32.91 40.13 51.77
C ASN B 587 32.43 38.71 52.13
N ARG B 588 32.22 38.41 53.42
CA ARG B 588 31.90 37.07 53.95
C ARG B 588 30.70 36.36 53.29
N ALA B 589 29.63 37.11 52.97
CA ALA B 589 28.45 36.60 52.28
C ALA B 589 28.73 36.22 50.83
N ASP B 590 29.57 37.02 50.16
CA ASP B 590 30.04 36.81 48.79
C ASP B 590 30.97 35.58 48.71
N LEU B 591 31.86 35.39 49.71
CA LEU B 591 32.71 34.20 49.86
C LEU B 591 31.88 32.90 50.00
N LEU B 592 30.80 32.93 50.78
CA LEU B 592 29.85 31.82 50.94
C LEU B 592 29.06 31.52 49.66
N VAL B 593 28.62 32.58 48.96
CA VAL B 593 27.89 32.51 47.68
C VAL B 593 28.75 31.93 46.55
N ARG B 594 30.01 32.38 46.41
CA ARG B 594 30.98 31.89 45.42
C ARG B 594 31.29 30.38 45.58
N VAL B 595 31.36 29.89 46.83
CA VAL B 595 31.49 28.46 47.13
C VAL B 595 30.23 27.66 46.76
N GLU B 596 29.04 28.18 47.10
CA GLU B 596 27.73 27.61 46.76
C GLU B 596 27.54 27.41 45.24
N GLN B 597 28.05 28.34 44.42
CA GLN B 597 27.96 28.31 42.96
C GLN B 597 28.70 27.15 42.27
N TRP B 598 29.67 26.51 42.94
CA TRP B 598 30.34 25.30 42.44
C TRP B 598 30.05 24.05 43.30
N LYS B 599 29.55 24.21 44.53
CA LYS B 599 29.05 23.11 45.38
C LYS B 599 27.71 22.55 44.88
N SER B 600 26.90 23.38 44.21
CA SER B 600 25.66 23.03 43.53
C SER B 600 25.84 22.04 42.36
N VAL B 601 27.05 22.01 41.76
CA VAL B 601 27.45 21.04 40.73
C VAL B 601 27.57 19.61 41.30
N GLY B 602 27.98 19.49 42.58
CA GLY B 602 28.06 18.24 43.30
C GLY B 602 26.71 17.82 43.89
N PHE B 603 25.73 18.73 44.00
CA PHE B 603 24.43 18.49 44.62
C PHE B 603 23.25 18.99 43.77
N PRO B 604 22.98 18.33 42.61
CA PRO B 604 21.82 18.69 41.76
C PRO B 604 20.45 18.24 42.32
N GLN B 605 20.43 17.37 43.34
CA GLN B 605 19.23 16.80 43.95
C GLN B 605 18.79 17.54 45.24
N LEU B 606 19.54 18.57 45.68
CA LEU B 606 19.08 19.55 46.67
C LEU B 606 18.33 20.68 45.95
N ASN B 607 17.32 21.27 46.60
CA ASN B 607 16.58 22.41 46.06
C ASN B 607 17.18 23.76 46.50
N ASP B 608 16.68 24.84 45.89
CA ASP B 608 17.12 26.23 46.12
C ASP B 608 16.88 26.72 47.57
N SER B 609 15.77 26.28 48.19
CA SER B 609 15.39 26.63 49.56
C SER B 609 16.33 25.97 50.59
N LEU B 610 16.86 24.79 50.26
CA LEU B 610 17.90 24.09 51.02
C LEU B 610 19.27 24.77 50.90
N PHE B 611 19.59 25.40 49.76
CA PHE B 611 20.77 26.26 49.61
C PHE B 611 20.64 27.58 50.38
N VAL B 612 19.44 28.18 50.39
CA VAL B 612 19.15 29.40 51.14
C VAL B 612 19.25 29.20 52.66
N ILE B 613 18.67 28.11 53.21
CA ILE B 613 18.71 27.81 54.65
C ILE B 613 20.12 27.36 55.12
N LEU B 614 20.89 26.70 54.24
CA LEU B 614 22.30 26.35 54.42
C LEU B 614 23.18 27.61 54.55
N THR B 615 23.06 28.51 53.57
CA THR B 615 23.78 29.79 53.55
C THR B 615 23.32 30.75 54.66
N TYR B 616 22.04 30.71 55.06
CA TYR B 616 21.46 31.48 56.16
C TYR B 616 22.05 31.09 57.53
N PHE B 617 22.31 29.78 57.73
CA PHE B 617 23.06 29.27 58.89
C PHE B 617 24.47 29.88 59.02
N PHE B 618 25.21 29.89 57.90
CA PHE B 618 26.56 30.45 57.83
C PHE B 618 26.58 31.99 57.95
N GLU B 619 25.72 32.68 57.19
CA GLU B 619 25.79 34.12 56.96
C GLU B 619 25.05 34.96 58.03
N ARG B 620 24.01 34.41 58.68
CA ARG B 620 23.18 35.13 59.64
C ARG B 620 23.20 34.53 61.05
N LEU B 621 23.13 33.19 61.17
CA LEU B 621 23.00 32.53 62.47
C LEU B 621 24.34 32.34 63.21
N LEU B 622 25.46 32.14 62.48
CA LEU B 622 26.79 32.05 63.08
C LEU B 622 27.36 33.40 63.60
N PRO B 623 27.14 34.55 62.90
CA PRO B 623 27.38 35.89 63.47
C PRO B 623 26.56 36.20 64.73
N GLU B 624 25.25 35.91 64.73
CA GLU B 624 24.35 36.12 65.86
C GLU B 624 24.70 35.23 67.08
N TYR B 625 25.21 34.01 66.80
CA TYR B 625 25.79 33.10 67.78
C TYR B 625 27.05 33.68 68.47
N PHE B 626 27.92 34.37 67.71
CA PHE B 626 29.12 35.04 68.23
C PHE B 626 28.81 36.34 68.99
N ASP B 627 27.77 37.08 68.58
CA ASP B 627 27.24 38.26 69.28
C ASP B 627 26.61 37.92 70.64
N SER B 628 26.05 36.70 70.73
CA SER B 628 25.40 36.16 71.93
C SER B 628 26.29 35.17 72.71
N GLU B 629 27.62 35.15 72.46
CA GLU B 629 28.55 34.28 73.20
C GLU B 629 28.88 34.81 74.61
N SER B 630 28.90 36.13 74.77
CA SER B 630 29.03 36.80 76.07
C SER B 630 27.70 36.84 76.85
N ASP B 631 26.56 36.88 76.13
CA ASP B 631 25.23 36.99 76.71
C ASP B 631 24.24 36.25 75.79
N HIS B 632 23.83 35.05 76.23
CA HIS B 632 22.97 34.12 75.48
C HIS B 632 21.50 34.58 75.34
N SER B 633 21.07 35.64 76.05
CA SER B 633 19.74 36.25 75.91
C SER B 633 19.53 37.03 74.60
N LYS B 634 20.63 37.43 73.95
CA LYS B 634 20.67 38.21 72.71
C LYS B 634 20.37 37.38 71.43
N TYR B 635 20.25 36.05 71.56
CA TYR B 635 19.96 35.13 70.47
C TYR B 635 18.45 34.94 70.29
N THR B 636 17.98 35.02 69.05
CA THR B 636 16.60 34.72 68.63
C THR B 636 16.56 33.53 67.66
N GLY B 637 17.54 33.44 66.73
CA GLY B 637 17.74 32.32 65.81
C GLY B 637 16.71 32.25 64.66
N ALA B 638 15.89 33.29 64.46
CA ALA B 638 14.79 33.33 63.49
C ALA B 638 15.25 33.22 62.03
N ILE B 639 14.57 32.33 61.28
CA ILE B 639 14.77 32.12 59.84
C ILE B 639 13.58 32.69 59.07
N ASN B 640 13.90 33.36 57.96
CA ASN B 640 13.00 33.73 56.87
C ASN B 640 13.88 34.04 55.64
N PRO B 641 13.37 33.82 54.40
CA PRO B 641 14.18 33.99 53.19
C PRO B 641 14.56 35.44 52.86
N VAL B 642 13.63 36.38 53.16
CA VAL B 642 13.59 37.77 52.71
C VAL B 642 14.87 38.60 52.94
N ARG B 643 15.61 38.30 54.02
CA ARG B 643 16.88 38.95 54.38
C ARG B 643 18.03 38.64 53.40
N ILE B 644 18.11 37.38 52.92
CA ILE B 644 19.00 36.96 51.83
C ILE B 644 18.41 37.32 50.43
N GLY B 645 17.07 37.39 50.35
CA GLY B 645 16.33 37.76 49.15
C GLY B 645 15.04 36.94 49.13
N ARG B 646 13.94 37.56 48.66
CA ARG B 646 12.61 36.96 48.61
C ARG B 646 12.55 35.69 47.75
N ARG B 647 11.91 34.65 48.33
CA ARG B 647 11.68 33.35 47.70
C ARG B 647 10.21 32.97 47.86
N LYS B 648 9.61 32.62 46.71
CA LYS B 648 8.25 32.11 46.58
C LYS B 648 8.12 30.72 47.22
N ASP B 649 7.11 30.57 48.10
CA ASP B 649 6.65 29.29 48.67
C ASP B 649 7.75 28.54 49.43
N PHE B 650 8.58 29.28 50.17
CA PHE B 650 9.77 28.80 50.88
C PHE B 650 9.49 27.69 51.90
N TRP B 651 8.37 27.81 52.63
CA TRP B 651 7.92 26.85 53.64
C TRP B 651 7.31 25.57 53.04
N ASN B 652 6.69 25.70 51.84
CA ASN B 652 6.19 24.56 51.07
C ASN B 652 7.36 23.78 50.45
N ARG B 653 8.34 24.49 49.86
CA ARG B 653 9.60 23.92 49.36
C ARG B 653 10.51 23.36 50.47
N LEU B 654 10.35 23.81 51.72
CA LEU B 654 11.03 23.27 52.89
C LEU B 654 10.39 21.96 53.37
N THR B 655 9.05 21.90 53.39
CA THR B 655 8.28 20.70 53.79
C THR B 655 8.43 19.58 52.75
N MET B 656 8.24 19.91 51.46
CA MET B 656 8.48 19.03 50.32
C MET B 656 9.96 18.64 50.20
N GLY B 657 10.86 19.61 50.41
CA GLY B 657 12.31 19.42 50.34
C GLY B 657 12.81 18.47 51.43
N TYR B 658 12.30 18.57 52.67
CA TYR B 658 12.60 17.66 53.77
C TYR B 658 12.04 16.25 53.56
N GLN B 659 10.84 16.14 52.99
CA GLN B 659 10.24 14.86 52.58
C GLN B 659 11.04 14.17 51.46
N ASP B 660 11.60 14.96 50.53
CA ASP B 660 12.60 14.51 49.55
C ASP B 660 13.92 14.07 50.20
N LEU B 661 14.43 14.80 51.21
CA LEU B 661 15.67 14.44 51.91
C LEU B 661 15.59 13.05 52.58
N LEU B 662 14.45 12.74 53.23
CA LEU B 662 14.21 11.42 53.81
C LEU B 662 13.92 10.33 52.76
N ILE B 663 13.29 10.68 51.61
CA ILE B 663 13.12 9.75 50.48
C ILE B 663 14.47 9.42 49.81
N GLN B 664 15.28 10.43 49.50
CA GLN B 664 16.64 10.33 48.95
C GLN B 664 17.62 9.57 49.85
N LYS B 665 17.53 9.82 51.17
CA LYS B 665 18.30 9.13 52.20
C LYS B 665 17.93 7.64 52.30
N VAL B 666 16.62 7.34 52.25
CA VAL B 666 16.09 5.97 52.21
C VAL B 666 16.45 5.23 50.90
N LEU B 667 16.47 5.94 49.76
CA LEU B 667 16.88 5.41 48.45
C LEU B 667 18.37 5.04 48.40
N ARG B 668 19.26 5.88 48.97
CA ARG B 668 20.69 5.57 49.05
C ARG B 668 21.02 4.50 50.10
N ASP B 669 20.33 4.50 51.27
CA ASP B 669 20.44 3.42 52.26
C ASP B 669 19.92 2.08 51.72
N GLU B 670 18.85 2.09 50.90
CA GLU B 670 18.33 0.94 50.16
C GLU B 670 19.32 0.38 49.13
N LYS B 671 20.02 1.27 48.42
CA LYS B 671 21.06 0.92 47.44
C LYS B 671 22.36 0.40 48.08
N ARG B 672 22.77 0.98 49.23
CA ARG B 672 23.99 0.62 49.95
C ARG B 672 23.86 -0.71 50.72
N THR B 673 22.68 -1.00 51.27
CA THR B 673 22.33 -2.33 51.79
C THR B 673 22.09 -3.34 50.65
N GLY B 674 21.67 -2.84 49.47
CA GLY B 674 21.78 -3.47 48.14
C GLY B 674 21.25 -4.90 48.02
N LYS B 675 20.06 -5.18 48.57
CA LYS B 675 19.44 -6.51 48.50
C LYS B 675 18.92 -6.88 47.09
N MET B 676 18.63 -5.88 46.25
CA MET B 676 18.10 -6.07 44.89
C MET B 676 19.22 -6.33 43.85
N THR B 677 20.09 -7.31 44.15
CA THR B 677 21.07 -7.88 43.21
C THR B 677 20.36 -8.80 42.20
N TRP B 678 20.96 -8.99 41.01
CA TRP B 678 20.38 -9.85 39.98
C TRP B 678 20.27 -11.33 40.40
N GLU B 679 21.16 -11.78 41.30
CA GLU B 679 21.17 -13.11 41.91
C GLU B 679 20.03 -13.32 42.93
N ASN B 680 19.72 -12.29 43.74
CA ASN B 680 18.61 -12.30 44.70
C ASN B 680 17.25 -12.14 43.99
N VAL B 681 17.19 -11.34 42.91
CA VAL B 681 16.03 -11.23 42.02
C VAL B 681 15.65 -12.57 41.37
N ILE B 682 16.66 -13.36 40.98
CA ILE B 682 16.49 -14.75 40.54
C ILE B 682 16.04 -15.69 41.68
N LYS B 683 16.70 -15.63 42.86
CA LYS B 683 16.39 -16.51 43.98
C LYS B 683 14.97 -16.34 44.56
N GLN B 684 14.43 -15.11 44.51
CA GLN B 684 13.12 -14.75 45.05
C GLN B 684 11.94 -15.36 44.29
N PHE B 685 12.00 -15.35 42.94
CA PHE B 685 10.86 -15.69 42.08
C PHE B 685 11.13 -16.92 41.20
N PHE B 686 12.41 -17.18 40.87
CA PHE B 686 12.80 -18.07 39.78
C PHE B 686 13.62 -19.29 40.26
N THR B 687 13.57 -20.33 39.42
CA THR B 687 14.40 -21.52 39.49
C THR B 687 14.80 -21.92 38.05
N HIS B 688 15.93 -22.62 37.93
CA HIS B 688 16.51 -23.15 36.68
C HIS B 688 16.81 -22.06 35.63
N PHE B 689 17.45 -20.96 36.08
CA PHE B 689 17.90 -19.84 35.25
C PHE B 689 19.11 -20.22 34.37
N ASP B 690 18.96 -20.04 33.05
CA ASP B 690 20.00 -20.18 32.03
C ASP B 690 20.22 -18.82 31.38
N GLU B 691 21.40 -18.20 31.56
CA GLU B 691 21.75 -16.96 30.87
C GLU B 691 22.10 -17.22 29.39
N ILE B 692 21.50 -16.40 28.51
CA ILE B 692 21.71 -16.37 27.07
C ILE B 692 22.70 -15.24 26.73
N ASN B 693 23.84 -15.63 26.12
CA ASN B 693 24.92 -14.76 25.62
C ASN B 693 25.54 -13.87 26.72
N GLY B 694 25.67 -14.44 27.94
CA GLY B 694 26.03 -13.71 29.15
C GLY B 694 27.45 -13.13 29.15
N ASP B 695 28.35 -13.73 28.37
CA ASP B 695 29.74 -13.31 28.15
C ASP B 695 29.88 -12.09 27.22
N LYS B 696 28.81 -11.68 26.50
CA LYS B 696 28.85 -10.49 25.65
C LYS B 696 28.86 -9.19 26.47
N MET B 697 29.71 -8.24 26.02
CA MET B 697 30.22 -7.15 26.83
C MET B 697 30.64 -5.93 25.97
N SER B 698 30.85 -4.81 26.67
CA SER B 698 31.32 -3.51 26.16
C SER B 698 32.65 -3.61 25.40
N ALA B 699 32.65 -3.19 24.13
CA ALA B 699 33.81 -3.25 23.24
C ALA B 699 34.83 -2.11 23.43
N ASN B 700 34.40 -0.96 23.97
CA ASN B 700 35.18 0.28 24.18
C ASN B 700 35.90 0.73 22.88
N LEU B 701 35.12 0.84 21.80
CA LEU B 701 35.60 1.11 20.43
C LEU B 701 36.37 2.42 20.22
N LEU B 702 36.06 3.46 21.02
CA LEU B 702 36.54 4.83 20.83
C LEU B 702 37.57 5.28 21.88
N ASN B 703 37.94 4.40 22.85
CA ASN B 703 38.95 4.61 23.89
C ASN B 703 38.65 5.85 24.77
N PHE B 704 37.57 5.77 25.57
CA PHE B 704 37.25 6.79 26.57
C PHE B 704 38.21 6.60 27.79
N PRO B 705 38.86 7.68 28.28
CA PRO B 705 39.75 7.66 29.46
C PRO B 705 39.25 6.90 30.70
N GLY B 706 40.00 5.86 31.10
CA GLY B 706 39.81 5.11 32.34
C GLY B 706 38.63 4.12 32.32
N PHE B 707 37.85 4.05 31.22
CA PHE B 707 36.71 3.13 31.07
C PHE B 707 37.13 1.65 30.98
N ARG B 708 38.34 1.38 30.44
CA ARG B 708 38.87 0.02 30.32
C ARG B 708 39.28 -0.60 31.66
N LEU B 709 39.64 0.23 32.66
CA LEU B 709 39.96 -0.23 34.01
C LEU B 709 38.72 -0.73 34.78
N SER B 710 37.52 -0.18 34.50
CA SER B 710 36.26 -0.68 35.06
C SER B 710 35.82 -2.03 34.45
N ILE B 711 36.17 -2.26 33.16
CA ILE B 711 36.00 -3.53 32.47
C ILE B 711 36.98 -4.62 32.98
N GLU B 712 38.24 -4.24 33.23
CA GLU B 712 39.27 -5.07 33.87
C GLU B 712 38.90 -5.52 35.29
N ASP B 713 38.46 -4.55 36.11
CA ASP B 713 38.06 -4.72 37.50
C ASP B 713 36.85 -5.66 37.64
N ALA B 714 35.89 -5.51 36.71
CA ALA B 714 34.71 -6.36 36.58
C ALA B 714 35.06 -7.83 36.28
N LEU B 715 35.90 -8.07 35.27
CA LEU B 715 36.34 -9.40 34.82
C LEU B 715 37.04 -10.24 35.92
N ASP B 716 37.94 -9.60 36.70
CA ASP B 716 38.65 -10.23 37.83
C ASP B 716 37.83 -10.38 39.12
N LYS B 717 36.63 -9.76 39.18
CA LYS B 717 35.68 -9.90 40.29
C LYS B 717 34.48 -10.80 39.95
N GLY B 718 34.45 -11.37 38.72
CA GLY B 718 33.39 -12.27 38.27
C GLY B 718 32.12 -11.53 37.81
N ILE B 719 32.19 -10.19 37.67
CA ILE B 719 31.11 -9.34 37.19
C ILE B 719 31.19 -9.28 35.65
N ARG B 720 30.05 -9.56 34.99
CA ARG B 720 29.93 -9.63 33.54
C ARG B 720 29.78 -8.20 32.98
N PRO B 721 30.73 -7.69 32.15
CA PRO B 721 30.78 -6.26 31.75
C PRO B 721 29.65 -5.81 30.77
N CYS B 722 28.42 -5.75 31.28
CA CYS B 722 27.20 -5.41 30.57
C CYS B 722 26.16 -4.94 31.61
N GLY B 723 25.36 -3.93 31.25
CA GLY B 723 24.33 -3.33 32.12
C GLY B 723 23.05 -4.18 32.26
N LEU B 724 22.98 -5.36 31.61
CA LEU B 724 21.82 -6.24 31.59
C LEU B 724 22.28 -7.71 31.58
N ILE B 725 21.52 -8.56 32.27
CA ILE B 725 21.71 -10.01 32.42
C ILE B 725 20.43 -10.67 31.88
N THR B 726 20.54 -11.45 30.80
CA THR B 726 19.40 -11.94 30.03
C THR B 726 19.38 -13.47 29.95
N GLY B 727 18.36 -14.12 30.52
CA GLY B 727 18.22 -15.57 30.56
C GLY B 727 16.76 -16.02 30.48
N ILE B 728 16.55 -17.33 30.65
CA ILE B 728 15.25 -18.00 30.63
C ILE B 728 15.13 -18.85 31.92
N ALA B 729 13.99 -18.74 32.62
CA ALA B 729 13.79 -19.35 33.94
C ALA B 729 12.33 -19.79 34.17
N ASP B 730 12.13 -20.63 35.20
CA ASP B 730 10.83 -21.16 35.64
C ASP B 730 10.24 -20.27 36.73
N PHE B 731 8.98 -19.87 36.58
CA PHE B 731 8.16 -19.32 37.67
C PHE B 731 7.26 -20.43 38.21
N LYS B 732 7.36 -20.72 39.51
CA LYS B 732 6.59 -21.77 40.17
C LYS B 732 5.30 -21.20 40.80
N GLU B 733 4.17 -21.79 40.42
CA GLU B 733 2.85 -21.58 41.01
C GLU B 733 2.11 -22.93 40.95
N LYS B 734 1.60 -23.41 42.10
CA LYS B 734 0.80 -24.64 42.25
C LYS B 734 1.53 -25.92 41.76
N GLY B 735 2.85 -25.95 41.95
CA GLY B 735 3.73 -27.04 41.52
C GLY B 735 4.12 -26.97 40.04
N GLN B 736 3.43 -26.13 39.23
CA GLN B 736 3.66 -25.98 37.79
C GLN B 736 4.78 -24.96 37.52
N LYS B 737 5.78 -25.41 36.75
CA LYS B 737 6.95 -24.65 36.33
C LYS B 737 6.61 -23.96 34.99
N VAL B 738 6.52 -22.62 34.99
CA VAL B 738 6.11 -21.86 33.80
C VAL B 738 7.32 -21.09 33.26
N ARG B 739 7.78 -21.49 32.05
CA ARG B 739 8.96 -20.97 31.37
C ARG B 739 8.71 -19.54 30.85
N VAL B 740 9.54 -18.59 31.30
CA VAL B 740 9.49 -17.18 30.91
C VAL B 740 10.91 -16.70 30.55
N GLY B 741 10.99 -15.64 29.74
CA GLY B 741 12.21 -14.88 29.50
C GLY B 741 12.41 -13.92 30.69
N LEU B 742 13.68 -13.63 31.02
CA LEU B 742 14.06 -12.82 32.17
C LEU B 742 15.24 -11.91 31.79
N ALA B 743 15.08 -10.59 31.98
CA ALA B 743 16.14 -9.61 31.75
C ALA B 743 16.30 -8.72 32.99
N VAL B 744 17.38 -8.93 33.77
CA VAL B 744 17.63 -8.19 35.00
C VAL B 744 18.84 -7.26 34.82
N SER B 745 18.73 -5.98 35.23
CA SER B 745 19.83 -5.02 35.17
C SER B 745 20.95 -5.34 36.17
N ASN B 746 22.20 -5.26 35.68
CA ASN B 746 23.41 -5.56 36.46
C ASN B 746 23.87 -4.31 37.24
N THR B 747 23.31 -4.12 38.45
CA THR B 747 23.69 -3.05 39.37
C THR B 747 25.18 -3.09 39.83
N ALA B 748 25.87 -4.23 39.66
CA ALA B 748 27.29 -4.42 39.93
C ALA B 748 28.23 -3.91 38.82
N PHE B 749 27.71 -3.55 37.63
CA PHE B 749 28.49 -3.00 36.51
C PHE B 749 27.89 -1.68 36.04
N GLN B 750 28.61 -0.57 36.28
CA GLN B 750 28.30 0.80 35.83
C GLN B 750 26.93 1.34 36.30
N ALA B 751 26.43 0.83 37.44
CA ALA B 751 25.09 1.05 37.99
C ALA B 751 23.95 0.57 37.05
N GLY B 752 24.22 -0.50 36.30
CA GLY B 752 23.28 -1.11 35.35
C GLY B 752 23.14 -0.33 34.04
N ALA B 753 24.08 0.57 33.71
CA ALA B 753 24.06 1.42 32.51
C ALA B 753 23.88 0.63 31.20
N PHE B 754 22.67 0.75 30.64
CA PHE B 754 22.20 0.17 29.39
C PHE B 754 23.06 0.55 28.18
N ASP B 755 23.53 -0.46 27.44
CA ASP B 755 24.61 -0.32 26.45
C ASP B 755 24.31 -1.14 25.17
N MET B 756 25.31 -1.22 24.28
CA MET B 756 25.29 -2.04 23.05
C MET B 756 25.29 -3.55 23.32
N ALA B 757 25.96 -4.00 24.39
CA ALA B 757 25.93 -5.40 24.81
C ALA B 757 24.57 -5.80 25.41
N SER B 758 23.92 -4.87 26.13
CA SER B 758 22.56 -5.04 26.64
C SER B 758 21.53 -5.15 25.49
N ALA B 759 21.78 -4.42 24.39
CA ALA B 759 20.99 -4.45 23.18
C ALA B 759 21.13 -5.78 22.40
N GLU B 760 22.37 -6.22 22.11
CA GLU B 760 22.64 -7.52 21.45
C GLU B 760 22.09 -8.73 22.23
N LYS B 761 22.29 -8.72 23.56
CA LYS B 761 21.82 -9.76 24.47
C LYS B 761 20.30 -9.83 24.60
N PHE B 762 19.63 -8.65 24.64
CA PHE B 762 18.17 -8.58 24.73
C PHE B 762 17.48 -8.87 23.39
N SER B 763 18.12 -8.51 22.27
CA SER B 763 17.71 -8.90 20.93
C SER B 763 17.81 -10.42 20.71
N ALA B 764 18.88 -11.05 21.25
CA ALA B 764 19.04 -12.49 21.29
C ALA B 764 17.99 -13.19 22.16
N LEU B 765 17.72 -12.66 23.36
CA LEU B 765 16.68 -13.14 24.28
C LEU B 765 15.27 -13.10 23.68
N LEU B 766 14.91 -11.98 23.02
CA LEU B 766 13.64 -11.80 22.31
C LEU B 766 13.46 -12.79 21.15
N ILE B 767 14.57 -13.22 20.51
CA ILE B 767 14.61 -14.30 19.53
C ILE B 767 14.38 -15.69 20.17
N GLU B 768 15.01 -15.99 21.32
CA GLU B 768 14.77 -17.23 22.08
C GLU B 768 13.32 -17.36 22.58
N CYS B 769 12.73 -16.22 23.00
CA CYS B 769 11.34 -16.11 23.42
C CYS B 769 10.36 -16.32 22.26
N ALA B 770 10.73 -15.89 21.04
CA ALA B 770 9.93 -16.10 19.82
C ALA B 770 9.95 -17.57 19.34
N LYS B 771 11.06 -18.28 19.58
CA LYS B 771 11.24 -19.69 19.20
C LYS B 771 10.44 -20.69 20.06
N ARG B 772 10.26 -20.40 21.36
CA ARG B 772 9.55 -21.28 22.30
C ARG B 772 8.17 -20.74 22.73
N LYS B 773 7.86 -19.48 22.39
CA LYS B 773 6.63 -18.75 22.73
C LYS B 773 6.53 -18.42 24.23
N LEU B 774 7.58 -17.77 24.77
CA LEU B 774 7.66 -17.38 26.19
C LEU B 774 7.24 -15.91 26.35
N PRO B 775 6.50 -15.57 27.43
CA PRO B 775 6.37 -14.16 27.86
C PRO B 775 7.67 -13.68 28.54
N VAL B 776 7.96 -12.37 28.43
CA VAL B 776 9.18 -11.77 28.98
C VAL B 776 8.84 -11.01 30.28
N VAL B 777 9.70 -11.16 31.30
CA VAL B 777 9.56 -10.49 32.59
C VAL B 777 10.90 -9.79 32.91
N CYS B 778 10.95 -8.47 32.71
CA CYS B 778 12.14 -7.65 32.91
C CYS B 778 12.12 -7.03 34.32
N PHE B 779 13.29 -6.98 34.99
CA PHE B 779 13.54 -6.27 36.24
C PHE B 779 14.67 -5.26 36.01
N ILE B 780 14.34 -3.99 35.79
CA ILE B 780 15.27 -3.01 35.22
C ILE B 780 15.65 -1.93 36.23
N SER B 781 16.95 -1.66 36.32
CA SER B 781 17.58 -0.63 37.13
C SER B 781 18.81 -0.12 36.38
N SER B 782 18.56 0.79 35.41
CA SER B 782 19.59 1.38 34.57
C SER B 782 19.98 2.78 35.06
N GLY B 783 21.28 3.07 35.04
CA GLY B 783 21.83 4.42 35.24
C GLY B 783 21.69 5.29 33.98
N GLY B 784 21.19 4.71 32.87
CA GLY B 784 20.94 5.37 31.60
C GLY B 784 21.86 4.80 30.53
N MET B 785 22.08 5.59 29.47
CA MET B 785 23.01 5.24 28.39
C MET B 785 24.46 5.13 28.89
N GLN B 786 25.20 4.17 28.31
CA GLN B 786 26.63 4.07 28.47
C GLN B 786 27.29 5.06 27.48
N THR B 787 27.68 6.22 28.03
CA THR B 787 28.20 7.37 27.27
C THR B 787 29.70 7.29 26.97
N LYS B 788 30.42 6.35 27.60
CA LYS B 788 31.84 6.06 27.35
C LYS B 788 32.06 5.20 26.09
N GLU B 789 30.97 4.79 25.42
CA GLU B 789 30.96 4.13 24.12
C GLU B 789 30.69 5.13 22.96
N GLY B 790 30.36 6.39 23.27
CA GLY B 790 30.14 7.45 22.29
C GLY B 790 28.79 7.32 21.57
N ALA B 791 28.67 8.07 20.47
CA ALA B 791 27.45 8.25 19.67
C ALA B 791 26.86 6.95 19.09
N ALA B 792 27.72 5.94 18.86
CA ALA B 792 27.35 4.61 18.37
C ALA B 792 26.44 3.81 19.32
N ALA B 793 26.51 4.13 20.62
CA ALA B 793 25.70 3.50 21.67
C ALA B 793 24.21 3.86 21.64
N LEU B 794 23.83 5.04 21.10
CA LEU B 794 22.45 5.52 21.05
C LEU B 794 21.50 4.62 20.26
N PHE B 795 22.02 3.99 19.19
CA PHE B 795 21.27 3.12 18.30
C PHE B 795 20.69 1.85 18.97
N SER B 796 21.16 1.53 20.19
CA SER B 796 20.60 0.54 21.12
C SER B 796 19.12 0.79 21.48
N MET B 797 18.75 2.06 21.71
CA MET B 797 17.38 2.48 22.04
C MET B 797 16.38 2.20 20.90
N ALA B 798 16.81 2.37 19.64
CA ALA B 798 16.00 2.09 18.46
C ALA B 798 15.96 0.59 18.11
N VAL B 799 17.10 -0.11 18.29
CA VAL B 799 17.25 -1.56 18.08
C VAL B 799 16.34 -2.38 19.01
N VAL B 800 16.44 -2.11 20.33
CA VAL B 800 15.68 -2.82 21.36
C VAL B 800 14.18 -2.54 21.30
N ASN B 801 13.78 -1.29 21.02
CA ASN B 801 12.37 -0.91 20.84
C ASN B 801 11.75 -1.55 19.58
N ASP B 802 12.53 -1.66 18.48
CA ASP B 802 12.11 -2.37 17.27
C ASP B 802 11.83 -3.86 17.55
N ARG B 803 12.76 -4.54 18.22
CA ARG B 803 12.61 -5.94 18.63
C ARG B 803 11.47 -6.19 19.62
N ILE B 804 11.18 -5.23 20.51
CA ILE B 804 10.04 -5.27 21.42
C ILE B 804 8.68 -5.06 20.68
N THR B 805 8.62 -4.09 19.75
CA THR B 805 7.42 -3.77 18.97
C THR B 805 7.05 -4.89 17.97
N ARG B 806 8.05 -5.43 17.26
CA ARG B 806 7.91 -6.56 16.34
C ARG B 806 7.59 -7.87 17.08
N PHE B 807 8.19 -8.10 18.27
CA PHE B 807 7.90 -9.27 19.10
C PHE B 807 6.44 -9.35 19.58
N ILE B 808 5.87 -8.19 19.97
CA ILE B 808 4.50 -8.10 20.48
C ILE B 808 3.46 -8.00 19.35
N ARG B 809 3.77 -7.34 18.21
CA ARG B 809 2.85 -7.32 17.07
C ARG B 809 2.78 -8.66 16.32
N ASP B 810 3.93 -9.31 16.10
CA ASP B 810 4.05 -10.49 15.24
C ASP B 810 3.94 -11.82 16.00
N ASN B 811 4.03 -11.82 17.34
CA ASN B 811 3.93 -13.05 18.16
C ASN B 811 2.94 -12.93 19.33
N GLU B 812 2.48 -11.71 19.69
CA GLU B 812 1.38 -11.42 20.64
C GLU B 812 1.63 -11.83 22.11
N LEU B 813 2.89 -12.06 22.49
CA LEU B 813 3.28 -12.56 23.80
C LEU B 813 3.44 -11.40 24.82
N PRO B 814 2.80 -11.51 26.02
CA PRO B 814 2.97 -10.55 27.12
C PRO B 814 4.42 -10.24 27.50
N VAL B 815 4.73 -8.93 27.60
CA VAL B 815 6.01 -8.42 28.06
C VAL B 815 5.72 -7.56 29.31
N LEU B 816 6.30 -7.97 30.44
CA LEU B 816 6.17 -7.34 31.75
C LEU B 816 7.49 -6.61 32.04
N MET B 817 7.40 -5.35 32.45
CA MET B 817 8.52 -4.46 32.71
C MET B 817 8.39 -3.92 34.13
N PHE B 818 9.25 -4.40 35.05
CA PHE B 818 9.37 -3.91 36.42
C PHE B 818 10.56 -2.95 36.50
N GLY B 819 10.35 -1.71 36.94
CA GLY B 819 11.43 -0.80 37.30
C GLY B 819 11.76 -1.01 38.79
N PHE B 820 13.05 -0.96 39.14
CA PHE B 820 13.54 -1.00 40.52
C PHE B 820 14.75 -0.08 40.64
N GLY B 821 15.07 0.35 41.88
CA GLY B 821 16.22 1.19 42.22
C GLY B 821 16.19 2.51 41.44
N ASP B 822 17.24 2.76 40.64
CA ASP B 822 17.28 3.78 39.60
C ASP B 822 16.89 3.12 38.27
N CYS B 823 15.62 3.25 37.87
CA CYS B 823 15.14 2.87 36.53
C CYS B 823 15.11 4.15 35.69
N THR B 824 16.30 4.61 35.24
CA THR B 824 16.50 5.92 34.63
C THR B 824 17.21 5.83 33.27
N GLY B 825 17.17 6.96 32.53
CA GLY B 825 17.85 7.15 31.26
C GLY B 825 17.33 6.22 30.17
N GLY B 826 18.25 5.72 29.32
CA GLY B 826 18.02 4.94 28.10
C GLY B 826 16.99 3.81 28.21
N ALA B 827 17.00 3.01 29.29
CA ALA B 827 16.08 1.89 29.48
C ALA B 827 14.64 2.34 29.77
N GLN B 828 14.51 3.33 30.67
CA GLN B 828 13.27 4.04 30.99
C GLN B 828 12.72 4.85 29.81
N ALA B 829 13.60 5.29 28.91
CA ALA B 829 13.31 6.11 27.75
C ALA B 829 13.07 5.32 26.46
N SER B 830 13.17 3.97 26.45
CA SER B 830 13.05 3.20 25.20
C SER B 830 12.32 1.85 25.28
N PHE B 831 12.27 1.14 26.44
CA PHE B 831 11.69 -0.20 26.45
C PHE B 831 10.85 -0.55 27.68
N VAL B 832 11.17 0.01 28.86
CA VAL B 832 10.39 -0.18 30.08
C VAL B 832 8.96 0.41 29.97
N THR B 833 8.86 1.50 29.21
CA THR B 833 7.68 2.34 29.04
C THR B 833 7.07 2.23 27.63
N HIS B 834 7.44 1.21 26.84
CA HIS B 834 6.89 0.94 25.50
C HIS B 834 5.35 0.73 25.56
N PRO B 835 4.57 1.39 24.66
CA PRO B 835 3.09 1.35 24.67
C PRO B 835 2.35 -0.01 24.76
N LEU B 836 2.93 -1.12 24.27
CA LEU B 836 2.29 -2.44 24.24
C LEU B 836 2.79 -3.41 25.34
N VAL B 837 3.68 -2.97 26.26
CA VAL B 837 4.08 -3.77 27.44
C VAL B 837 3.14 -3.49 28.63
N GLN B 838 3.26 -4.32 29.67
CA GLN B 838 2.71 -4.05 31.00
C GLN B 838 3.83 -3.44 31.85
N THR B 839 3.70 -2.15 32.20
CA THR B 839 4.71 -1.42 32.98
C THR B 839 4.34 -1.42 34.47
N TYR B 840 5.31 -1.77 35.32
CA TYR B 840 5.22 -1.80 36.78
C TYR B 840 6.49 -1.18 37.38
N TYR B 841 6.40 -0.84 38.67
CA TYR B 841 7.53 -0.36 39.46
C TYR B 841 7.35 -0.85 40.90
N LEU B 842 8.47 -1.22 41.55
CA LEU B 842 8.53 -1.43 43.00
C LEU B 842 8.33 -0.09 43.72
N SER B 843 7.81 -0.14 44.96
CA SER B 843 7.80 1.01 45.87
C SER B 843 9.25 1.39 46.24
N GLY B 844 9.51 2.71 46.31
CA GLY B 844 10.84 3.26 46.53
C GLY B 844 11.73 3.03 45.30
N THR B 845 11.19 3.29 44.09
CA THR B 845 11.95 3.29 42.84
C THR B 845 11.96 4.71 42.26
N ASN B 846 13.14 5.14 41.82
CA ASN B 846 13.39 6.38 41.09
C ASN B 846 13.23 6.08 39.58
N MET B 847 12.31 6.78 38.91
CA MET B 847 11.90 6.50 37.52
C MET B 847 11.90 7.69 36.50
N PRO B 848 12.75 8.74 36.62
CA PRO B 848 12.81 9.80 35.59
C PRO B 848 13.41 9.36 34.24
N PHE B 849 13.07 10.11 33.19
CA PHE B 849 13.60 10.03 31.83
C PHE B 849 15.15 10.08 31.69
N ALA B 850 15.84 10.72 32.66
CA ALA B 850 17.30 10.80 32.74
C ALA B 850 17.76 11.03 34.20
N GLY B 851 18.97 10.54 34.51
CA GLY B 851 19.53 10.48 35.87
C GLY B 851 20.17 11.80 36.34
N GLN B 852 20.68 11.78 37.58
CA GLN B 852 21.27 12.92 38.30
C GLN B 852 22.50 13.57 37.64
N MET B 853 23.32 12.78 36.93
CA MET B 853 24.51 13.26 36.23
C MET B 853 24.18 13.99 34.91
N VAL B 854 23.13 13.52 34.20
CA VAL B 854 22.67 14.10 32.94
C VAL B 854 21.84 15.37 33.15
N VAL B 855 21.00 15.41 34.19
CA VAL B 855 20.07 16.51 34.45
C VAL B 855 20.67 17.46 35.52
N PRO B 856 20.98 18.73 35.15
CA PRO B 856 21.54 19.70 36.12
C PRO B 856 20.50 20.31 37.08
N ALA B 857 19.22 20.32 36.68
CA ALA B 857 18.09 20.84 37.44
C ALA B 857 17.67 19.92 38.60
N TYR B 858 17.00 20.51 39.60
CA TYR B 858 16.35 19.79 40.69
C TYR B 858 15.13 19.01 40.20
N LEU B 859 15.03 17.77 40.68
CA LEU B 859 13.96 16.84 40.40
C LEU B 859 13.28 16.45 41.72
N PRO B 860 12.09 17.04 42.02
CA PRO B 860 11.20 16.59 43.10
C PRO B 860 10.87 15.09 43.09
N SER B 861 10.73 14.49 44.28
CA SER B 861 10.26 13.11 44.43
C SER B 861 8.84 12.90 43.87
N THR B 862 7.99 13.93 43.91
CA THR B 862 6.65 13.93 43.30
C THR B 862 6.65 13.86 41.75
N SER B 863 7.81 14.05 41.10
CA SER B 863 8.00 13.90 39.66
C SER B 863 8.96 12.75 39.29
N THR B 864 9.52 12.01 40.26
CA THR B 864 10.54 10.99 40.00
C THR B 864 10.38 9.69 40.80
N LEU B 865 9.80 9.73 42.02
CA LEU B 865 9.49 8.54 42.80
C LEU B 865 8.25 7.85 42.20
N SER B 866 8.35 6.54 41.99
CA SER B 866 7.32 5.66 41.42
C SER B 866 5.99 5.68 42.18
N ASN B 867 6.06 5.88 43.51
CA ASN B 867 4.91 5.98 44.40
C ASN B 867 3.98 7.13 44.01
N TYR B 868 4.51 8.36 43.96
CA TYR B 868 3.76 9.57 43.58
C TYR B 868 3.30 9.58 42.11
N LEU B 869 4.10 9.00 41.20
CA LEU B 869 3.79 8.90 39.78
C LEU B 869 2.77 7.79 39.44
N SER B 870 2.43 6.88 40.38
CA SER B 870 1.43 5.82 40.16
C SER B 870 -0.01 6.33 39.94
N LYS B 871 -0.30 7.57 40.39
CA LYS B 871 -1.57 8.25 40.24
C LYS B 871 -1.75 8.98 38.89
N VAL B 872 -0.69 9.01 38.05
CA VAL B 872 -0.71 9.64 36.72
C VAL B 872 -1.22 8.60 35.68
N PRO B 873 -2.31 8.91 34.93
CA PRO B 873 -2.88 8.01 33.90
C PRO B 873 -1.89 7.46 32.86
N GLY B 874 -1.66 6.15 32.90
CA GLY B 874 -0.80 5.43 31.95
C GLY B 874 0.68 5.41 32.35
N ALA B 875 1.03 5.84 33.58
CA ALA B 875 2.40 5.74 34.11
C ALA B 875 2.82 4.32 34.50
N MET B 876 1.85 3.50 34.96
CA MET B 876 2.05 2.10 35.30
C MET B 876 0.69 1.38 35.43
N ALA B 877 0.75 0.07 35.24
CA ALA B 877 -0.32 -0.90 35.49
C ALA B 877 -0.44 -1.30 36.98
N GLY B 878 0.45 -0.80 37.84
CA GLY B 878 0.37 -0.99 39.28
C GLY B 878 1.73 -0.67 39.93
N LEU B 879 1.66 -0.25 41.19
CA LEU B 879 2.80 -0.15 42.10
C LEU B 879 2.82 -1.43 42.94
N VAL B 880 3.99 -2.10 43.01
CA VAL B 880 4.13 -3.39 43.68
C VAL B 880 5.06 -3.30 44.92
N HIS B 881 4.89 -4.24 45.85
CA HIS B 881 5.70 -4.39 47.05
C HIS B 881 7.16 -4.79 46.73
N ASN B 882 8.10 -4.34 47.57
CA ASN B 882 9.50 -4.75 47.55
C ASN B 882 9.65 -5.97 48.50
N PRO B 883 9.89 -7.18 47.95
CA PRO B 883 10.01 -8.41 48.77
C PRO B 883 11.38 -8.61 49.42
N PHE B 884 12.36 -7.73 49.12
CA PHE B 884 13.71 -7.75 49.66
C PHE B 884 13.86 -6.79 50.86
N SER B 885 12.86 -5.91 51.07
CA SER B 885 12.94 -4.80 52.00
C SER B 885 11.53 -4.47 52.49
N GLU B 886 11.13 -5.14 53.58
CA GLU B 886 9.83 -4.98 54.23
C GLU B 886 9.65 -3.61 54.90
N ASN B 887 10.77 -3.01 55.36
CA ASN B 887 10.79 -1.71 56.04
C ASN B 887 10.63 -0.49 55.09
N LEU B 888 10.75 -0.69 53.76
CA LEU B 888 10.69 0.39 52.78
C LEU B 888 9.31 1.06 52.68
N ASP B 889 8.23 0.25 52.67
CA ASP B 889 6.85 0.73 52.74
C ASP B 889 6.52 1.42 54.07
N ASN B 890 7.05 0.88 55.19
CA ASN B 890 6.88 1.42 56.54
C ASN B 890 7.59 2.79 56.71
N GLN B 891 8.77 2.94 56.08
CA GLN B 891 9.53 4.19 56.01
C GLN B 891 8.85 5.25 55.14
N LEU B 892 8.45 4.90 53.91
CA LEU B 892 7.81 5.83 52.96
C LEU B 892 6.43 6.35 53.45
N ALA B 893 5.67 5.52 54.17
CA ALA B 893 4.41 5.89 54.81
C ALA B 893 4.60 6.79 56.04
N SER B 894 5.72 6.64 56.79
CA SER B 894 6.06 7.50 57.92
C SER B 894 6.59 8.88 57.49
N ILE B 895 7.25 8.95 56.31
CA ILE B 895 7.74 10.18 55.71
C ILE B 895 6.60 11.08 55.19
N ASP B 896 5.55 10.47 54.61
CA ASP B 896 4.36 11.18 54.14
C ASP B 896 3.13 10.29 54.37
N PRO B 897 2.17 10.73 55.22
CA PRO B 897 0.82 10.11 55.33
C PRO B 897 0.00 10.01 54.02
N LEU B 898 0.29 10.85 53.03
CA LEU B 898 -0.40 10.92 51.73
C LEU B 898 0.34 10.13 50.62
N MET B 899 1.37 9.34 50.99
CA MET B 899 2.14 8.47 50.09
C MET B 899 1.28 7.32 49.53
N PRO B 900 1.17 7.17 48.20
CA PRO B 900 0.60 5.96 47.58
C PRO B 900 1.41 4.68 47.88
N MET B 901 0.75 3.73 48.56
CA MET B 901 1.31 2.41 48.88
C MET B 901 0.97 1.38 47.78
N PRO B 902 1.80 0.31 47.66
CA PRO B 902 1.49 -0.86 46.80
C PRO B 902 0.13 -1.52 47.03
N THR B 903 -0.52 -1.86 45.90
CA THR B 903 -1.79 -2.57 45.86
C THR B 903 -1.62 -4.05 45.44
N ALA B 904 -0.43 -4.43 44.92
CA ALA B 904 -0.16 -5.77 44.38
C ALA B 904 1.24 -6.27 44.77
N LYS B 905 1.46 -7.58 44.61
CA LYS B 905 2.76 -8.23 44.71
C LYS B 905 3.30 -8.58 43.32
N ILE B 906 4.61 -8.78 43.22
CA ILE B 906 5.31 -9.15 41.98
C ILE B 906 4.87 -10.52 41.43
N ASN B 907 4.61 -11.49 42.33
CA ASN B 907 4.06 -12.81 42.00
C ASN B 907 2.61 -12.71 41.48
N GLU B 908 1.77 -11.88 42.12
CA GLU B 908 0.37 -11.63 41.71
C GLU B 908 0.25 -11.03 40.31
N VAL B 909 1.16 -10.10 39.96
CA VAL B 909 1.28 -9.48 38.63
C VAL B 909 1.63 -10.52 37.54
N ILE B 910 2.62 -11.37 37.82
CA ILE B 910 3.04 -12.45 36.93
C ILE B 910 1.94 -13.51 36.76
N ILE B 911 1.24 -13.87 37.84
CA ILE B 911 0.08 -14.78 37.81
C ILE B 911 -1.09 -14.25 36.96
N ASN B 912 -1.39 -12.93 37.01
CA ASN B 912 -2.39 -12.29 36.15
C ASN B 912 -2.02 -12.38 34.65
N ALA B 913 -0.73 -12.26 34.31
CA ALA B 913 -0.22 -12.45 32.95
C ALA B 913 -0.29 -13.92 32.49
N LEU B 914 0.20 -14.86 33.32
CA LEU B 914 0.25 -16.30 33.04
C LEU B 914 -1.13 -16.97 32.95
N SER B 915 -2.12 -16.47 33.72
CA SER B 915 -3.50 -16.97 33.71
C SER B 915 -4.34 -16.50 32.51
N THR B 916 -3.97 -15.38 31.88
CA THR B 916 -4.68 -14.81 30.72
C THR B 916 -4.01 -15.17 29.37
N LEU B 917 -2.77 -15.68 29.38
CA LEU B 917 -2.13 -16.26 28.19
C LEU B 917 -2.31 -17.79 28.20
N VAL B 918 -2.35 -18.39 26.99
CA VAL B 918 -2.48 -19.84 26.82
C VAL B 918 -1.09 -20.49 26.98
N VAL B 919 -0.94 -21.26 28.06
CA VAL B 919 0.18 -22.18 28.25
C VAL B 919 -0.16 -23.46 27.45
N GLU B 920 0.30 -23.48 26.18
CA GLU B 920 0.02 -24.53 25.20
C GLU B 920 0.59 -25.90 25.60
N ALA B 921 0.04 -26.96 24.97
CA ALA B 921 0.46 -28.36 25.07
C ALA B 921 1.98 -28.51 24.80
N PRO B 922 2.78 -28.95 25.80
CA PRO B 922 4.26 -28.98 25.73
C PRO B 922 4.87 -29.57 24.46
N ALA B 923 5.46 -28.69 23.64
CA ALA B 923 6.39 -29.05 22.57
C ALA B 923 7.77 -29.36 23.17
N GLU B 924 8.56 -30.21 22.48
CA GLU B 924 9.90 -30.64 22.88
C GLU B 924 10.86 -29.45 23.10
N GLU B 925 11.33 -29.30 24.34
CA GLU B 925 12.11 -28.16 24.78
C GLU B 925 13.53 -28.16 24.16
N GLU B 926 13.84 -27.06 23.47
CA GLU B 926 15.11 -26.85 22.81
C GLU B 926 16.20 -26.46 23.82
N GLU B 927 17.24 -27.30 23.93
CA GLU B 927 18.53 -26.94 24.52
C GLU B 927 19.21 -25.84 23.68
N ILE B 928 20.09 -25.05 24.32
CA ILE B 928 20.73 -23.87 23.71
C ILE B 928 21.49 -24.24 22.43
N VAL B 929 21.01 -23.71 21.30
CA VAL B 929 21.54 -23.97 19.96
C VAL B 929 22.78 -23.08 19.73
N GLN B 930 23.90 -23.54 20.31
CA GLN B 930 25.24 -23.02 20.10
C GLN B 930 25.66 -23.30 18.65
N ASN B 931 26.33 -22.33 18.00
CA ASN B 931 26.81 -22.45 16.62
C ASN B 931 28.16 -23.18 16.59
N ASP B 932 28.14 -24.40 17.13
CA ASP B 932 29.19 -25.40 17.16
C ASP B 932 29.30 -26.03 15.76
N PRO B 933 30.47 -25.93 15.10
CA PRO B 933 30.67 -26.54 13.77
C PRO B 933 30.71 -28.07 13.73
N ARG B 934 30.91 -28.78 14.87
CA ARG B 934 30.95 -30.24 14.95
C ARG B 934 29.65 -30.94 14.50
N LYS B 935 28.52 -30.22 14.56
CA LYS B 935 27.22 -30.65 14.03
C LYS B 935 27.17 -30.63 12.49
N LEU B 936 27.89 -29.67 11.89
CA LEU B 936 28.03 -29.51 10.44
C LEU B 936 29.12 -30.43 9.85
N MET B 937 30.07 -30.90 10.69
CA MET B 937 31.14 -31.81 10.33
C MET B 937 30.61 -33.21 10.00
N LYS B 938 30.31 -33.41 8.70
CA LYS B 938 29.76 -34.62 8.11
C LYS B 938 30.30 -34.71 6.65
N PRO B 939 30.11 -35.87 5.96
CA PRO B 939 30.70 -36.16 4.63
C PRO B 939 30.61 -35.04 3.57
N ILE B 940 31.77 -34.71 3.01
CA ILE B 940 31.99 -33.58 2.09
C ILE B 940 32.22 -34.16 0.68
N ASN B 941 31.42 -33.70 -0.30
CA ASN B 941 31.54 -34.05 -1.72
C ASN B 941 31.83 -32.82 -2.59
N LYS B 942 31.57 -31.60 -2.09
CA LYS B 942 31.94 -30.35 -2.73
C LYS B 942 32.39 -29.33 -1.67
N VAL B 943 33.66 -28.92 -1.75
CA VAL B 943 34.30 -27.95 -0.87
C VAL B 943 34.62 -26.66 -1.63
N LEU B 944 34.51 -25.51 -0.94
CA LEU B 944 34.93 -24.21 -1.43
C LEU B 944 36.35 -23.93 -0.93
N VAL B 945 37.34 -23.89 -1.84
CA VAL B 945 38.71 -23.54 -1.51
C VAL B 945 38.86 -22.01 -1.61
N HIS B 946 38.95 -21.34 -0.45
CA HIS B 946 39.23 -19.91 -0.36
C HIS B 946 40.73 -19.70 -0.14
N ALA B 947 41.50 -19.93 -1.21
CA ALA B 947 42.96 -19.79 -1.23
C ALA B 947 43.41 -19.31 -2.61
N ARG B 948 44.67 -18.89 -2.68
CA ARG B 948 45.36 -18.49 -3.89
C ARG B 948 46.81 -19.02 -3.87
N GLY B 949 47.47 -18.93 -5.03
CA GLY B 949 48.89 -19.26 -5.17
C GLY B 949 49.15 -20.75 -4.89
N CYS B 950 50.29 -21.04 -4.24
CA CYS B 950 50.70 -22.38 -3.81
C CYS B 950 49.74 -23.03 -2.80
N THR B 951 49.10 -22.20 -1.94
CA THR B 951 48.11 -22.65 -0.95
C THR B 951 46.84 -23.25 -1.60
N ALA B 952 46.41 -22.67 -2.74
CA ALA B 952 45.35 -23.22 -3.57
C ALA B 952 45.73 -24.54 -4.22
N VAL B 953 46.94 -24.63 -4.83
CA VAL B 953 47.45 -25.80 -5.54
C VAL B 953 47.48 -27.08 -4.68
N LYS B 954 47.96 -26.98 -3.43
CA LYS B 954 48.04 -28.11 -2.51
C LYS B 954 46.67 -28.56 -1.96
N LEU B 955 45.77 -27.62 -1.65
CA LEU B 955 44.41 -27.93 -1.19
C LEU B 955 43.51 -28.49 -2.32
N ILE B 956 43.70 -28.00 -3.56
CA ILE B 956 42.98 -28.43 -4.75
C ILE B 956 43.46 -29.81 -5.27
N ARG B 957 44.78 -30.07 -5.19
CA ARG B 957 45.37 -31.38 -5.44
C ARG B 957 44.82 -32.45 -4.48
N LYS B 958 44.72 -32.12 -3.19
CA LYS B 958 44.18 -33.02 -2.17
C LYS B 958 42.66 -33.18 -2.24
N ALA B 959 41.94 -32.18 -2.77
CA ALA B 959 40.54 -32.32 -3.16
C ALA B 959 40.38 -33.30 -4.35
N HIS B 960 41.28 -33.25 -5.35
CA HIS B 960 41.32 -34.21 -6.46
C HIS B 960 41.64 -35.65 -6.00
N ASP B 961 42.65 -35.81 -5.13
CA ASP B 961 43.09 -37.09 -4.55
C ASP B 961 42.01 -37.77 -3.68
N ASN B 962 41.22 -36.97 -2.96
CA ASN B 962 40.15 -37.44 -2.06
C ASN B 962 38.77 -37.53 -2.77
N ASN B 963 38.70 -37.16 -4.06
CA ASN B 963 37.51 -37.14 -4.92
C ASN B 963 36.40 -36.22 -4.35
N ILE B 964 36.81 -35.02 -3.93
CA ILE B 964 35.96 -33.93 -3.47
C ILE B 964 36.02 -32.84 -4.55
N ASN B 965 34.85 -32.36 -4.99
CA ASN B 965 34.75 -31.29 -5.99
C ASN B 965 35.16 -29.94 -5.40
N VAL B 966 35.79 -29.10 -6.22
CA VAL B 966 36.30 -27.80 -5.81
C VAL B 966 35.40 -26.69 -6.37
N VAL B 967 35.09 -25.70 -5.51
CA VAL B 967 34.61 -24.39 -5.93
C VAL B 967 35.74 -23.40 -5.60
N LEU B 968 36.47 -22.96 -6.64
CA LEU B 968 37.56 -21.99 -6.49
C LEU B 968 37.01 -20.60 -6.75
N VAL B 969 37.11 -19.73 -5.72
CA VAL B 969 36.84 -18.30 -5.84
C VAL B 969 38.18 -17.58 -6.05
N ALA B 970 38.23 -16.64 -7.01
CA ALA B 970 39.49 -16.04 -7.45
C ALA B 970 39.33 -14.62 -7.99
N SER B 971 40.42 -13.82 -7.87
CA SER B 971 40.60 -12.53 -8.52
C SER B 971 40.74 -12.65 -10.05
N ASP B 972 40.55 -11.53 -10.77
CA ASP B 972 40.58 -11.42 -12.24
C ASP B 972 41.89 -11.93 -12.89
N PRO B 973 43.09 -11.55 -12.40
CA PRO B 973 44.37 -12.18 -12.81
C PRO B 973 44.51 -13.67 -12.49
N ASP B 974 43.91 -14.11 -11.36
CA ASP B 974 43.93 -15.50 -10.87
C ASP B 974 42.86 -16.41 -11.50
N MET B 975 42.05 -15.90 -12.45
CA MET B 975 41.19 -16.69 -13.32
C MET B 975 41.98 -17.59 -14.28
N THR B 976 43.17 -17.13 -14.68
CA THR B 976 44.06 -17.81 -15.61
C THR B 976 45.33 -18.35 -14.90
N ALA B 977 45.35 -18.36 -13.55
CA ALA B 977 46.41 -18.99 -12.76
C ALA B 977 46.34 -20.52 -12.78
N VAL B 978 47.48 -21.16 -12.46
CA VAL B 978 47.64 -22.63 -12.42
C VAL B 978 46.61 -23.43 -11.60
N PRO B 979 46.21 -23.02 -10.36
CA PRO B 979 45.14 -23.73 -9.62
C PRO B 979 43.75 -23.70 -10.29
N ALA B 980 43.45 -22.64 -11.06
CA ALA B 980 42.24 -22.54 -11.88
C ALA B 980 42.27 -23.45 -13.12
N ASP B 981 43.48 -23.69 -13.68
CA ASP B 981 43.72 -24.66 -14.75
C ASP B 981 43.71 -26.11 -14.27
N MET B 982 44.14 -26.37 -13.01
CA MET B 982 44.14 -27.70 -12.40
C MET B 982 42.73 -28.28 -12.20
N LEU B 983 41.71 -27.42 -12.05
CA LEU B 983 40.29 -27.78 -11.91
C LEU B 983 39.82 -28.73 -13.01
N LYS B 984 39.09 -29.78 -12.60
CA LYS B 984 38.42 -30.72 -13.49
C LYS B 984 37.03 -30.20 -13.91
N GLU B 985 36.39 -30.94 -14.81
CA GLU B 985 35.12 -30.59 -15.48
C GLU B 985 33.90 -30.46 -14.56
N SER B 986 33.92 -31.18 -13.43
CA SER B 986 32.90 -31.15 -12.38
C SER B 986 33.07 -30.01 -11.36
N ASP B 987 34.26 -29.39 -11.34
CA ASP B 987 34.63 -28.26 -10.47
C ASP B 987 34.19 -26.93 -11.12
N LYS B 988 34.09 -25.87 -10.30
CA LYS B 988 33.63 -24.56 -10.77
C LYS B 988 34.51 -23.43 -10.25
N LEU B 989 35.20 -22.76 -11.20
CA LEU B 989 35.81 -21.45 -11.01
C LEU B 989 34.72 -20.36 -11.00
N VAL B 990 34.78 -19.45 -10.03
CA VAL B 990 33.86 -18.32 -9.91
C VAL B 990 34.68 -17.04 -9.68
N CYS B 991 34.42 -16.00 -10.48
CA CYS B 991 35.14 -14.74 -10.43
C CYS B 991 34.61 -13.86 -9.27
N LEU B 992 35.52 -13.44 -8.39
CA LEU B 992 35.29 -12.43 -7.34
C LEU B 992 35.38 -10.99 -7.89
N GLY B 993 35.88 -10.84 -9.12
CA GLY B 993 36.28 -9.57 -9.73
C GLY B 993 37.62 -9.10 -9.13
N GLY B 994 38.08 -7.92 -9.58
CA GLY B 994 39.19 -7.19 -8.97
C GLY B 994 40.58 -7.79 -9.27
N ASN B 995 41.62 -7.00 -9.00
CA ASN B 995 43.02 -7.31 -9.30
C ASN B 995 43.82 -7.66 -8.04
N THR B 996 43.49 -7.03 -6.90
CA THR B 996 44.18 -7.19 -5.62
C THR B 996 43.24 -7.83 -4.58
N SER B 997 43.82 -8.25 -3.44
CA SER B 997 43.17 -8.94 -2.33
C SER B 997 41.95 -8.20 -1.73
N ASP B 998 41.99 -6.86 -1.63
CA ASP B 998 40.88 -6.01 -1.19
C ASP B 998 39.61 -6.19 -2.03
N GLU B 999 39.79 -6.23 -3.36
CA GLU B 999 38.73 -6.37 -4.36
C GLU B 999 38.27 -7.83 -4.57
N SER B 1000 38.77 -8.78 -3.76
CA SER B 1000 38.56 -10.21 -3.97
C SER B 1000 38.51 -10.97 -2.63
N TYR B 1001 39.65 -11.52 -2.19
CA TYR B 1001 39.82 -12.43 -1.06
C TYR B 1001 39.55 -11.83 0.35
N LEU B 1002 39.36 -10.51 0.46
CA LEU B 1002 39.00 -9.79 1.69
C LEU B 1002 37.49 -9.52 1.79
N ASN B 1003 36.70 -9.87 0.77
CA ASN B 1003 35.24 -9.76 0.80
C ASN B 1003 34.65 -11.10 1.28
N ALA B 1004 34.20 -11.11 2.53
CA ALA B 1004 33.57 -12.27 3.18
C ALA B 1004 32.21 -12.62 2.56
N TYR B 1005 31.42 -11.60 2.20
CA TYR B 1005 30.07 -11.74 1.64
C TYR B 1005 30.06 -12.30 0.21
N SER B 1006 31.09 -12.02 -0.60
CA SER B 1006 31.23 -12.58 -1.95
C SER B 1006 31.53 -14.09 -1.92
N VAL B 1007 32.34 -14.52 -0.94
CA VAL B 1007 32.66 -15.93 -0.70
C VAL B 1007 31.48 -16.69 -0.06
N LEU B 1008 30.77 -16.05 0.89
CA LEU B 1008 29.58 -16.57 1.57
C LEU B 1008 28.38 -16.74 0.62
N LYS B 1009 28.20 -15.79 -0.31
CA LYS B 1009 27.15 -15.81 -1.32
C LYS B 1009 27.34 -16.96 -2.34
N VAL B 1010 28.60 -17.19 -2.77
CA VAL B 1010 28.97 -18.32 -3.62
C VAL B 1010 28.86 -19.67 -2.90
N ALA B 1011 29.16 -19.71 -1.59
CA ALA B 1011 28.98 -20.89 -0.73
C ALA B 1011 27.50 -21.31 -0.60
N GLU B 1012 26.61 -20.34 -0.36
CA GLU B 1012 25.15 -20.56 -0.32
C GLU B 1012 24.51 -20.84 -1.68
N TYR B 1013 25.03 -20.23 -2.76
CA TYR B 1013 24.53 -20.40 -4.13
C TYR B 1013 24.83 -21.79 -4.70
N GLU B 1014 26.09 -22.26 -4.54
CA GLU B 1014 26.50 -23.63 -4.85
C GLU B 1014 25.99 -24.68 -3.84
N GLN B 1015 25.49 -24.22 -2.67
CA GLN B 1015 24.99 -25.01 -1.55
C GLN B 1015 26.06 -26.02 -1.05
N VAL B 1016 27.30 -25.52 -0.91
CA VAL B 1016 28.50 -26.32 -0.68
C VAL B 1016 28.49 -27.02 0.70
N ASP B 1017 29.08 -28.23 0.71
CA ASP B 1017 29.19 -29.10 1.87
C ASP B 1017 30.24 -28.64 2.88
N ALA B 1018 31.22 -27.84 2.42
CA ALA B 1018 32.27 -27.28 3.27
C ALA B 1018 32.95 -26.06 2.61
N LEU B 1019 33.69 -25.33 3.46
CA LEU B 1019 34.61 -24.28 3.05
C LEU B 1019 35.96 -24.58 3.72
N HIS B 1020 37.01 -24.64 2.90
CA HIS B 1020 38.38 -24.76 3.33
C HIS B 1020 39.01 -23.36 3.35
N PRO B 1021 39.41 -22.86 4.55
CA PRO B 1021 40.18 -21.61 4.66
C PRO B 1021 41.61 -21.78 4.13
N GLY B 1022 42.16 -20.70 3.57
CA GLY B 1022 43.52 -20.65 3.03
C GLY B 1022 44.50 -20.18 4.11
N ILE B 1023 45.44 -19.32 3.69
CA ILE B 1023 46.47 -18.70 4.53
C ILE B 1023 46.40 -17.18 4.34
N GLY B 1024 46.46 -16.44 5.47
CA GLY B 1024 46.31 -14.97 5.50
C GLY B 1024 44.86 -14.55 5.24
N PHE B 1025 44.67 -13.24 4.99
CA PHE B 1025 43.41 -12.61 4.58
C PHE B 1025 42.30 -12.81 5.63
N LEU B 1026 41.17 -13.43 5.25
CA LEU B 1026 40.04 -13.74 6.14
C LEU B 1026 40.19 -15.10 6.84
N SER B 1027 41.17 -15.92 6.45
CA SER B 1027 41.33 -17.31 6.89
C SER B 1027 41.67 -17.47 8.39
N GLU B 1028 42.31 -16.44 8.96
CA GLU B 1028 42.71 -16.35 10.37
C GLU B 1028 41.78 -15.44 11.20
N SER B 1029 40.75 -14.84 10.56
CA SER B 1029 39.72 -14.06 11.24
C SER B 1029 38.67 -15.03 11.79
N PRO B 1030 38.47 -15.09 13.14
CA PRO B 1030 37.39 -15.91 13.71
C PRO B 1030 35.97 -15.37 13.42
N GLN B 1031 35.86 -14.10 12.97
CA GLN B 1031 34.64 -13.52 12.41
C GLN B 1031 34.21 -14.21 11.10
N PHE B 1032 35.19 -14.66 10.28
CA PHE B 1032 34.94 -15.38 9.02
C PHE B 1032 34.45 -16.81 9.27
N ALA B 1033 35.07 -17.50 10.26
CA ALA B 1033 34.64 -18.81 10.74
C ALA B 1033 33.25 -18.78 11.40
N ALA B 1034 32.98 -17.71 12.17
CA ALA B 1034 31.67 -17.43 12.77
C ALA B 1034 30.59 -17.19 11.72
N LEU B 1035 30.86 -16.30 10.75
CA LEU B 1035 29.99 -15.99 9.60
C LEU B 1035 29.63 -17.23 8.77
N CYS B 1036 30.65 -18.06 8.47
CA CYS B 1036 30.51 -19.35 7.77
C CYS B 1036 29.57 -20.29 8.53
N VAL B 1037 29.87 -20.58 9.80
CA VAL B 1037 29.15 -21.55 10.62
C VAL B 1037 27.73 -21.09 11.04
N ASN B 1038 27.48 -19.77 11.15
CA ASN B 1038 26.15 -19.17 11.30
C ASN B 1038 25.24 -19.51 10.10
N ASN B 1039 25.79 -19.40 8.88
CA ASN B 1039 25.10 -19.65 7.61
C ASN B 1039 25.22 -21.11 7.14
N GLY B 1040 25.55 -22.04 8.05
CA GLY B 1040 25.47 -23.49 7.84
C GLY B 1040 26.62 -24.06 7.00
N VAL B 1041 27.68 -23.27 6.73
CA VAL B 1041 28.87 -23.70 6.00
C VAL B 1041 29.85 -24.37 6.99
N ASN B 1042 30.23 -25.62 6.69
CA ASN B 1042 31.16 -26.42 7.50
C ASN B 1042 32.59 -25.87 7.36
N PHE B 1043 33.12 -25.33 8.46
CA PHE B 1043 34.43 -24.69 8.50
C PHE B 1043 35.51 -25.73 8.83
N VAL B 1044 36.37 -26.01 7.84
CA VAL B 1044 37.41 -27.03 7.90
C VAL B 1044 38.65 -26.49 8.66
N GLY B 1045 38.62 -26.63 10.00
CA GLY B 1045 39.59 -26.01 10.89
C GLY B 1045 39.00 -25.96 12.32
N PRO B 1046 39.57 -25.13 13.22
CA PRO B 1046 39.15 -25.03 14.64
C PRO B 1046 37.75 -24.44 14.87
N SER B 1047 37.21 -24.69 16.08
CA SER B 1047 36.04 -23.99 16.64
C SER B 1047 36.32 -22.50 16.84
N VAL B 1048 35.28 -21.66 16.77
CA VAL B 1048 35.36 -20.21 16.97
C VAL B 1048 35.91 -19.83 18.36
N HIS B 1049 35.60 -20.63 19.40
CA HIS B 1049 36.18 -20.52 20.74
C HIS B 1049 37.70 -20.69 20.73
N SER B 1050 38.20 -21.85 20.30
CA SER B 1050 39.63 -22.19 20.25
C SER B 1050 40.45 -21.30 19.30
N MET B 1051 39.84 -20.89 18.18
CA MET B 1051 40.42 -19.99 17.17
C MET B 1051 40.57 -18.55 17.67
N THR B 1052 39.60 -18.05 18.47
CA THR B 1052 39.67 -16.74 19.12
C THR B 1052 40.63 -16.75 20.33
N THR B 1053 40.60 -17.83 21.13
CA THR B 1053 41.43 -18.01 22.34
C THR B 1053 42.94 -18.06 22.04
N MET B 1054 43.34 -18.78 20.97
CA MET B 1054 44.74 -18.87 20.54
C MET B 1054 45.14 -17.82 19.48
N GLY B 1055 44.16 -17.16 18.85
CA GLY B 1055 44.39 -16.06 17.92
C GLY B 1055 44.71 -14.75 18.66
N ASN B 1056 44.06 -14.52 19.81
CA ASN B 1056 44.27 -13.38 20.71
C ASN B 1056 45.50 -13.66 21.59
N LYS B 1057 46.52 -12.78 21.53
CA LYS B 1057 47.87 -13.07 22.02
C LYS B 1057 48.02 -13.10 23.55
N SER B 1058 47.33 -12.20 24.28
CA SER B 1058 47.34 -12.22 25.75
C SER B 1058 46.57 -13.41 26.34
N ASN B 1059 45.48 -13.83 25.67
CA ASN B 1059 44.69 -15.00 26.04
C ASN B 1059 45.40 -16.31 25.64
N ALA B 1060 46.19 -16.30 24.54
CA ALA B 1060 47.03 -17.42 24.12
C ALA B 1060 48.20 -17.67 25.09
N ILE B 1061 48.83 -16.59 25.58
CA ILE B 1061 49.86 -16.58 26.61
C ILE B 1061 49.33 -17.01 28.00
N LYS B 1062 48.10 -16.60 28.34
CA LYS B 1062 47.42 -17.02 29.57
C LYS B 1062 46.89 -18.47 29.56
N THR B 1063 46.49 -18.98 28.39
CA THR B 1063 46.16 -20.41 28.21
C THR B 1063 47.42 -21.28 28.25
N SER B 1064 48.54 -20.76 27.72
CA SER B 1064 49.87 -21.37 27.85
C SER B 1064 50.34 -21.45 29.31
N GLN B 1065 50.19 -20.36 30.08
CA GLN B 1065 50.43 -20.34 31.53
C GLN B 1065 49.54 -21.32 32.33
N ALA B 1066 48.27 -21.48 31.91
CA ALA B 1066 47.32 -22.43 32.50
C ALA B 1066 47.66 -23.90 32.22
N GLN B 1067 48.35 -24.19 31.11
CA GLN B 1067 48.87 -25.50 30.73
C GLN B 1067 50.35 -25.70 31.12
N ASN B 1068 50.90 -24.78 31.94
CA ASN B 1068 52.26 -24.78 32.51
C ASN B 1068 53.36 -24.72 31.42
N VAL B 1069 53.02 -24.20 30.25
CA VAL B 1069 53.93 -24.00 29.12
C VAL B 1069 54.73 -22.69 29.37
N PRO B 1070 56.08 -22.75 29.32
CA PRO B 1070 56.92 -21.55 29.45
C PRO B 1070 56.71 -20.59 28.28
N VAL B 1071 56.39 -19.33 28.60
CA VAL B 1071 56.11 -18.27 27.62
C VAL B 1071 57.34 -17.35 27.49
N VAL B 1072 57.39 -16.57 26.40
CA VAL B 1072 58.42 -15.52 26.21
C VAL B 1072 58.25 -14.44 27.31
N PRO B 1073 59.28 -14.21 28.17
CA PRO B 1073 59.25 -13.17 29.20
C PRO B 1073 58.89 -11.78 28.65
N GLY B 1074 57.82 -11.18 29.20
CA GLY B 1074 57.25 -9.97 28.63
C GLY B 1074 56.25 -9.36 29.61
N SER B 1075 55.27 -8.64 29.05
CA SER B 1075 54.20 -7.96 29.78
C SER B 1075 53.07 -8.87 30.31
N HIS B 1076 52.94 -10.12 29.80
CA HIS B 1076 51.88 -11.09 30.18
C HIS B 1076 50.43 -10.56 29.97
N GLY B 1077 50.27 -9.61 29.04
CA GLY B 1077 49.06 -8.81 28.88
C GLY B 1077 49.37 -7.62 27.98
N ILE B 1078 48.33 -6.83 27.69
CA ILE B 1078 48.38 -5.67 26.80
C ILE B 1078 48.84 -4.41 27.56
N LEU B 1079 49.66 -3.58 26.89
CA LEU B 1079 50.12 -2.29 27.36
C LEU B 1079 49.44 -1.18 26.54
N THR B 1080 48.91 -0.18 27.25
CA THR B 1080 48.40 1.07 26.67
C THR B 1080 49.27 2.28 27.09
N ASN B 1081 50.15 2.11 28.09
CA ASN B 1081 50.95 3.17 28.69
C ASN B 1081 52.46 2.92 28.50
N ALA B 1082 53.17 4.01 28.16
CA ALA B 1082 54.60 4.03 27.87
C ALA B 1082 55.50 3.91 29.12
N GLU B 1083 55.09 4.47 30.27
CA GLU B 1083 55.81 4.32 31.54
C GLU B 1083 55.71 2.89 32.12
N GLN B 1084 54.62 2.18 31.82
CA GLN B 1084 54.49 0.75 32.16
C GLN B 1084 55.34 -0.13 31.23
N ALA B 1085 55.53 0.28 29.96
CA ALA B 1085 56.47 -0.35 29.03
C ALA B 1085 57.93 -0.22 29.49
N VAL B 1086 58.30 0.93 30.11
CA VAL B 1086 59.59 1.14 30.76
C VAL B 1086 59.80 0.19 31.96
N ASN B 1087 58.79 0.08 32.84
CA ASN B 1087 58.84 -0.76 34.04
C ASN B 1087 58.85 -2.27 33.75
N VAL B 1088 58.03 -2.75 32.79
CA VAL B 1088 58.06 -4.14 32.34
C VAL B 1088 59.42 -4.49 31.70
N ALA B 1089 59.95 -3.59 30.86
CA ALA B 1089 61.27 -3.73 30.24
C ALA B 1089 62.44 -3.72 31.22
N SER B 1090 62.26 -3.09 32.40
CA SER B 1090 63.23 -3.12 33.50
C SER B 1090 63.19 -4.44 34.29
N GLU B 1091 62.01 -5.07 34.42
CA GLU B 1091 61.83 -6.40 35.01
C GLU B 1091 62.43 -7.53 34.14
N ILE B 1092 62.30 -7.42 32.82
CA ILE B 1092 62.92 -8.33 31.86
C ILE B 1092 64.42 -8.05 31.68
N GLY B 1093 64.79 -6.76 31.76
CA GLY B 1093 66.11 -6.22 31.41
C GLY B 1093 66.14 -5.97 29.89
N TYR B 1094 66.72 -4.82 29.50
CA TYR B 1094 66.93 -4.43 28.09
C TYR B 1094 68.05 -5.29 27.46
N PRO B 1095 67.99 -5.56 26.14
CA PRO B 1095 66.98 -5.08 25.16
C PRO B 1095 65.67 -5.88 25.18
N VAL B 1096 64.62 -5.22 24.69
CA VAL B 1096 63.25 -5.73 24.59
C VAL B 1096 62.63 -5.37 23.22
N LEU B 1097 61.51 -6.03 22.90
CA LEU B 1097 60.69 -5.80 21.71
C LEU B 1097 59.32 -5.29 22.16
N LEU B 1098 58.80 -4.30 21.43
CA LEU B 1098 57.36 -4.01 21.35
C LEU B 1098 56.78 -4.82 20.20
N LYS B 1099 55.50 -5.21 20.31
CA LYS B 1099 54.74 -5.99 19.32
C LYS B 1099 53.28 -5.51 19.39
N ALA B 1100 52.61 -5.38 18.22
CA ALA B 1100 51.21 -4.94 18.15
C ALA B 1100 50.21 -6.08 18.42
N VAL B 1101 49.09 -5.75 19.08
CA VAL B 1101 48.01 -6.67 19.45
C VAL B 1101 47.27 -7.30 18.24
N GLN B 1102 47.08 -6.51 17.17
CA GLN B 1102 46.60 -6.97 15.86
C GLN B 1102 47.76 -7.17 14.85
N GLY B 1103 49.01 -7.19 15.35
CA GLY B 1103 50.24 -7.33 14.57
C GLY B 1103 50.33 -8.70 13.88
N GLY B 1104 51.07 -8.71 12.75
CA GLY B 1104 51.30 -9.90 11.95
C GLY B 1104 52.24 -9.51 10.81
N GLY B 1105 53.06 -10.47 10.36
CA GLY B 1105 54.08 -10.26 9.32
C GLY B 1105 55.26 -9.37 9.79
N GLY B 1106 55.40 -9.17 11.11
CA GLY B 1106 56.44 -8.34 11.71
C GLY B 1106 56.06 -6.84 11.78
N LYS B 1107 54.88 -6.45 11.28
CA LYS B 1107 54.35 -5.08 11.42
C LYS B 1107 53.94 -4.79 12.87
N GLY B 1108 54.42 -3.64 13.37
CA GLY B 1108 54.25 -3.20 14.75
C GLY B 1108 55.37 -3.72 15.67
N ILE B 1109 56.37 -4.48 15.15
CA ILE B 1109 57.52 -4.92 15.92
C ILE B 1109 58.63 -3.85 15.88
N GLN B 1110 59.07 -3.42 17.08
CA GLN B 1110 60.09 -2.38 17.28
C GLN B 1110 61.04 -2.80 18.40
N VAL B 1111 62.35 -2.76 18.11
CA VAL B 1111 63.42 -3.05 19.09
C VAL B 1111 63.69 -1.79 19.95
N VAL B 1112 63.83 -1.98 21.27
CA VAL B 1112 64.17 -0.93 22.23
C VAL B 1112 65.32 -1.46 23.11
N LYS B 1113 66.45 -0.74 23.15
CA LYS B 1113 67.69 -1.18 23.79
C LYS B 1113 68.08 -0.36 25.03
N ARG B 1114 67.38 0.76 25.30
CA ARG B 1114 67.66 1.67 26.42
C ARG B 1114 66.36 2.14 27.08
N PRO B 1115 66.38 2.47 28.40
CA PRO B 1115 65.28 3.20 29.06
C PRO B 1115 64.97 4.59 28.47
N GLU B 1116 66.01 5.31 28.02
CA GLU B 1116 65.93 6.63 27.40
C GLU B 1116 65.19 6.65 26.05
N ASP B 1117 65.16 5.51 25.35
CA ASP B 1117 64.50 5.36 24.06
C ASP B 1117 63.04 4.87 24.15
N MET B 1118 62.67 4.18 25.25
CA MET B 1118 61.40 3.45 25.35
C MET B 1118 60.14 4.28 25.08
N ILE B 1119 59.99 5.45 25.72
CA ILE B 1119 58.81 6.29 25.53
C ILE B 1119 58.70 6.87 24.10
N GLY B 1120 59.83 7.23 23.48
CA GLY B 1120 59.87 7.74 22.10
C GLY B 1120 59.56 6.63 21.08
N LEU B 1121 60.15 5.43 21.26
CA LEU B 1121 59.92 4.26 20.42
C LEU B 1121 58.53 3.64 20.62
N PHE B 1122 57.94 3.75 21.83
CA PHE B 1122 56.57 3.34 22.14
C PHE B 1122 55.54 4.28 21.51
N GLN B 1123 55.77 5.61 21.59
CA GLN B 1123 54.94 6.64 20.96
C GLN B 1123 54.89 6.52 19.43
N LYS B 1124 56.03 6.18 18.81
CA LYS B 1124 56.14 5.83 17.39
C LYS B 1124 55.30 4.60 17.01
N THR B 1125 55.52 3.48 17.72
CA THR B 1125 54.92 2.19 17.40
C THR B 1125 53.42 2.11 17.71
N ALA B 1126 52.94 2.85 18.73
CA ALA B 1126 51.53 3.03 19.04
C ALA B 1126 50.78 3.83 17.97
N THR B 1127 51.43 4.86 17.40
CA THR B 1127 50.92 5.68 16.30
C THR B 1127 50.84 4.89 14.98
N GLU B 1128 51.83 4.03 14.71
CA GLU B 1128 51.91 3.23 13.48
C GLU B 1128 51.16 1.90 13.56
N ALA B 1129 50.84 1.40 14.76
CA ALA B 1129 49.86 0.34 14.99
C ALA B 1129 48.42 0.85 14.77
N ALA B 1130 48.16 2.08 15.25
CA ALA B 1130 46.88 2.78 15.08
C ALA B 1130 46.59 3.18 13.63
N ALA B 1131 47.63 3.58 12.88
CA ALA B 1131 47.54 3.93 11.46
C ALA B 1131 47.35 2.71 10.56
N ALA B 1132 48.06 1.61 10.85
CA ALA B 1132 48.04 0.37 10.06
C ALA B 1132 46.77 -0.45 10.31
N PHE B 1133 46.61 -0.93 11.56
CA PHE B 1133 45.58 -1.90 11.95
C PHE B 1133 44.30 -1.26 12.49
N GLY B 1134 44.34 0.05 12.79
CA GLY B 1134 43.26 0.78 13.47
C GLY B 1134 43.48 0.71 14.99
N ASN B 1135 43.77 -0.50 15.51
CA ASN B 1135 44.04 -0.76 16.92
C ASN B 1135 45.51 -0.43 17.25
N GLY B 1136 45.70 0.59 18.11
CA GLY B 1136 47.02 1.09 18.50
C GLY B 1136 47.65 0.32 19.67
N ASP B 1137 46.92 -0.63 20.28
CA ASP B 1137 47.32 -1.41 21.45
C ASP B 1137 48.57 -2.27 21.18
N LEU B 1138 49.51 -2.24 22.13
CA LEU B 1138 50.79 -2.95 22.06
C LEU B 1138 50.92 -3.95 23.21
N TYR B 1139 51.95 -4.79 23.14
CA TYR B 1139 52.43 -5.68 24.20
C TYR B 1139 53.94 -5.85 24.04
N LEU B 1140 54.62 -6.28 25.10
CA LEU B 1140 56.08 -6.33 25.18
C LEU B 1140 56.57 -7.78 25.35
N GLU B 1141 57.71 -8.08 24.71
CA GLU B 1141 58.47 -9.32 24.83
C GLU B 1141 59.97 -9.00 24.97
N LYS B 1142 60.73 -9.98 25.43
CA LYS B 1142 62.19 -9.95 25.50
C LYS B 1142 62.81 -10.06 24.08
N TYR B 1143 63.88 -9.29 23.84
CA TYR B 1143 64.63 -9.40 22.58
C TYR B 1143 65.73 -10.45 22.75
N VAL B 1144 65.59 -11.52 21.94
CA VAL B 1144 66.59 -12.57 21.76
C VAL B 1144 66.79 -12.69 20.24
N THR B 1145 68.05 -12.81 19.81
CA THR B 1145 68.44 -12.95 18.41
C THR B 1145 69.15 -14.30 18.16
N SER B 1146 69.83 -14.83 19.19
CA SER B 1146 70.41 -16.17 19.21
C SER B 1146 69.33 -17.17 19.65
N LEU B 1147 68.51 -17.58 18.66
CA LEU B 1147 67.41 -18.51 18.85
C LEU B 1147 67.14 -19.30 17.57
N ARG B 1148 66.41 -20.40 17.74
CA ARG B 1148 65.78 -21.15 16.66
C ARG B 1148 64.26 -21.01 16.77
N HIS B 1149 63.63 -20.90 15.59
CA HIS B 1149 62.20 -20.98 15.41
C HIS B 1149 61.79 -22.45 15.32
N ILE B 1150 61.18 -22.97 16.40
CA ILE B 1150 60.76 -24.36 16.53
C ILE B 1150 59.23 -24.41 16.52
N GLU B 1151 58.65 -24.66 15.33
CA GLU B 1151 57.21 -24.79 15.14
C GLU B 1151 56.82 -26.28 15.14
N VAL B 1152 55.76 -26.63 15.89
CA VAL B 1152 55.40 -28.02 16.18
C VAL B 1152 53.98 -28.32 15.66
N GLN B 1153 53.88 -29.29 14.73
CA GLN B 1153 52.62 -29.71 14.10
C GLN B 1153 51.65 -30.37 15.09
N LEU B 1154 50.42 -29.83 15.12
CA LEU B 1154 49.27 -30.42 15.81
C LEU B 1154 48.21 -30.81 14.76
N LEU B 1155 47.63 -32.00 14.95
CA LEU B 1155 46.33 -32.37 14.41
C LEU B 1155 45.48 -32.79 15.61
N ARG B 1156 44.24 -32.31 15.69
CA ARG B 1156 43.31 -32.76 16.70
C ARG B 1156 41.94 -32.93 16.07
N ASP B 1157 41.30 -34.08 16.29
CA ASP B 1157 39.98 -34.37 15.77
C ASP B 1157 38.88 -33.77 16.65
N LYS B 1158 37.64 -33.87 16.14
CA LYS B 1158 36.41 -33.47 16.80
C LYS B 1158 36.04 -34.33 18.02
N PHE B 1159 36.50 -35.60 18.08
CA PHE B 1159 36.26 -36.52 19.19
C PHE B 1159 37.14 -36.22 20.43
N GLY B 1160 38.31 -35.59 20.21
CA GLY B 1160 39.20 -35.12 21.26
C GLY B 1160 40.60 -35.77 21.24
N HIS B 1161 40.94 -36.56 20.20
CA HIS B 1161 42.25 -37.21 20.04
C HIS B 1161 43.27 -36.24 19.42
N ALA B 1162 44.10 -35.64 20.26
CA ALA B 1162 45.22 -34.80 19.85
C ALA B 1162 46.46 -35.66 19.53
N LYS B 1163 46.90 -35.56 18.26
CA LYS B 1163 48.13 -36.15 17.75
C LYS B 1163 49.10 -35.00 17.43
N VAL B 1164 50.34 -35.11 17.93
CA VAL B 1164 51.45 -34.26 17.51
C VAL B 1164 52.42 -35.11 16.68
N LEU B 1165 52.77 -34.58 15.50
CA LEU B 1165 53.42 -35.31 14.41
C LEU B 1165 54.92 -35.01 14.30
N GLY B 1166 55.48 -34.26 15.26
CA GLY B 1166 56.86 -33.80 15.25
C GLY B 1166 56.88 -32.29 15.02
N LEU B 1167 58.07 -31.78 14.65
CA LEU B 1167 58.36 -30.36 14.56
C LEU B 1167 59.19 -30.03 13.32
N ARG B 1168 59.29 -28.72 13.05
CA ARG B 1168 60.04 -28.12 11.96
C ARG B 1168 60.90 -26.98 12.53
N ASP B 1169 62.06 -26.76 11.89
CA ASP B 1169 62.96 -25.66 12.18
C ASP B 1169 62.93 -24.74 10.95
N CYS B 1170 62.33 -23.55 11.12
CA CYS B 1170 62.14 -22.58 10.05
C CYS B 1170 62.89 -21.29 10.40
N SER B 1171 64.17 -21.45 10.79
CA SER B 1171 64.98 -20.38 11.35
C SER B 1171 65.71 -19.54 10.30
N VAL B 1172 65.93 -20.07 9.07
CA VAL B 1172 66.54 -19.29 7.98
C VAL B 1172 65.49 -18.29 7.45
N GLN B 1173 65.40 -17.13 8.14
CA GLN B 1173 64.39 -16.10 7.94
C GLN B 1173 65.07 -14.84 7.40
N ARG B 1174 64.37 -14.14 6.50
CA ARG B 1174 64.77 -12.89 5.89
C ARG B 1174 63.51 -12.03 5.74
N ASN B 1175 63.58 -10.77 6.19
CA ASN B 1175 62.53 -9.73 6.07
C ASN B 1175 61.20 -10.16 6.72
N ASN B 1176 61.29 -10.91 7.84
CA ASN B 1176 60.19 -11.50 8.61
C ASN B 1176 59.45 -12.64 7.87
N GLN B 1177 60.11 -13.26 6.87
CA GLN B 1177 59.59 -14.36 6.07
C GLN B 1177 60.55 -15.56 6.20
N LYS B 1178 59.99 -16.76 6.41
CA LYS B 1178 60.73 -18.02 6.45
C LYS B 1178 61.14 -18.44 5.03
N VAL B 1179 62.43 -18.74 4.83
CA VAL B 1179 63.02 -18.98 3.50
C VAL B 1179 63.35 -20.47 3.30
N VAL B 1180 64.19 -21.04 4.19
CA VAL B 1180 64.56 -22.46 4.18
C VAL B 1180 64.09 -23.10 5.48
N GLU B 1181 63.36 -24.23 5.34
CA GLU B 1181 62.45 -24.76 6.35
C GLU B 1181 62.64 -26.28 6.46
N GLU B 1182 63.18 -26.73 7.61
CA GLU B 1182 63.64 -28.09 7.85
C GLU B 1182 62.65 -28.93 8.67
N SER B 1183 62.78 -30.26 8.59
CA SER B 1183 61.96 -31.24 9.33
C SER B 1183 62.47 -31.56 10.75
N GLY B 1184 63.54 -30.89 11.19
CA GLY B 1184 64.14 -31.10 12.49
C GLY B 1184 65.07 -29.92 12.75
N SER B 1185 65.47 -29.79 14.02
CA SER B 1185 66.44 -28.79 14.47
C SER B 1185 67.73 -29.49 14.88
N THR B 1186 68.83 -29.04 14.29
CA THR B 1186 70.18 -29.56 14.54
C THR B 1186 70.76 -29.17 15.92
N MET B 1187 70.37 -28.02 16.47
CA MET B 1187 70.86 -27.54 17.78
C MET B 1187 69.91 -27.82 18.94
N LEU B 1188 68.66 -28.26 18.67
CA LEU B 1188 67.68 -28.62 19.70
C LEU B 1188 67.96 -30.04 20.23
N PRO B 1189 68.12 -30.20 21.57
CA PRO B 1189 68.06 -31.52 22.23
C PRO B 1189 66.77 -32.31 21.97
N ASP B 1190 66.87 -33.64 22.01
CA ASP B 1190 65.71 -34.56 22.05
C ASP B 1190 64.84 -34.38 23.30
N GLU B 1191 65.40 -33.81 24.39
CA GLU B 1191 64.66 -33.37 25.57
C GLU B 1191 63.71 -32.19 25.29
N LEU B 1192 64.20 -31.15 24.59
CA LEU B 1192 63.40 -29.96 24.25
C LEU B 1192 62.40 -30.20 23.10
N LYS B 1193 62.64 -31.24 22.28
CA LYS B 1193 61.66 -31.85 21.39
C LYS B 1193 60.48 -32.47 22.17
N LYS B 1194 60.79 -33.31 23.17
CA LYS B 1194 59.82 -33.93 24.08
C LYS B 1194 59.01 -32.93 24.92
N GLN B 1195 59.60 -31.77 25.27
CA GLN B 1195 58.92 -30.68 25.94
C GLN B 1195 57.84 -30.04 25.04
N VAL B 1196 58.27 -29.59 23.85
CA VAL B 1196 57.38 -28.87 22.92
C VAL B 1196 56.29 -29.75 22.28
N LEU B 1197 56.49 -31.08 22.18
CA LEU B 1197 55.46 -32.07 21.84
C LEU B 1197 54.31 -32.06 22.86
N ALA B 1198 54.66 -32.17 24.15
CA ALA B 1198 53.72 -32.21 25.28
C ALA B 1198 52.94 -30.91 25.46
N TYR B 1199 53.63 -29.76 25.32
CA TYR B 1199 53.05 -28.42 25.39
C TYR B 1199 52.06 -28.12 24.26
N THR B 1200 52.37 -28.60 23.03
CA THR B 1200 51.52 -28.43 21.84
C THR B 1200 50.24 -29.28 21.91
N ARG B 1201 50.35 -30.55 22.35
CA ARG B 1201 49.21 -31.44 22.56
C ARG B 1201 48.28 -30.93 23.66
N ALA B 1202 48.86 -30.36 24.74
CA ALA B 1202 48.16 -29.78 25.89
C ALA B 1202 47.31 -28.56 25.54
N LEU B 1203 47.84 -27.63 24.72
CA LEU B 1203 47.07 -26.47 24.21
C LEU B 1203 45.91 -26.88 23.29
N GLY B 1204 46.07 -28.00 22.56
CA GLY B 1204 45.03 -28.62 21.74
C GLY B 1204 43.88 -29.12 22.63
N ASP B 1205 44.20 -29.98 23.62
CA ASP B 1205 43.25 -30.55 24.58
C ASP B 1205 42.54 -29.53 25.48
N ALA B 1206 43.26 -28.47 25.89
CA ALA B 1206 42.78 -27.42 26.80
C ALA B 1206 41.68 -26.54 26.22
N THR B 1207 41.85 -26.10 24.97
CA THR B 1207 40.93 -25.20 24.26
C THR B 1207 39.82 -25.94 23.50
N ASP B 1208 39.88 -27.29 23.47
CA ASP B 1208 38.99 -28.20 22.74
C ASP B 1208 39.10 -27.92 21.21
N TYR B 1209 40.37 -27.87 20.75
CA TYR B 1209 40.82 -27.48 19.42
C TYR B 1209 40.42 -28.49 18.32
N MET B 1210 40.35 -28.02 17.06
CA MET B 1210 40.12 -28.90 15.90
C MET B 1210 40.96 -28.51 14.69
N GLY B 1211 41.12 -29.47 13.78
CA GLY B 1211 41.79 -29.31 12.49
C GLY B 1211 43.32 -29.23 12.66
N ALA B 1212 43.97 -28.58 11.69
CA ALA B 1212 45.39 -28.29 11.72
C ALA B 1212 45.68 -27.06 12.62
N GLY B 1213 46.61 -27.25 13.54
CA GLY B 1213 47.20 -26.19 14.36
C GLY B 1213 48.72 -26.37 14.32
N THR B 1214 49.46 -25.35 14.75
CA THR B 1214 50.91 -25.42 14.91
C THR B 1214 51.34 -24.37 15.93
N VAL B 1215 52.07 -24.78 16.97
CA VAL B 1215 52.59 -23.86 17.99
C VAL B 1215 54.04 -23.47 17.66
N GLU B 1216 54.27 -22.16 17.50
CA GLU B 1216 55.59 -21.55 17.33
C GLU B 1216 56.26 -21.35 18.71
N PHE B 1217 57.45 -21.94 18.88
CA PHE B 1217 58.33 -21.71 20.03
C PHE B 1217 59.60 -20.97 19.58
N ILE B 1218 60.06 -20.04 20.42
CA ILE B 1218 61.43 -19.53 20.42
C ILE B 1218 62.28 -20.46 21.30
N TYR B 1219 63.20 -21.22 20.68
CA TYR B 1219 64.26 -21.92 21.38
C TYR B 1219 65.47 -21.00 21.48
N ASN B 1220 65.60 -20.30 22.61
CA ASN B 1220 66.77 -19.51 23.00
C ASN B 1220 67.99 -20.44 23.12
N LEU B 1221 68.91 -20.34 22.14
CA LEU B 1221 70.09 -21.18 21.99
C LEU B 1221 71.10 -21.01 23.15
N ASP B 1222 71.30 -19.75 23.59
CA ASP B 1222 72.23 -19.39 24.68
C ASP B 1222 71.80 -19.96 26.04
N ALA B 1223 70.50 -19.79 26.37
CA ALA B 1223 69.94 -20.19 27.66
C ALA B 1223 69.56 -21.69 27.74
N ASN B 1224 69.32 -22.33 26.59
CA ASN B 1224 68.79 -23.69 26.43
C ASN B 1224 67.32 -23.79 26.92
N GLU B 1225 66.50 -22.79 26.57
CA GLU B 1225 65.10 -22.68 27.00
C GLU B 1225 64.19 -22.48 25.79
N VAL B 1226 63.08 -23.24 25.75
CA VAL B 1226 61.98 -23.07 24.80
C VAL B 1226 60.89 -22.17 25.42
N TYR B 1227 60.38 -21.22 24.63
CA TYR B 1227 59.40 -20.22 25.02
C TYR B 1227 58.28 -20.17 23.99
N PHE B 1228 57.02 -20.23 24.45
CA PHE B 1228 55.83 -20.01 23.63
C PHE B 1228 55.76 -18.58 23.08
N MET B 1229 55.75 -18.46 21.74
CA MET B 1229 55.62 -17.19 21.04
C MET B 1229 54.16 -16.95 20.60
N GLU B 1230 53.58 -17.89 19.82
CA GLU B 1230 52.18 -17.86 19.37
C GLU B 1230 51.76 -19.24 18.84
N MET B 1231 50.51 -19.34 18.38
CA MET B 1231 49.94 -20.53 17.75
C MET B 1231 49.18 -20.16 16.48
N ASN B 1232 49.49 -20.89 15.41
CA ASN B 1232 48.87 -20.83 14.09
C ASN B 1232 47.56 -21.61 14.13
N THR B 1233 46.44 -20.92 13.89
CA THR B 1233 45.08 -21.48 13.98
C THR B 1233 44.51 -21.90 12.60
N ARG B 1234 45.42 -22.28 11.68
CA ARG B 1234 45.12 -22.79 10.34
C ARG B 1234 46.34 -23.58 9.81
N LEU B 1235 46.21 -24.07 8.56
CA LEU B 1235 47.24 -24.81 7.82
C LEU B 1235 48.51 -23.96 7.59
N GLN B 1236 49.68 -24.45 8.06
CA GLN B 1236 50.99 -23.84 7.78
C GLN B 1236 51.41 -23.97 6.32
N VAL B 1237 52.29 -23.06 5.85
CA VAL B 1237 52.90 -23.14 4.52
C VAL B 1237 53.83 -24.36 4.44
N ALA B 1238 54.66 -24.56 5.48
CA ALA B 1238 55.66 -25.62 5.60
C ALA B 1238 55.12 -26.99 6.06
N HIS B 1239 53.80 -27.22 5.99
CA HIS B 1239 53.18 -28.51 6.31
C HIS B 1239 53.68 -29.78 5.56
N PRO B 1240 54.13 -29.72 4.27
CA PRO B 1240 54.59 -30.92 3.55
C PRO B 1240 55.90 -31.53 4.08
N VAL B 1241 56.69 -30.73 4.81
CA VAL B 1241 57.93 -31.11 5.46
C VAL B 1241 57.70 -32.15 6.58
N THR B 1242 56.61 -31.99 7.35
CA THR B 1242 56.18 -32.97 8.35
C THR B 1242 55.40 -34.14 7.74
N GLU B 1243 54.68 -33.94 6.62
CA GLU B 1243 54.03 -35.04 5.88
C GLU B 1243 55.03 -36.09 5.38
N ALA B 1244 56.15 -35.61 4.81
CA ALA B 1244 57.24 -36.40 4.27
C ALA B 1244 57.93 -37.32 5.30
N THR B 1245 58.07 -36.85 6.55
CA THR B 1245 58.78 -37.55 7.62
C THR B 1245 57.86 -38.27 8.62
N SER B 1246 56.55 -37.94 8.66
CA SER B 1246 55.56 -38.66 9.46
C SER B 1246 54.89 -39.80 8.67
N GLY B 1247 54.79 -39.65 7.34
CA GLY B 1247 54.04 -40.52 6.44
C GLY B 1247 52.53 -40.21 6.46
N ILE B 1248 52.08 -39.27 7.31
CA ILE B 1248 50.68 -38.88 7.49
C ILE B 1248 50.38 -37.65 6.61
N ASP B 1249 49.21 -37.69 5.97
CA ASP B 1249 48.71 -36.63 5.10
C ASP B 1249 47.93 -35.64 5.98
N ILE B 1250 48.58 -34.50 6.30
CA ILE B 1250 48.09 -33.44 7.20
C ILE B 1250 46.88 -32.67 6.63
N VAL B 1251 46.87 -32.40 5.31
CA VAL B 1251 45.75 -31.74 4.62
C VAL B 1251 44.51 -32.64 4.58
N SER B 1252 44.67 -33.90 4.16
CA SER B 1252 43.58 -34.89 4.13
C SER B 1252 43.06 -35.24 5.53
N ALA B 1253 43.95 -35.23 6.54
CA ALA B 1253 43.57 -35.41 7.94
C ALA B 1253 42.68 -34.27 8.47
N GLN B 1254 42.98 -33.01 8.09
CA GLN B 1254 42.13 -31.85 8.41
C GLN B 1254 40.77 -31.87 7.68
N PHE B 1255 40.76 -32.30 6.40
CA PHE B 1255 39.55 -32.63 5.63
C PHE B 1255 38.68 -33.70 6.31
N ASP B 1256 39.32 -34.77 6.80
CA ASP B 1256 38.71 -35.91 7.50
C ASP B 1256 38.14 -35.52 8.88
N ILE B 1257 38.89 -34.73 9.67
CA ILE B 1257 38.43 -34.16 10.95
C ILE B 1257 37.15 -33.32 10.77
N ALA B 1258 37.15 -32.49 9.72
CA ALA B 1258 36.03 -31.66 9.31
C ALA B 1258 34.90 -32.43 8.60
N ALA B 1259 35.14 -33.69 8.19
CA ALA B 1259 34.12 -34.60 7.68
C ALA B 1259 33.53 -35.49 8.79
N GLY B 1260 33.99 -35.30 10.04
CA GLY B 1260 33.48 -35.99 11.23
C GLY B 1260 34.22 -37.31 11.52
N ARG B 1261 35.36 -37.57 10.87
CA ARG B 1261 36.15 -38.81 10.99
C ARG B 1261 37.25 -38.68 12.05
N SER B 1262 37.62 -39.83 12.64
CA SER B 1262 38.62 -39.94 13.72
C SER B 1262 40.03 -40.18 13.15
N ILE B 1263 41.04 -39.60 13.84
CA ILE B 1263 42.46 -39.74 13.53
C ILE B 1263 43.20 -40.66 14.52
N GLU B 1264 42.46 -41.47 15.31
CA GLU B 1264 43.01 -42.48 16.23
C GLU B 1264 43.94 -43.50 15.55
N HIS B 1265 43.56 -43.92 14.33
CA HIS B 1265 44.31 -44.89 13.52
C HIS B 1265 45.58 -44.33 12.85
N LEU B 1266 45.77 -42.99 12.84
CA LEU B 1266 46.97 -42.35 12.30
C LEU B 1266 48.16 -42.54 13.26
N GLU B 1267 49.25 -43.08 12.71
CA GLU B 1267 50.51 -43.38 13.40
C GLU B 1267 51.64 -42.57 12.74
N PRO B 1268 51.95 -41.34 13.24
CA PRO B 1268 53.13 -40.60 12.78
C PRO B 1268 54.45 -41.28 13.17
N LYS B 1269 55.21 -41.71 12.16
CA LYS B 1269 56.56 -42.27 12.28
C LYS B 1269 57.63 -41.15 12.23
N GLU B 1270 58.91 -41.56 12.19
CA GLU B 1270 60.06 -40.68 11.97
C GLU B 1270 60.90 -41.31 10.87
N ILE B 1271 60.67 -40.85 9.62
CA ILE B 1271 61.17 -41.46 8.40
C ILE B 1271 62.11 -40.45 7.70
N GLY B 1272 63.41 -40.81 7.61
CA GLY B 1272 64.43 -40.06 6.90
C GLY B 1272 64.57 -38.62 7.41
N TYR B 1273 64.70 -37.67 6.47
CA TYR B 1273 64.73 -36.23 6.72
C TYR B 1273 64.12 -35.51 5.51
N ALA B 1274 63.50 -34.34 5.73
CA ALA B 1274 62.96 -33.49 4.66
C ALA B 1274 63.30 -32.01 4.88
N MET B 1275 63.21 -31.22 3.80
CA MET B 1275 63.48 -29.79 3.80
C MET B 1275 62.74 -29.13 2.64
N GLU B 1276 62.00 -28.05 2.96
CA GLU B 1276 61.38 -27.13 2.03
C GLU B 1276 62.27 -25.89 1.79
N VAL B 1277 62.22 -25.38 0.56
CA VAL B 1277 62.64 -24.03 0.22
C VAL B 1277 61.49 -23.33 -0.52
N ARG B 1278 61.25 -22.07 -0.16
CA ARG B 1278 60.30 -21.19 -0.85
C ARG B 1278 61.03 -20.51 -2.03
N VAL B 1279 60.67 -20.93 -3.24
CA VAL B 1279 61.16 -20.35 -4.49
C VAL B 1279 60.23 -19.17 -4.86
N THR B 1280 60.85 -17.99 -4.95
CA THR B 1280 60.17 -16.72 -5.15
C THR B 1280 60.79 -16.00 -6.36
N ALA B 1281 59.93 -15.29 -7.13
CA ALA B 1281 60.31 -14.46 -8.25
C ALA B 1281 60.81 -13.09 -7.75
N GLU B 1282 62.15 -12.93 -7.62
CA GLU B 1282 62.81 -11.73 -7.10
C GLU B 1282 64.11 -11.45 -7.85
N LYS B 1283 64.38 -10.16 -8.11
CA LYS B 1283 65.61 -9.62 -8.71
C LYS B 1283 66.55 -9.08 -7.63
N ALA B 1284 67.86 -9.09 -7.94
CA ALA B 1284 68.91 -8.46 -7.14
C ALA B 1284 68.86 -6.92 -7.24
N ALA B 1285 69.00 -6.25 -6.10
CA ALA B 1285 69.04 -4.80 -5.97
C ALA B 1285 69.81 -4.42 -4.69
N LEU B 1286 70.43 -3.23 -4.68
CA LEU B 1286 71.19 -2.71 -3.53
C LEU B 1286 70.35 -1.65 -2.80
N ASP B 1287 70.37 -1.68 -1.45
CA ASP B 1287 69.59 -0.77 -0.59
C ASP B 1287 70.28 0.61 -0.41
N SER B 1288 69.84 1.35 0.61
CA SER B 1288 70.40 2.63 1.06
C SER B 1288 71.85 2.55 1.60
N HIS B 1289 72.30 1.35 2.00
CA HIS B 1289 73.64 1.10 2.57
C HIS B 1289 74.59 0.44 1.56
N GLY B 1290 74.05 -0.24 0.53
CA GLY B 1290 74.83 -1.01 -0.44
C GLY B 1290 74.88 -2.50 -0.08
N VAL B 1291 74.08 -2.96 0.91
CA VAL B 1291 73.85 -4.38 1.18
C VAL B 1291 72.88 -4.95 0.12
N LEU B 1292 73.22 -6.13 -0.41
CA LEU B 1292 72.40 -6.84 -1.39
C LEU B 1292 71.05 -7.27 -0.79
N GLN B 1293 69.99 -6.98 -1.55
CA GLN B 1293 68.61 -7.34 -1.28
C GLN B 1293 68.12 -8.19 -2.47
N LEU B 1294 67.08 -8.99 -2.22
CA LEU B 1294 66.21 -9.51 -3.27
C LEU B 1294 64.87 -8.77 -3.12
N ILE B 1295 64.33 -8.26 -4.24
CA ILE B 1295 63.03 -7.57 -4.29
C ILE B 1295 62.22 -8.14 -5.48
N PRO B 1296 60.87 -8.27 -5.34
CA PRO B 1296 59.97 -8.88 -6.35
C PRO B 1296 60.23 -8.55 -7.84
N ASN B 1297 60.20 -9.62 -8.67
CA ASN B 1297 60.31 -9.57 -10.13
C ASN B 1297 59.21 -10.45 -10.76
N PRO B 1298 57.92 -10.02 -10.64
CA PRO B 1298 56.80 -10.67 -11.34
C PRO B 1298 56.79 -10.37 -12.86
N GLY B 1299 55.84 -11.00 -13.57
CA GLY B 1299 55.66 -10.84 -15.01
C GLY B 1299 55.63 -12.22 -15.70
N LYS B 1300 55.67 -12.19 -17.05
CA LYS B 1300 55.54 -13.37 -17.89
C LYS B 1300 56.76 -14.31 -17.80
N ILE B 1301 56.49 -15.54 -17.36
CA ILE B 1301 57.40 -16.68 -17.35
C ILE B 1301 57.41 -17.27 -18.78
N THR B 1302 58.59 -17.38 -19.38
CA THR B 1302 58.77 -17.93 -20.73
C THR B 1302 59.09 -19.44 -20.63
N GLU B 1303 60.37 -19.83 -20.60
CA GLU B 1303 60.80 -21.22 -20.42
C GLU B 1303 60.79 -21.58 -18.93
N CYS B 1304 60.02 -22.62 -18.60
CA CYS B 1304 59.84 -23.14 -17.25
C CYS B 1304 60.02 -24.66 -17.31
N VAL B 1305 60.90 -25.18 -16.44
CA VAL B 1305 61.06 -26.61 -16.20
C VAL B 1305 61.26 -26.82 -14.68
N PHE B 1306 60.24 -27.41 -14.05
CA PHE B 1306 60.36 -28.13 -12.78
C PHE B 1306 60.37 -29.62 -13.14
N PRO B 1307 61.55 -30.29 -13.09
CA PRO B 1307 61.64 -31.71 -13.46
C PRO B 1307 61.10 -32.64 -12.36
N ASP B 1308 60.63 -33.84 -12.74
CA ASP B 1308 60.31 -34.91 -11.79
C ASP B 1308 61.59 -35.50 -11.17
N HIS B 1309 61.50 -35.86 -9.89
CA HIS B 1309 62.62 -36.32 -9.06
C HIS B 1309 61.98 -36.96 -7.81
N PRO B 1310 61.68 -38.28 -7.81
CA PRO B 1310 60.81 -38.95 -6.81
C PRO B 1310 61.02 -38.74 -5.30
N ASP B 1311 62.19 -38.23 -4.86
CA ASP B 1311 62.45 -37.81 -3.48
C ASP B 1311 62.03 -36.34 -3.22
N VAL B 1312 61.36 -35.68 -4.17
CA VAL B 1312 60.85 -34.31 -4.06
C VAL B 1312 59.32 -34.31 -4.22
N GLU B 1313 58.70 -33.32 -3.56
CA GLU B 1313 57.34 -32.85 -3.84
C GLU B 1313 57.45 -31.40 -4.30
N ILE B 1314 56.66 -31.05 -5.33
CA ILE B 1314 56.58 -29.71 -5.89
C ILE B 1314 55.14 -29.22 -5.74
N ILE B 1315 54.97 -27.99 -5.23
CA ILE B 1315 53.70 -27.26 -5.17
C ILE B 1315 54.00 -25.92 -5.85
N SER B 1316 53.71 -25.83 -7.17
CA SER B 1316 54.13 -24.70 -8.02
C SER B 1316 52.96 -24.12 -8.80
N ILE B 1317 53.00 -22.78 -8.99
CA ILE B 1317 52.11 -22.04 -9.88
C ILE B 1317 52.82 -21.56 -11.16
N ALA B 1318 54.12 -21.88 -11.28
CA ALA B 1318 54.91 -21.60 -12.46
C ALA B 1318 54.77 -22.74 -13.48
N ALA B 1319 54.47 -22.33 -14.72
CA ALA B 1319 54.40 -23.15 -15.92
C ALA B 1319 54.74 -22.24 -17.12
N PRO B 1320 55.07 -22.81 -18.30
CA PRO B 1320 55.35 -22.00 -19.52
C PRO B 1320 54.19 -21.09 -19.94
N GLY B 1321 54.50 -19.80 -20.13
CA GLY B 1321 53.59 -18.78 -20.67
C GLY B 1321 52.72 -18.10 -19.60
N LYS B 1322 52.85 -18.43 -18.31
CA LYS B 1322 52.08 -17.83 -17.22
C LYS B 1322 52.65 -16.48 -16.77
N GLU B 1323 51.77 -15.62 -16.22
CA GLU B 1323 52.13 -14.34 -15.63
C GLU B 1323 51.93 -14.40 -14.11
N VAL B 1324 53.03 -14.20 -13.37
CA VAL B 1324 53.05 -14.10 -11.91
C VAL B 1324 52.45 -12.75 -11.49
N SER B 1325 51.46 -12.79 -10.58
CA SER B 1325 50.63 -11.65 -10.22
C SER B 1325 51.41 -10.67 -9.31
N PRO B 1326 51.57 -9.39 -9.75
CA PRO B 1326 52.37 -8.41 -9.01
C PRO B 1326 51.73 -7.86 -7.72
N TYR B 1327 50.41 -8.03 -7.55
CA TYR B 1327 49.59 -7.39 -6.51
C TYR B 1327 49.55 -8.15 -5.17
N TYR B 1328 50.35 -9.22 -5.02
CA TYR B 1328 50.32 -10.14 -3.89
C TYR B 1328 51.73 -10.35 -3.35
N ASP B 1329 52.24 -11.59 -3.40
CA ASP B 1329 53.56 -11.99 -2.95
C ASP B 1329 54.41 -12.47 -4.15
N SER B 1330 55.68 -12.74 -3.86
CA SER B 1330 56.67 -13.26 -4.80
C SER B 1330 56.72 -14.80 -4.88
N LEU B 1331 56.12 -15.52 -3.91
CA LEU B 1331 56.12 -17.00 -3.85
C LEU B 1331 55.43 -17.64 -5.06
N ILE B 1332 56.17 -18.52 -5.75
CA ILE B 1332 55.71 -19.20 -6.95
C ILE B 1332 55.92 -20.73 -6.93
N ALA B 1333 56.71 -21.25 -5.97
CA ALA B 1333 56.85 -22.69 -5.76
C ALA B 1333 57.41 -23.03 -4.38
N GLN B 1334 56.94 -24.16 -3.82
CA GLN B 1334 57.51 -24.82 -2.67
C GLN B 1334 58.13 -26.14 -3.18
N VAL B 1335 59.44 -26.29 -2.97
CA VAL B 1335 60.20 -27.47 -3.38
C VAL B 1335 60.65 -28.19 -2.10
N ILE B 1336 60.05 -29.36 -1.83
CA ILE B 1336 60.25 -30.12 -0.60
C ILE B 1336 60.98 -31.43 -0.90
N MET B 1337 62.31 -31.41 -0.75
CA MET B 1337 63.20 -32.56 -0.93
C MET B 1337 63.26 -33.42 0.34
N ARG B 1338 63.67 -34.70 0.18
CA ARG B 1338 63.90 -35.65 1.27
C ARG B 1338 65.01 -36.65 0.91
N GLY B 1339 65.42 -37.43 1.91
CA GLY B 1339 66.53 -38.38 1.81
C GLY B 1339 66.70 -39.10 3.15
N GLU B 1340 67.83 -39.80 3.29
CA GLU B 1340 68.22 -40.57 4.48
C GLU B 1340 68.50 -39.69 5.71
N ASN B 1341 69.32 -38.65 5.50
CA ASN B 1341 69.82 -37.75 6.54
C ASN B 1341 69.91 -36.32 5.98
N ARG B 1342 70.18 -35.37 6.88
CA ARG B 1342 70.15 -33.93 6.60
C ARG B 1342 71.07 -33.46 5.46
N GLU B 1343 72.34 -33.86 5.48
CA GLU B 1343 73.33 -33.47 4.45
C GLU B 1343 73.06 -34.07 3.07
N ASP B 1344 72.41 -35.25 3.03
CA ASP B 1344 71.89 -35.87 1.81
C ASP B 1344 70.82 -34.98 1.16
N VAL B 1345 69.86 -34.48 1.96
CA VAL B 1345 68.81 -33.55 1.51
C VAL B 1345 69.37 -32.20 1.02
N ILE B 1346 70.39 -31.64 1.71
CA ILE B 1346 71.08 -30.40 1.33
C ILE B 1346 71.75 -30.49 -0.06
N ALA B 1347 72.46 -31.61 -0.32
CA ALA B 1347 73.14 -31.90 -1.57
C ALA B 1347 72.18 -32.18 -2.74
N LYS B 1348 71.14 -32.99 -2.49
CA LYS B 1348 70.06 -33.30 -3.44
C LYS B 1348 69.26 -32.06 -3.85
N LEU B 1349 68.96 -31.18 -2.88
CA LEU B 1349 68.20 -29.95 -3.07
C LEU B 1349 69.02 -28.85 -3.77
N HIS B 1350 70.33 -28.73 -3.49
CA HIS B 1350 71.25 -27.83 -4.21
C HIS B 1350 71.31 -28.17 -5.71
N ALA B 1351 71.49 -29.47 -6.02
CA ALA B 1351 71.49 -30.02 -7.38
C ALA B 1351 70.15 -29.84 -8.10
N TYR B 1352 69.03 -29.99 -7.37
CA TYR B 1352 67.69 -29.78 -7.88
C TYR B 1352 67.42 -28.29 -8.22
N LEU B 1353 67.88 -27.35 -7.37
CA LEU B 1353 67.76 -25.92 -7.62
C LEU B 1353 68.65 -25.42 -8.77
N ASP B 1354 69.80 -26.09 -8.99
CA ASP B 1354 70.69 -25.88 -10.13
C ASP B 1354 70.05 -26.32 -11.46
N SER B 1355 69.18 -27.36 -11.41
CA SER B 1355 68.53 -27.99 -12.56
C SER B 1355 67.06 -27.57 -12.77
N VAL B 1356 66.47 -26.77 -11.86
CA VAL B 1356 65.22 -26.04 -12.11
C VAL B 1356 65.54 -24.82 -12.99
N VAL B 1357 64.84 -24.73 -14.13
CA VAL B 1357 64.98 -23.64 -15.08
C VAL B 1357 63.73 -22.75 -14.98
N LEU B 1358 63.94 -21.44 -14.79
CA LEU B 1358 62.90 -20.42 -14.88
C LEU B 1358 63.49 -19.20 -15.59
N LYS B 1359 62.83 -18.79 -16.68
CA LYS B 1359 63.18 -17.64 -17.52
C LYS B 1359 61.96 -16.76 -17.72
N GLY B 1360 62.19 -15.51 -18.15
CA GLY B 1360 61.18 -14.46 -18.29
C GLY B 1360 60.98 -13.70 -16.96
N ILE B 1361 61.35 -14.33 -15.84
CA ILE B 1361 61.42 -13.77 -14.50
C ILE B 1361 62.71 -14.28 -13.83
N ALA B 1362 63.32 -13.42 -13.00
CA ALA B 1362 64.41 -13.78 -12.11
C ALA B 1362 63.82 -14.34 -10.82
N THR B 1363 64.49 -15.36 -10.25
CA THR B 1363 64.15 -15.94 -8.95
C THR B 1363 65.34 -15.85 -7.99
N ASN B 1364 65.02 -16.06 -6.70
CA ASN B 1364 65.92 -16.13 -5.55
C ASN B 1364 66.89 -17.34 -5.54
N ILE B 1365 66.76 -18.26 -6.51
CA ILE B 1365 67.49 -19.53 -6.60
C ILE B 1365 69.04 -19.46 -6.51
N PRO B 1366 69.72 -18.41 -7.03
CA PRO B 1366 71.16 -18.20 -6.77
C PRO B 1366 71.54 -18.04 -5.29
N LEU B 1367 70.73 -17.31 -4.50
CA LEU B 1367 70.92 -17.20 -3.05
C LEU B 1367 70.56 -18.50 -2.29
N LEU B 1368 69.57 -19.26 -2.78
CA LEU B 1368 69.23 -20.58 -2.22
C LEU B 1368 70.35 -21.62 -2.48
N LYS B 1369 71.02 -21.54 -3.64
CA LYS B 1369 72.25 -22.26 -3.96
C LYS B 1369 73.42 -21.85 -3.06
N LEU B 1370 73.58 -20.54 -2.75
CA LEU B 1370 74.59 -20.05 -1.80
C LEU B 1370 74.38 -20.58 -0.37
N ILE B 1371 73.13 -20.65 0.10
CA ILE B 1371 72.75 -21.13 1.43
C ILE B 1371 73.03 -22.64 1.62
N LEU B 1372 72.71 -23.46 0.61
CA LEU B 1372 72.92 -24.91 0.65
C LEU B 1372 74.41 -25.30 0.45
N SER B 1373 75.22 -24.42 -0.15
CA SER B 1373 76.67 -24.59 -0.29
C SER B 1373 77.49 -23.92 0.84
N ASP B 1374 76.84 -23.11 1.70
CA ASP B 1374 77.45 -22.42 2.85
C ASP B 1374 77.87 -23.43 3.94
N GLY B 1375 79.08 -23.22 4.49
CA GLY B 1375 79.68 -24.06 5.52
C GLY B 1375 78.88 -24.04 6.85
N THR B 1376 78.34 -22.88 7.26
CA THR B 1376 77.57 -22.75 8.51
C THR B 1376 76.19 -23.43 8.46
N PHE B 1377 75.48 -23.36 7.31
CA PHE B 1377 74.21 -24.09 7.13
C PHE B 1377 74.44 -25.60 6.98
N LYS B 1378 75.49 -26.02 6.26
CA LYS B 1378 75.89 -27.43 6.15
C LYS B 1378 76.27 -28.08 7.50
N GLU B 1379 77.00 -27.33 8.34
CA GLU B 1379 77.35 -27.70 9.71
C GLU B 1379 76.15 -27.72 10.67
N GLY B 1380 75.11 -26.93 10.37
CA GLY B 1380 73.90 -26.83 11.18
C GLY B 1380 74.13 -25.94 12.40
N VAL B 1381 75.03 -24.95 12.31
CA VAL B 1381 75.30 -23.96 13.35
C VAL B 1381 74.92 -22.58 12.80
N TYR B 1382 73.83 -22.03 13.34
CA TYR B 1382 73.20 -20.77 12.93
C TYR B 1382 72.07 -20.41 13.92
N ASP B 1383 71.54 -19.19 13.76
CA ASP B 1383 70.38 -18.66 14.50
C ASP B 1383 69.44 -17.97 13.51
N THR B 1384 68.32 -17.38 13.98
CA THR B 1384 67.32 -16.73 13.12
C THR B 1384 67.81 -15.49 12.34
N ASN B 1385 68.95 -14.91 12.73
CA ASN B 1385 69.55 -13.72 12.13
C ASN B 1385 70.67 -14.07 11.12
N TYR B 1386 70.84 -15.35 10.78
CA TYR B 1386 71.81 -15.87 9.82
C TYR B 1386 71.73 -15.25 8.41
N LEU B 1387 70.57 -15.35 7.74
CA LEU B 1387 70.45 -14.94 6.34
C LEU B 1387 70.63 -13.42 6.07
N PRO B 1388 70.05 -12.50 6.90
CA PRO B 1388 70.35 -11.06 6.84
C PRO B 1388 71.84 -10.70 7.01
N ARG B 1389 72.53 -11.40 7.92
CA ARG B 1389 73.97 -11.26 8.13
C ARG B 1389 74.79 -11.87 6.99
N PHE B 1390 74.37 -13.00 6.41
CA PHE B 1390 75.03 -13.63 5.26
C PHE B 1390 74.92 -12.80 3.97
N MET B 1391 73.77 -12.15 3.73
CA MET B 1391 73.58 -11.18 2.64
C MET B 1391 74.45 -9.93 2.81
N ALA B 1392 74.68 -9.52 4.08
CA ALA B 1392 75.56 -8.41 4.45
C ALA B 1392 77.07 -8.75 4.35
N GLU B 1393 77.45 -10.04 4.34
CA GLU B 1393 78.82 -10.48 4.05
C GLU B 1393 79.18 -10.35 2.56
#